data_6GR2
#
_entry.id   6GR2
#
_cell.length_a   78.217
_cell.length_b   110.320
_cell.length_c   118.234
_cell.angle_alpha   113.850
_cell.angle_beta   102.260
_cell.angle_gamma   101.290
#
_symmetry.space_group_name_H-M   'P 1'
#
loop_
_entity.id
_entity.type
_entity.pdbx_description
1 polymer Galactokinase
2 non-polymer beta-D-galactopyranose
3 non-polymer "ADENOSINE-5'-DIPHOSPHATE"
4 non-polymer 'SULFATE ION'
5 water water
#
_entity_poly.entity_id   1
_entity_poly.type   'polypeptide(L)'
_entity_poly.pdbx_seq_one_letter_code
;MAHHHHHHAALRQPQVAELLAEARRAFREEFGAEPELAVSAPGRVNLIGEHTDYNQGLVLPMALELMTVLVGSPRKDGLV
SLLTTSEGADEPQRLQFPLPTAQRSLEPGTPRWANYVKGVIQYYPAAPLPGFSAVVVSSVPLGGGLSSSASLEVATYTFL
QQLCPDSGTIAARAQVCQQAEHSFAGMPCGIMDQFISLMGQKGHALLIDCRSLETSLVPLSDPKLAVLITNSNVRHSLAS
SEYPVRRRQCEEVARALGAASLREVQLEELEAARDLVSKEGFRRARHVVGEIRRTAQAAAALRRGDYRAFGRLMVESHRS
LRDDYEVSCPELDQLVEAALAVPGVYGSRMTGGGFGGCTVTLLEASAAPHAMRHIQEHYGGTATFYLSQAADGAKVLCL
;
_entity_poly.pdbx_strand_id   A,B,C,D,E,F,G,H
#
loop_
_chem_comp.id
_chem_comp.type
_chem_comp.name
_chem_comp.formula
ADP non-polymer ADENOSINE-5'-DIPHOSPHATE 'C10 H15 N5 O10 P2'
GAL D-saccharide, beta linking beta-D-galactopyranose 'C6 H12 O6'
SO4 non-polymer 'SULFATE ION' 'O4 S -2'
#
# COMPACT_ATOMS: atom_id res chain seq x y z
N LEU A 11 -2.19 11.94 29.67
CA LEU A 11 -3.56 12.22 29.24
C LEU A 11 -3.65 12.18 27.71
N ARG A 12 -4.38 11.20 27.18
CA ARG A 12 -4.36 10.90 25.75
C ARG A 12 -5.37 9.79 25.41
N GLN A 13 -6.05 9.88 24.26
CA GLN A 13 -7.02 8.84 23.94
C GLN A 13 -7.65 8.98 22.54
N PRO A 14 -7.18 8.21 21.56
CA PRO A 14 -7.73 8.30 20.20
C PRO A 14 -9.19 7.87 20.11
N GLN A 15 -9.89 8.41 19.11
CA GLN A 15 -11.29 8.08 18.85
C GLN A 15 -11.44 7.01 17.76
N VAL A 16 -12.66 6.45 17.69
CA VAL A 16 -12.92 5.31 16.79
C VAL A 16 -12.75 5.73 15.33
N ALA A 17 -13.33 6.87 14.96
CA ALA A 17 -13.25 7.31 13.58
C ALA A 17 -11.80 7.55 13.16
N GLU A 18 -11.02 8.17 14.06
CA GLU A 18 -9.61 8.40 13.79
C GLU A 18 -8.89 7.07 13.59
N LEU A 19 -9.18 6.08 14.45
CA LEU A 19 -8.56 4.77 14.30
C LEU A 19 -9.01 4.09 13.01
N LEU A 20 -10.31 4.14 12.71
CA LEU A 20 -10.80 3.54 11.47
C LEU A 20 -10.17 4.19 10.25
N ALA A 21 -10.02 5.52 10.27
CA ALA A 21 -9.39 6.21 9.14
C ALA A 21 -7.91 5.86 9.05
N GLU A 22 -7.21 5.81 10.19
CA GLU A 22 -5.81 5.42 10.17
C GLU A 22 -5.64 3.99 9.65
N ALA A 23 -6.56 3.10 10.05
CA ALA A 23 -6.45 1.71 9.63
C ALA A 23 -6.70 1.55 8.14
N ARG A 24 -7.57 2.36 7.54
CA ARG A 24 -7.82 2.19 6.12
C ARG A 24 -6.65 2.73 5.29
N ARG A 25 -6.09 3.87 5.70
CA ARG A 25 -4.93 4.42 5.00
C ARG A 25 -3.80 3.41 4.96
N ALA A 26 -3.53 2.76 6.10
CA ALA A 26 -2.49 1.74 6.13
C ALA A 26 -2.87 0.56 5.25
N PHE A 27 -4.14 0.16 5.29
CA PHE A 27 -4.59 -0.95 4.44
C PHE A 27 -4.49 -0.59 2.97
N ARG A 28 -4.83 0.65 2.61
CA ARG A 28 -4.73 1.08 1.22
C ARG A 28 -3.28 1.08 0.75
N GLU A 29 -2.40 1.72 1.53
CA GLU A 29 -0.98 1.76 1.16
C GLU A 29 -0.40 0.37 1.00
N GLU A 30 -0.89 -0.62 1.76
CA GLU A 30 -0.29 -1.94 1.80
C GLU A 30 -0.90 -2.90 0.78
N PHE A 31 -2.19 -2.77 0.46
CA PHE A 31 -2.88 -3.73 -0.37
C PHE A 31 -3.49 -3.16 -1.64
N GLY A 32 -3.50 -1.83 -1.81
CA GLY A 32 -3.89 -1.21 -3.05
C GLY A 32 -5.37 -0.95 -3.23
N ALA A 33 -6.23 -1.48 -2.36
CA ALA A 33 -7.66 -1.28 -2.47
C ALA A 33 -8.21 -0.81 -1.12
N GLU A 34 -9.48 -0.46 -1.13
CA GLU A 34 -10.14 -0.13 0.12
C GLU A 34 -10.50 -1.43 0.85
N PRO A 35 -10.34 -1.47 2.17
CA PRO A 35 -10.82 -2.63 2.92
C PRO A 35 -12.33 -2.72 2.83
N GLU A 36 -12.83 -3.95 2.90
CA GLU A 36 -14.26 -4.21 2.78
C GLU A 36 -14.93 -4.40 4.12
N LEU A 37 -14.20 -4.79 5.16
CA LEU A 37 -14.75 -5.09 6.46
C LEU A 37 -13.97 -4.37 7.55
N ALA A 38 -14.68 -3.98 8.59
CA ALA A 38 -14.10 -3.26 9.72
C ALA A 38 -14.69 -3.80 11.02
N VAL A 39 -13.89 -3.78 12.09
CA VAL A 39 -14.25 -4.42 13.35
C VAL A 39 -13.44 -3.73 14.44
N SER A 40 -14.00 -3.72 15.66
CA SER A 40 -13.32 -3.15 16.80
C SER A 40 -13.56 -4.01 18.05
N ALA A 41 -12.60 -3.95 18.97
CA ALA A 41 -12.62 -4.69 20.25
C ALA A 41 -11.80 -3.91 21.27
N PRO A 42 -12.32 -3.67 22.47
CA PRO A 42 -11.64 -2.80 23.43
C PRO A 42 -10.64 -3.53 24.31
N GLY A 43 -9.76 -2.73 24.93
CA GLY A 43 -8.97 -3.18 26.05
C GLY A 43 -9.79 -3.21 27.33
N ARG A 44 -9.11 -3.50 28.43
CA ARG A 44 -9.82 -3.69 29.68
C ARG A 44 -8.97 -3.23 30.87
N VAL A 45 -9.66 -2.80 31.92
CA VAL A 45 -9.07 -2.55 33.23
C VAL A 45 -9.94 -3.25 34.27
N ASN A 46 -9.31 -3.99 35.19
CA ASN A 46 -10.02 -4.69 36.25
C ASN A 46 -10.09 -3.80 37.48
N LEU A 47 -11.31 -3.41 37.87
CA LEU A 47 -11.46 -2.56 39.05
C LEU A 47 -11.07 -3.32 40.31
N ILE A 48 -11.45 -4.60 40.40
CA ILE A 48 -11.08 -5.43 41.55
C ILE A 48 -11.37 -6.87 41.19
N GLY A 49 -10.68 -7.79 41.85
CA GLY A 49 -10.86 -9.21 41.60
C GLY A 49 -9.70 -9.79 40.82
N GLU A 50 -8.48 -9.54 41.27
CA GLU A 50 -7.28 -9.90 40.53
C GLU A 50 -6.87 -11.33 40.84
N HIS A 51 -6.44 -12.05 39.81
CA HIS A 51 -5.95 -13.43 39.95
C HIS A 51 -6.97 -14.33 40.64
N THR A 52 -8.25 -14.02 40.48
CA THR A 52 -9.31 -14.89 40.92
C THR A 52 -10.03 -15.61 39.79
N ASP A 53 -9.87 -15.15 38.55
CA ASP A 53 -10.67 -15.68 37.46
C ASP A 53 -10.33 -17.14 37.17
N TYR A 54 -9.05 -17.49 37.06
CA TYR A 54 -8.72 -18.89 36.85
C TYR A 54 -8.88 -19.73 38.12
N ASN A 55 -9.26 -19.11 39.23
CA ASN A 55 -9.65 -19.81 40.46
C ASN A 55 -11.16 -19.88 40.61
N GLN A 56 -11.90 -19.65 39.52
CA GLN A 56 -13.37 -19.69 39.53
C GLN A 56 -13.95 -18.64 40.46
N GLY A 57 -13.33 -17.48 40.54
CA GLY A 57 -13.75 -16.42 41.44
C GLY A 57 -14.60 -15.36 40.77
N LEU A 58 -14.55 -14.14 41.32
CA LEU A 58 -15.30 -13.01 40.84
C LEU A 58 -14.37 -11.95 40.28
N VAL A 59 -14.84 -11.23 39.26
CA VAL A 59 -14.10 -10.13 38.67
C VAL A 59 -15.05 -8.96 38.42
N LEU A 60 -14.49 -7.76 38.42
CA LEU A 60 -15.26 -6.53 38.20
C LEU A 60 -14.49 -5.64 37.21
N PRO A 61 -14.37 -6.07 35.96
CA PRO A 61 -13.72 -5.25 34.94
C PRO A 61 -14.70 -4.33 34.21
N MET A 62 -14.11 -3.34 33.53
CA MET A 62 -14.84 -2.51 32.60
C MET A 62 -14.05 -2.39 31.30
N ALA A 63 -14.78 -2.32 30.19
CA ALA A 63 -14.14 -2.11 28.90
C ALA A 63 -13.65 -0.67 28.78
N LEU A 64 -12.49 -0.50 28.17
CA LEU A 64 -11.87 0.81 28.02
C LEU A 64 -12.17 1.41 26.66
N GLU A 65 -11.93 2.72 26.55
CA GLU A 65 -11.99 3.40 25.26
C GLU A 65 -10.75 3.12 24.42
N LEU A 66 -9.68 2.62 25.04
CA LEU A 66 -8.54 2.12 24.28
C LEU A 66 -8.95 0.88 23.50
N MET A 67 -8.48 0.78 22.26
CA MET A 67 -9.16 -0.06 21.29
C MET A 67 -8.19 -0.66 20.29
N THR A 68 -8.58 -1.81 19.75
CA THR A 68 -7.99 -2.40 18.55
C THR A 68 -9.02 -2.36 17.44
N VAL A 69 -8.63 -1.81 16.29
CA VAL A 69 -9.49 -1.77 15.10
C VAL A 69 -8.84 -2.63 14.03
N LEU A 70 -9.64 -3.50 13.42
CA LEU A 70 -9.19 -4.39 12.35
C LEU A 70 -9.97 -4.11 11.09
N VAL A 71 -9.26 -3.83 9.99
CA VAL A 71 -9.87 -3.67 8.68
C VAL A 71 -9.25 -4.70 7.74
N GLY A 72 -10.05 -5.19 6.80
CA GLY A 72 -9.55 -6.17 5.86
C GLY A 72 -10.63 -6.56 4.86
N SER A 73 -10.27 -7.53 4.02
CA SER A 73 -11.12 -8.03 2.95
C SER A 73 -10.80 -9.49 2.71
N PRO A 74 -11.75 -10.27 2.20
CA PRO A 74 -11.45 -11.66 1.83
C PRO A 74 -10.53 -11.71 0.63
N ARG A 75 -9.83 -12.84 0.50
CA ARG A 75 -8.93 -13.10 -0.61
C ARG A 75 -9.35 -14.38 -1.33
N LYS A 76 -8.93 -14.48 -2.58
CA LYS A 76 -9.05 -15.71 -3.35
C LYS A 76 -7.85 -16.62 -3.20
N ASP A 77 -6.79 -16.14 -2.54
CA ASP A 77 -5.52 -16.83 -2.48
C ASP A 77 -5.54 -18.03 -1.55
N GLY A 78 -6.46 -18.07 -0.59
CA GLY A 78 -6.30 -19.00 0.50
C GLY A 78 -5.20 -18.61 1.45
N LEU A 79 -4.67 -17.38 1.30
CA LEU A 79 -3.60 -16.86 2.13
C LEU A 79 -4.13 -15.85 3.13
N VAL A 80 -3.36 -15.65 4.20
CA VAL A 80 -3.62 -14.61 5.18
C VAL A 80 -2.47 -13.61 5.12
N SER A 81 -2.80 -12.34 4.90
CA SER A 81 -1.82 -11.27 4.83
C SER A 81 -2.14 -10.25 5.92
N LEU A 82 -1.19 -10.02 6.81
CA LEU A 82 -1.41 -9.20 7.99
C LEU A 82 -0.41 -8.05 8.04
N LEU A 83 -0.87 -6.93 8.60
CA LEU A 83 0.00 -5.81 8.92
C LEU A 83 -0.52 -5.14 10.18
N THR A 84 0.37 -4.96 11.15
CA THR A 84 0.07 -4.18 12.35
C THR A 84 0.97 -2.95 12.38
N THR A 85 0.39 -1.82 12.76
CA THR A 85 1.12 -0.57 12.85
C THR A 85 1.59 -0.27 14.27
N SER A 86 1.44 -1.22 15.19
CA SER A 86 1.82 -1.01 16.58
C SER A 86 3.33 -1.08 16.73
N GLU A 87 3.91 -0.07 17.39
CA GLU A 87 5.36 0.02 17.45
C GLU A 87 5.96 -1.02 18.40
N GLY A 88 5.26 -1.35 19.48
CA GLY A 88 5.74 -2.31 20.45
C GLY A 88 5.64 -3.74 19.97
N ALA A 89 5.24 -3.90 18.72
CA ALA A 89 4.99 -5.21 18.15
C ALA A 89 6.29 -5.90 17.76
N ASP A 90 6.22 -7.23 17.73
CA ASP A 90 7.37 -8.05 17.37
C ASP A 90 7.71 -7.86 15.89
N GLU A 91 8.97 -7.60 15.60
CA GLU A 91 9.34 -7.46 14.20
C GLU A 91 9.52 -8.84 13.57
N PRO A 92 9.09 -9.03 12.32
CA PRO A 92 8.53 -7.99 11.43
C PRO A 92 7.04 -7.77 11.63
N GLN A 93 6.60 -6.53 11.46
CA GLN A 93 5.19 -6.16 11.59
C GLN A 93 4.36 -6.52 10.37
N ARG A 94 4.97 -7.14 9.35
CA ARG A 94 4.26 -7.65 8.19
C ARG A 94 4.42 -9.17 8.18
N LEU A 95 3.37 -9.88 7.76
CA LEU A 95 3.47 -11.33 7.70
C LEU A 95 2.45 -11.88 6.71
N GLN A 96 2.85 -12.96 6.03
CA GLN A 96 1.98 -13.69 5.12
C GLN A 96 2.18 -15.18 5.36
N PHE A 97 1.09 -15.93 5.38
CA PHE A 97 1.16 -17.37 5.60
C PHE A 97 -0.12 -18.01 5.09
N PRO A 98 -0.09 -19.28 4.72
CA PRO A 98 -1.29 -19.95 4.23
C PRO A 98 -2.21 -20.39 5.35
N LEU A 99 -3.50 -20.56 4.99
CA LEU A 99 -4.51 -21.03 5.92
C LEU A 99 -4.20 -22.44 6.40
N PRO A 100 -4.71 -22.81 7.57
CA PRO A 100 -4.55 -24.18 8.03
C PRO A 100 -5.34 -25.13 7.12
N THR A 101 -4.83 -26.34 7.01
CA THR A 101 -5.43 -27.35 6.16
C THR A 101 -5.65 -28.62 6.98
N ALA A 102 -6.38 -29.57 6.40
CA ALA A 102 -6.46 -30.88 7.03
C ALA A 102 -5.09 -31.55 7.11
N GLN A 103 -4.23 -31.30 6.13
CA GLN A 103 -2.87 -31.85 6.12
C GLN A 103 -1.99 -31.14 7.15
N ARG A 104 -1.70 -29.86 6.90
CA ARG A 104 -0.85 -29.07 7.79
C ARG A 104 -1.70 -28.02 8.50
N SER A 105 -1.51 -27.92 9.81
CA SER A 105 -2.19 -26.93 10.63
C SER A 105 -1.21 -25.85 11.07
N LEU A 106 -1.74 -24.66 11.34
CA LEU A 106 -0.90 -23.56 11.81
C LEU A 106 -0.13 -23.94 13.06
N GLU A 107 1.04 -23.32 13.22
CA GLU A 107 1.93 -23.55 14.34
C GLU A 107 2.44 -22.20 14.86
N PRO A 108 2.54 -22.04 16.18
CA PRO A 108 3.12 -20.80 16.72
C PRO A 108 4.56 -20.64 16.27
N GLY A 109 4.83 -19.53 15.59
CA GLY A 109 6.16 -19.23 15.11
C GLY A 109 6.54 -17.78 15.37
N THR A 110 7.16 -17.16 14.38
CA THR A 110 7.57 -15.77 14.45
C THR A 110 6.92 -14.94 13.35
N PRO A 111 6.60 -13.66 13.62
CA PRO A 111 6.81 -12.95 14.88
C PRO A 111 5.85 -13.37 15.99
N ARG A 112 6.19 -13.07 17.24
CA ARG A 112 5.36 -13.50 18.36
C ARG A 112 3.94 -12.96 18.24
N TRP A 113 3.81 -11.69 17.83
CA TRP A 113 2.48 -11.08 17.77
C TRP A 113 1.55 -11.82 16.82
N ALA A 114 2.08 -12.42 15.76
CA ALA A 114 1.23 -13.14 14.82
C ALA A 114 0.64 -14.40 15.43
N ASN A 115 1.20 -14.88 16.54
CA ASN A 115 0.67 -16.07 17.19
C ASN A 115 -0.77 -15.85 17.67
N TYR A 116 -1.09 -14.62 18.08
CA TYR A 116 -2.43 -14.35 18.60
C TYR A 116 -3.49 -14.50 17.52
N VAL A 117 -3.24 -13.97 16.32
CA VAL A 117 -4.21 -14.12 15.25
C VAL A 117 -4.21 -15.54 14.70
N LYS A 118 -3.01 -16.15 14.60
CA LYS A 118 -2.92 -17.54 14.15
C LYS A 118 -3.74 -18.46 15.04
N GLY A 119 -3.64 -18.29 16.36
CA GLY A 119 -4.38 -19.15 17.27
C GLY A 119 -5.88 -19.03 17.09
N VAL A 120 -6.38 -17.79 16.97
CA VAL A 120 -7.81 -17.60 16.75
C VAL A 120 -8.25 -18.23 15.44
N ILE A 121 -7.42 -18.12 14.40
CA ILE A 121 -7.73 -18.75 13.12
C ILE A 121 -7.84 -20.26 13.28
N GLN A 122 -6.87 -20.87 13.96
CA GLN A 122 -6.84 -22.33 14.05
C GLN A 122 -8.07 -22.86 14.76
N TYR A 123 -8.56 -22.15 15.78
CA TYR A 123 -9.67 -22.64 16.60
C TYR A 123 -11.00 -22.03 16.21
N TYR A 124 -11.06 -21.25 15.14
CA TYR A 124 -12.34 -20.69 14.72
C TYR A 124 -13.28 -21.84 14.35
N PRO A 125 -14.51 -21.85 14.87
CA PRO A 125 -15.35 -23.05 14.75
C PRO A 125 -16.12 -23.18 13.45
N ALA A 126 -16.06 -22.19 12.56
CA ALA A 126 -16.86 -22.19 11.34
C ALA A 126 -15.98 -22.41 10.11
N ALA A 127 -16.63 -22.88 9.04
CA ALA A 127 -15.99 -23.14 7.77
C ALA A 127 -17.02 -22.95 6.67
N PRO A 128 -16.58 -22.65 5.43
CA PRO A 128 -15.18 -22.50 5.04
C PRO A 128 -14.65 -21.09 5.29
N LEU A 129 -13.44 -21.01 5.84
CA LEU A 129 -12.80 -19.74 6.11
C LEU A 129 -11.96 -19.30 4.91
N PRO A 130 -12.24 -18.17 4.29
CA PRO A 130 -11.41 -17.71 3.17
C PRO A 130 -10.11 -17.08 3.67
N GLY A 131 -9.16 -16.98 2.74
CA GLY A 131 -8.02 -16.12 2.99
C GLY A 131 -8.45 -14.67 3.13
N PHE A 132 -7.57 -13.87 3.74
CA PHE A 132 -7.91 -12.46 3.90
C PHE A 132 -6.66 -11.63 4.07
N SER A 133 -6.80 -10.34 3.76
CA SER A 133 -5.83 -9.31 4.09
C SER A 133 -6.43 -8.46 5.21
N ALA A 134 -5.58 -8.00 6.12
CA ALA A 134 -6.07 -7.22 7.25
C ALA A 134 -4.91 -6.43 7.84
N VAL A 135 -5.22 -5.23 8.32
CA VAL A 135 -4.29 -4.41 9.09
C VAL A 135 -4.88 -4.19 10.48
N VAL A 136 -4.02 -4.25 11.49
CA VAL A 136 -4.41 -4.02 12.87
C VAL A 136 -3.85 -2.68 13.31
N VAL A 137 -4.69 -1.85 13.91
CA VAL A 137 -4.26 -0.65 14.59
C VAL A 137 -4.87 -0.68 15.99
N SER A 138 -4.17 -0.08 16.94
CA SER A 138 -4.56 -0.22 18.33
C SER A 138 -4.12 1.00 19.12
N SER A 139 -4.98 1.43 20.05
CA SER A 139 -4.65 2.41 21.05
C SER A 139 -4.38 1.77 22.41
N VAL A 140 -4.39 0.45 22.49
CA VAL A 140 -4.09 -0.27 23.72
C VAL A 140 -2.59 -0.47 23.79
N PRO A 141 -1.91 -0.01 24.85
CA PRO A 141 -0.46 -0.20 24.93
C PRO A 141 -0.11 -1.67 25.07
N LEU A 142 0.77 -2.15 24.20
CA LEU A 142 1.16 -3.55 24.24
C LEU A 142 1.97 -3.83 25.50
N GLY A 143 1.54 -4.83 26.27
CA GLY A 143 2.23 -5.20 27.48
C GLY A 143 1.97 -4.31 28.67
N GLY A 144 0.99 -3.41 28.61
CA GLY A 144 0.70 -2.48 29.67
C GLY A 144 -0.33 -2.94 30.67
N GLY A 145 -0.81 -4.18 30.57
CA GLY A 145 -1.77 -4.71 31.51
C GLY A 145 -3.22 -4.40 31.21
N LEU A 146 -3.50 -3.72 30.10
CA LEU A 146 -4.87 -3.45 29.70
C LEU A 146 -5.42 -4.50 28.74
N SER A 147 -4.75 -5.64 28.65
CA SER A 147 -5.18 -6.78 27.84
C SER A 147 -5.28 -6.41 26.36
N SER A 148 -4.14 -5.96 25.82
CA SER A 148 -4.02 -5.83 24.37
C SER A 148 -4.11 -7.18 23.68
N SER A 149 -3.60 -8.24 24.31
CA SER A 149 -3.69 -9.58 23.71
C SER A 149 -5.14 -9.96 23.47
N ALA A 150 -5.98 -9.87 24.50
CA ALA A 150 -7.39 -10.21 24.34
C ALA A 150 -8.06 -9.28 23.35
N SER A 151 -7.71 -7.99 23.37
CA SER A 151 -8.23 -7.05 22.38
C SER A 151 -7.93 -7.53 20.97
N LEU A 152 -6.69 -7.96 20.73
CA LEU A 152 -6.32 -8.46 19.41
C LEU A 152 -7.10 -9.71 19.05
N GLU A 153 -7.24 -10.64 20.00
CA GLU A 153 -7.92 -11.89 19.72
C GLU A 153 -9.40 -11.68 19.43
N VAL A 154 -10.06 -10.87 20.25
CA VAL A 154 -11.50 -10.66 20.09
C VAL A 154 -11.78 -9.88 18.81
N ALA A 155 -10.93 -8.89 18.49
CA ALA A 155 -11.05 -8.21 17.21
C ALA A 155 -10.94 -9.21 16.07
N THR A 156 -9.92 -10.07 16.12
CA THR A 156 -9.78 -11.12 15.11
C THR A 156 -11.03 -11.98 15.02
N TYR A 157 -11.52 -12.46 16.16
CA TYR A 157 -12.69 -13.34 16.14
C TYR A 157 -13.88 -12.64 15.48
N THR A 158 -14.15 -11.40 15.87
CA THR A 158 -15.25 -10.67 15.24
C THR A 158 -15.01 -10.48 13.75
N PHE A 159 -13.74 -10.33 13.35
CA PHE A 159 -13.43 -10.20 11.93
C PHE A 159 -13.80 -11.48 11.18
N LEU A 160 -13.34 -12.62 11.69
CA LEU A 160 -13.64 -13.90 11.04
C LEU A 160 -15.14 -14.15 10.97
N GLN A 161 -15.91 -13.62 11.93
CA GLN A 161 -17.36 -13.74 11.86
C GLN A 161 -17.89 -13.05 10.62
N GLN A 162 -17.21 -12.01 10.15
CA GLN A 162 -17.62 -11.36 8.91
C GLN A 162 -17.29 -12.23 7.71
N LEU A 163 -16.12 -12.88 7.71
CA LEU A 163 -15.78 -13.79 6.61
C LEU A 163 -16.65 -15.03 6.64
N CYS A 164 -16.99 -15.51 7.83
CA CYS A 164 -17.71 -16.75 8.02
C CYS A 164 -18.41 -16.74 9.37
N PRO A 165 -19.67 -16.29 9.43
CA PRO A 165 -20.34 -16.14 10.72
C PRO A 165 -20.42 -17.46 11.48
N ASP A 166 -20.27 -17.38 12.79
CA ASP A 166 -20.31 -18.56 13.64
C ASP A 166 -21.73 -18.77 14.18
N SER A 167 -21.94 -19.93 14.81
CA SER A 167 -23.25 -20.31 15.33
C SER A 167 -23.36 -20.15 16.83
N GLY A 168 -22.30 -20.47 17.57
CA GLY A 168 -22.36 -20.59 19.01
C GLY A 168 -22.64 -19.32 19.78
N THR A 169 -22.37 -19.36 21.08
CA THR A 169 -22.70 -18.30 22.01
C THR A 169 -21.52 -17.34 22.14
N ILE A 170 -21.78 -16.18 22.75
CA ILE A 170 -20.70 -15.24 23.03
C ILE A 170 -19.66 -15.87 23.94
N ALA A 171 -20.11 -16.67 24.92
CA ALA A 171 -19.17 -17.35 25.79
C ALA A 171 -18.27 -18.29 25.00
N ALA A 172 -18.82 -18.98 24.00
CA ALA A 172 -18.00 -19.85 23.18
C ALA A 172 -16.91 -19.07 22.46
N ARG A 173 -17.25 -17.86 21.99
CA ARG A 173 -16.24 -17.02 21.36
C ARG A 173 -15.13 -16.68 22.34
N ALA A 174 -15.49 -16.33 23.58
CA ALA A 174 -14.48 -16.06 24.60
C ALA A 174 -13.57 -17.27 24.81
N GLN A 175 -14.13 -18.48 24.86
CA GLN A 175 -13.32 -19.66 25.09
C GLN A 175 -12.41 -19.97 23.92
N VAL A 176 -12.85 -19.69 22.70
CA VAL A 176 -11.97 -19.85 21.54
C VAL A 176 -10.78 -18.91 21.66
N CYS A 177 -11.04 -17.64 21.95
CA CYS A 177 -9.95 -16.68 22.11
C CYS A 177 -9.06 -17.04 23.30
N GLN A 178 -9.64 -17.64 24.34
CA GLN A 178 -8.83 -18.07 25.47
C GLN A 178 -7.96 -19.27 25.11
N GLN A 179 -8.53 -20.24 24.39
CA GLN A 179 -7.76 -21.38 23.92
C GLN A 179 -6.60 -20.92 23.05
N ALA A 180 -6.84 -19.91 22.19
CA ALA A 180 -5.79 -19.40 21.34
C ALA A 180 -4.62 -18.87 22.16
N GLU A 181 -4.91 -18.08 23.20
CA GLU A 181 -3.83 -17.55 24.04
C GLU A 181 -3.07 -18.66 24.74
N HIS A 182 -3.78 -19.73 25.14
CA HIS A 182 -3.09 -20.85 25.79
C HIS A 182 -2.15 -21.54 24.82
N SER A 183 -2.67 -21.98 23.67
CA SER A 183 -1.92 -22.89 22.81
C SER A 183 -0.91 -22.17 21.92
N PHE A 184 -1.22 -20.96 21.48
CA PHE A 184 -0.35 -20.27 20.52
C PHE A 184 0.51 -19.20 21.15
N ALA A 185 0.10 -18.62 22.28
CA ALA A 185 0.92 -17.63 22.97
C ALA A 185 1.63 -18.20 24.19
N GLY A 186 1.32 -19.43 24.59
CA GLY A 186 1.97 -20.00 25.75
C GLY A 186 1.64 -19.29 27.04
N MET A 187 0.47 -18.67 27.13
CA MET A 187 0.06 -17.88 28.29
C MET A 187 -1.23 -18.45 28.85
N PRO A 188 -1.19 -19.20 29.95
CA PRO A 188 -2.40 -19.84 30.50
C PRO A 188 -3.26 -18.86 31.29
N CYS A 189 -3.91 -17.96 30.56
CA CYS A 189 -4.72 -16.92 31.18
C CYS A 189 -6.09 -17.48 31.59
N GLY A 190 -6.83 -16.65 32.33
CA GLY A 190 -8.22 -16.93 32.61
C GLY A 190 -9.12 -16.36 31.53
N ILE A 191 -10.43 -16.48 31.77
CA ILE A 191 -11.42 -16.05 30.78
C ILE A 191 -11.73 -14.57 30.84
N MET A 192 -11.26 -13.88 31.89
CA MET A 192 -11.75 -12.52 32.16
C MET A 192 -11.55 -11.59 30.97
N ASP A 193 -10.34 -11.49 30.47
CA ASP A 193 -10.04 -10.46 29.47
C ASP A 193 -10.88 -10.67 28.21
N GLN A 194 -10.94 -11.91 27.72
CA GLN A 194 -11.77 -12.18 26.55
C GLN A 194 -13.23 -11.87 26.81
N PHE A 195 -13.70 -12.19 28.02
CA PHE A 195 -15.11 -12.03 28.34
C PHE A 195 -15.53 -10.57 28.31
N ILE A 196 -14.72 -9.69 28.91
CA ILE A 196 -15.08 -8.28 28.99
C ILE A 196 -14.94 -7.59 27.65
N SER A 197 -13.95 -7.98 26.85
CA SER A 197 -13.80 -7.37 25.52
C SER A 197 -15.02 -7.64 24.65
N LEU A 198 -15.63 -8.82 24.79
CA LEU A 198 -16.82 -9.14 24.03
C LEU A 198 -18.08 -8.61 24.70
N MET A 199 -18.09 -8.53 26.04
CA MET A 199 -19.30 -8.35 26.82
C MET A 199 -19.43 -6.94 27.38
N GLY A 200 -18.44 -6.08 27.18
CA GLY A 200 -18.52 -4.75 27.77
C GLY A 200 -19.69 -3.96 27.23
N GLN A 201 -20.25 -3.11 28.10
CA GLN A 201 -21.29 -2.17 27.72
C GLN A 201 -20.87 -0.81 28.25
N LYS A 202 -20.98 0.23 27.43
CA LYS A 202 -20.48 1.54 27.84
C LYS A 202 -21.26 2.03 29.06
N GLY A 203 -20.54 2.71 29.96
CA GLY A 203 -21.14 3.16 31.20
C GLY A 203 -21.49 2.05 32.17
N HIS A 204 -20.80 0.91 32.09
CA HIS A 204 -21.06 -0.23 32.96
C HIS A 204 -19.77 -0.97 33.25
N ALA A 205 -19.67 -1.48 34.47
CA ALA A 205 -18.71 -2.53 34.80
C ALA A 205 -19.41 -3.88 34.74
N LEU A 206 -18.61 -4.94 34.60
CA LEU A 206 -19.15 -6.29 34.45
C LEU A 206 -18.70 -7.13 35.63
N LEU A 207 -19.64 -7.44 36.52
CA LEU A 207 -19.41 -8.41 37.58
C LEU A 207 -19.54 -9.81 36.98
N ILE A 208 -18.42 -10.51 36.84
CA ILE A 208 -18.38 -11.82 36.21
C ILE A 208 -18.12 -12.87 37.28
N ASP A 209 -19.00 -13.85 37.35
CA ASP A 209 -18.80 -15.04 38.18
C ASP A 209 -18.09 -16.06 37.29
N CYS A 210 -16.79 -16.23 37.50
CA CYS A 210 -15.98 -17.05 36.62
C CYS A 210 -16.16 -18.54 36.86
N ARG A 211 -16.99 -18.92 37.83
CA ARG A 211 -17.36 -20.33 38.01
C ARG A 211 -18.57 -20.69 37.15
N SER A 212 -19.66 -19.96 37.29
CA SER A 212 -20.90 -20.21 36.56
C SER A 212 -21.02 -19.39 35.29
N LEU A 213 -20.17 -18.39 35.10
CA LEU A 213 -20.21 -17.45 33.99
C LEU A 213 -21.44 -16.55 34.02
N GLU A 214 -22.14 -16.50 35.14
CA GLU A 214 -23.17 -15.49 35.33
C GLU A 214 -22.55 -14.10 35.28
N THR A 215 -23.24 -13.17 34.67
CA THR A 215 -22.72 -11.82 34.48
C THR A 215 -23.78 -10.78 34.85
N SER A 216 -23.31 -9.67 35.43
CA SER A 216 -24.17 -8.56 35.79
C SER A 216 -23.56 -7.26 35.28
N LEU A 217 -24.35 -6.47 34.55
CA LEU A 217 -23.92 -5.16 34.11
C LEU A 217 -24.24 -4.17 35.22
N VAL A 218 -23.21 -3.60 35.82
CA VAL A 218 -23.35 -2.68 36.95
C VAL A 218 -23.06 -1.27 36.45
N PRO A 219 -24.01 -0.34 36.51
CA PRO A 219 -23.77 0.99 35.95
C PRO A 219 -22.60 1.69 36.60
N LEU A 220 -21.77 2.32 35.77
CA LEU A 220 -20.66 3.16 36.20
C LEU A 220 -20.73 4.42 35.32
N SER A 221 -21.57 5.37 35.75
CA SER A 221 -21.89 6.56 34.96
C SER A 221 -22.17 7.71 35.92
N ASP A 222 -21.11 8.25 36.51
CA ASP A 222 -21.23 9.36 37.46
C ASP A 222 -20.25 10.46 37.06
N PRO A 223 -20.75 11.60 36.57
CA PRO A 223 -19.82 12.70 36.23
C PRO A 223 -18.94 13.12 37.40
N LYS A 224 -19.34 12.84 38.64
CA LYS A 224 -18.50 13.13 39.80
C LYS A 224 -17.40 12.11 40.01
N LEU A 225 -17.46 10.97 39.33
CA LEU A 225 -16.53 9.87 39.52
C LEU A 225 -15.66 9.71 38.29
N ALA A 226 -14.36 9.55 38.50
CA ALA A 226 -13.41 9.33 37.43
C ALA A 226 -12.61 8.06 37.72
N VAL A 227 -12.20 7.38 36.65
CA VAL A 227 -11.34 6.21 36.73
C VAL A 227 -10.02 6.59 36.08
N LEU A 228 -8.96 6.69 36.88
CA LEU A 228 -7.65 7.10 36.40
C LEU A 228 -6.76 5.86 36.26
N ILE A 229 -6.34 5.59 35.03
CA ILE A 229 -5.43 4.48 34.74
C ILE A 229 -4.04 5.05 34.55
N THR A 230 -3.07 4.51 35.28
CA THR A 230 -1.69 4.99 35.21
C THR A 230 -0.79 3.86 34.73
N ASN A 231 -0.16 4.06 33.57
CA ASN A 231 0.77 3.10 33.01
C ASN A 231 2.17 3.39 33.54
N SER A 232 2.74 2.44 34.26
CA SER A 232 4.11 2.58 34.76
C SER A 232 5.14 2.49 33.65
N ASN A 233 4.75 2.05 32.46
CA ASN A 233 5.68 1.82 31.35
C ASN A 233 6.78 0.84 31.77
N VAL A 234 6.38 -0.31 32.28
CA VAL A 234 7.28 -1.40 32.59
C VAL A 234 6.68 -2.72 32.09
N SER A 241 7.16 -15.50 32.37
CA SER A 241 6.75 -14.75 33.55
C SER A 241 6.52 -15.67 34.75
N GLU A 242 5.98 -15.08 35.82
CA GLU A 242 5.67 -15.80 37.05
C GLU A 242 4.20 -16.21 37.13
N TYR A 243 3.36 -15.66 36.25
CA TYR A 243 1.93 -15.99 36.21
C TYR A 243 1.62 -17.49 36.22
N PRO A 244 2.19 -18.30 35.33
CA PRO A 244 1.88 -19.75 35.37
C PRO A 244 2.27 -20.42 36.66
N VAL A 245 3.20 -19.85 37.43
CA VAL A 245 3.56 -20.44 38.71
C VAL A 245 2.45 -20.22 39.73
N ARG A 246 1.85 -19.02 39.74
CA ARG A 246 0.74 -18.75 40.65
C ARG A 246 -0.44 -19.67 40.38
N ARG A 247 -0.80 -19.86 39.10
CA ARG A 247 -1.89 -20.77 38.78
C ARG A 247 -1.61 -22.18 39.27
N ARG A 248 -0.35 -22.63 39.13
CA ARG A 248 -0.02 -23.98 39.59
C ARG A 248 -0.16 -24.09 41.10
N GLN A 249 0.32 -23.10 41.83
CA GLN A 249 0.22 -23.13 43.30
C GLN A 249 -1.24 -23.21 43.74
N CYS A 250 -2.11 -22.38 43.15
CA CYS A 250 -3.52 -22.43 43.51
C CYS A 250 -4.08 -23.84 43.31
N GLU A 251 -3.75 -24.47 42.19
CA GLU A 251 -4.17 -25.86 41.97
C GLU A 251 -3.57 -26.78 43.01
N GLU A 252 -2.29 -26.54 43.36
CA GLU A 252 -1.62 -27.34 44.38
C GLU A 252 -2.32 -27.21 45.72
N VAL A 253 -2.72 -25.99 46.09
CA VAL A 253 -3.41 -25.79 47.37
C VAL A 253 -4.83 -26.38 47.33
N ALA A 254 -5.51 -26.27 46.18
CA ALA A 254 -6.90 -26.75 46.12
C ALA A 254 -6.99 -28.26 46.30
N ARG A 255 -6.12 -29.03 45.64
CA ARG A 255 -6.10 -30.47 45.85
C ARG A 255 -5.75 -30.80 47.30
N ALA A 256 -4.74 -30.10 47.84
CA ALA A 256 -4.34 -30.35 49.23
C ALA A 256 -5.53 -30.23 50.17
N LEU A 257 -6.44 -29.30 49.89
CA LEU A 257 -7.65 -29.14 50.69
C LEU A 257 -8.82 -29.95 50.15
N GLY A 258 -8.60 -30.75 49.11
CA GLY A 258 -9.67 -31.56 48.52
C GLY A 258 -10.81 -30.78 47.92
N ALA A 259 -10.52 -29.65 47.29
CA ALA A 259 -11.54 -28.81 46.66
C ALA A 259 -11.26 -28.71 45.16
N ALA A 260 -12.33 -28.43 44.40
CA ALA A 260 -12.18 -28.30 42.95
C ALA A 260 -11.41 -27.03 42.60
N SER A 261 -11.67 -25.95 43.34
CA SER A 261 -10.96 -24.68 43.16
C SER A 261 -10.99 -23.92 44.48
N LEU A 262 -10.15 -22.88 44.55
CA LEU A 262 -10.10 -22.04 45.75
C LEU A 262 -11.40 -21.32 46.07
N ARG A 263 -12.38 -21.30 45.15
CA ARG A 263 -13.62 -20.61 45.46
C ARG A 263 -14.43 -21.27 46.57
N GLU A 264 -14.31 -22.58 46.75
CA GLU A 264 -15.09 -23.29 47.75
C GLU A 264 -14.49 -23.24 49.15
N VAL A 265 -13.44 -22.45 49.37
CA VAL A 265 -12.71 -22.40 50.64
C VAL A 265 -12.92 -21.04 51.26
N GLN A 266 -13.21 -21.03 52.56
CA GLN A 266 -13.30 -19.80 53.33
C GLN A 266 -12.06 -19.65 54.21
N LEU A 267 -11.84 -18.42 54.68
CA LEU A 267 -10.63 -18.09 55.42
C LEU A 267 -10.37 -19.07 56.56
N GLU A 268 -11.38 -19.32 57.40
CA GLU A 268 -11.16 -20.13 58.59
C GLU A 268 -10.74 -21.57 58.23
N GLU A 269 -11.36 -22.16 57.20
CA GLU A 269 -11.01 -23.50 56.77
C GLU A 269 -9.58 -23.56 56.26
N LEU A 270 -9.10 -22.49 55.60
CA LEU A 270 -7.71 -22.47 55.13
C LEU A 270 -6.73 -22.50 56.29
N GLU A 271 -7.07 -21.85 57.41
CA GLU A 271 -6.17 -21.85 58.55
C GLU A 271 -5.97 -23.27 59.09
N ALA A 272 -7.05 -24.07 59.08
CA ALA A 272 -6.95 -25.44 59.56
C ALA A 272 -5.94 -26.24 58.75
N ALA A 273 -5.86 -26.00 57.44
CA ALA A 273 -4.97 -26.75 56.56
C ALA A 273 -3.59 -26.13 56.44
N ARG A 274 -3.21 -25.27 57.39
CA ARG A 274 -1.91 -24.59 57.30
C ARG A 274 -0.78 -25.60 57.14
N ASP A 275 -0.90 -26.75 57.79
CA ASP A 275 0.11 -27.80 57.72
C ASP A 275 -0.07 -28.69 56.49
N LEU A 276 -1.13 -28.47 55.71
CA LEU A 276 -1.36 -29.24 54.50
C LEU A 276 -0.71 -28.60 53.27
N VAL A 277 -0.41 -27.32 53.32
CA VAL A 277 0.17 -26.59 52.19
C VAL A 277 1.50 -25.97 52.60
N SER A 278 2.26 -25.55 51.59
CA SER A 278 3.51 -24.84 51.81
C SER A 278 3.23 -23.42 52.27
N LYS A 279 4.24 -22.78 52.89
CA LYS A 279 4.07 -21.42 53.37
C LYS A 279 3.68 -20.47 52.25
N GLU A 280 4.38 -20.53 51.12
CA GLU A 280 3.99 -19.71 49.98
C GLU A 280 2.59 -20.04 49.49
N GLY A 281 2.28 -21.34 49.35
CA GLY A 281 0.96 -21.75 48.92
C GLY A 281 -0.16 -21.26 49.82
N PHE A 282 0.10 -21.19 51.12
CA PHE A 282 -0.92 -20.70 52.04
C PHE A 282 -1.21 -19.23 51.79
N ARG A 283 -0.17 -18.42 51.58
CA ARG A 283 -0.38 -17.00 51.32
C ARG A 283 -1.14 -16.80 50.02
N ARG A 284 -0.81 -17.61 49.00
CA ARG A 284 -1.51 -17.53 47.73
C ARG A 284 -3.00 -17.74 47.93
N ALA A 285 -3.39 -18.80 48.64
CA ALA A 285 -4.79 -19.08 48.87
C ALA A 285 -5.46 -18.01 49.72
N ARG A 286 -4.73 -17.43 50.67
CA ARG A 286 -5.33 -16.40 51.51
C ARG A 286 -5.73 -15.19 50.69
N HIS A 287 -4.93 -14.83 49.68
CA HIS A 287 -5.30 -13.74 48.79
C HIS A 287 -6.57 -14.05 48.02
N VAL A 288 -6.61 -15.22 47.37
CA VAL A 288 -7.77 -15.56 46.53
C VAL A 288 -9.06 -15.52 47.34
N VAL A 289 -9.10 -16.26 48.44
CA VAL A 289 -10.32 -16.31 49.27
C VAL A 289 -10.71 -14.90 49.69
N GLY A 290 -9.72 -14.06 50.03
CA GLY A 290 -10.01 -12.69 50.42
C GLY A 290 -10.33 -11.78 49.26
N GLU A 291 -9.71 -12.01 48.10
CA GLU A 291 -10.03 -11.19 46.92
C GLU A 291 -11.43 -11.49 46.41
N ILE A 292 -11.81 -12.77 46.38
CA ILE A 292 -13.17 -13.11 45.96
C ILE A 292 -14.18 -12.41 46.85
N ARG A 293 -13.91 -12.38 48.16
CA ARG A 293 -14.83 -11.75 49.09
C ARG A 293 -14.82 -10.24 48.94
N ARG A 294 -13.66 -9.66 48.62
CA ARG A 294 -13.59 -8.23 48.38
C ARG A 294 -14.33 -7.83 47.12
N THR A 295 -14.20 -8.63 46.05
CA THR A 295 -14.87 -8.29 44.80
C THR A 295 -16.38 -8.26 44.98
N ALA A 296 -16.93 -9.28 45.63
CA ALA A 296 -18.36 -9.28 45.92
C ALA A 296 -18.74 -8.08 46.79
N GLN A 297 -17.87 -7.69 47.72
CA GLN A 297 -18.14 -6.53 48.54
C GLN A 297 -18.06 -5.24 47.74
N ALA A 298 -17.11 -5.16 46.81
CA ALA A 298 -16.95 -3.93 46.03
C ALA A 298 -18.11 -3.71 45.08
N ALA A 299 -18.63 -4.78 44.49
CA ALA A 299 -19.82 -4.65 43.65
C ALA A 299 -21.00 -4.11 44.47
N ALA A 300 -21.20 -4.64 45.68
CA ALA A 300 -22.27 -4.14 46.53
C ALA A 300 -22.04 -2.69 46.90
N ALA A 301 -20.80 -2.32 47.23
CA ALA A 301 -20.50 -0.93 47.53
C ALA A 301 -20.80 -0.04 46.33
N LEU A 302 -20.55 -0.54 45.12
CA LEU A 302 -20.79 0.26 43.93
C LEU A 302 -22.29 0.50 43.71
N ARG A 303 -23.10 -0.52 43.99
CA ARG A 303 -24.55 -0.39 43.75
C ARG A 303 -25.14 0.74 44.59
N ARG A 304 -24.65 0.92 45.81
CA ARG A 304 -25.14 1.98 46.68
C ARG A 304 -24.36 3.27 46.55
N GLY A 305 -23.37 3.33 45.65
CA GLY A 305 -22.62 4.55 45.43
C GLY A 305 -21.60 4.86 46.49
N ASP A 306 -21.21 3.87 47.29
CA ASP A 306 -20.26 4.03 48.39
C ASP A 306 -18.83 3.97 47.84
N TYR A 307 -18.41 5.08 47.23
CA TYR A 307 -17.09 5.11 46.61
C TYR A 307 -15.97 5.01 47.65
N ARG A 308 -16.16 5.61 48.82
CA ARG A 308 -15.16 5.50 49.87
C ARG A 308 -14.92 4.04 50.24
N ALA A 309 -16.00 3.27 50.40
CA ALA A 309 -15.88 1.85 50.70
C ALA A 309 -15.23 1.10 49.55
N PHE A 310 -15.63 1.42 48.32
CA PHE A 310 -15.01 0.78 47.16
C PHE A 310 -13.52 1.03 47.12
N GLY A 311 -13.10 2.28 47.39
CA GLY A 311 -11.68 2.59 47.42
C GLY A 311 -10.92 1.80 48.46
N ARG A 312 -11.51 1.60 49.64
CA ARG A 312 -10.83 0.84 50.68
C ARG A 312 -10.63 -0.61 50.28
N LEU A 313 -11.65 -1.22 49.66
CA LEU A 313 -11.49 -2.59 49.17
C LEU A 313 -10.42 -2.65 48.08
N MET A 314 -10.30 -1.61 47.27
CA MET A 314 -9.24 -1.55 46.27
C MET A 314 -7.87 -1.55 46.91
N VAL A 315 -7.70 -0.80 48.01
CA VAL A 315 -6.39 -0.71 48.63
C VAL A 315 -6.04 -2.01 49.34
N GLU A 316 -7.04 -2.66 49.95
CA GLU A 316 -6.81 -3.99 50.53
C GLU A 316 -6.38 -4.97 49.45
N SER A 317 -7.03 -4.94 48.29
CA SER A 317 -6.65 -5.81 47.20
C SER A 317 -5.18 -5.64 46.84
N HIS A 318 -4.71 -4.39 46.78
CA HIS A 318 -3.30 -4.15 46.45
C HIS A 318 -2.38 -4.73 47.53
N ARG A 319 -2.70 -4.45 48.80
CA ARG A 319 -1.92 -5.04 49.89
C ARG A 319 -1.85 -6.56 49.75
N SER A 320 -3.01 -7.19 49.50
CA SER A 320 -3.05 -8.63 49.31
C SER A 320 -2.19 -9.05 48.12
N LEU A 321 -2.33 -8.36 46.98
CA LEU A 321 -1.56 -8.71 45.80
C LEU A 321 -0.06 -8.48 46.01
N ARG A 322 0.30 -7.54 46.86
CA ARG A 322 1.71 -7.22 47.06
C ARG A 322 2.36 -8.17 48.05
N ASP A 323 1.63 -8.57 49.09
CA ASP A 323 2.22 -9.34 50.19
C ASP A 323 2.00 -10.85 50.05
N ASP A 324 0.75 -11.27 49.83
CA ASP A 324 0.44 -12.69 49.79
C ASP A 324 0.67 -13.31 48.41
N TYR A 325 0.20 -12.64 47.35
CA TYR A 325 0.34 -13.18 46.01
C TYR A 325 1.64 -12.77 45.34
N GLU A 326 2.28 -11.69 45.80
CA GLU A 326 3.53 -11.21 45.22
C GLU A 326 3.48 -11.19 43.71
N VAL A 327 2.67 -10.31 43.13
CA VAL A 327 2.61 -10.15 41.68
C VAL A 327 2.78 -8.69 41.31
N SER A 328 3.07 -7.84 42.29
CA SER A 328 3.34 -6.43 42.04
C SER A 328 4.84 -6.24 41.86
N CYS A 329 5.28 -4.98 41.85
CA CYS A 329 6.70 -4.66 41.71
C CYS A 329 6.92 -3.27 42.29
N PRO A 330 8.18 -2.88 42.49
CA PRO A 330 8.45 -1.57 43.11
C PRO A 330 7.78 -0.41 42.40
N GLU A 331 7.79 -0.39 41.07
CA GLU A 331 7.17 0.71 40.32
C GLU A 331 5.68 0.83 40.65
N LEU A 332 4.95 -0.29 40.57
CA LEU A 332 3.53 -0.25 40.87
C LEU A 332 3.26 0.20 42.29
N ASP A 333 4.02 -0.33 43.26
CA ASP A 333 3.82 0.06 44.65
C ASP A 333 4.07 1.55 44.83
N GLN A 334 5.05 2.09 44.13
CA GLN A 334 5.33 3.52 44.20
C GLN A 334 4.17 4.34 43.61
N LEU A 335 3.59 3.88 42.50
CA LEU A 335 2.46 4.58 41.92
C LEU A 335 1.25 4.54 42.85
N VAL A 336 0.99 3.40 43.47
CA VAL A 336 -0.18 3.27 44.34
C VAL A 336 -0.06 4.20 45.54
N GLU A 337 1.12 4.26 46.16
CA GLU A 337 1.29 5.08 47.35
C GLU A 337 1.10 6.57 47.02
N ALA A 338 1.72 7.03 45.93
CA ALA A 338 1.57 8.42 45.54
C ALA A 338 0.12 8.79 45.31
N ALA A 339 -0.64 7.89 44.66
CA ALA A 339 -2.05 8.16 44.38
C ALA A 339 -2.85 8.31 45.68
N LEU A 340 -2.53 7.51 46.69
CA LEU A 340 -3.30 7.54 47.93
C LEU A 340 -3.08 8.82 48.72
N ALA A 341 -1.99 9.55 48.44
CA ALA A 341 -1.75 10.82 49.09
C ALA A 341 -2.60 11.94 48.52
N VAL A 342 -3.12 11.77 47.31
CA VAL A 342 -3.88 12.83 46.65
C VAL A 342 -5.28 12.90 47.26
N PRO A 343 -5.74 14.07 47.68
CA PRO A 343 -7.12 14.20 48.15
C PRO A 343 -8.10 14.02 47.01
N GLY A 344 -9.25 13.43 47.34
CA GLY A 344 -10.23 13.07 46.34
C GLY A 344 -10.07 11.67 45.78
N VAL A 345 -8.94 11.02 46.06
CA VAL A 345 -8.71 9.65 45.61
C VAL A 345 -9.35 8.69 46.60
N TYR A 346 -10.19 7.78 46.09
CA TYR A 346 -10.81 6.79 46.95
C TYR A 346 -9.92 5.58 47.18
N GLY A 347 -9.18 5.16 46.16
CA GLY A 347 -8.30 4.01 46.29
C GLY A 347 -7.53 3.81 45.01
N SER A 348 -6.54 2.92 45.10
CA SER A 348 -5.70 2.62 43.94
C SER A 348 -5.03 1.27 44.16
N ARG A 349 -4.70 0.63 43.05
CA ARG A 349 -4.08 -0.70 43.10
C ARG A 349 -3.63 -1.05 41.68
N MET A 350 -2.77 -2.06 41.60
CA MET A 350 -2.37 -2.60 40.31
C MET A 350 -3.52 -3.36 39.68
N THR A 351 -3.52 -3.41 38.36
CA THR A 351 -4.47 -4.20 37.60
C THR A 351 -3.71 -5.06 36.61
N GLY A 352 -4.39 -6.08 36.10
CA GLY A 352 -3.77 -7.01 35.18
C GLY A 352 -2.95 -8.05 35.92
N GLY A 353 -2.04 -8.69 35.17
CA GLY A 353 -1.26 -9.78 35.74
C GLY A 353 -0.28 -9.32 36.81
N GLY A 354 0.32 -8.16 36.63
CA GLY A 354 1.30 -7.64 37.57
C GLY A 354 2.70 -7.67 36.98
N PHE A 355 3.68 -7.45 37.86
CA PHE A 355 5.08 -7.41 37.45
C PHE A 355 5.36 -6.26 36.51
N GLY A 356 4.59 -5.17 36.65
CA GLY A 356 4.56 -4.06 35.74
C GLY A 356 3.13 -3.76 35.34
N GLY A 357 2.99 -2.99 34.27
CA GLY A 357 1.67 -2.66 33.76
C GLY A 357 1.10 -1.36 34.28
N CYS A 358 -0.21 -1.34 34.58
CA CYS A 358 -0.93 -0.12 34.89
C CYS A 358 -1.47 -0.14 36.31
N THR A 359 -1.88 1.03 36.77
CA THR A 359 -2.56 1.22 38.05
C THR A 359 -3.92 1.86 37.79
N VAL A 360 -4.97 1.31 38.40
CA VAL A 360 -6.31 1.87 38.33
C VAL A 360 -6.59 2.64 39.62
N THR A 361 -7.15 3.83 39.48
CA THR A 361 -7.41 4.71 40.62
C THR A 361 -8.82 5.27 40.48
N LEU A 362 -9.65 5.05 41.50
CA LEU A 362 -10.98 5.63 41.58
C LEU A 362 -10.92 6.91 42.39
N LEU A 363 -11.39 8.02 41.82
CA LEU A 363 -11.21 9.33 42.44
C LEU A 363 -12.34 10.26 42.03
N GLU A 364 -12.47 11.35 42.79
CA GLU A 364 -13.38 12.42 42.42
C GLU A 364 -12.93 13.06 41.11
N ALA A 365 -13.88 13.26 40.19
CA ALA A 365 -13.53 13.82 38.89
C ALA A 365 -12.72 15.09 39.04
N SER A 366 -13.11 15.95 39.99
CA SER A 366 -12.41 17.21 40.21
C SER A 366 -10.94 16.99 40.59
N ALA A 367 -10.61 15.85 41.18
CA ALA A 367 -9.25 15.59 41.65
C ALA A 367 -8.33 15.06 40.56
N ALA A 368 -8.85 14.71 39.39
CA ALA A 368 -8.01 14.09 38.36
C ALA A 368 -6.81 14.94 37.97
N PRO A 369 -6.96 16.21 37.61
CA PRO A 369 -5.79 17.00 37.22
C PRO A 369 -4.69 17.00 38.27
N HIS A 370 -5.04 17.20 39.55
CA HIS A 370 -4.03 17.18 40.60
C HIS A 370 -3.42 15.79 40.76
N ALA A 371 -4.25 14.75 40.70
CA ALA A 371 -3.73 13.39 40.88
C ALA A 371 -2.67 13.06 39.85
N MET A 372 -2.90 13.42 38.58
CA MET A 372 -1.90 13.16 37.55
C MET A 372 -0.61 13.92 37.82
N ARG A 373 -0.73 15.18 38.26
CA ARG A 373 0.46 15.96 38.57
C ARG A 373 1.22 15.38 39.75
N HIS A 374 0.50 15.00 40.82
CA HIS A 374 1.15 14.46 42.00
C HIS A 374 1.83 13.13 41.71
N ILE A 375 1.10 12.21 41.10
CA ILE A 375 1.65 10.89 40.82
C ILE A 375 2.90 11.01 39.95
N GLN A 376 2.81 11.81 38.88
CA GLN A 376 3.94 11.94 37.97
C GLN A 376 5.18 12.49 38.67
N GLU A 377 4.99 13.51 39.51
CA GLU A 377 6.14 14.16 40.15
C GLU A 377 6.82 13.25 41.15
N HIS A 378 6.07 12.37 41.83
CA HIS A 378 6.62 11.50 42.86
C HIS A 378 6.88 10.08 42.36
N TYR A 379 7.00 9.90 41.05
CA TYR A 379 7.24 8.59 40.45
C TYR A 379 8.60 8.61 39.76
N GLY A 380 9.45 7.63 40.10
CA GLY A 380 10.77 7.54 39.52
C GLY A 380 10.77 6.98 38.10
N GLY A 381 10.08 7.69 37.23
CA GLY A 381 9.95 7.28 35.85
C GLY A 381 8.90 8.13 35.17
N THR A 382 8.75 7.93 33.87
CA THR A 382 7.74 8.62 33.11
C THR A 382 6.46 7.79 33.10
N ALA A 383 5.34 8.43 33.43
CA ALA A 383 4.06 7.76 33.58
C ALA A 383 3.07 8.28 32.54
N THR A 384 2.24 7.38 32.03
CA THR A 384 1.17 7.73 31.10
C THR A 384 -0.19 7.59 31.79
N PHE A 385 -1.12 8.46 31.40
CA PHE A 385 -2.43 8.51 32.04
C PHE A 385 -3.54 8.36 31.02
N TYR A 386 -4.58 7.63 31.41
CA TYR A 386 -5.81 7.51 30.63
C TYR A 386 -6.98 7.80 31.56
N LEU A 387 -7.74 8.84 31.25
CA LEU A 387 -9.02 9.09 31.93
C LEU A 387 -10.09 8.41 31.08
N SER A 388 -10.57 7.28 31.54
CA SER A 388 -11.45 6.45 30.74
C SER A 388 -12.80 6.27 31.42
N GLN A 389 -13.82 6.14 30.59
CA GLN A 389 -15.15 5.73 30.98
C GLN A 389 -15.35 4.27 30.60
N ALA A 390 -16.39 3.66 31.16
CA ALA A 390 -16.71 2.30 30.77
C ALA A 390 -17.17 2.31 29.31
N ALA A 391 -16.57 1.45 28.49
CA ALA A 391 -16.80 1.48 27.05
C ALA A 391 -17.53 0.22 26.60
N ASP A 392 -17.92 0.23 25.33
CA ASP A 392 -18.59 -0.91 24.74
C ASP A 392 -17.60 -2.02 24.39
N GLY A 393 -18.13 -3.23 24.27
CA GLY A 393 -17.36 -4.37 23.84
C GLY A 393 -17.23 -4.43 22.32
N ALA A 394 -16.80 -5.60 21.85
CA ALA A 394 -16.57 -5.81 20.43
C ALA A 394 -17.82 -5.49 19.63
N LYS A 395 -17.62 -4.89 18.46
CA LYS A 395 -18.71 -4.57 17.56
C LYS A 395 -18.17 -4.54 16.13
N VAL A 396 -19.07 -4.75 15.18
CA VAL A 396 -18.74 -4.63 13.76
C VAL A 396 -18.82 -3.17 13.35
N LEU A 397 -17.96 -2.77 12.42
CA LEU A 397 -17.96 -1.41 11.89
C LEU A 397 -18.34 -1.47 10.42
N CYS A 398 -19.41 -0.76 10.05
CA CYS A 398 -19.90 -0.79 8.68
C CYS A 398 -19.12 0.20 7.84
N LEU A 399 -18.50 -0.27 6.77
CA LEU A 399 -17.75 0.61 5.88
C LEU A 399 -18.60 1.05 4.68
N GLN B 13 -6.19 -33.17 -24.40
CA GLN B 13 -7.30 -32.24 -24.29
C GLN B 13 -8.22 -32.09 -25.52
N PRO B 14 -7.92 -32.75 -26.65
CA PRO B 14 -8.74 -32.52 -27.87
C PRO B 14 -10.19 -32.93 -27.69
N GLN B 15 -11.05 -32.34 -28.51
CA GLN B 15 -12.47 -32.65 -28.50
C GLN B 15 -12.78 -33.78 -29.47
N VAL B 16 -14.01 -34.28 -29.37
CA VAL B 16 -14.40 -35.45 -30.16
C VAL B 16 -14.24 -35.16 -31.64
N ALA B 17 -14.62 -33.96 -32.08
CA ALA B 17 -14.55 -33.63 -33.49
C ALA B 17 -13.12 -33.66 -34.02
N GLU B 18 -12.15 -33.13 -33.26
CA GLU B 18 -10.77 -33.16 -33.72
C GLU B 18 -10.27 -34.60 -33.85
N LEU B 19 -10.53 -35.43 -32.84
CA LEU B 19 -10.12 -36.82 -32.92
C LEU B 19 -10.85 -37.54 -34.04
N LEU B 20 -12.16 -37.30 -34.16
CA LEU B 20 -12.93 -37.90 -35.24
C LEU B 20 -12.37 -37.47 -36.60
N ALA B 21 -11.98 -36.20 -36.70
CA ALA B 21 -11.39 -35.70 -37.95
C ALA B 21 -10.02 -36.33 -38.18
N GLU B 22 -9.22 -36.48 -37.12
CA GLU B 22 -7.92 -37.12 -37.26
C GLU B 22 -8.07 -38.56 -37.73
N ALA B 23 -9.08 -39.26 -37.20
CA ALA B 23 -9.29 -40.65 -37.58
C ALA B 23 -9.76 -40.81 -39.02
N ARG B 24 -10.55 -39.85 -39.52
CA ARG B 24 -11.05 -40.00 -40.89
C ARG B 24 -9.94 -39.75 -41.91
N ARG B 25 -9.13 -38.71 -41.68
CA ARG B 25 -8.00 -38.45 -42.57
C ARG B 25 -7.08 -39.66 -42.65
N ALA B 26 -6.76 -40.24 -41.49
CA ALA B 26 -5.92 -41.43 -41.48
C ALA B 26 -6.60 -42.61 -42.16
N PHE B 27 -7.91 -42.78 -41.91
CA PHE B 27 -8.64 -43.88 -42.52
C PHE B 27 -8.69 -43.73 -44.04
N ARG B 28 -8.91 -42.51 -44.52
CA ARG B 28 -8.92 -42.29 -45.96
C ARG B 28 -7.55 -42.56 -46.56
N GLU B 29 -6.51 -41.95 -45.99
CA GLU B 29 -5.16 -42.16 -46.47
C GLU B 29 -4.79 -43.64 -46.45
N GLU B 30 -5.33 -44.40 -45.49
CA GLU B 30 -4.91 -45.79 -45.32
C GLU B 30 -5.78 -46.78 -46.09
N PHE B 31 -7.07 -46.49 -46.28
CA PHE B 31 -7.96 -47.44 -46.93
C PHE B 31 -8.61 -46.91 -48.20
N GLY B 32 -8.46 -45.62 -48.52
CA GLY B 32 -8.90 -45.08 -49.78
C GLY B 32 -10.34 -44.61 -49.82
N ALA B 33 -11.14 -44.89 -48.80
CA ALA B 33 -12.53 -44.46 -48.80
C ALA B 33 -12.84 -43.74 -47.48
N GLU B 34 -14.03 -43.18 -47.42
CA GLU B 34 -14.49 -42.59 -46.18
C GLU B 34 -14.97 -43.69 -45.23
N PRO B 35 -14.66 -43.59 -43.94
CA PRO B 35 -15.23 -44.54 -42.98
C PRO B 35 -16.72 -44.34 -42.86
N GLU B 36 -17.42 -45.44 -42.56
CA GLU B 36 -18.87 -45.42 -42.44
C GLU B 36 -19.36 -45.38 -41.00
N LEU B 37 -18.56 -45.87 -40.06
CA LEU B 37 -18.98 -46.04 -38.69
C LEU B 37 -17.97 -45.40 -37.76
N ALA B 38 -18.48 -44.84 -36.65
CA ALA B 38 -17.65 -44.15 -35.68
C ALA B 38 -18.13 -44.46 -34.27
N VAL B 39 -17.18 -44.47 -33.34
CA VAL B 39 -17.43 -44.92 -31.97
C VAL B 39 -16.39 -44.27 -31.08
N SER B 40 -16.76 -44.05 -29.82
CA SER B 40 -15.85 -43.49 -28.83
C SER B 40 -16.08 -44.16 -27.49
N ALA B 41 -15.03 -44.18 -26.67
CA ALA B 41 -15.04 -44.76 -25.35
C ALA B 41 -14.00 -44.01 -24.53
N PRO B 42 -14.34 -43.56 -23.33
CA PRO B 42 -13.43 -42.71 -22.56
C PRO B 42 -12.44 -43.51 -21.71
N GLY B 43 -11.40 -42.81 -21.27
CA GLY B 43 -10.54 -43.26 -20.20
C GLY B 43 -11.20 -43.07 -18.85
N ARG B 44 -10.42 -43.34 -17.80
CA ARG B 44 -10.96 -43.31 -16.45
C ARG B 44 -9.93 -42.79 -15.47
N VAL B 45 -10.43 -42.15 -14.42
CA VAL B 45 -9.66 -41.84 -13.22
C VAL B 45 -10.48 -42.31 -12.03
N ASN B 46 -9.84 -43.02 -11.10
CA ASN B 46 -10.50 -43.49 -9.90
C ASN B 46 -10.36 -42.44 -8.80
N LEU B 47 -11.49 -41.86 -8.38
CA LEU B 47 -11.43 -40.87 -7.31
C LEU B 47 -11.00 -41.50 -5.99
N ILE B 48 -11.48 -42.70 -5.70
CA ILE B 48 -11.09 -43.42 -4.49
C ILE B 48 -11.53 -44.87 -4.58
N GLY B 49 -10.84 -45.76 -3.86
CA GLY B 49 -11.20 -47.17 -3.87
C GLY B 49 -10.22 -48.02 -4.66
N GLU B 50 -8.93 -47.89 -4.38
CA GLU B 50 -7.91 -48.55 -5.19
C GLU B 50 -7.69 -49.98 -4.73
N HIS B 51 -7.49 -50.87 -5.69
CA HIS B 51 -7.21 -52.28 -5.43
C HIS B 51 -8.29 -52.92 -4.57
N THR B 52 -9.53 -52.43 -4.69
CA THR B 52 -10.67 -53.06 -4.05
C THR B 52 -11.61 -53.79 -5.02
N ASP B 53 -11.51 -53.53 -6.32
CA ASP B 53 -12.50 -54.07 -7.24
C ASP B 53 -12.40 -55.59 -7.33
N TYR B 54 -11.18 -56.13 -7.49
CA TYR B 54 -11.05 -57.58 -7.51
C TYR B 54 -11.21 -58.20 -6.12
N ASN B 55 -11.39 -57.39 -5.08
CA ASN B 55 -11.74 -57.86 -3.74
C ASN B 55 -13.24 -57.71 -3.46
N GLN B 56 -14.05 -57.50 -4.50
CA GLN B 56 -15.50 -57.35 -4.36
C GLN B 56 -15.86 -56.16 -3.47
N GLY B 57 -15.08 -55.10 -3.59
CA GLY B 57 -15.23 -53.88 -2.81
C GLY B 57 -15.99 -52.80 -3.56
N LEU B 58 -15.69 -51.55 -3.19
CA LEU B 58 -16.34 -50.38 -3.78
C LEU B 58 -15.32 -49.54 -4.55
N VAL B 59 -15.78 -48.92 -5.62
CA VAL B 59 -14.96 -48.00 -6.41
C VAL B 59 -15.79 -46.79 -6.78
N LEU B 60 -15.10 -45.67 -6.99
CA LEU B 60 -15.73 -44.39 -7.33
C LEU B 60 -14.96 -43.73 -8.48
N PRO B 61 -15.01 -44.29 -9.67
CA PRO B 61 -14.35 -43.67 -10.83
C PRO B 61 -15.28 -42.69 -11.54
N MET B 62 -14.65 -41.82 -12.35
CA MET B 62 -15.38 -40.97 -13.28
C MET B 62 -14.71 -41.05 -14.64
N ALA B 63 -15.52 -40.95 -15.69
CA ALA B 63 -14.98 -40.94 -17.04
C ALA B 63 -14.27 -39.63 -17.31
N LEU B 64 -13.16 -39.70 -18.04
CA LEU B 64 -12.37 -38.53 -18.37
C LEU B 64 -12.78 -38.02 -19.76
N GLU B 65 -12.35 -36.79 -20.06
CA GLU B 65 -12.55 -36.27 -21.41
C GLU B 65 -11.56 -36.85 -22.40
N LEU B 66 -10.50 -37.50 -21.92
CA LEU B 66 -9.61 -38.26 -22.78
C LEU B 66 -10.33 -39.50 -23.32
N MET B 67 -10.07 -39.84 -24.58
CA MET B 67 -10.95 -40.72 -25.33
C MET B 67 -10.17 -41.59 -26.32
N THR B 68 -10.77 -42.73 -26.65
CA THR B 68 -10.38 -43.55 -27.80
C THR B 68 -11.50 -43.46 -28.83
N VAL B 69 -11.14 -43.13 -30.07
CA VAL B 69 -12.09 -43.04 -31.17
C VAL B 69 -11.76 -44.10 -32.21
N LEU B 70 -12.78 -44.82 -32.65
CA LEU B 70 -12.65 -45.82 -33.70
C LEU B 70 -13.54 -45.46 -34.88
N VAL B 71 -12.95 -45.39 -36.07
CA VAL B 71 -13.69 -45.22 -37.31
C VAL B 71 -13.38 -46.42 -38.19
N GLY B 72 -14.37 -46.86 -38.95
CA GLY B 72 -14.16 -48.01 -39.81
C GLY B 72 -15.40 -48.32 -40.61
N SER B 73 -15.32 -49.41 -41.35
CA SER B 73 -16.38 -49.85 -42.24
C SER B 73 -16.33 -51.36 -42.34
N PRO B 74 -17.45 -52.02 -42.62
CA PRO B 74 -17.40 -53.46 -42.86
C PRO B 74 -16.67 -53.77 -44.16
N ARG B 75 -16.15 -54.98 -44.23
CA ARG B 75 -15.43 -55.47 -45.41
C ARG B 75 -16.16 -56.70 -45.94
N LYS B 76 -15.92 -57.01 -47.21
CA LYS B 76 -16.48 -58.23 -47.76
C LYS B 76 -15.57 -59.45 -47.68
N ASP B 77 -14.27 -59.30 -47.39
CA ASP B 77 -13.38 -60.45 -47.47
C ASP B 77 -13.15 -61.19 -46.15
N GLY B 78 -13.88 -60.83 -45.09
CA GLY B 78 -13.63 -61.50 -43.82
C GLY B 78 -12.33 -61.17 -43.11
N LEU B 79 -11.64 -60.09 -43.49
CA LEU B 79 -10.39 -59.73 -42.85
C LEU B 79 -10.60 -58.57 -41.89
N VAL B 80 -9.69 -58.44 -40.93
CA VAL B 80 -9.63 -57.30 -40.04
C VAL B 80 -8.34 -56.57 -40.34
N SER B 81 -8.47 -55.30 -40.72
CA SER B 81 -7.32 -54.45 -41.03
C SER B 81 -7.35 -53.27 -40.08
N LEU B 82 -6.30 -53.11 -39.30
CA LEU B 82 -6.27 -52.11 -38.23
C LEU B 82 -5.09 -51.19 -38.41
N LEU B 83 -5.28 -49.93 -38.01
CA LEU B 83 -4.21 -48.96 -37.89
C LEU B 83 -4.51 -48.08 -36.69
N THR B 84 -3.53 -47.96 -35.80
CA THR B 84 -3.61 -47.03 -34.69
C THR B 84 -2.57 -45.94 -34.87
N THR B 85 -2.96 -44.71 -34.57
CA THR B 85 -2.08 -43.55 -34.69
C THR B 85 -1.40 -43.18 -33.39
N SER B 86 -1.54 -44.02 -32.36
CA SER B 86 -0.98 -43.72 -31.05
C SER B 86 0.53 -43.89 -31.06
N GLU B 87 1.24 -42.88 -30.54
CA GLU B 87 2.70 -42.89 -30.60
C GLU B 87 3.31 -43.93 -29.68
N GLY B 88 2.69 -44.14 -28.51
CA GLY B 88 3.18 -45.12 -27.56
C GLY B 88 2.88 -46.57 -27.91
N ALA B 89 2.29 -46.82 -29.07
CA ALA B 89 1.88 -48.17 -29.43
C ALA B 89 3.06 -49.01 -29.93
N ASP B 90 3.02 -50.29 -29.57
N ASP B 90 3.12 -50.27 -29.51
CA ASP B 90 3.98 -51.29 -30.04
CA ASP B 90 4.25 -51.08 -29.95
C ASP B 90 4.01 -51.35 -31.57
C ASP B 90 4.12 -51.41 -31.43
N GLU B 91 5.22 -51.33 -32.13
CA GLU B 91 5.28 -51.51 -33.59
C GLU B 91 5.13 -52.98 -33.96
N PRO B 92 4.47 -53.29 -35.08
CA PRO B 92 3.95 -52.31 -36.04
C PRO B 92 2.56 -51.77 -35.71
N GLN B 93 2.33 -50.49 -36.04
CA GLN B 93 1.05 -49.84 -35.81
C GLN B 93 0.02 -50.19 -36.87
N ARG B 94 0.38 -51.02 -37.85
CA ARG B 94 -0.53 -51.54 -38.84
C ARG B 94 -0.62 -53.04 -38.67
N LEU B 95 -1.79 -53.61 -38.88
CA LEU B 95 -1.93 -55.05 -38.77
C LEU B 95 -3.13 -55.50 -39.59
N GLN B 96 -2.99 -56.67 -40.20
CA GLN B 96 -4.10 -57.27 -40.92
C GLN B 96 -4.10 -58.76 -40.59
N PHE B 97 -5.27 -59.31 -40.31
CA PHE B 97 -5.40 -60.72 -39.95
C PHE B 97 -6.84 -61.15 -40.19
N PRO B 98 -7.07 -62.44 -40.40
CA PRO B 98 -8.43 -62.92 -40.64
C PRO B 98 -9.23 -63.07 -39.35
N LEU B 99 -10.56 -63.06 -39.52
CA LEU B 99 -11.48 -63.29 -38.41
C LEU B 99 -11.26 -64.69 -37.84
N PRO B 100 -11.62 -64.91 -36.59
CA PRO B 100 -11.54 -66.25 -36.02
C PRO B 100 -12.51 -67.20 -36.72
N THR B 101 -12.16 -68.48 -36.70
CA THR B 101 -12.94 -69.52 -37.33
C THR B 101 -13.27 -70.61 -36.30
N ALA B 102 -14.17 -71.51 -36.68
CA ALA B 102 -14.37 -72.71 -35.87
C ALA B 102 -13.10 -73.55 -35.81
N GLN B 103 -12.32 -73.55 -36.89
CA GLN B 103 -11.06 -74.29 -36.94
C GLN B 103 -10.00 -73.60 -36.09
N ARG B 104 -9.58 -72.41 -36.50
CA ARG B 104 -8.56 -71.65 -35.80
C ARG B 104 -9.19 -70.43 -35.14
N SER B 105 -8.80 -70.19 -33.88
CA SER B 105 -9.24 -69.04 -33.12
C SER B 105 -8.09 -68.04 -33.02
N LEU B 106 -8.43 -66.77 -32.85
CA LEU B 106 -7.43 -65.74 -32.69
C LEU B 106 -6.47 -66.10 -31.55
N GLU B 107 -5.25 -65.61 -31.65
CA GLU B 107 -4.24 -65.91 -30.64
C GLU B 107 -3.54 -64.62 -30.21
N PRO B 108 -3.32 -64.43 -28.91
CA PRO B 108 -2.54 -63.27 -28.46
C PRO B 108 -1.10 -63.40 -28.94
N GLY B 109 -0.67 -62.45 -29.76
CA GLY B 109 0.68 -62.43 -30.27
C GLY B 109 1.29 -61.04 -30.28
N THR B 110 1.96 -60.71 -31.38
CA THR B 110 2.55 -59.41 -31.58
C THR B 110 1.97 -58.76 -32.83
N PRO B 111 1.77 -57.43 -32.84
CA PRO B 111 2.13 -56.53 -31.75
C PRO B 111 1.22 -56.66 -30.53
N ARG B 112 1.72 -56.21 -29.38
CA ARG B 112 0.98 -56.38 -28.12
C ARG B 112 -0.35 -55.62 -28.16
N TRP B 113 -0.36 -54.41 -28.71
CA TRP B 113 -1.56 -53.58 -28.64
C TRP B 113 -2.74 -54.22 -29.35
N ALA B 114 -2.51 -54.97 -30.42
CA ALA B 114 -3.61 -55.60 -31.14
C ALA B 114 -4.28 -56.71 -30.34
N ASN B 115 -3.65 -57.20 -29.27
CA ASN B 115 -4.26 -58.25 -28.47
C ASN B 115 -5.58 -57.81 -27.88
N TYR B 116 -5.68 -56.53 -27.51
CA TYR B 116 -6.90 -56.04 -26.88
C TYR B 116 -8.08 -56.09 -27.83
N VAL B 117 -7.90 -55.63 -29.07
CA VAL B 117 -8.98 -55.71 -30.04
C VAL B 117 -9.17 -57.15 -30.51
N LYS B 118 -8.06 -57.89 -30.67
CA LYS B 118 -8.16 -59.29 -31.01
C LYS B 118 -8.98 -60.06 -29.96
N GLY B 119 -8.68 -59.81 -28.68
CA GLY B 119 -9.41 -60.50 -27.62
C GLY B 119 -10.88 -60.19 -27.62
N VAL B 120 -11.24 -58.92 -27.80
CA VAL B 120 -12.64 -58.53 -27.83
C VAL B 120 -13.36 -59.21 -29.00
N ILE B 121 -12.69 -59.29 -30.15
CA ILE B 121 -13.28 -59.99 -31.29
C ILE B 121 -13.50 -61.46 -30.94
N GLN B 122 -12.50 -62.10 -30.36
CA GLN B 122 -12.58 -63.53 -30.07
C GLN B 122 -13.74 -63.84 -29.15
N TYR B 123 -14.00 -62.97 -28.18
CA TYR B 123 -15.03 -63.19 -27.18
C TYR B 123 -16.32 -62.42 -27.45
N TYR B 124 -16.42 -61.73 -28.58
CA TYR B 124 -17.66 -61.03 -28.90
C TYR B 124 -18.80 -62.04 -29.01
N PRO B 125 -19.93 -61.80 -28.33
CA PRO B 125 -20.97 -62.82 -28.21
C PRO B 125 -21.94 -62.93 -29.37
N ALA B 126 -21.87 -62.05 -30.36
CA ALA B 126 -22.85 -62.02 -31.44
C ALA B 126 -22.23 -62.44 -32.76
N ALA B 127 -23.08 -62.87 -33.68
CA ALA B 127 -22.69 -63.32 -35.00
C ALA B 127 -23.85 -63.04 -35.95
N PRO B 128 -23.58 -62.91 -37.25
CA PRO B 128 -22.24 -63.03 -37.84
C PRO B 128 -21.45 -61.74 -37.80
N LEU B 129 -20.18 -61.83 -37.44
CA LEU B 129 -19.31 -60.66 -37.40
C LEU B 129 -18.60 -60.50 -38.74
N PRO B 130 -18.79 -59.40 -39.45
CA PRO B 130 -18.08 -59.21 -40.72
C PRO B 130 -16.65 -58.77 -40.48
N GLY B 131 -15.84 -58.90 -41.52
CA GLY B 131 -14.55 -58.23 -41.52
C GLY B 131 -14.74 -56.72 -41.50
N PHE B 132 -13.67 -56.01 -41.10
CA PHE B 132 -13.78 -54.57 -41.08
C PHE B 132 -12.39 -53.97 -41.13
N SER B 133 -12.33 -52.72 -41.61
CA SER B 133 -11.16 -51.88 -41.49
C SER B 133 -11.48 -50.77 -40.50
N ALA B 134 -10.47 -50.38 -39.71
CA ALA B 134 -10.69 -49.37 -38.69
C ALA B 134 -9.35 -48.75 -38.32
N VAL B 135 -9.38 -47.47 -37.97
CA VAL B 135 -8.23 -46.79 -37.41
C VAL B 135 -8.56 -46.36 -36.00
N VAL B 136 -7.58 -46.47 -35.10
CA VAL B 136 -7.75 -46.13 -33.69
C VAL B 136 -6.99 -44.84 -33.42
N VAL B 137 -7.67 -43.88 -32.81
CA VAL B 137 -7.02 -42.68 -32.29
C VAL B 137 -7.46 -42.48 -30.85
N SER B 138 -6.58 -41.87 -30.06
CA SER B 138 -6.82 -41.77 -28.63
C SER B 138 -6.11 -40.54 -28.07
N SER B 139 -6.77 -39.88 -27.13
CA SER B 139 -6.15 -38.86 -26.30
C SER B 139 -5.83 -39.39 -24.90
N VAL B 140 -6.04 -40.69 -24.68
CA VAL B 140 -5.71 -41.33 -23.42
C VAL B 140 -4.24 -41.75 -23.47
N PRO B 141 -3.40 -41.30 -22.56
CA PRO B 141 -1.97 -41.65 -22.61
C PRO B 141 -1.76 -43.14 -22.34
N LEU B 142 -1.00 -43.79 -23.23
CA LEU B 142 -0.76 -45.22 -23.10
C LEU B 142 0.09 -45.50 -21.87
N GLY B 143 -0.41 -46.39 -21.01
CA GLY B 143 0.33 -46.79 -19.82
C GLY B 143 0.31 -45.80 -18.68
N GLY B 144 -0.55 -44.79 -18.72
CA GLY B 144 -0.59 -43.77 -17.70
C GLY B 144 -1.53 -44.01 -16.55
N GLY B 145 -2.18 -45.17 -16.49
CA GLY B 145 -3.09 -45.49 -15.40
C GLY B 145 -4.50 -44.97 -15.57
N LEU B 146 -4.81 -44.32 -16.70
CA LEU B 146 -6.14 -43.82 -16.99
C LEU B 146 -6.97 -44.80 -17.82
N SER B 147 -6.55 -46.06 -17.90
CA SER B 147 -7.29 -47.11 -18.60
C SER B 147 -7.39 -46.81 -20.09
N SER B 148 -6.24 -46.64 -20.73
CA SER B 148 -6.22 -46.67 -22.19
C SER B 148 -6.61 -48.05 -22.70
N SER B 149 -6.20 -49.10 -21.97
CA SER B 149 -6.54 -50.47 -22.35
C SER B 149 -8.05 -50.68 -22.38
N ALA B 150 -8.73 -50.37 -21.28
CA ALA B 150 -10.17 -50.54 -21.23
C ALA B 150 -10.87 -49.61 -22.23
N SER B 151 -10.36 -48.38 -22.37
CA SER B 151 -10.89 -47.48 -23.37
C SER B 151 -10.85 -48.11 -24.76
N LEU B 152 -9.72 -48.73 -25.10
CA LEU B 152 -9.61 -49.40 -26.39
C LEU B 152 -10.55 -50.59 -26.48
N GLU B 153 -10.63 -51.38 -25.41
CA GLU B 153 -11.46 -52.59 -25.46
C GLU B 153 -12.94 -52.23 -25.64
N VAL B 154 -13.42 -51.25 -24.88
CA VAL B 154 -14.83 -50.88 -24.97
C VAL B 154 -15.11 -50.18 -26.30
N ALA B 155 -14.18 -49.36 -26.78
CA ALA B 155 -14.33 -48.78 -28.11
C ALA B 155 -14.47 -49.87 -29.17
N THR B 156 -13.57 -50.86 -29.13
CA THR B 156 -13.68 -51.99 -30.05
C THR B 156 -15.05 -52.66 -29.92
N TYR B 157 -15.46 -52.95 -28.70
CA TYR B 157 -16.76 -53.60 -28.50
C TYR B 157 -17.89 -52.75 -29.08
N THR B 158 -17.91 -51.46 -28.79
CA THR B 158 -18.97 -50.61 -29.31
C THR B 158 -18.95 -50.59 -30.83
N PHE B 159 -17.77 -50.67 -31.44
CA PHE B 159 -17.68 -50.73 -32.90
C PHE B 159 -18.35 -51.99 -33.43
N LEU B 160 -18.00 -53.15 -32.85
CA LEU B 160 -18.57 -54.41 -33.29
C LEU B 160 -20.08 -54.42 -33.16
N GLN B 161 -20.63 -53.68 -32.20
CA GLN B 161 -22.08 -53.57 -32.08
C GLN B 161 -22.69 -52.94 -33.33
N GLN B 162 -21.95 -52.04 -33.99
CA GLN B 162 -22.46 -51.44 -35.21
C GLN B 162 -22.45 -52.45 -36.36
N LEU B 163 -21.39 -53.26 -36.44
CA LEU B 163 -21.32 -54.31 -37.45
C LEU B 163 -22.32 -55.42 -37.17
N CYS B 164 -22.57 -55.72 -35.91
CA CYS B 164 -23.39 -56.85 -35.50
C CYS B 164 -23.94 -56.58 -34.11
N PRO B 165 -25.13 -55.98 -34.01
CA PRO B 165 -25.63 -55.58 -32.69
C PRO B 165 -25.79 -56.79 -31.78
N ASP B 166 -25.41 -56.62 -30.53
CA ASP B 166 -25.57 -57.66 -29.53
C ASP B 166 -26.89 -57.44 -28.79
N SER B 167 -27.27 -58.43 -27.99
CA SER B 167 -28.54 -58.36 -27.28
C SER B 167 -28.40 -58.02 -25.82
N GLY B 168 -27.40 -58.56 -25.14
CA GLY B 168 -27.36 -58.49 -23.68
C GLY B 168 -27.18 -57.09 -23.13
N THR B 169 -26.87 -57.06 -21.85
CA THR B 169 -26.79 -55.85 -21.04
C THR B 169 -25.37 -55.29 -20.99
N ILE B 170 -25.25 -54.08 -20.44
CA ILE B 170 -23.93 -53.46 -20.27
C ILE B 170 -23.02 -54.34 -19.44
N ALA B 171 -23.55 -55.03 -18.42
CA ALA B 171 -22.70 -55.88 -17.60
C ALA B 171 -22.02 -56.96 -18.44
N ALA B 172 -22.75 -57.56 -19.39
CA ALA B 172 -22.15 -58.58 -20.24
C ALA B 172 -21.02 -58.00 -21.09
N ARG B 173 -21.20 -56.78 -21.61
CA ARG B 173 -20.16 -56.13 -22.39
C ARG B 173 -18.92 -55.91 -21.54
N ALA B 174 -19.10 -55.42 -20.31
CA ALA B 174 -17.96 -55.23 -19.41
C ALA B 174 -17.21 -56.55 -19.20
N GLN B 175 -17.94 -57.64 -18.99
CA GLN B 175 -17.28 -58.92 -18.75
C GLN B 175 -16.58 -59.44 -20.00
N VAL B 176 -17.11 -59.16 -21.18
CA VAL B 176 -16.41 -59.53 -22.41
C VAL B 176 -15.07 -58.80 -22.48
N CYS B 177 -15.09 -57.48 -22.25
CA CYS B 177 -13.85 -56.72 -22.27
C CYS B 177 -12.90 -57.14 -21.17
N GLN B 178 -13.41 -57.53 -20.00
CA GLN B 178 -12.52 -58.02 -18.95
C GLN B 178 -11.98 -59.39 -19.30
N GLN B 179 -12.83 -60.27 -19.85
CA GLN B 179 -12.37 -61.57 -20.31
C GLN B 179 -11.26 -61.41 -21.35
N ALA B 180 -11.42 -60.42 -22.25
CA ALA B 180 -10.39 -60.15 -23.24
C ALA B 180 -9.08 -59.75 -22.57
N GLU B 181 -9.14 -58.82 -21.62
CA GLU B 181 -7.91 -58.39 -20.94
C GLU B 181 -7.26 -59.54 -20.19
N HIS B 182 -8.06 -60.43 -19.61
CA HIS B 182 -7.50 -61.58 -18.91
C HIS B 182 -6.76 -62.51 -19.89
N SER B 183 -7.45 -62.95 -20.95
CA SER B 183 -6.92 -64.03 -21.79
C SER B 183 -5.90 -63.54 -22.82
N PHE B 184 -6.08 -62.34 -23.36
CA PHE B 184 -5.24 -61.86 -24.47
C PHE B 184 -4.16 -60.88 -24.06
N ALA B 185 -4.33 -60.14 -22.96
CA ALA B 185 -3.30 -59.22 -22.49
C ALA B 185 -2.50 -59.76 -21.31
N GLY B 186 -2.92 -60.89 -20.73
CA GLY B 186 -2.21 -61.43 -19.59
C GLY B 186 -2.27 -60.55 -18.37
N MET B 187 -3.34 -59.78 -18.23
CA MET B 187 -3.50 -58.82 -17.13
C MET B 187 -4.78 -59.11 -16.35
N PRO B 188 -4.69 -59.69 -15.16
CA PRO B 188 -5.89 -60.07 -14.40
C PRO B 188 -6.51 -58.90 -13.65
N CYS B 189 -7.13 -58.00 -14.40
CA CYS B 189 -7.75 -56.81 -13.83
C CYS B 189 -9.12 -57.16 -13.24
N GLY B 190 -9.70 -56.18 -12.53
CA GLY B 190 -11.07 -56.26 -12.10
C GLY B 190 -12.01 -55.69 -13.14
N ILE B 191 -13.30 -55.63 -12.77
CA ILE B 191 -14.33 -55.15 -13.70
C ILE B 191 -14.42 -53.63 -13.75
N MET B 192 -13.71 -52.94 -12.86
CA MET B 192 -13.94 -51.50 -12.69
C MET B 192 -13.76 -50.73 -14.00
N ASP B 193 -12.60 -50.88 -14.64
CA ASP B 193 -12.26 -50.01 -15.76
C ASP B 193 -13.24 -50.15 -16.91
N GLN B 194 -13.54 -51.39 -17.31
CA GLN B 194 -14.49 -51.59 -18.39
C GLN B 194 -15.85 -51.01 -18.03
N PHE B 195 -16.25 -51.16 -16.76
CA PHE B 195 -17.58 -50.76 -16.35
C PHE B 195 -17.77 -49.26 -16.44
N ILE B 196 -16.79 -48.48 -15.97
CA ILE B 196 -16.89 -47.03 -16.01
C ILE B 196 -16.79 -46.50 -17.43
N SER B 197 -15.94 -47.12 -18.25
CA SER B 197 -15.85 -46.69 -19.64
C SER B 197 -17.18 -46.87 -20.36
N LEU B 198 -17.94 -47.90 -20.00
CA LEU B 198 -19.25 -48.15 -20.58
C LEU B 198 -20.36 -47.35 -19.91
N MET B 199 -20.26 -47.11 -18.60
CA MET B 199 -21.40 -46.71 -17.80
C MET B 199 -21.39 -45.25 -17.40
N GLY B 200 -20.32 -44.52 -17.71
CA GLY B 200 -20.25 -43.12 -17.30
C GLY B 200 -21.31 -42.26 -17.94
N GLN B 201 -21.74 -41.26 -17.19
CA GLN B 201 -22.60 -40.18 -17.67
C GLN B 201 -21.95 -38.88 -17.23
N LYS B 202 -21.89 -37.91 -18.14
CA LYS B 202 -21.15 -36.68 -17.85
C LYS B 202 -21.75 -35.96 -16.65
N GLY B 203 -20.87 -35.33 -15.88
CA GLY B 203 -21.28 -34.70 -14.63
C GLY B 203 -21.62 -35.68 -13.53
N HIS B 204 -21.05 -36.88 -13.58
CA HIS B 204 -21.33 -37.91 -12.59
C HIS B 204 -20.08 -38.76 -12.38
N ALA B 205 -19.88 -39.17 -11.13
CA ALA B 205 -18.99 -40.29 -10.80
C ALA B 205 -19.84 -41.55 -10.66
N LEU B 206 -19.19 -42.69 -10.75
CA LEU B 206 -19.90 -43.98 -10.73
C LEU B 206 -19.45 -44.76 -9.49
N LEU B 207 -20.35 -44.83 -8.51
CA LEU B 207 -20.15 -45.69 -7.35
C LEU B 207 -20.54 -47.11 -7.73
N ILE B 208 -19.55 -47.99 -7.83
CA ILE B 208 -19.75 -49.38 -8.27
C ILE B 208 -19.53 -50.30 -7.08
N ASP B 209 -20.53 -51.13 -6.79
CA ASP B 209 -20.40 -52.20 -5.81
C ASP B 209 -19.93 -53.43 -6.58
N CYS B 210 -18.65 -53.76 -6.46
CA CYS B 210 -18.06 -54.82 -7.27
C CYS B 210 -18.43 -56.22 -6.80
N ARG B 211 -19.22 -56.35 -5.74
CA ARG B 211 -19.78 -57.63 -5.33
C ARG B 211 -21.08 -57.93 -6.06
N SER B 212 -22.04 -57.00 -5.98
CA SER B 212 -23.34 -57.13 -6.60
C SER B 212 -23.42 -56.48 -7.98
N LEU B 213 -22.43 -55.68 -8.34
CA LEU B 213 -22.38 -54.94 -9.60
C LEU B 213 -23.40 -53.81 -9.69
N GLU B 214 -24.12 -53.53 -8.61
N GLU B 214 -24.16 -53.53 -8.64
CA GLU B 214 -24.99 -52.35 -8.55
CA GLU B 214 -25.07 -52.39 -8.68
C GLU B 214 -24.17 -51.08 -8.73
C GLU B 214 -24.29 -51.08 -8.64
N THR B 215 -24.71 -50.13 -9.47
CA THR B 215 -24.03 -48.87 -9.71
C THR B 215 -24.93 -47.68 -9.42
N SER B 216 -24.32 -46.60 -8.94
CA SER B 216 -25.02 -45.37 -8.64
C SER B 216 -24.29 -44.19 -9.28
N LEU B 217 -25.01 -43.36 -10.02
CA LEU B 217 -24.47 -42.15 -10.61
C LEU B 217 -24.60 -41.03 -9.57
N VAL B 218 -23.46 -40.52 -9.14
CA VAL B 218 -23.39 -39.47 -8.11
C VAL B 218 -23.03 -38.16 -8.81
N PRO B 219 -23.89 -37.15 -8.78
CA PRO B 219 -23.60 -35.92 -9.53
C PRO B 219 -22.28 -35.28 -9.09
N LEU B 220 -21.50 -34.87 -10.09
CA LEU B 220 -20.25 -34.12 -9.91
C LEU B 220 -20.31 -32.98 -10.91
N SER B 221 -20.95 -31.89 -10.51
CA SER B 221 -21.23 -30.77 -11.41
C SER B 221 -21.19 -29.49 -10.56
N ASP B 222 -19.97 -29.09 -10.21
CA ASP B 222 -19.74 -27.91 -9.40
C ASP B 222 -18.68 -27.05 -10.08
N PRO B 223 -19.05 -25.91 -10.67
CA PRO B 223 -18.04 -25.03 -11.27
C PRO B 223 -16.96 -24.59 -10.30
N LYS B 224 -17.24 -24.61 -8.99
CA LYS B 224 -16.24 -24.29 -7.98
C LYS B 224 -15.26 -25.43 -7.74
N LEU B 225 -15.56 -26.63 -8.23
CA LEU B 225 -14.78 -27.82 -7.97
C LEU B 225 -14.07 -28.28 -9.23
N ALA B 226 -12.79 -28.64 -9.09
CA ALA B 226 -11.99 -29.16 -10.19
C ALA B 226 -11.35 -30.49 -9.80
N VAL B 227 -11.14 -31.34 -10.80
CA VAL B 227 -10.41 -32.60 -10.66
C VAL B 227 -9.16 -32.50 -11.52
N LEU B 228 -8.01 -32.44 -10.87
CA LEU B 228 -6.72 -32.28 -11.56
C LEU B 228 -5.99 -33.62 -11.61
N ILE B 229 -5.70 -34.08 -12.82
CA ILE B 229 -4.94 -35.31 -13.03
C ILE B 229 -3.51 -34.94 -13.40
N THR B 230 -2.55 -35.52 -12.69
CA THR B 230 -1.13 -35.26 -12.91
C THR B 230 -0.45 -36.55 -13.30
N ASN B 231 0.07 -36.61 -14.52
CA ASN B 231 0.79 -37.79 -15.01
C ASN B 231 2.26 -37.65 -14.66
N SER B 232 2.78 -38.59 -13.87
CA SER B 232 4.20 -38.61 -13.55
C SER B 232 5.06 -38.96 -14.76
N ASN B 233 4.46 -39.45 -15.84
CA ASN B 233 5.19 -39.92 -17.02
C ASN B 233 6.24 -40.96 -16.64
N VAL B 234 5.88 -41.80 -15.67
CA VAL B 234 6.49 -43.11 -15.47
C VAL B 234 5.40 -44.14 -15.73
N ARG B 235 5.78 -45.23 -16.38
CA ARG B 235 4.78 -46.20 -16.82
C ARG B 235 4.67 -47.39 -15.87
N SER B 241 4.00 -56.68 -13.66
CA SER B 241 4.67 -56.20 -12.46
C SER B 241 4.27 -57.03 -11.24
N GLU B 242 3.94 -56.33 -10.16
CA GLU B 242 3.47 -56.94 -8.92
C GLU B 242 1.96 -56.99 -8.79
N TYR B 243 1.23 -56.32 -9.68
CA TYR B 243 -0.23 -56.35 -9.62
C TYR B 243 -0.78 -57.75 -9.39
N PRO B 244 -0.43 -58.77 -10.19
CA PRO B 244 -0.93 -60.12 -9.91
C PRO B 244 -0.48 -60.68 -8.56
N VAL B 245 0.61 -60.17 -7.98
CA VAL B 245 1.06 -60.67 -6.69
C VAL B 245 0.12 -60.21 -5.58
N ARG B 246 -0.30 -58.94 -5.62
CA ARG B 246 -1.24 -58.45 -4.63
C ARG B 246 -2.55 -59.21 -4.67
N ARG B 247 -3.07 -59.47 -5.88
CA ARG B 247 -4.34 -60.22 -5.99
C ARG B 247 -4.25 -61.59 -5.35
N ARG B 248 -3.12 -62.28 -5.51
CA ARG B 248 -2.99 -63.61 -4.92
C ARG B 248 -2.99 -63.55 -3.39
N GLN B 249 -2.27 -62.59 -2.82
CA GLN B 249 -2.23 -62.45 -1.36
C GLN B 249 -3.62 -62.23 -0.79
N CYS B 250 -4.38 -61.31 -1.38
CA CYS B 250 -5.72 -61.03 -0.89
C CYS B 250 -6.58 -62.29 -0.89
N GLU B 251 -6.50 -63.09 -1.96
CA GLU B 251 -7.24 -64.35 -2.00
C GLU B 251 -6.74 -65.30 -0.91
N GLU B 252 -5.42 -65.37 -0.72
CA GLU B 252 -4.88 -66.24 0.33
C GLU B 252 -5.34 -65.79 1.70
N VAL B 253 -5.37 -64.48 1.95
CA VAL B 253 -5.79 -63.97 3.25
C VAL B 253 -7.28 -64.25 3.47
N ALA B 254 -8.09 -64.19 2.41
CA ALA B 254 -9.51 -64.46 2.56
C ALA B 254 -9.77 -65.91 2.95
N ARG B 255 -9.04 -66.84 2.34
CA ARG B 255 -9.17 -68.24 2.73
C ARG B 255 -8.75 -68.45 4.18
N ALA B 256 -7.61 -67.88 4.59
CA ALA B 256 -7.14 -68.02 5.96
C ALA B 256 -8.21 -67.59 6.96
N LEU B 257 -8.98 -66.57 6.62
CA LEU B 257 -10.06 -66.09 7.45
C LEU B 257 -11.38 -66.79 7.16
N GLY B 258 -11.36 -67.79 6.28
CA GLY B 258 -12.57 -68.51 5.95
C GLY B 258 -13.64 -67.62 5.34
N ALA B 259 -13.22 -66.64 4.54
CA ALA B 259 -14.12 -65.69 3.92
C ALA B 259 -14.07 -65.82 2.40
N ALA B 260 -15.18 -65.43 1.75
CA ALA B 260 -15.24 -65.49 0.30
C ALA B 260 -14.36 -64.41 -0.32
N SER B 261 -14.33 -63.23 0.28
CA SER B 261 -13.48 -62.14 -0.17
C SER B 261 -13.20 -61.23 1.01
N LEU B 262 -12.21 -60.35 0.84
CA LEU B 262 -11.89 -59.40 1.89
C LEU B 262 -13.06 -58.46 2.18
N ARG B 263 -14.09 -58.46 1.32
CA ARG B 263 -15.29 -57.66 1.56
C ARG B 263 -16.05 -58.17 2.78
N GLU B 264 -15.91 -59.46 3.09
CA GLU B 264 -16.59 -60.06 4.23
C GLU B 264 -15.83 -59.85 5.54
N VAL B 265 -14.72 -59.13 5.52
CA VAL B 265 -13.88 -58.95 6.69
C VAL B 265 -13.91 -57.49 7.09
N GLN B 266 -14.08 -57.25 8.39
CA GLN B 266 -14.02 -55.89 8.92
C GLN B 266 -12.71 -55.71 9.66
N LEU B 267 -12.34 -54.46 9.88
CA LEU B 267 -11.04 -54.15 10.47
C LEU B 267 -10.81 -54.91 11.76
N GLU B 268 -11.80 -54.90 12.65
CA GLU B 268 -11.66 -55.53 13.95
C GLU B 268 -11.41 -57.03 13.81
N GLU B 269 -12.12 -57.68 12.89
CA GLU B 269 -11.92 -59.12 12.73
C GLU B 269 -10.54 -59.43 12.21
N LEU B 270 -10.01 -58.55 11.37
CA LEU B 270 -8.69 -58.73 10.77
C LEU B 270 -7.60 -58.71 11.83
N GLU B 271 -7.78 -57.86 12.85
CA GLU B 271 -6.84 -57.77 13.96
C GLU B 271 -6.82 -59.05 14.77
N ALA B 272 -7.99 -59.64 15.02
CA ALA B 272 -8.05 -60.89 15.76
C ALA B 272 -7.31 -62.02 15.05
N ALA B 273 -7.36 -62.05 13.72
CA ALA B 273 -6.78 -63.14 12.94
C ALA B 273 -5.32 -62.91 12.61
N ARG B 274 -4.63 -62.04 13.36
CA ARG B 274 -3.24 -61.71 13.05
C ARG B 274 -2.37 -62.96 12.96
N ASP B 275 -2.66 -63.96 13.81
CA ASP B 275 -1.86 -65.18 13.85
C ASP B 275 -2.25 -66.19 12.76
N LEU B 276 -3.30 -65.90 11.98
CA LEU B 276 -3.66 -66.79 10.87
C LEU B 276 -2.97 -66.43 9.56
N VAL B 277 -2.50 -65.19 9.42
CA VAL B 277 -1.91 -64.71 8.18
C VAL B 277 -0.49 -64.21 8.45
N SER B 278 0.26 -64.05 7.37
CA SER B 278 1.60 -63.47 7.43
C SER B 278 1.51 -61.96 7.64
N LYS B 279 2.61 -61.38 8.13
CA LYS B 279 2.65 -59.94 8.34
C LYS B 279 2.38 -59.18 7.04
N GLU B 280 3.05 -59.58 5.96
CA GLU B 280 2.80 -58.93 4.67
C GLU B 280 1.37 -59.14 4.22
N GLY B 281 0.86 -60.37 4.35
CA GLY B 281 -0.53 -60.62 4.03
C GLY B 281 -1.48 -59.78 4.87
N PHE B 282 -1.12 -59.55 6.14
CA PHE B 282 -1.98 -58.75 7.01
C PHE B 282 -2.04 -57.30 6.56
N ARG B 283 -0.90 -56.70 6.20
CA ARG B 283 -0.91 -55.30 5.79
C ARG B 283 -1.70 -55.11 4.50
N ARG B 284 -1.57 -56.05 3.56
CA ARG B 284 -2.36 -55.99 2.34
C ARG B 284 -3.84 -55.93 2.66
N ALA B 285 -4.31 -56.86 3.51
CA ALA B 285 -5.73 -56.92 3.84
C ALA B 285 -6.19 -55.69 4.60
N ARG B 286 -5.31 -55.09 5.41
CA ARG B 286 -5.70 -53.90 6.15
C ARG B 286 -6.04 -52.75 5.20
N HIS B 287 -5.29 -52.61 4.11
CA HIS B 287 -5.62 -51.58 3.14
C HIS B 287 -7.00 -51.83 2.51
N VAL B 288 -7.20 -53.04 1.98
CA VAL B 288 -8.44 -53.35 1.28
C VAL B 288 -9.63 -53.05 2.16
N VAL B 289 -9.65 -53.65 3.35
CA VAL B 289 -10.79 -53.45 4.25
C VAL B 289 -10.98 -51.97 4.56
N GLY B 290 -9.87 -51.24 4.73
CA GLY B 290 -9.97 -49.82 5.01
C GLY B 290 -10.33 -48.98 3.80
N GLU B 291 -9.88 -49.38 2.61
CA GLU B 291 -10.24 -48.66 1.41
C GLU B 291 -11.73 -48.80 1.12
N ILE B 292 -12.27 -50.01 1.31
CA ILE B 292 -13.70 -50.24 1.12
C ILE B 292 -14.51 -49.31 2.04
N ARG B 293 -14.10 -49.20 3.31
CA ARG B 293 -14.79 -48.30 4.23
C ARG B 293 -14.61 -46.84 3.80
N ARG B 294 -13.39 -46.46 3.42
CA ARG B 294 -13.15 -45.09 2.97
C ARG B 294 -13.99 -44.74 1.76
N THR B 295 -14.12 -45.66 0.81
CA THR B 295 -14.89 -45.39 -0.40
C THR B 295 -16.35 -45.12 -0.08
N ALA B 296 -16.96 -46.00 0.74
CA ALA B 296 -18.35 -45.76 1.14
C ALA B 296 -18.47 -44.42 1.86
N GLN B 297 -17.45 -44.06 2.64
CA GLN B 297 -17.46 -42.78 3.35
C GLN B 297 -17.28 -41.62 2.38
N ALA B 298 -16.43 -41.79 1.35
CA ALA B 298 -16.18 -40.71 0.42
C ALA B 298 -17.39 -40.41 -0.45
N ALA B 299 -18.15 -41.44 -0.84
CA ALA B 299 -19.38 -41.21 -1.59
C ALA B 299 -20.36 -40.38 -0.77
N ALA B 300 -20.48 -40.66 0.53
CA ALA B 300 -21.38 -39.90 1.38
C ALA B 300 -20.96 -38.43 1.47
N ALA B 301 -19.66 -38.17 1.61
CA ALA B 301 -19.18 -36.79 1.63
C ALA B 301 -19.53 -36.07 0.34
N LEU B 302 -19.46 -36.78 -0.79
CA LEU B 302 -19.73 -36.16 -2.07
C LEU B 302 -21.20 -35.78 -2.20
N ARG B 303 -22.10 -36.62 -1.71
CA ARG B 303 -23.52 -36.34 -1.85
C ARG B 303 -23.90 -35.04 -1.14
N ARG B 304 -23.25 -34.75 -0.01
CA ARG B 304 -23.50 -33.51 0.72
C ARG B 304 -22.52 -32.40 0.37
N GLY B 305 -21.60 -32.64 -0.57
CA GLY B 305 -20.67 -31.61 -0.99
C GLY B 305 -19.52 -31.35 -0.04
N ASP B 306 -19.21 -32.30 0.85
CA ASP B 306 -18.14 -32.13 1.83
C ASP B 306 -16.80 -32.46 1.16
N TYR B 307 -16.31 -31.49 0.37
CA TYR B 307 -15.08 -31.71 -0.38
C TYR B 307 -13.88 -31.81 0.55
N ARG B 308 -13.86 -31.02 1.63
CA ARG B 308 -12.77 -31.12 2.60
C ARG B 308 -12.67 -32.53 3.17
N ALA B 309 -13.81 -33.12 3.52
CA ALA B 309 -13.81 -34.49 4.03
C ALA B 309 -13.44 -35.48 2.94
N PHE B 310 -13.96 -35.28 1.73
CA PHE B 310 -13.61 -36.16 0.62
C PHE B 310 -12.11 -36.13 0.35
N GLY B 311 -11.52 -34.93 0.33
CA GLY B 311 -10.08 -34.82 0.17
C GLY B 311 -9.32 -35.52 1.27
N ARG B 312 -9.85 -35.47 2.50
CA ARG B 312 -9.16 -36.09 3.62
C ARG B 312 -9.09 -37.60 3.44
N LEU B 313 -10.18 -38.21 2.99
CA LEU B 313 -10.18 -39.65 2.70
C LEU B 313 -9.22 -39.99 1.57
N MET B 314 -9.06 -39.09 0.60
CA MET B 314 -8.13 -39.34 -0.49
C MET B 314 -6.69 -39.50 0.02
N VAL B 315 -6.31 -38.68 1.00
CA VAL B 315 -4.93 -38.73 1.48
C VAL B 315 -4.70 -40.01 2.30
N GLU B 316 -5.69 -40.44 3.06
CA GLU B 316 -5.58 -41.73 3.75
C GLU B 316 -5.42 -42.86 2.74
N SER B 317 -6.21 -42.83 1.66
CA SER B 317 -6.09 -43.85 0.63
C SER B 317 -4.66 -43.93 0.11
N HIS B 318 -4.02 -42.77 -0.12
CA HIS B 318 -2.65 -42.77 -0.59
C HIS B 318 -1.71 -43.35 0.46
N ARG B 319 -1.82 -42.89 1.71
CA ARG B 319 -1.00 -43.45 2.77
C ARG B 319 -1.15 -44.96 2.84
N SER B 320 -2.40 -45.45 2.81
CA SER B 320 -2.64 -46.89 2.84
C SER B 320 -1.98 -47.58 1.66
N LEU B 321 -2.15 -47.03 0.46
CA LEU B 321 -1.54 -47.62 -0.72
C LEU B 321 -0.02 -47.55 -0.67
N ARG B 322 0.53 -46.55 0.02
CA ARG B 322 1.98 -46.40 0.06
C ARG B 322 2.61 -47.26 1.14
N ASP B 323 1.93 -47.41 2.28
CA ASP B 323 2.48 -48.08 3.44
C ASP B 323 2.04 -49.54 3.55
N ASP B 324 0.74 -49.81 3.46
CA ASP B 324 0.24 -51.17 3.65
C ASP B 324 0.25 -51.98 2.36
N TYR B 325 -0.23 -51.40 1.26
CA TYR B 325 -0.29 -52.13 -0.01
C TYR B 325 1.00 -52.01 -0.81
N GLU B 326 1.81 -50.98 -0.53
CA GLU B 326 3.07 -50.76 -1.24
C GLU B 326 2.92 -50.94 -2.73
N VAL B 327 2.15 -50.06 -3.38
CA VAL B 327 2.02 -50.06 -4.83
C VAL B 327 2.28 -48.65 -5.36
N SER B 328 2.73 -47.77 -4.48
CA SER B 328 3.08 -46.41 -4.87
C SER B 328 4.56 -46.37 -5.26
N CYS B 329 5.10 -45.18 -5.46
CA CYS B 329 6.50 -45.02 -5.81
C CYS B 329 6.94 -43.61 -5.45
N PRO B 330 8.24 -43.34 -5.45
CA PRO B 330 8.72 -42.00 -5.05
C PRO B 330 8.13 -40.87 -5.88
N GLU B 331 8.05 -41.02 -7.21
CA GLU B 331 7.51 -39.94 -8.03
C GLU B 331 6.05 -39.63 -7.63
N LEU B 332 5.23 -40.67 -7.52
CA LEU B 332 3.84 -40.46 -7.09
C LEU B 332 3.80 -39.82 -5.71
N ASP B 333 4.65 -40.30 -4.79
CA ASP B 333 4.68 -39.73 -3.45
C ASP B 333 5.07 -38.25 -3.50
N GLN B 334 6.04 -37.90 -4.36
CA GLN B 334 6.44 -36.50 -4.48
C GLN B 334 5.33 -35.64 -5.07
N LEU B 335 4.64 -36.15 -6.09
CA LEU B 335 3.52 -35.40 -6.67
C LEU B 335 2.41 -35.21 -5.66
N VAL B 336 2.11 -36.24 -4.86
CA VAL B 336 1.01 -36.15 -3.91
C VAL B 336 1.31 -35.08 -2.85
N GLU B 337 2.52 -35.11 -2.29
CA GLU B 337 2.88 -34.15 -1.26
C GLU B 337 2.92 -32.73 -1.80
N ALA B 338 3.54 -32.54 -2.97
CA ALA B 338 3.58 -31.21 -3.57
C ALA B 338 2.18 -30.64 -3.76
N ALA B 339 1.23 -31.47 -4.21
CA ALA B 339 -0.13 -30.99 -4.40
C ALA B 339 -0.76 -30.54 -3.09
N LEU B 340 -0.46 -31.25 -2.00
CA LEU B 340 -1.07 -30.95 -0.71
C LEU B 340 -0.57 -29.64 -0.13
N ALA B 341 0.56 -29.12 -0.62
CA ALA B 341 1.06 -27.83 -0.15
C ALA B 341 0.30 -26.66 -0.75
N VAL B 342 -0.41 -26.87 -1.85
CA VAL B 342 -1.13 -25.78 -2.52
C VAL B 342 -2.42 -25.49 -1.76
N PRO B 343 -2.69 -24.24 -1.41
CA PRO B 343 -4.00 -23.91 -0.84
C PRO B 343 -5.11 -24.11 -1.86
N GLY B 344 -6.26 -24.54 -1.35
CA GLY B 344 -7.37 -24.88 -2.21
C GLY B 344 -7.44 -26.34 -2.61
N VAL B 345 -6.37 -27.11 -2.37
CA VAL B 345 -6.40 -28.55 -2.65
C VAL B 345 -7.06 -29.25 -1.47
N TYR B 346 -8.07 -30.06 -1.78
CA TYR B 346 -8.74 -30.81 -0.72
C TYR B 346 -7.99 -32.09 -0.41
N GLY B 347 -7.42 -32.72 -1.43
CA GLY B 347 -6.69 -33.95 -1.24
C GLY B 347 -6.07 -34.39 -2.56
N SER B 348 -5.20 -35.38 -2.46
CA SER B 348 -4.50 -35.92 -3.62
C SER B 348 -3.98 -37.30 -3.26
N ARG B 349 -3.82 -38.13 -4.30
CA ARG B 349 -3.38 -39.51 -4.11
C ARG B 349 -3.04 -40.09 -5.47
N MET B 350 -2.32 -41.20 -5.45
CA MET B 350 -2.11 -41.93 -6.69
C MET B 350 -3.43 -42.53 -7.14
N THR B 351 -3.57 -42.70 -8.46
CA THR B 351 -4.74 -43.35 -9.02
C THR B 351 -4.28 -44.47 -9.97
N GLY B 352 -5.18 -45.38 -10.28
CA GLY B 352 -4.82 -46.50 -11.11
C GLY B 352 -4.11 -47.60 -10.33
N GLY B 353 -3.41 -48.46 -11.08
CA GLY B 353 -2.76 -49.60 -10.46
C GLY B 353 -1.59 -49.23 -9.57
N GLY B 354 -0.83 -48.20 -9.94
CA GLY B 354 0.32 -47.79 -9.17
C GLY B 354 1.63 -48.09 -9.87
N PHE B 355 2.71 -47.95 -9.10
CA PHE B 355 4.07 -48.16 -9.59
C PHE B 355 4.43 -47.14 -10.66
N GLY B 356 3.83 -45.96 -10.59
CA GLY B 356 3.90 -44.95 -11.61
C GLY B 356 2.49 -44.51 -11.96
N GLY B 357 2.36 -43.84 -13.10
CA GLY B 357 1.06 -43.40 -13.54
C GLY B 357 0.70 -42.02 -13.06
N CYS B 358 -0.55 -41.82 -12.67
CA CYS B 358 -1.07 -40.48 -12.43
C CYS B 358 -1.46 -40.28 -10.96
N THR B 359 -1.67 -39.01 -10.64
CA THR B 359 -2.20 -38.55 -9.37
C THR B 359 -3.49 -37.81 -9.62
N VAL B 360 -4.52 -38.14 -8.86
CA VAL B 360 -5.80 -37.44 -8.92
C VAL B 360 -5.84 -36.46 -7.77
N THR B 361 -6.26 -35.22 -8.07
CA THR B 361 -6.26 -34.15 -7.07
C THR B 361 -7.59 -33.43 -7.15
N LEU B 362 -8.32 -33.39 -6.03
CA LEU B 362 -9.56 -32.64 -5.93
C LEU B 362 -9.26 -31.28 -5.32
N LEU B 363 -9.64 -30.20 -6.01
CA LEU B 363 -9.21 -28.88 -5.59
C LEU B 363 -10.23 -27.82 -6.01
N GLU B 364 -10.09 -26.64 -5.40
CA GLU B 364 -10.87 -25.48 -5.81
C GLU B 364 -10.50 -25.09 -7.24
N ALA B 365 -11.52 -24.85 -8.07
CA ALA B 365 -11.28 -24.58 -9.49
C ALA B 365 -10.29 -23.42 -9.67
N SER B 366 -10.47 -22.34 -8.92
CA SER B 366 -9.60 -21.18 -9.08
C SER B 366 -8.15 -21.49 -8.75
N ALA B 367 -7.88 -22.51 -7.92
CA ALA B 367 -6.52 -22.82 -7.53
C ALA B 367 -5.77 -23.67 -8.54
N ALA B 368 -6.46 -24.16 -9.57
CA ALA B 368 -5.80 -25.07 -10.53
C ALA B 368 -4.58 -24.43 -11.17
N PRO B 369 -4.64 -23.22 -11.71
CA PRO B 369 -3.43 -22.63 -12.34
C PRO B 369 -2.22 -22.63 -11.43
N HIS B 370 -2.38 -22.20 -10.18
CA HIS B 370 -1.25 -22.20 -9.26
C HIS B 370 -0.81 -23.63 -8.93
N ALA B 371 -1.78 -24.54 -8.72
CA ALA B 371 -1.43 -25.91 -8.39
C ALA B 371 -0.60 -26.55 -9.49
N MET B 372 -1.00 -26.35 -10.75
CA MET B 372 -0.24 -26.92 -11.85
C MET B 372 1.17 -26.34 -11.91
N ARG B 373 1.31 -25.03 -11.69
CA ARG B 373 2.64 -24.44 -11.70
C ARG B 373 3.46 -24.92 -10.50
N HIS B 374 2.85 -24.99 -9.32
CA HIS B 374 3.57 -25.41 -8.12
C HIS B 374 4.02 -26.87 -8.22
N ILE B 375 3.11 -27.77 -8.58
CA ILE B 375 3.45 -29.19 -8.65
C ILE B 375 4.61 -29.42 -9.62
N GLN B 376 4.51 -28.83 -10.81
CA GLN B 376 5.55 -29.03 -11.81
C GLN B 376 6.91 -28.58 -11.31
N GLU B 377 6.96 -27.41 -10.66
CA GLU B 377 8.24 -26.85 -10.23
C GLU B 377 8.88 -27.67 -9.11
N HIS B 378 8.08 -28.33 -8.28
CA HIS B 378 8.58 -29.11 -7.16
C HIS B 378 8.63 -30.60 -7.46
N TYR B 379 8.64 -30.98 -8.73
CA TYR B 379 8.69 -32.38 -9.15
C TYR B 379 10.00 -32.64 -9.89
N GLY B 380 10.74 -33.65 -9.44
CA GLY B 380 12.00 -34.00 -10.08
C GLY B 380 11.77 -34.79 -11.35
N GLY B 381 11.09 -34.18 -12.30
CA GLY B 381 10.75 -34.83 -13.55
C GLY B 381 9.74 -34.00 -14.32
N THR B 382 9.41 -34.48 -15.51
CA THR B 382 8.40 -33.82 -16.34
C THR B 382 7.04 -34.40 -16.04
N ALA B 383 6.08 -33.52 -15.76
CA ALA B 383 4.73 -33.90 -15.37
C ALA B 383 3.73 -33.37 -16.40
N THR B 384 2.71 -34.16 -16.69
CA THR B 384 1.61 -33.78 -17.57
C THR B 384 0.34 -33.61 -16.74
N PHE B 385 -0.50 -32.66 -17.14
CA PHE B 385 -1.70 -32.33 -16.40
C PHE B 385 -2.93 -32.44 -17.30
N TYR B 386 -4.02 -32.94 -16.71
CA TYR B 386 -5.33 -32.96 -17.36
C TYR B 386 -6.36 -32.41 -16.38
N LEU B 387 -7.00 -31.30 -16.77
CA LEU B 387 -8.14 -30.76 -16.04
C LEU B 387 -9.40 -31.32 -16.68
N SER B 388 -10.02 -32.30 -16.04
CA SER B 388 -11.13 -33.02 -16.63
C SER B 388 -12.39 -32.91 -15.77
N GLN B 389 -13.52 -32.94 -16.45
CA GLN B 389 -14.83 -33.10 -15.83
C GLN B 389 -15.29 -34.55 -16.03
N ALA B 390 -16.30 -34.95 -15.28
CA ALA B 390 -16.86 -36.28 -15.49
C ALA B 390 -17.50 -36.33 -16.87
N ALA B 391 -17.13 -37.34 -17.65
CA ALA B 391 -17.50 -37.41 -19.05
C ALA B 391 -18.45 -38.58 -19.30
N ASP B 392 -18.94 -38.64 -20.54
CA ASP B 392 -19.84 -39.71 -20.95
C ASP B 392 -19.08 -41.01 -21.18
N GLY B 393 -19.81 -42.11 -21.11
CA GLY B 393 -19.27 -43.41 -21.43
C GLY B 393 -19.29 -43.65 -22.93
N ALA B 394 -19.09 -44.92 -23.29
CA ALA B 394 -19.05 -45.28 -24.71
C ALA B 394 -20.31 -44.80 -25.41
N LYS B 395 -20.15 -44.32 -26.63
CA LYS B 395 -21.29 -43.87 -27.43
C LYS B 395 -20.95 -44.05 -28.90
N VAL B 396 -22.01 -44.14 -29.70
CA VAL B 396 -21.88 -44.18 -31.15
C VAL B 396 -21.78 -42.75 -31.68
N LEU B 397 -20.96 -42.56 -32.71
CA LEU B 397 -20.82 -41.27 -33.36
C LEU B 397 -21.30 -41.43 -34.80
N CYS B 398 -22.31 -40.65 -35.19
CA CYS B 398 -22.89 -40.78 -36.51
C CYS B 398 -22.12 -39.97 -37.54
N LEU B 399 -21.69 -40.65 -38.60
CA LEU B 399 -20.96 -40.02 -39.69
C LEU B 399 -21.92 -39.63 -40.82
N LEU C 11 18.88 -46.88 8.15
CA LEU C 11 18.90 -45.97 7.02
C LEU C 11 20.17 -46.14 6.19
N ARG C 12 20.49 -45.13 5.38
CA ARG C 12 21.62 -45.18 4.47
C ARG C 12 22.45 -43.91 4.61
N GLN C 13 23.76 -44.06 4.68
CA GLN C 13 24.68 -42.95 4.91
C GLN C 13 25.79 -42.96 3.87
N PRO C 14 25.73 -42.10 2.86
CA PRO C 14 26.74 -42.12 1.80
C PRO C 14 28.13 -41.83 2.34
N GLN C 15 29.14 -42.35 1.65
CA GLN C 15 30.53 -42.14 2.01
C GLN C 15 31.09 -40.93 1.28
N VAL C 16 32.29 -40.53 1.69
CA VAL C 16 32.87 -39.27 1.21
C VAL C 16 32.95 -39.27 -0.31
N ALA C 17 33.37 -40.39 -0.91
CA ALA C 17 33.53 -40.44 -2.36
C ALA C 17 32.21 -40.18 -3.07
N GLU C 18 31.12 -40.77 -2.59
CA GLU C 18 29.81 -40.54 -3.21
C GLU C 18 29.41 -39.07 -3.15
N LEU C 19 29.54 -38.46 -1.98
CA LEU C 19 29.17 -37.06 -1.84
C LEU C 19 30.09 -36.16 -2.65
N LEU C 20 31.39 -36.43 -2.62
CA LEU C 20 32.33 -35.64 -3.42
C LEU C 20 31.99 -35.74 -4.91
N ALA C 21 31.61 -36.93 -5.38
CA ALA C 21 31.28 -37.10 -6.79
C ALA C 21 30.01 -36.35 -7.15
N GLU C 22 28.99 -36.46 -6.30
CA GLU C 22 27.77 -35.72 -6.53
C GLU C 22 28.02 -34.21 -6.51
N ALA C 23 28.88 -33.75 -5.59
CA ALA C 23 29.16 -32.32 -5.52
C ALA C 23 29.95 -31.86 -6.73
N ARG C 24 30.78 -32.76 -7.29
CA ARG C 24 31.58 -32.40 -8.45
C ARG C 24 30.71 -32.30 -9.70
N ARG C 25 29.80 -33.27 -9.92
CA ARG C 25 28.86 -33.16 -11.03
C ARG C 25 28.02 -31.90 -10.94
N ALA C 26 27.49 -31.58 -9.75
CA ALA C 26 26.65 -30.40 -9.60
C ALA C 26 27.43 -29.12 -9.89
N PHE C 27 28.67 -29.03 -9.40
CA PHE C 27 29.48 -27.84 -9.69
C PHE C 27 29.76 -27.73 -11.18
N ARG C 28 29.99 -28.86 -11.84
CA ARG C 28 30.23 -28.84 -13.29
C ARG C 28 29.00 -28.36 -14.04
N GLU C 29 27.84 -28.96 -13.76
CA GLU C 29 26.61 -28.56 -14.42
C GLU C 29 26.29 -27.09 -14.20
N GLU C 30 26.68 -26.54 -13.05
CA GLU C 30 26.27 -25.19 -12.66
C GLU C 30 27.25 -24.10 -13.12
N PHE C 31 28.54 -24.40 -13.19
CA PHE C 31 29.54 -23.38 -13.47
C PHE C 31 30.36 -23.65 -14.72
N GLY C 32 30.23 -24.81 -15.36
CA GLY C 32 30.87 -25.07 -16.63
C GLY C 32 32.28 -25.59 -16.55
N ALA C 33 32.89 -25.59 -15.36
CA ALA C 33 34.26 -26.08 -15.17
C ALA C 33 34.29 -27.06 -14.01
N GLU C 34 35.46 -27.65 -13.81
CA GLU C 34 35.72 -28.52 -12.66
C GLU C 34 35.98 -27.65 -11.42
N PRO C 35 35.46 -28.05 -10.26
CA PRO C 35 35.85 -27.37 -9.02
C PRO C 35 37.32 -27.60 -8.73
N GLU C 36 37.94 -26.63 -8.07
CA GLU C 36 39.36 -26.72 -7.76
C GLU C 36 39.63 -27.18 -6.34
N LEU C 37 38.69 -26.95 -5.43
CA LEU C 37 38.88 -27.23 -4.01
C LEU C 37 37.70 -28.01 -3.47
N ALA C 38 37.98 -28.88 -2.50
CA ALA C 38 36.95 -29.72 -1.89
C ALA C 38 37.18 -29.78 -0.39
N VAL C 39 36.09 -29.91 0.35
CA VAL C 39 36.11 -29.81 1.80
C VAL C 39 34.90 -30.55 2.36
N SER C 40 35.04 -31.08 3.57
CA SER C 40 33.94 -31.79 4.23
C SER C 40 33.95 -31.49 5.72
N ALA C 41 32.76 -31.60 6.33
CA ALA C 41 32.58 -31.39 7.76
C ALA C 41 31.37 -32.20 8.21
N PRO C 42 31.49 -32.97 9.29
CA PRO C 42 30.42 -33.88 9.70
C PRO C 42 29.41 -33.23 10.63
N GLY C 43 28.26 -33.89 10.76
CA GLY C 43 27.36 -33.62 11.86
C GLY C 43 27.84 -34.28 13.14
N ARG C 44 27.01 -34.17 14.19
CA ARG C 44 27.40 -34.67 15.49
C ARG C 44 26.16 -35.18 16.23
N VAL C 45 26.39 -36.11 17.14
CA VAL C 45 25.40 -36.53 18.12
C VAL C 45 26.06 -36.47 19.49
N ASN C 46 25.35 -35.89 20.46
CA ASN C 46 25.85 -35.75 21.82
C ASN C 46 25.45 -36.97 22.64
N LEU C 47 26.45 -37.74 23.07
CA LEU C 47 26.15 -38.91 23.89
C LEU C 47 25.58 -38.52 25.25
N ILE C 48 26.13 -37.48 25.87
CA ILE C 48 25.60 -36.97 27.13
C ILE C 48 26.24 -35.62 27.41
N GLY C 49 25.56 -34.81 28.23
CA GLY C 49 26.07 -33.50 28.57
C GLY C 49 25.31 -32.38 27.89
N GLU C 50 23.98 -32.42 27.98
CA GLU C 50 23.12 -31.50 27.27
C GLU C 50 22.91 -30.21 28.05
N HIS C 51 22.90 -29.08 27.33
CA HIS C 51 22.68 -27.76 27.91
C HIS C 51 23.68 -27.44 29.01
N THR C 52 24.88 -28.01 28.92
CA THR C 52 25.98 -27.63 29.79
C THR C 52 27.06 -26.81 29.10
N ASP C 53 27.11 -26.80 27.76
CA ASP C 53 28.23 -26.16 27.09
C ASP C 53 28.21 -24.65 27.30
N TYR C 54 27.04 -24.02 27.14
CA TYR C 54 26.98 -22.58 27.41
C TYR C 54 27.04 -22.27 28.91
N ASN C 55 27.12 -23.31 29.75
CA ASN C 55 27.41 -23.17 31.18
C ASN C 55 28.86 -23.54 31.51
N GLN C 56 29.74 -23.59 30.51
CA GLN C 56 31.15 -23.93 30.72
C GLN C 56 31.32 -25.32 31.32
N GLY C 57 30.46 -26.25 30.93
CA GLY C 57 30.47 -27.59 31.48
C GLY C 57 31.23 -28.58 30.61
N LEU C 58 30.85 -29.85 30.72
CA LEU C 58 31.48 -30.94 29.98
C LEU C 58 30.47 -31.53 29.01
N VAL C 59 30.96 -31.98 27.86
CA VAL C 59 30.14 -32.62 26.85
C VAL C 59 30.87 -33.84 26.28
N LEU C 60 30.10 -34.79 25.78
CA LEU C 60 30.65 -36.02 25.20
C LEU C 60 29.98 -36.29 23.86
N PRO C 61 30.26 -35.47 22.86
CA PRO C 61 29.74 -35.72 21.51
C PRO C 61 30.70 -36.57 20.70
N MET C 62 30.17 -37.10 19.61
CA MET C 62 30.98 -37.78 18.60
C MET C 62 30.59 -37.27 17.22
N ALA C 63 31.58 -37.17 16.34
CA ALA C 63 31.32 -36.78 14.97
C ALA C 63 30.60 -37.91 14.23
N LEU C 64 29.65 -37.53 13.39
CA LEU C 64 28.84 -38.50 12.68
C LEU C 64 29.40 -38.79 11.29
N GLU C 65 28.93 -39.88 10.70
CA GLU C 65 29.23 -40.17 9.30
C GLU C 65 28.41 -39.32 8.34
N LEU C 66 27.31 -38.74 8.83
CA LEU C 66 26.58 -37.75 8.05
C LEU C 66 27.42 -36.49 7.92
N MET C 67 27.41 -35.89 6.73
CA MET C 67 28.49 -35.01 6.35
C MET C 67 27.99 -33.91 5.43
N THR C 68 28.70 -32.78 5.46
CA THR C 68 28.57 -31.73 4.47
C THR C 68 29.84 -31.69 3.62
N VAL C 69 29.68 -31.73 2.31
CA VAL C 69 30.78 -31.61 1.37
C VAL C 69 30.60 -30.33 0.56
N LEU C 70 31.64 -29.51 0.52
CA LEU C 70 31.65 -28.26 -0.23
C LEU C 70 32.80 -28.28 -1.22
N VAL C 71 32.48 -28.06 -2.50
CA VAL C 71 33.48 -27.92 -3.56
C VAL C 71 33.32 -26.54 -4.19
N GLY C 72 34.44 -25.99 -4.65
CA GLY C 72 34.40 -24.67 -5.24
C GLY C 72 35.75 -24.26 -5.79
N SER C 73 35.81 -23.01 -6.25
CA SER C 73 36.98 -22.45 -6.89
C SER C 73 37.05 -20.96 -6.60
N PRO C 74 38.24 -20.38 -6.58
CA PRO C 74 38.36 -18.92 -6.45
C PRO C 74 37.88 -18.20 -7.71
N ARG C 75 37.48 -16.96 -7.52
CA ARG C 75 37.04 -16.09 -8.61
C ARG C 75 37.86 -14.81 -8.63
N LYS C 76 37.87 -14.16 -9.79
CA LYS C 76 38.42 -12.82 -9.93
C LYS C 76 37.36 -11.75 -9.74
N ASP C 77 36.08 -12.14 -9.63
CA ASP C 77 34.96 -11.21 -9.63
C ASP C 77 34.85 -10.44 -8.32
N GLY C 78 35.42 -10.97 -7.23
CA GLY C 78 35.03 -10.43 -5.94
C GLY C 78 33.63 -10.81 -5.54
N LEU C 79 33.01 -11.73 -6.26
CA LEU C 79 31.65 -12.18 -5.99
C LEU C 79 31.67 -13.57 -5.35
N VAL C 80 30.58 -13.87 -4.64
CA VAL C 80 30.33 -15.18 -4.08
C VAL C 80 29.09 -15.76 -4.75
N SER C 81 29.25 -16.92 -5.37
CA SER C 81 28.15 -17.61 -6.05
C SER C 81 27.99 -18.99 -5.40
N LEU C 82 26.81 -19.25 -4.85
CA LEU C 82 26.57 -20.44 -4.05
C LEU C 82 25.42 -21.26 -4.61
N LEU C 83 25.52 -22.58 -4.43
CA LEU C 83 24.46 -23.51 -4.75
C LEU C 83 24.45 -24.62 -3.71
N THR C 84 23.30 -24.89 -3.12
CA THR C 84 23.11 -26.03 -2.25
C THR C 84 22.13 -26.99 -2.92
N THR C 85 22.42 -28.29 -2.85
CA THR C 85 21.57 -29.31 -3.43
C THR C 85 20.63 -29.94 -2.41
N SER C 86 20.60 -29.41 -1.19
CA SER C 86 19.78 -29.97 -0.14
C SER C 86 18.32 -29.53 -0.33
N GLU C 87 17.41 -30.50 -0.28
CA GLU C 87 16.00 -30.22 -0.60
C GLU C 87 15.31 -29.45 0.52
N GLY C 88 15.67 -29.72 1.78
CA GLY C 88 15.03 -29.04 2.89
C GLY C 88 15.45 -27.60 3.08
N ALA C 89 16.26 -27.09 2.15
CA ALA C 89 16.81 -25.75 2.27
C ALA C 89 15.81 -24.69 1.88
N ASP C 90 16.04 -23.49 2.39
CA ASP C 90 15.21 -22.32 2.09
C ASP C 90 15.34 -21.95 0.62
N GLU C 91 14.20 -21.78 -0.04
CA GLU C 91 14.23 -21.41 -1.45
C GLU C 91 14.56 -19.92 -1.59
N PRO C 92 15.37 -19.53 -2.60
CA PRO C 92 15.96 -20.34 -3.67
C PRO C 92 17.25 -21.02 -3.26
N GLN C 93 17.54 -22.19 -3.84
CA GLN C 93 18.76 -22.92 -3.50
C GLN C 93 20.01 -22.31 -4.12
N ARG C 94 19.88 -21.21 -4.86
CA ARG C 94 21.02 -20.47 -5.38
C ARG C 94 21.03 -19.07 -4.82
N LEU C 95 22.23 -18.54 -4.60
CA LEU C 95 22.37 -17.15 -4.18
C LEU C 95 23.76 -16.67 -4.57
N GLN C 96 23.84 -15.39 -4.94
CA GLN C 96 25.09 -14.73 -5.27
C GLN C 96 25.09 -13.35 -4.65
N PHE C 97 26.25 -12.93 -4.16
CA PHE C 97 26.39 -11.64 -3.51
C PHE C 97 27.86 -11.23 -3.56
N PRO C 98 28.15 -9.94 -3.51
CA PRO C 98 29.54 -9.49 -3.49
C PRO C 98 30.15 -9.64 -2.10
N LEU C 99 31.47 -9.67 -2.09
CA LEU C 99 32.21 -9.79 -0.85
C LEU C 99 31.94 -8.58 0.05
N PRO C 100 32.02 -8.74 1.36
CA PRO C 100 31.88 -7.58 2.25
C PRO C 100 33.04 -6.62 2.12
N THR C 101 32.77 -5.36 2.43
CA THR C 101 33.77 -4.30 2.31
C THR C 101 33.88 -3.56 3.64
N ALA C 102 34.91 -2.72 3.74
CA ALA C 102 34.96 -1.76 4.83
C ALA C 102 33.76 -0.83 4.77
N GLN C 103 33.28 -0.54 3.57
CA GLN C 103 32.10 0.29 3.39
C GLN C 103 30.84 -0.46 3.82
N ARG C 104 30.47 -1.50 3.06
CA ARG C 104 29.29 -2.30 3.36
C ARG C 104 29.72 -3.71 3.78
N SER C 105 29.11 -4.20 4.86
CA SER C 105 29.34 -5.56 5.35
C SER C 105 28.10 -6.42 5.06
N LEU C 106 28.34 -7.73 4.99
CA LEU C 106 27.26 -8.67 4.75
C LEU C 106 26.13 -8.48 5.75
N GLU C 107 24.91 -8.82 5.34
CA GLU C 107 23.72 -8.70 6.16
C GLU C 107 22.90 -9.98 6.10
N PRO C 108 22.39 -10.44 7.23
CA PRO C 108 21.49 -11.61 7.23
C PRO C 108 20.21 -11.31 6.47
N GLY C 109 19.96 -12.07 5.41
CA GLY C 109 18.76 -11.89 4.63
C GLY C 109 18.09 -13.18 4.23
N THR C 110 17.62 -13.24 2.99
CA THR C 110 17.01 -14.43 2.42
C THR C 110 17.77 -14.86 1.16
N PRO C 111 17.88 -16.17 0.91
CA PRO C 111 17.31 -17.25 1.70
C PRO C 111 18.01 -17.46 3.04
N ARG C 112 17.31 -18.09 4.00
CA ARG C 112 17.84 -18.24 5.35
C ARG C 112 19.13 -19.06 5.35
N TRP C 113 19.18 -20.14 4.57
CA TRP C 113 20.33 -21.04 4.64
C TRP C 113 21.63 -20.34 4.29
N ALA C 114 21.57 -19.34 3.42
CA ALA C 114 22.79 -18.63 3.03
C ALA C 114 23.34 -17.77 4.16
N ASN C 115 22.56 -17.50 5.21
CA ASN C 115 23.06 -16.69 6.32
C ASN C 115 24.26 -17.35 7.01
N TYR C 116 24.27 -18.68 7.07
CA TYR C 116 25.35 -19.37 7.77
C TYR C 116 26.69 -19.15 7.10
N VAL C 117 26.74 -19.29 5.77
CA VAL C 117 28.00 -19.07 5.06
C VAL C 117 28.33 -17.58 5.02
N LYS C 118 27.31 -16.73 4.85
CA LYS C 118 27.54 -15.30 4.90
C LYS C 118 28.20 -14.91 6.22
N GLY C 119 27.68 -15.44 7.32
CA GLY C 119 28.24 -15.12 8.62
C GLY C 119 29.69 -15.58 8.75
N VAL C 120 29.98 -16.79 8.28
CA VAL C 120 31.35 -17.29 8.33
C VAL C 120 32.27 -16.40 7.52
N ILE C 121 31.81 -15.95 6.35
CA ILE C 121 32.60 -15.04 5.53
C ILE C 121 32.87 -13.74 6.28
N GLN C 122 31.82 -13.17 6.89
CA GLN C 122 31.94 -11.87 7.52
C GLN C 122 32.95 -11.90 8.67
N TYR C 123 32.99 -12.99 9.43
CA TYR C 123 33.82 -13.06 10.63
C TYR C 123 35.13 -13.82 10.40
N TYR C 124 35.42 -14.23 9.18
CA TYR C 124 36.69 -14.88 8.91
C TYR C 124 37.83 -13.93 9.22
N PRO C 125 38.84 -14.35 9.99
CA PRO C 125 39.84 -13.41 10.50
C PRO C 125 41.01 -13.08 9.58
N ALA C 126 41.14 -13.73 8.43
CA ALA C 126 42.29 -13.52 7.55
C ALA C 126 41.86 -12.82 6.28
N ALA C 127 42.83 -12.18 5.61
CA ALA C 127 42.61 -11.46 4.37
C ALA C 127 43.88 -11.54 3.54
N PRO C 128 43.78 -11.39 2.20
CA PRO C 128 42.55 -11.08 1.45
C PRO C 128 41.73 -12.30 1.08
N LEU C 129 40.41 -12.21 1.25
CA LEU C 129 39.51 -13.28 0.88
C LEU C 129 39.01 -13.05 -0.54
N PRO C 130 39.28 -13.97 -1.48
CA PRO C 130 38.76 -13.81 -2.83
C PRO C 130 37.29 -14.24 -2.91
N GLY C 131 36.64 -13.81 -3.99
CA GLY C 131 35.36 -14.39 -4.34
C GLY C 131 35.49 -15.86 -4.70
N PHE C 132 34.36 -16.55 -4.68
CA PHE C 132 34.39 -17.97 -5.01
C PHE C 132 33.04 -18.46 -5.49
N SER C 133 33.08 -19.57 -6.23
CA SER C 133 31.91 -20.38 -6.55
C SER C 133 31.97 -21.66 -5.74
N ALA C 134 30.81 -22.16 -5.32
CA ALA C 134 30.79 -23.35 -4.48
C ALA C 134 29.40 -23.98 -4.52
N VAL C 135 29.37 -25.32 -4.44
CA VAL C 135 28.13 -26.06 -4.24
C VAL C 135 28.23 -26.80 -2.93
N VAL C 136 27.13 -26.85 -2.19
CA VAL C 136 27.06 -27.54 -0.91
C VAL C 136 26.20 -28.80 -1.09
N VAL C 137 26.72 -29.93 -0.62
CA VAL C 137 25.94 -31.15 -0.52
C VAL C 137 26.11 -31.71 0.88
N SER C 138 25.07 -32.38 1.37
CA SER C 138 25.04 -32.82 2.75
C SER C 138 24.17 -34.05 2.90
N SER C 139 24.61 -34.97 3.75
CA SER C 139 23.78 -36.09 4.19
C SER C 139 23.23 -35.88 5.59
N VAL C 140 23.46 -34.71 6.17
CA VAL C 140 22.94 -34.38 7.50
C VAL C 140 21.54 -33.83 7.33
N PRO C 141 20.52 -34.40 7.97
CA PRO C 141 19.15 -33.88 7.80
C PRO C 141 19.04 -32.48 8.38
N LEU C 142 18.57 -31.55 7.56
CA LEU C 142 18.43 -30.17 8.01
C LEU C 142 17.32 -30.07 9.05
N GLY C 143 17.66 -29.50 10.21
CA GLY C 143 16.69 -29.32 11.27
C GLY C 143 16.39 -30.55 12.09
N GLY C 144 17.19 -31.61 11.95
CA GLY C 144 16.99 -32.85 12.67
C GLY C 144 17.74 -32.99 13.98
N GLY C 145 18.42 -31.93 14.42
CA GLY C 145 19.14 -31.97 15.68
C GLY C 145 20.54 -32.54 15.62
N LEU C 146 21.01 -32.96 14.44
CA LEU C 146 22.37 -33.44 14.27
C LEU C 146 23.33 -32.34 13.84
N SER C 147 22.91 -31.08 13.98
CA SER C 147 23.74 -29.91 13.70
C SER C 147 24.23 -29.89 12.25
N SER C 148 23.25 -29.86 11.34
CA SER C 148 23.58 -29.52 9.95
C SER C 148 24.13 -28.10 9.87
N SER C 149 23.63 -27.20 10.72
CA SER C 149 24.12 -25.82 10.75
C SER C 149 25.62 -25.79 11.03
N ALA C 150 26.05 -26.44 12.10
CA ALA C 150 27.49 -26.47 12.42
C ALA C 150 28.27 -27.16 11.32
N SER C 151 27.70 -28.21 10.73
CA SER C 151 28.35 -28.87 9.60
C SER C 151 28.60 -27.90 8.45
N LEU C 152 27.57 -27.13 8.09
CA LEU C 152 27.71 -26.15 7.01
C LEU C 152 28.71 -25.05 7.38
N GLU C 153 28.63 -24.54 8.62
CA GLU C 153 29.49 -23.44 9.02
C GLU C 153 30.96 -23.86 9.04
N VAL C 154 31.27 -25.02 9.61
CA VAL C 154 32.65 -25.47 9.69
C VAL C 154 33.18 -25.83 8.31
N ALA C 155 32.34 -26.45 7.49
CA ALA C 155 32.72 -26.70 6.10
C ALA C 155 33.07 -25.39 5.41
N THR C 156 32.21 -24.38 5.55
CA THR C 156 32.50 -23.08 4.99
C THR C 156 33.85 -22.57 5.49
N TYR C 157 34.08 -22.63 6.79
CA TYR C 157 35.34 -22.15 7.34
C TYR C 157 36.52 -22.90 6.73
N THR C 158 36.41 -24.24 6.65
CA THR C 158 37.51 -25.02 6.09
C THR C 158 37.77 -24.65 4.64
N PHE C 159 36.71 -24.31 3.89
CA PHE C 159 36.89 -23.86 2.51
C PHE C 159 37.67 -22.56 2.46
N LEU C 160 37.24 -21.58 3.26
CA LEU C 160 37.92 -20.28 3.25
C LEU C 160 39.40 -20.43 3.59
N GLN C 161 39.75 -21.44 4.39
CA GLN C 161 41.17 -21.69 4.66
C GLN C 161 41.94 -22.06 3.40
N GLN C 162 41.28 -22.71 2.45
CA GLN C 162 41.95 -23.03 1.18
C GLN C 162 42.19 -21.76 0.37
N LEU C 163 41.22 -20.86 0.35
CA LEU C 163 41.41 -19.58 -0.34
C LEU C 163 42.39 -18.69 0.40
N CYS C 164 42.41 -18.76 1.73
CA CYS C 164 43.18 -17.80 2.53
C CYS C 164 43.51 -18.38 3.90
N PRO C 165 44.68 -19.00 4.07
CA PRO C 165 45.00 -19.67 5.34
C PRO C 165 44.97 -18.70 6.51
N ASP C 166 44.46 -19.17 7.64
CA ASP C 166 44.40 -18.37 8.86
C ASP C 166 45.59 -18.68 9.75
N SER C 167 45.75 -17.86 10.79
CA SER C 167 46.86 -18.00 11.73
C SER C 167 46.44 -18.62 13.06
N GLY C 168 45.27 -18.25 13.58
CA GLY C 168 44.89 -18.58 14.94
C GLY C 168 44.67 -20.07 15.17
N THR C 169 44.04 -20.35 16.32
CA THR C 169 43.86 -21.69 16.84
C THR C 169 42.50 -22.27 16.44
N ILE C 170 42.34 -23.58 16.66
CA ILE C 170 41.07 -24.25 16.40
C ILE C 170 39.94 -23.64 17.21
N ALA C 171 40.21 -23.27 18.47
CA ALA C 171 39.15 -22.67 19.28
C ALA C 171 38.62 -21.41 18.61
N ALA C 172 39.51 -20.62 18.01
CA ALA C 172 39.08 -19.41 17.30
C ALA C 172 38.17 -19.75 16.13
N ARG C 173 38.48 -20.81 15.39
CA ARG C 173 37.63 -21.21 14.27
C ARG C 173 36.23 -21.58 14.76
N ALA C 174 36.14 -22.39 15.80
CA ALA C 174 34.83 -22.71 16.37
C ALA C 174 34.11 -21.44 16.81
N GLN C 175 34.83 -20.53 17.46
CA GLN C 175 34.20 -19.30 17.93
C GLN C 175 33.78 -18.40 16.78
N VAL C 176 34.52 -18.41 15.66
CA VAL C 176 34.08 -17.70 14.47
C VAL C 176 32.78 -18.30 13.95
N CYS C 177 32.75 -19.63 13.81
CA CYS C 177 31.52 -20.28 13.33
C CYS C 177 30.38 -20.06 14.31
N GLN C 178 30.70 -19.96 15.61
CA GLN C 178 29.66 -19.68 16.59
C GLN C 178 29.17 -18.25 16.47
N GLN C 179 30.07 -17.31 16.24
CA GLN C 179 29.67 -15.92 16.05
C GLN C 179 28.69 -15.76 14.88
N ALA C 180 28.95 -16.45 13.77
CA ALA C 180 28.04 -16.37 12.63
C ALA C 180 26.65 -16.87 13.00
N GLU C 181 26.58 -18.02 13.67
CA GLU C 181 25.28 -18.56 14.08
C GLU C 181 24.56 -17.58 15.00
N HIS C 182 25.32 -16.89 15.85
CA HIS C 182 24.75 -15.88 16.73
C HIS C 182 24.20 -14.70 15.92
N SER C 183 25.06 -14.08 15.10
CA SER C 183 24.70 -12.81 14.50
C SER C 183 23.84 -12.96 13.24
N PHE C 184 24.06 -14.00 12.46
CA PHE C 184 23.40 -14.11 11.17
C PHE C 184 22.23 -15.09 11.16
N ALA C 185 22.22 -16.09 12.03
CA ALA C 185 21.10 -17.02 12.14
C ALA C 185 20.21 -16.74 13.34
N GLY C 186 20.63 -15.86 14.25
CA GLY C 186 19.83 -15.54 15.42
C GLY C 186 19.64 -16.67 16.41
N MET C 187 20.61 -17.59 16.51
CA MET C 187 20.51 -18.74 17.40
C MET C 187 21.70 -18.74 18.36
N PRO C 188 21.51 -18.33 19.62
CA PRO C 188 22.63 -18.21 20.58
C PRO C 188 23.05 -19.53 21.17
N CYS C 189 23.71 -20.34 20.34
CA CYS C 189 24.20 -21.66 20.71
C CYS C 189 25.52 -21.57 21.46
N GLY C 190 25.96 -22.71 22.01
CA GLY C 190 27.29 -22.85 22.55
C GLY C 190 28.28 -23.32 21.49
N ILE C 191 29.51 -23.57 21.94
CA ILE C 191 30.56 -23.99 21.02
C ILE C 191 30.55 -25.48 20.71
N MET C 192 29.73 -26.26 21.43
CA MET C 192 29.84 -27.71 21.36
C MET C 192 29.73 -28.21 19.91
N ASP C 193 28.66 -27.83 19.21
CA ASP C 193 28.43 -28.39 17.88
C ASP C 193 29.56 -28.05 16.95
N GLN C 194 29.99 -26.78 16.94
CA GLN C 194 31.13 -26.39 16.12
C GLN C 194 32.41 -27.12 16.52
N PHE C 195 32.63 -27.27 17.83
CA PHE C 195 33.88 -27.85 18.29
C PHE C 195 34.01 -29.32 17.88
N ILE C 196 32.94 -30.10 18.01
CA ILE C 196 33.04 -31.51 17.65
C ILE C 196 33.18 -31.66 16.14
N SER C 197 32.54 -30.79 15.36
CA SER C 197 32.69 -30.84 13.92
C SER C 197 34.13 -30.59 13.50
N LEU C 198 34.85 -29.74 14.24
CA LEU C 198 36.24 -29.45 13.90
C LEU C 198 37.20 -30.49 14.46
N MET C 199 36.91 -31.06 15.63
CA MET C 199 37.91 -31.81 16.40
C MET C 199 37.67 -33.31 16.45
N GLY C 200 36.59 -33.80 15.84
CA GLY C 200 36.28 -35.22 15.97
C GLY C 200 37.37 -36.10 15.41
N GLN C 201 37.50 -37.28 16.01
CA GLN C 201 38.40 -38.33 15.53
C GLN C 201 37.61 -39.61 15.42
N LYS C 202 37.78 -40.33 14.31
CA LYS C 202 36.96 -41.52 14.07
C LYS C 202 37.24 -42.58 15.13
N GLY C 203 36.18 -43.31 15.49
CA GLY C 203 36.27 -44.29 16.56
C GLY C 203 36.46 -43.68 17.93
N HIS C 204 36.03 -42.43 18.11
CA HIS C 204 36.21 -41.76 19.38
C HIS C 204 35.06 -40.80 19.63
N ALA C 205 34.68 -40.68 20.89
CA ALA C 205 33.89 -39.57 21.37
C ALA C 205 34.83 -38.53 21.96
N LEU C 206 34.33 -37.29 22.07
CA LEU C 206 35.15 -36.18 22.53
C LEU C 206 34.57 -35.62 23.81
N LEU C 207 35.25 -35.86 24.93
CA LEU C 207 34.91 -35.18 26.18
C LEU C 207 35.52 -33.78 26.11
N ILE C 208 34.66 -32.77 25.97
CA ILE C 208 35.10 -31.40 25.78
C ILE C 208 34.81 -30.62 27.05
N ASP C 209 35.84 -29.99 27.59
CA ASP C 209 35.67 -29.07 28.72
C ASP C 209 35.43 -27.69 28.12
N CYS C 210 34.18 -27.24 28.17
CA CYS C 210 33.80 -25.99 27.53
C CYS C 210 34.22 -24.77 28.32
N ARG C 211 34.89 -24.96 29.46
CA ARG C 211 35.51 -23.84 30.15
C ARG C 211 36.90 -23.56 29.60
N SER C 212 37.75 -24.59 29.56
CA SER C 212 39.12 -24.49 29.08
C SER C 212 39.29 -24.90 27.63
N LEU C 213 38.30 -25.58 27.03
CA LEU C 213 38.40 -26.11 25.68
C LEU C 213 39.44 -27.24 25.58
N GLU C 214 39.83 -27.79 26.71
CA GLU C 214 40.63 -29.01 26.72
C GLU C 214 39.79 -30.20 26.27
N THR C 215 40.45 -31.16 25.64
CA THR C 215 39.76 -32.26 25.00
C THR C 215 40.36 -33.59 25.42
N SER C 216 39.49 -34.60 25.53
CA SER C 216 39.91 -35.95 25.85
C SER C 216 39.26 -36.89 24.84
N LEU C 217 40.09 -37.70 24.18
CA LEU C 217 39.61 -38.67 23.21
C LEU C 217 39.23 -39.96 23.91
N VAL C 218 37.95 -40.30 23.86
CA VAL C 218 37.40 -41.47 24.53
C VAL C 218 37.07 -42.51 23.46
N PRO C 219 37.73 -43.68 23.47
CA PRO C 219 37.50 -44.66 22.40
C PRO C 219 36.05 -45.11 22.34
N LEU C 220 35.50 -45.15 21.11
CA LEU C 220 34.16 -45.70 20.85
C LEU C 220 34.25 -46.53 19.56
N SER C 221 34.73 -47.77 19.69
CA SER C 221 34.97 -48.63 18.53
C SER C 221 34.83 -50.09 18.98
N ASP C 222 33.59 -50.52 19.16
CA ASP C 222 33.30 -51.89 19.61
C ASP C 222 32.27 -52.55 18.70
N PRO C 223 32.64 -53.58 17.94
CA PRO C 223 31.65 -54.27 17.10
C PRO C 223 30.46 -54.80 17.88
N LYS C 224 30.61 -55.05 19.19
CA LYS C 224 29.49 -55.47 20.02
C LYS C 224 28.57 -54.30 20.42
N LEU C 225 29.02 -53.07 20.24
CA LEU C 225 28.30 -51.88 20.67
C LEU C 225 27.81 -51.10 19.47
N ALA C 226 26.56 -50.65 19.53
CA ALA C 226 25.99 -49.81 18.48
C ALA C 226 25.45 -48.53 19.10
N VAL C 227 25.50 -47.46 18.32
CA VAL C 227 24.91 -46.18 18.71
C VAL C 227 23.77 -45.92 17.74
N LEU C 228 22.54 -45.97 18.24
CA LEU C 228 21.36 -45.82 17.41
C LEU C 228 20.80 -44.41 17.60
N ILE C 229 20.75 -43.65 16.52
CA ILE C 229 20.19 -42.30 16.53
C ILE C 229 18.80 -42.39 15.93
N THR C 230 17.80 -41.88 16.64
CA THR C 230 16.41 -41.92 16.21
C THR C 230 15.91 -40.49 16.05
N ASN C 231 15.58 -40.12 14.83
CA ASN C 231 15.05 -38.79 14.54
C ASN C 231 13.53 -38.83 14.67
N SER C 232 13.00 -38.03 15.59
CA SER C 232 11.55 -37.94 15.75
C SER C 232 10.89 -37.28 14.56
N ASN C 233 11.64 -36.60 13.71
CA ASN C 233 11.08 -35.84 12.59
C ASN C 233 10.02 -34.86 13.07
N VAL C 234 10.21 -34.34 14.28
CA VAL C 234 9.33 -33.33 14.85
C VAL C 234 10.17 -32.10 15.17
N ARG C 235 9.57 -30.93 15.02
CA ARG C 235 10.21 -29.66 15.37
C ARG C 235 9.12 -28.75 15.92
N HIS C 236 8.85 -28.89 17.22
CA HIS C 236 7.79 -28.12 17.85
C HIS C 236 8.33 -26.88 18.54
N SER C 240 12.82 -24.21 19.71
CA SER C 240 14.00 -23.38 19.95
C SER C 240 13.63 -21.91 20.18
N SER C 241 12.49 -21.70 20.83
CA SER C 241 12.16 -20.41 21.41
C SER C 241 12.42 -20.39 22.91
N GLU C 242 12.62 -21.56 23.52
CA GLU C 242 12.94 -21.70 24.93
C GLU C 242 14.44 -21.82 25.19
N TYR C 243 15.23 -22.18 24.17
CA TYR C 243 16.67 -22.25 24.33
C TYR C 243 17.27 -20.97 24.90
N PRO C 244 17.05 -19.80 24.31
CA PRO C 244 17.56 -18.56 24.91
C PRO C 244 16.97 -18.29 26.29
N VAL C 245 15.79 -18.85 26.60
CA VAL C 245 15.19 -18.63 27.91
C VAL C 245 15.94 -19.42 28.97
N ARG C 246 16.30 -20.67 28.67
CA ARG C 246 17.13 -21.45 29.60
C ARG C 246 18.46 -20.76 29.82
N ARG C 247 19.07 -20.24 28.75
CA ARG C 247 20.34 -19.54 28.85
C ARG C 247 20.24 -18.37 29.83
N ARG C 248 19.13 -17.62 29.77
CA ARG C 248 18.94 -16.50 30.68
C ARG C 248 18.75 -16.99 32.12
N GLN C 249 17.94 -18.01 32.32
CA GLN C 249 17.71 -18.53 33.66
C GLN C 249 19.01 -19.00 34.29
N CYS C 250 19.82 -19.76 33.55
CA CYS C 250 21.11 -20.19 34.06
C CYS C 250 21.96 -18.98 34.45
N GLU C 251 21.97 -17.95 33.61
CA GLU C 251 22.71 -16.74 33.93
C GLU C 251 22.15 -16.08 35.19
N GLU C 252 20.82 -16.04 35.32
CA GLU C 252 20.21 -15.46 36.50
C GLU C 252 20.58 -16.22 37.75
N VAL C 253 20.60 -17.56 37.67
CA VAL C 253 20.92 -18.38 38.85
C VAL C 253 22.38 -18.22 39.24
N ALA C 254 23.27 -18.08 38.25
CA ALA C 254 24.70 -17.93 38.57
C ALA C 254 24.96 -16.66 39.35
N ARG C 255 24.27 -15.57 38.99
CA ARG C 255 24.37 -14.32 39.73
C ARG C 255 23.91 -14.50 41.17
N ALA C 256 22.76 -15.15 41.37
CA ALA C 256 22.21 -15.35 42.70
C ALA C 256 23.20 -16.03 43.65
N LEU C 257 23.99 -16.97 43.13
CA LEU C 257 24.96 -17.68 43.95
C LEU C 257 26.32 -17.01 43.97
N GLY C 258 26.46 -15.83 43.37
CA GLY C 258 27.74 -15.15 43.33
C GLY C 258 28.81 -15.94 42.61
N ALA C 259 28.44 -16.62 41.54
CA ALA C 259 29.38 -17.42 40.76
C ALA C 259 29.47 -16.89 39.34
N ALA C 260 30.62 -17.14 38.70
CA ALA C 260 30.82 -16.71 37.33
C ALA C 260 29.99 -17.55 36.37
N SER C 261 29.87 -18.84 36.64
CA SER C 261 29.07 -19.73 35.83
C SER C 261 28.59 -20.89 36.70
N LEU C 262 27.57 -21.61 36.20
CA LEU C 262 27.08 -22.77 36.93
C LEU C 262 28.14 -23.86 37.07
N ARG C 263 29.23 -23.77 36.32
CA ARG C 263 30.30 -24.75 36.44
C ARG C 263 31.01 -24.64 37.77
N GLU C 264 31.02 -23.45 38.37
CA GLU C 264 31.69 -23.26 39.65
C GLU C 264 30.84 -23.69 40.82
N VAL C 265 29.64 -24.22 40.57
CA VAL C 265 28.73 -24.66 41.62
C VAL C 265 28.51 -26.16 41.46
N GLN C 266 28.60 -26.89 42.57
CA GLN C 266 28.29 -28.31 42.58
C GLN C 266 26.98 -28.56 43.33
N LEU C 267 26.43 -29.76 43.14
CA LEU C 267 25.12 -30.10 43.71
C LEU C 267 25.05 -29.74 45.19
N GLU C 268 26.07 -30.14 45.94
CA GLU C 268 26.06 -29.91 47.38
C GLU C 268 26.01 -28.42 47.68
N GLU C 269 26.76 -27.63 46.92
CA GLU C 269 26.75 -26.18 47.10
C GLU C 269 25.38 -25.59 46.74
N LEU C 270 24.72 -26.12 45.70
CA LEU C 270 23.42 -25.60 45.29
C LEU C 270 22.36 -25.89 46.34
N GLU C 271 22.42 -27.08 46.93
CA GLU C 271 21.46 -27.48 47.96
C GLU C 271 21.63 -26.65 49.22
N ALA C 272 22.87 -26.39 49.63
CA ALA C 272 23.12 -25.54 50.80
C ALA C 272 22.57 -24.14 50.56
N ALA C 273 22.73 -23.61 49.35
CA ALA C 273 22.30 -22.27 49.00
C ALA C 273 20.91 -22.25 48.37
N ARG C 274 20.11 -23.30 48.56
CA ARG C 274 18.80 -23.39 47.91
C ARG C 274 17.92 -22.17 48.18
N ASP C 275 18.05 -21.56 49.35
CA ASP C 275 17.19 -20.42 49.69
C ASP C 275 17.61 -19.15 48.96
N LEU C 276 18.70 -19.19 48.21
CA LEU C 276 19.12 -18.05 47.40
C LEU C 276 18.52 -18.05 46.00
N VAL C 277 17.98 -19.18 45.52
CA VAL C 277 17.45 -19.26 44.17
C VAL C 277 15.96 -19.56 44.22
N SER C 278 15.27 -19.29 43.11
CA SER C 278 13.86 -19.66 43.05
C SER C 278 13.72 -21.16 42.90
N LYS C 279 12.50 -21.63 43.18
CA LYS C 279 12.23 -23.05 43.02
C LYS C 279 12.55 -23.49 41.59
N GLU C 280 12.03 -22.78 40.59
CA GLU C 280 12.36 -23.12 39.20
C GLU C 280 13.84 -22.87 38.92
N GLY C 281 14.37 -21.73 39.34
CA GLY C 281 15.78 -21.46 39.15
C GLY C 281 16.66 -22.54 39.74
N PHE C 282 16.25 -23.10 40.88
CA PHE C 282 16.99 -24.19 41.51
C PHE C 282 16.95 -25.45 40.64
N ARG C 283 15.77 -25.77 40.10
CA ARG C 283 15.66 -26.98 39.27
C ARG C 283 16.51 -26.88 38.01
N ARG C 284 16.51 -25.72 37.36
CA ARG C 284 17.38 -25.53 36.19
C ARG C 284 18.83 -25.80 36.57
N ALA C 285 19.31 -25.16 37.63
CA ALA C 285 20.71 -25.33 38.04
C ALA C 285 21.00 -26.76 38.47
N ARG C 286 20.03 -27.45 39.06
CA ARG C 286 20.28 -28.82 39.47
C ARG C 286 20.59 -29.71 38.28
N HIS C 287 19.91 -29.48 37.15
CA HIS C 287 20.23 -30.23 35.95
C HIS C 287 21.66 -29.96 35.49
N VAL C 288 22.00 -28.68 35.32
CA VAL C 288 23.31 -28.33 34.79
C VAL C 288 24.41 -28.94 35.64
N VAL C 289 24.41 -28.61 36.94
CA VAL C 289 25.47 -29.09 37.82
C VAL C 289 25.49 -30.62 37.84
N GLY C 290 24.32 -31.26 37.82
CA GLY C 290 24.28 -32.71 37.83
C GLY C 290 24.66 -33.32 36.50
N GLU C 291 24.35 -32.65 35.40
CA GLU C 291 24.75 -33.14 34.09
C GLU C 291 26.26 -33.12 33.94
N ILE C 292 26.90 -32.05 34.43
CA ILE C 292 28.36 -31.95 34.34
C ILE C 292 29.02 -33.13 35.04
N ARG C 293 28.52 -33.49 36.22
CA ARG C 293 29.07 -34.65 36.92
C ARG C 293 28.74 -35.95 36.20
N ARG C 294 27.55 -36.04 35.62
CA ARG C 294 27.19 -37.25 34.89
C ARG C 294 28.07 -37.43 33.66
N THR C 295 28.36 -36.33 32.96
CA THR C 295 29.21 -36.40 31.77
C THR C 295 30.61 -36.88 32.13
N ALA C 296 31.22 -36.27 33.15
CA ALA C 296 32.53 -36.73 33.57
C ALA C 296 32.51 -38.18 34.00
N GLN C 297 31.43 -38.61 34.67
CA GLN C 297 31.30 -40.00 35.08
C GLN C 297 31.07 -40.91 33.88
N ALA C 298 30.30 -40.45 32.89
CA ALA C 298 30.04 -41.29 31.73
C ALA C 298 31.29 -41.49 30.88
N ALA C 299 32.13 -40.45 30.75
CA ALA C 299 33.39 -40.61 30.04
C ALA C 299 34.26 -41.66 30.70
N ALA C 300 34.34 -41.63 32.03
CA ALA C 300 35.12 -42.65 32.73
C ALA C 300 34.51 -44.03 32.52
N ALA C 301 33.18 -44.13 32.57
CA ALA C 301 32.52 -45.40 32.34
C ALA C 301 32.82 -45.93 30.94
N LEU C 302 32.83 -45.04 29.94
CA LEU C 302 33.05 -45.47 28.56
C LEU C 302 34.48 -45.93 28.33
N ARG C 303 35.45 -45.26 28.97
CA ARG C 303 36.84 -45.65 28.76
C ARG C 303 37.09 -47.10 29.17
N ARG C 304 36.42 -47.59 30.20
CA ARG C 304 36.58 -48.96 30.67
C ARG C 304 35.54 -49.91 30.09
N GLY C 305 34.68 -49.43 29.19
CA GLY C 305 33.71 -50.30 28.55
C GLY C 305 32.50 -50.65 29.39
N ASP C 306 32.20 -49.86 30.43
CA ASP C 306 31.06 -50.11 31.31
C ASP C 306 29.81 -49.55 30.64
N TYR C 307 29.31 -50.28 29.64
CA TYR C 307 28.16 -49.82 28.87
C TYR C 307 26.90 -49.74 29.72
N ARG C 308 26.73 -50.66 30.67
CA ARG C 308 25.53 -50.64 31.49
C ARG C 308 25.48 -49.40 32.37
N ALA C 309 26.64 -49.00 32.93
CA ALA C 309 26.67 -47.77 33.71
C ALA C 309 26.46 -46.55 32.83
N PHE C 310 27.07 -46.53 31.65
CA PHE C 310 26.86 -45.43 30.73
C PHE C 310 25.38 -45.33 30.32
N GLY C 311 24.75 -46.47 30.03
CA GLY C 311 23.33 -46.44 29.71
C GLY C 311 22.50 -45.86 30.84
N ARG C 312 22.83 -46.22 32.08
CA ARG C 312 22.09 -45.69 33.22
C ARG C 312 22.32 -44.19 33.39
N LEU C 313 23.55 -43.72 33.20
CA LEU C 313 23.79 -42.28 33.24
C LEU C 313 23.05 -41.56 32.11
N MET C 314 22.91 -42.20 30.95
CA MET C 314 22.14 -41.60 29.86
C MET C 314 20.69 -41.41 30.26
N VAL C 315 20.11 -42.39 30.97
CA VAL C 315 18.71 -42.31 31.35
C VAL C 315 18.51 -41.27 32.45
N GLU C 316 19.49 -41.14 33.36
CA GLU C 316 19.43 -40.07 34.36
C GLU C 316 19.41 -38.71 33.68
N SER C 317 20.28 -38.52 32.68
CA SER C 317 20.30 -37.26 31.94
C SER C 317 18.95 -36.94 31.33
N HIS C 318 18.30 -37.94 30.72
CA HIS C 318 17.00 -37.68 30.09
C HIS C 318 15.96 -37.24 31.09
N ARG C 319 15.82 -37.97 32.20
CA ARG C 319 14.90 -37.55 33.25
C ARG C 319 15.21 -36.12 33.68
N SER C 320 16.50 -35.82 33.89
CA SER C 320 16.88 -34.46 34.26
C SER C 320 16.43 -33.46 33.20
N LEU C 321 16.67 -33.80 31.92
CA LEU C 321 16.26 -32.91 30.85
C LEU C 321 14.74 -32.81 30.75
N ARG C 322 14.02 -33.87 31.15
CA ARG C 322 12.57 -33.88 31.02
C ARG C 322 11.86 -33.19 32.18
N ASP C 323 12.37 -33.39 33.40
CA ASP C 323 11.70 -32.91 34.61
C ASP C 323 12.32 -31.63 35.15
N ASP C 324 13.64 -31.56 35.28
CA ASP C 324 14.27 -30.38 35.87
C ASP C 324 14.46 -29.28 34.83
N TYR C 325 14.98 -29.62 33.65
CA TYR C 325 15.21 -28.62 32.61
C TYR C 325 14.01 -28.45 31.67
N GLU C 326 13.14 -29.46 31.57
CA GLU C 326 11.99 -29.42 30.68
C GLU C 326 12.34 -28.86 29.30
N VAL C 327 13.14 -29.61 28.53
CA VAL C 327 13.46 -29.19 27.17
C VAL C 327 13.17 -30.36 26.21
N SER C 328 12.58 -31.43 26.73
CA SER C 328 12.15 -32.54 25.90
C SER C 328 10.69 -32.31 25.53
N CYS C 329 10.05 -33.33 24.96
CA CYS C 329 8.65 -33.23 24.61
C CYS C 329 8.06 -34.63 24.55
N PRO C 330 6.73 -34.75 24.50
CA PRO C 330 6.11 -36.09 24.50
C PRO C 330 6.64 -37.00 23.40
N GLU C 331 6.84 -36.47 22.20
CA GLU C 331 7.36 -37.31 21.12
C GLU C 331 8.71 -37.92 21.51
N LEU C 332 9.62 -37.09 22.01
CA LEU C 332 10.91 -37.60 22.46
C LEU C 332 10.74 -38.60 23.61
N ASP C 333 9.87 -38.29 24.57
CA ASP C 333 9.71 -39.16 25.72
C ASP C 333 9.21 -40.54 25.32
N GLN C 334 8.28 -40.61 24.36
CA GLN C 334 7.79 -41.92 23.93
C GLN C 334 8.89 -42.72 23.25
N LEU C 335 9.72 -42.08 22.42
CA LEU C 335 10.81 -42.79 21.76
C LEU C 335 11.80 -43.33 22.78
N VAL C 336 12.12 -42.53 23.80
CA VAL C 336 13.06 -42.98 24.82
C VAL C 336 12.48 -44.18 25.58
N GLU C 337 11.20 -44.09 25.97
CA GLU C 337 10.59 -45.17 26.73
C GLU C 337 10.52 -46.45 25.92
N ALA C 338 10.07 -46.35 24.66
CA ALA C 338 10.02 -47.54 23.81
C ALA C 338 11.39 -48.18 23.67
N ALA C 339 12.43 -47.37 23.51
CA ALA C 339 13.78 -47.92 23.37
C ALA C 339 14.21 -48.67 24.62
N LEU C 340 13.82 -48.18 25.80
CA LEU C 340 14.24 -48.80 27.04
C LEU C 340 13.58 -50.16 27.26
N ALA C 341 12.48 -50.43 26.56
CA ALA C 341 11.82 -51.73 26.68
C ALA C 341 12.56 -52.83 25.93
N VAL C 342 13.41 -52.48 24.98
CA VAL C 342 14.10 -53.49 24.17
C VAL C 342 15.25 -54.07 24.99
N PRO C 343 15.35 -55.39 25.10
CA PRO C 343 16.53 -55.97 25.75
C PRO C 343 17.78 -55.75 24.91
N GLY C 344 18.91 -55.58 25.60
CA GLY C 344 20.16 -55.23 24.96
C GLY C 344 20.43 -53.75 24.86
N VAL C 345 19.44 -52.91 25.13
CA VAL C 345 19.66 -51.47 25.14
C VAL C 345 20.22 -51.06 26.49
N TYR C 346 21.34 -50.34 26.48
CA TYR C 346 21.93 -49.88 27.73
C TYR C 346 21.26 -48.61 28.24
N GLY C 347 20.87 -47.73 27.33
CA GLY C 347 20.21 -46.50 27.72
C GLY C 347 19.80 -45.72 26.49
N SER C 348 19.00 -44.70 26.72
CA SER C 348 18.50 -43.86 25.63
C SER C 348 18.03 -42.54 26.22
N ARG C 349 18.09 -41.48 25.40
CA ARG C 349 17.74 -40.17 25.89
C ARG C 349 17.68 -39.22 24.71
N MET C 350 17.06 -38.05 24.93
CA MET C 350 17.09 -37.01 23.92
C MET C 350 18.49 -36.42 23.81
N THR C 351 18.81 -35.91 22.63
CA THR C 351 20.06 -35.20 22.38
C THR C 351 19.77 -33.86 21.72
N GLY C 352 20.76 -32.97 21.75
CA GLY C 352 20.59 -31.66 21.17
C GLY C 352 19.84 -30.70 22.06
N GLY C 353 19.31 -29.65 21.43
CA GLY C 353 18.61 -28.61 22.19
C GLY C 353 17.31 -29.10 22.81
N GLY C 354 16.59 -29.96 22.11
CA GLY C 354 15.34 -30.50 22.59
C GLY C 354 14.15 -29.95 21.81
N PHE C 355 12.96 -30.23 22.35
CA PHE C 355 11.69 -29.81 21.74
C PHE C 355 11.49 -30.46 20.37
N GLY C 356 12.03 -31.66 20.21
CA GLY C 356 12.09 -32.38 18.96
C GLY C 356 13.51 -32.85 18.73
N GLY C 357 13.80 -33.22 17.49
CA GLY C 357 15.14 -33.68 17.17
C GLY C 357 15.27 -35.18 17.29
N CYS C 358 16.39 -35.64 17.85
CA CYS C 358 16.74 -37.05 17.82
C CYS C 358 16.82 -37.63 19.22
N THR C 359 16.86 -38.96 19.25
CA THR C 359 17.15 -39.75 20.44
C THR C 359 18.37 -40.60 20.14
N VAL C 360 19.35 -40.57 21.03
CA VAL C 360 20.54 -41.41 20.93
C VAL C 360 20.39 -42.59 21.89
N THR C 361 20.69 -43.79 21.40
CA THR C 361 20.51 -45.03 22.15
C THR C 361 21.75 -45.91 22.03
N LEU C 362 22.31 -46.30 23.18
CA LEU C 362 23.41 -47.25 23.24
C LEU C 362 22.84 -48.64 23.49
N LEU C 363 23.20 -49.58 22.63
CA LEU C 363 22.57 -50.87 22.65
C LEU C 363 23.56 -51.89 22.12
N GLU C 364 23.27 -53.15 22.41
CA GLU C 364 24.02 -54.24 21.82
C GLU C 364 23.82 -54.24 20.31
N ALA C 365 24.92 -54.32 19.57
CA ALA C 365 24.86 -54.24 18.11
C ALA C 365 23.85 -55.24 17.53
N SER C 366 23.86 -56.48 18.04
CA SER C 366 22.94 -57.50 17.52
C SER C 366 21.49 -57.11 17.76
N ALA C 367 21.24 -56.28 18.76
CA ALA C 367 19.88 -55.88 19.11
C ALA C 367 19.35 -54.75 18.25
N ALA C 368 20.19 -54.12 17.43
CA ALA C 368 19.75 -52.96 16.66
C ALA C 368 18.54 -53.26 15.79
N PRO C 369 18.53 -54.32 14.98
CA PRO C 369 17.34 -54.58 14.14
C PRO C 369 16.05 -54.64 14.93
N HIS C 370 16.04 -55.35 16.06
CA HIS C 370 14.83 -55.43 16.87
C HIS C 370 14.49 -54.08 17.49
N ALA C 371 15.50 -53.35 17.95
CA ALA C 371 15.25 -52.04 18.57
C ALA C 371 14.55 -51.10 17.60
N MET C 372 15.03 -51.04 16.36
CA MET C 372 14.40 -50.17 15.37
C MET C 372 12.97 -50.61 15.09
N ARG C 373 12.74 -51.92 15.01
CA ARG C 373 11.39 -52.42 14.77
C ARG C 373 10.49 -52.08 15.96
N HIS C 374 11.00 -52.28 17.18
CA HIS C 374 10.21 -51.97 18.37
C HIS C 374 9.92 -50.48 18.45
N ILE C 375 10.96 -49.66 18.26
CA ILE C 375 10.80 -48.21 18.38
C ILE C 375 9.76 -47.69 17.39
N GLN C 376 9.87 -48.08 16.12
CA GLN C 376 8.94 -47.59 15.11
C GLN C 376 7.51 -48.01 15.43
N GLU C 377 7.33 -49.26 15.80
CA GLU C 377 5.97 -49.76 16.04
C GLU C 377 5.36 -49.09 17.26
N HIS C 378 6.18 -48.66 18.22
CA HIS C 378 5.70 -48.01 19.42
C HIS C 378 5.80 -46.49 19.33
N TYR C 379 5.94 -45.92 18.13
CA TYR C 379 6.04 -44.47 17.97
C TYR C 379 4.88 -43.93 17.15
N GLY C 380 4.17 -42.94 17.70
CA GLY C 380 3.07 -42.31 17.01
C GLY C 380 3.55 -41.31 15.97
N GLY C 381 4.31 -41.79 15.01
CA GLY C 381 4.89 -40.94 13.99
C GLY C 381 5.91 -41.71 13.20
N THR C 382 6.45 -41.05 12.18
CA THR C 382 7.49 -41.65 11.36
C THR C 382 8.87 -41.32 11.94
N ALA C 383 9.68 -42.36 12.12
CA ALA C 383 10.99 -42.23 12.73
C ALA C 383 12.07 -42.65 11.75
N THR C 384 13.19 -41.92 11.75
CA THR C 384 14.36 -42.26 10.95
C THR C 384 15.47 -42.73 11.87
N PHE C 385 16.27 -43.66 11.38
CA PHE C 385 17.33 -44.27 12.19
C PHE C 385 18.66 -44.14 11.47
N TYR C 386 19.72 -43.85 12.24
CA TYR C 386 21.09 -43.88 11.74
C TYR C 386 21.93 -44.70 12.70
N LEU C 387 22.51 -45.78 12.19
CA LEU C 387 23.52 -46.54 12.93
C LEU C 387 24.87 -45.99 12.49
N SER C 388 25.48 -45.16 13.33
CA SER C 388 26.67 -44.43 12.97
C SER C 388 27.82 -44.78 13.91
N GLN C 389 29.03 -44.71 13.36
CA GLN C 389 30.25 -44.80 14.14
C GLN C 389 30.84 -43.40 14.32
N ALA C 390 31.76 -43.28 15.28
CA ALA C 390 32.46 -42.02 15.47
C ALA C 390 33.36 -41.74 14.27
N ALA C 391 33.20 -40.55 13.69
CA ALA C 391 33.86 -40.18 12.45
C ALA C 391 34.85 -39.04 12.69
N ASP C 392 35.60 -38.72 11.66
CA ASP C 392 36.55 -37.61 11.71
C ASP C 392 35.83 -36.27 11.59
N GLY C 393 36.52 -35.22 12.04
CA GLY C 393 36.03 -33.87 11.88
C GLY C 393 36.36 -33.32 10.49
N ALA C 394 36.21 -32.00 10.37
CA ALA C 394 36.44 -31.32 9.10
C ALA C 394 37.85 -31.63 8.58
N LYS C 395 37.96 -31.80 7.26
CA LYS C 395 39.24 -32.04 6.62
C LYS C 395 39.19 -31.54 5.18
N VAL C 396 40.37 -31.32 4.61
CA VAL C 396 40.49 -30.95 3.21
C VAL C 396 40.39 -32.20 2.35
N LEU C 397 39.76 -32.07 1.18
CA LEU C 397 39.62 -33.15 0.21
C LEU C 397 40.35 -32.73 -1.07
N CYS C 398 41.31 -33.55 -1.49
CA CYS C 398 42.13 -33.21 -2.65
C CYS C 398 41.43 -33.63 -3.93
N LEU C 399 41.25 -32.67 -4.83
CA LEU C 399 40.62 -32.94 -6.12
C LEU C 399 41.65 -33.21 -7.21
N LEU D 11 6.51 -26.51 -38.35
CA LEU D 11 6.81 -26.44 -36.92
C LEU D 11 5.70 -25.72 -36.16
N ARG D 12 5.97 -25.44 -34.89
CA ARG D 12 5.06 -24.69 -34.04
C ARG D 12 5.76 -23.42 -33.55
N GLN D 13 5.03 -22.31 -33.59
CA GLN D 13 5.58 -21.02 -33.18
C GLN D 13 4.94 -20.58 -31.88
N PRO D 14 5.62 -20.71 -30.74
CA PRO D 14 4.97 -20.34 -29.48
C PRO D 14 4.61 -18.86 -29.49
N GLN D 15 3.52 -18.53 -28.81
CA GLN D 15 3.12 -17.13 -28.77
C GLN D 15 3.65 -16.50 -27.49
N VAL D 16 3.54 -15.17 -27.43
CA VAL D 16 4.19 -14.43 -26.35
C VAL D 16 3.72 -14.92 -24.99
N ALA D 17 2.43 -15.21 -24.85
CA ALA D 17 1.91 -15.65 -23.56
C ALA D 17 2.60 -16.94 -23.11
N GLU D 18 2.75 -17.89 -24.03
CA GLU D 18 3.45 -19.13 -23.68
C GLU D 18 4.90 -18.87 -23.31
N LEU D 19 5.59 -18.02 -24.09
CA LEU D 19 6.99 -17.71 -23.79
C LEU D 19 7.12 -16.96 -22.48
N LEU D 20 6.25 -15.98 -22.23
CA LEU D 20 6.30 -15.25 -20.97
C LEU D 20 6.09 -16.19 -19.79
N ALA D 21 5.19 -17.16 -19.94
CA ALA D 21 4.96 -18.13 -18.87
C ALA D 21 6.17 -19.03 -18.67
N GLU D 22 6.79 -19.48 -19.76
CA GLU D 22 8.01 -20.29 -19.63
C GLU D 22 9.12 -19.51 -18.95
N ALA D 23 9.27 -18.23 -19.28
CA ALA D 23 10.34 -17.44 -18.68
C ALA D 23 10.08 -17.16 -17.20
N ARG D 24 8.82 -17.03 -16.82
CA ARG D 24 8.47 -16.77 -15.43
C ARG D 24 8.70 -18.00 -14.57
N ARG D 25 8.28 -19.17 -15.08
CA ARG D 25 8.55 -20.42 -14.40
C ARG D 25 10.04 -20.61 -14.14
N ALA D 26 10.86 -20.35 -15.17
CA ALA D 26 12.31 -20.48 -15.00
C ALA D 26 12.85 -19.46 -13.99
N PHE D 27 12.35 -18.23 -14.04
CA PHE D 27 12.82 -17.21 -13.10
C PHE D 27 12.46 -17.56 -11.66
N ARG D 28 11.28 -18.13 -11.42
CA ARG D 28 10.89 -18.48 -10.06
C ARG D 28 11.82 -19.56 -9.50
N GLU D 29 12.00 -20.65 -10.25
CA GLU D 29 12.87 -21.72 -9.78
C GLU D 29 14.29 -21.25 -9.51
N GLU D 30 14.76 -20.25 -10.25
CA GLU D 30 16.16 -19.85 -10.18
C GLU D 30 16.41 -18.76 -9.13
N PHE D 31 15.46 -17.86 -8.91
CA PHE D 31 15.66 -16.73 -8.02
C PHE D 31 14.69 -16.67 -6.85
N GLY D 32 13.66 -17.52 -6.82
CA GLY D 32 12.80 -17.64 -5.66
C GLY D 32 11.64 -16.66 -5.61
N ALA D 33 11.60 -15.66 -6.48
CA ALA D 33 10.53 -14.68 -6.49
C ALA D 33 9.96 -14.55 -7.89
N GLU D 34 8.89 -13.76 -7.99
CA GLU D 34 8.33 -13.43 -9.28
C GLU D 34 9.17 -12.35 -9.97
N PRO D 35 9.39 -12.45 -11.27
CA PRO D 35 10.04 -11.35 -11.98
C PRO D 35 9.16 -10.11 -11.98
N GLU D 36 9.79 -8.94 -11.99
CA GLU D 36 9.06 -7.69 -11.99
C GLU D 36 8.95 -7.02 -13.35
N LEU D 37 9.85 -7.32 -14.29
CA LEU D 37 9.87 -6.66 -15.58
C LEU D 37 9.92 -7.72 -16.68
N ALA D 38 9.27 -7.42 -17.81
CA ALA D 38 9.20 -8.34 -18.94
C ALA D 38 9.38 -7.58 -20.24
N VAL D 39 9.97 -8.24 -21.23
CA VAL D 39 10.38 -7.60 -22.47
C VAL D 39 10.48 -8.66 -23.56
N SER D 40 10.24 -8.25 -24.81
CA SER D 40 10.35 -9.14 -25.95
C SER D 40 10.97 -8.41 -27.13
N ALA D 41 11.61 -9.19 -28.01
CA ALA D 41 12.26 -8.70 -29.22
C ALA D 41 12.23 -9.84 -30.22
N PRO D 42 11.81 -9.59 -31.46
CA PRO D 42 11.65 -10.67 -32.44
C PRO D 42 12.92 -10.98 -33.21
N GLY D 43 12.92 -12.16 -33.82
CA GLY D 43 13.86 -12.45 -34.89
C GLY D 43 13.41 -11.81 -36.18
N ARG D 44 14.16 -12.06 -37.24
CA ARG D 44 13.87 -11.42 -38.51
C ARG D 44 14.24 -12.35 -39.66
N VAL D 45 13.56 -12.14 -40.78
CA VAL D 45 13.93 -12.76 -42.04
C VAL D 45 14.02 -11.66 -43.09
N ASN D 46 15.08 -11.70 -43.89
CA ASN D 46 15.29 -10.71 -44.95
C ASN D 46 14.61 -11.23 -46.22
N LEU D 47 13.55 -10.54 -46.65
CA LEU D 47 12.85 -10.95 -47.85
C LEU D 47 13.72 -10.79 -49.08
N ILE D 48 14.48 -9.70 -49.15
CA ILE D 48 15.42 -9.49 -50.25
C ILE D 48 16.33 -8.34 -49.84
N GLY D 49 17.52 -8.31 -50.41
CA GLY D 49 18.47 -7.26 -50.09
C GLY D 49 19.60 -7.72 -49.21
N GLU D 50 20.26 -8.83 -49.60
CA GLU D 50 21.28 -9.45 -48.77
C GLU D 50 22.64 -8.82 -49.03
N HIS D 51 23.42 -8.67 -47.95
CA HIS D 51 24.78 -8.15 -48.02
C HIS D 51 24.83 -6.76 -48.67
N THR D 52 23.74 -6.01 -48.51
CA THR D 52 23.71 -4.61 -48.92
C THR D 52 23.72 -3.62 -47.75
N ASP D 53 23.41 -4.07 -46.54
CA ASP D 53 23.25 -3.12 -45.44
C ASP D 53 24.57 -2.46 -45.07
N TYR D 54 25.64 -3.25 -44.94
CA TYR D 54 26.94 -2.62 -44.68
C TYR D 54 27.52 -1.94 -45.91
N ASN D 55 26.82 -1.99 -47.05
CA ASN D 55 27.16 -1.21 -48.22
C ASN D 55 26.27 0.02 -48.38
N GLN D 56 25.56 0.39 -47.32
CA GLN D 56 24.67 1.56 -47.34
C GLN D 56 23.61 1.43 -48.42
N GLY D 57 23.14 0.20 -48.61
CA GLY D 57 22.14 -0.14 -49.61
C GLY D 57 20.75 -0.23 -49.03
N LEU D 58 19.92 -1.06 -49.65
CA LEU D 58 18.53 -1.26 -49.26
C LEU D 58 18.33 -2.70 -48.78
N VAL D 59 17.43 -2.85 -47.80
CA VAL D 59 17.05 -4.17 -47.30
C VAL D 59 15.53 -4.16 -47.09
N LEU D 60 14.93 -5.33 -47.17
CA LEU D 60 13.48 -5.50 -47.01
C LEU D 60 13.19 -6.67 -46.08
N PRO D 61 13.51 -6.52 -44.80
CA PRO D 61 13.20 -7.56 -43.81
C PRO D 61 11.84 -7.35 -43.17
N MET D 62 11.36 -8.43 -42.54
CA MET D 62 10.19 -8.38 -41.67
C MET D 62 10.49 -9.09 -40.37
N ALA D 63 9.91 -8.60 -39.29
CA ALA D 63 10.08 -9.24 -37.99
C ALA D 63 9.29 -10.54 -37.94
N LEU D 64 9.85 -11.55 -37.30
CA LEU D 64 9.23 -12.86 -37.21
C LEU D 64 8.46 -13.00 -35.90
N GLU D 65 7.60 -14.02 -35.86
CA GLU D 65 6.91 -14.39 -34.63
C GLU D 65 7.82 -15.16 -33.69
N LEU D 66 8.95 -15.69 -34.18
CA LEU D 66 9.96 -16.21 -33.29
C LEU D 66 10.58 -15.07 -32.51
N MET D 67 10.82 -15.29 -31.21
CA MET D 67 10.97 -14.18 -30.29
C MET D 67 11.92 -14.53 -29.17
N THR D 68 12.54 -13.50 -28.60
CA THR D 68 13.27 -13.58 -27.34
C THR D 68 12.47 -12.84 -26.27
N VAL D 69 12.21 -13.50 -25.16
CA VAL D 69 11.52 -12.90 -24.02
C VAL D 69 12.50 -12.84 -22.86
N LEU D 70 12.64 -11.67 -22.26
CA LEU D 70 13.50 -11.49 -21.10
C LEU D 70 12.67 -10.95 -19.94
N VAL D 71 12.73 -11.66 -18.81
CA VAL D 71 12.12 -11.22 -17.56
C VAL D 71 13.21 -11.12 -16.51
N GLY D 72 13.05 -10.18 -15.59
CA GLY D 72 14.05 -9.98 -14.56
C GLY D 72 13.60 -8.93 -13.57
N SER D 73 14.51 -8.59 -12.65
CA SER D 73 14.23 -7.63 -11.60
C SER D 73 15.52 -6.90 -11.26
N PRO D 74 15.42 -5.65 -10.81
CA PRO D 74 16.63 -4.94 -10.36
C PRO D 74 17.17 -5.52 -9.06
N ARG D 75 18.46 -5.30 -8.85
CA ARG D 75 19.13 -5.72 -7.64
C ARG D 75 19.77 -4.52 -6.96
N LYS D 76 20.00 -4.67 -5.66
CA LYS D 76 20.80 -3.72 -4.89
C LYS D 76 22.27 -4.11 -4.88
N ASP D 77 22.60 -5.27 -5.44
CA ASP D 77 23.94 -5.83 -5.32
C ASP D 77 24.96 -5.11 -6.18
N GLY D 78 24.52 -4.42 -7.23
CA GLY D 78 25.47 -4.04 -8.24
C GLY D 78 25.93 -5.21 -9.09
N LEU D 79 25.26 -6.35 -8.99
CA LEU D 79 25.59 -7.55 -9.76
C LEU D 79 24.58 -7.79 -10.88
N VAL D 80 25.04 -8.52 -11.89
CA VAL D 80 24.17 -9.01 -12.97
C VAL D 80 24.17 -10.54 -12.89
N SER D 81 22.99 -11.13 -12.73
CA SER D 81 22.83 -12.57 -12.67
C SER D 81 21.89 -12.99 -13.78
N LEU D 82 22.38 -13.85 -14.67
CA LEU D 82 21.67 -14.19 -15.90
C LEU D 82 21.44 -15.68 -16.00
N LEU D 83 20.32 -16.05 -16.63
CA LEU D 83 20.04 -17.43 -16.97
C LEU D 83 19.32 -17.48 -18.31
N THR D 84 19.82 -18.31 -19.22
CA THR D 84 19.16 -18.59 -20.48
C THR D 84 18.73 -20.05 -20.48
N THR D 85 17.53 -20.31 -20.98
CA THR D 85 17.00 -21.66 -21.06
C THR D 85 17.22 -22.30 -22.42
N SER D 86 17.95 -21.63 -23.31
CA SER D 86 18.17 -22.15 -24.65
C SER D 86 19.25 -23.23 -24.62
N GLU D 87 18.93 -24.39 -25.21
CA GLU D 87 19.84 -25.53 -25.13
C GLU D 87 21.05 -25.34 -26.04
N GLY D 88 20.86 -24.68 -27.18
CA GLY D 88 21.95 -24.47 -28.11
C GLY D 88 22.93 -23.43 -27.63
N ALA D 89 22.75 -22.97 -26.40
CA ALA D 89 23.59 -21.92 -25.84
C ALA D 89 24.92 -22.49 -25.36
N ASP D 90 25.91 -21.60 -25.32
CA ASP D 90 27.24 -21.95 -24.83
C ASP D 90 27.18 -22.28 -23.34
N GLU D 91 27.80 -23.39 -22.94
CA GLU D 91 27.78 -23.76 -21.53
C GLU D 91 28.79 -22.92 -20.74
N PRO D 92 28.46 -22.51 -19.51
CA PRO D 92 27.29 -22.77 -18.68
C PRO D 92 26.13 -21.82 -18.98
N GLN D 93 24.89 -22.28 -18.80
CA GLN D 93 23.73 -21.45 -19.09
C GLN D 93 23.46 -20.41 -18.01
N ARG D 94 24.27 -20.35 -16.96
CA ARG D 94 24.18 -19.31 -15.94
C ARG D 94 25.48 -18.54 -15.88
N LEU D 95 25.38 -17.25 -15.57
CA LEU D 95 26.56 -16.43 -15.42
C LEU D 95 26.24 -15.25 -14.51
N GLN D 96 27.22 -14.85 -13.71
CA GLN D 96 27.12 -13.69 -12.84
C GLN D 96 28.41 -12.91 -12.90
N PHE D 97 28.29 -11.59 -12.88
CA PHE D 97 29.43 -10.69 -12.96
C PHE D 97 29.02 -9.35 -12.37
N PRO D 98 29.97 -8.58 -11.86
CA PRO D 98 29.62 -7.27 -11.32
C PRO D 98 29.44 -6.27 -12.45
N LEU D 99 28.69 -5.21 -12.15
CA LEU D 99 28.42 -4.20 -13.14
C LEU D 99 29.73 -3.54 -13.56
N PRO D 100 29.82 -3.04 -14.80
CA PRO D 100 31.04 -2.33 -15.20
C PRO D 100 31.16 -1.01 -14.46
N THR D 101 32.40 -0.57 -14.26
CA THR D 101 32.70 0.65 -13.56
C THR D 101 33.58 1.52 -14.43
N ALA D 102 33.79 2.77 -14.00
CA ALA D 102 34.79 3.62 -14.63
C ALA D 102 36.17 3.00 -14.53
N GLN D 103 36.43 2.23 -13.47
CA GLN D 103 37.72 1.57 -13.30
C GLN D 103 37.90 0.43 -14.28
N ARG D 104 37.16 -0.66 -14.08
CA ARG D 104 37.22 -1.82 -14.97
C ARG D 104 35.91 -1.98 -15.72
N SER D 105 36.02 -2.29 -17.01
CA SER D 105 34.87 -2.50 -17.87
C SER D 105 34.67 -3.98 -18.15
N LEU D 106 33.43 -4.34 -18.49
CA LEU D 106 33.13 -5.72 -18.84
C LEU D 106 34.05 -6.18 -19.97
N GLU D 107 34.29 -7.49 -20.03
CA GLU D 107 35.17 -8.05 -21.03
C GLU D 107 34.51 -9.26 -21.69
N PRO D 108 34.63 -9.39 -23.02
CA PRO D 108 34.13 -10.59 -23.69
C PRO D 108 34.89 -11.82 -23.24
N GLY D 109 34.17 -12.77 -22.64
CA GLY D 109 34.79 -14.01 -22.21
C GLY D 109 33.93 -15.21 -22.52
N THR D 110 33.85 -16.14 -21.58
CA THR D 110 33.01 -17.32 -21.70
C THR D 110 32.02 -17.38 -20.55
N PRO D 111 30.80 -17.88 -20.78
CA PRO D 111 30.42 -18.41 -22.09
C PRO D 111 30.23 -17.31 -23.14
N ARG D 112 30.35 -17.69 -24.41
CA ARG D 112 30.27 -16.72 -25.49
C ARG D 112 28.92 -16.02 -25.52
N TRP D 113 27.84 -16.75 -25.28
CA TRP D 113 26.51 -16.17 -25.43
C TRP D 113 26.29 -14.96 -24.51
N ALA D 114 26.92 -14.95 -23.33
CA ALA D 114 26.74 -13.83 -22.43
C ALA D 114 27.42 -12.57 -22.94
N ASN D 115 28.32 -12.68 -23.92
CA ASN D 115 28.98 -11.50 -24.46
C ASN D 115 27.99 -10.52 -25.09
N TYR D 116 26.90 -11.02 -25.67
CA TYR D 116 25.95 -10.13 -26.32
C TYR D 116 25.29 -9.19 -25.32
N VAL D 117 24.87 -9.72 -24.17
CA VAL D 117 24.28 -8.87 -23.14
C VAL D 117 25.35 -8.02 -22.47
N LYS D 118 26.54 -8.59 -22.27
CA LYS D 118 27.63 -7.80 -21.70
C LYS D 118 27.92 -6.57 -22.56
N GLY D 119 27.96 -6.76 -23.88
CA GLY D 119 28.22 -5.63 -24.77
C GLY D 119 27.16 -4.56 -24.69
N VAL D 120 25.89 -4.95 -24.69
CA VAL D 120 24.80 -3.97 -24.59
C VAL D 120 24.87 -3.24 -23.27
N ILE D 121 25.16 -3.95 -22.18
CA ILE D 121 25.31 -3.29 -20.89
C ILE D 121 26.45 -2.29 -20.93
N GLN D 122 27.59 -2.70 -21.47
CA GLN D 122 28.77 -1.83 -21.47
C GLN D 122 28.53 -0.55 -22.26
N TYR D 123 27.80 -0.63 -23.37
CA TYR D 123 27.58 0.51 -24.24
C TYR D 123 26.22 1.17 -24.05
N TYR D 124 25.46 0.75 -23.05
CA TYR D 124 24.17 1.39 -22.79
C TYR D 124 24.40 2.85 -22.43
N PRO D 125 23.67 3.80 -23.02
CA PRO D 125 24.05 5.22 -22.90
C PRO D 125 23.52 5.92 -21.66
N ALA D 126 22.72 5.27 -20.83
CA ALA D 126 22.09 5.93 -19.69
C ALA D 126 22.68 5.42 -18.37
N ALA D 127 22.51 6.23 -17.33
CA ALA D 127 23.01 5.91 -16.01
C ALA D 127 22.10 6.55 -14.98
N PRO D 128 22.05 6.00 -13.76
CA PRO D 128 22.84 4.84 -13.34
C PRO D 128 22.15 3.51 -13.65
N LEU D 129 22.90 2.54 -14.15
CA LEU D 129 22.34 1.22 -14.43
C LEU D 129 22.49 0.34 -13.20
N PRO D 130 21.40 -0.15 -12.62
CA PRO D 130 21.50 -1.04 -11.47
C PRO D 130 21.83 -2.46 -11.88
N GLY D 131 22.28 -3.24 -10.89
CA GLY D 131 22.33 -4.67 -11.07
C GLY D 131 20.95 -5.26 -11.26
N PHE D 132 20.91 -6.47 -11.80
CA PHE D 132 19.63 -7.12 -12.04
C PHE D 132 19.83 -8.63 -12.17
N SER D 133 18.73 -9.35 -11.93
CA SER D 133 18.60 -10.75 -12.28
C SER D 133 17.62 -10.87 -13.45
N ALA D 134 17.89 -11.82 -14.34
CA ALA D 134 17.07 -11.97 -15.53
C ALA D 134 17.24 -13.38 -16.09
N VAL D 135 16.16 -13.90 -16.67
CA VAL D 135 16.20 -15.15 -17.43
C VAL D 135 15.78 -14.85 -18.86
N VAL D 136 16.45 -15.50 -19.81
CA VAL D 136 16.18 -15.36 -21.24
C VAL D 136 15.57 -16.65 -21.75
N VAL D 137 14.47 -16.54 -22.47
CA VAL D 137 13.93 -17.66 -23.21
C VAL D 137 13.71 -17.19 -24.65
N SER D 138 13.83 -18.11 -25.60
CA SER D 138 13.80 -17.74 -27.00
C SER D 138 13.28 -18.89 -27.84
N SER D 139 12.45 -18.55 -28.82
CA SER D 139 12.04 -19.47 -29.87
C SER D 139 12.77 -19.23 -31.17
N VAL D 140 13.74 -18.33 -31.18
CA VAL D 140 14.54 -18.06 -32.37
C VAL D 140 15.65 -19.11 -32.39
N PRO D 141 15.76 -19.92 -33.43
CA PRO D 141 16.80 -20.95 -33.44
C PRO D 141 18.18 -20.31 -33.48
N LEU D 142 19.02 -20.67 -32.52
CA LEU D 142 20.34 -20.08 -32.43
C LEU D 142 21.19 -20.52 -33.60
N GLY D 143 21.75 -19.55 -34.32
CA GLY D 143 22.62 -19.84 -35.44
C GLY D 143 21.92 -20.24 -36.71
N GLY D 144 20.61 -20.06 -36.80
CA GLY D 144 19.82 -20.43 -37.96
C GLY D 144 19.63 -19.35 -39.00
N GLY D 145 20.28 -18.20 -38.84
CA GLY D 145 20.17 -17.12 -39.79
C GLY D 145 18.99 -16.20 -39.57
N LEU D 146 18.20 -16.43 -38.53
CA LEU D 146 17.07 -15.57 -38.20
C LEU D 146 17.45 -14.50 -37.17
N SER D 147 18.74 -14.33 -36.91
CA SER D 147 19.26 -13.27 -36.04
C SER D 147 18.71 -13.40 -34.62
N SER D 148 18.98 -14.54 -34.00
CA SER D 148 18.77 -14.65 -32.55
C SER D 148 19.69 -13.69 -31.80
N SER D 149 20.89 -13.44 -32.31
CA SER D 149 21.81 -12.52 -31.66
C SER D 149 21.18 -11.14 -31.51
N ALA D 150 20.69 -10.56 -32.61
CA ALA D 150 20.07 -9.24 -32.54
C ALA D 150 18.82 -9.26 -31.66
N SER D 151 18.03 -10.34 -31.76
CA SER D 151 16.89 -10.50 -30.86
C SER D 151 17.34 -10.43 -29.40
N LEU D 152 18.42 -11.13 -29.08
CA LEU D 152 18.94 -11.11 -27.72
C LEU D 152 19.43 -9.72 -27.33
N GLU D 153 20.17 -9.06 -28.23
CA GLU D 153 20.71 -7.75 -27.92
C GLU D 153 19.58 -6.73 -27.74
N VAL D 154 18.60 -6.74 -28.64
CA VAL D 154 17.53 -5.76 -28.57
C VAL D 154 16.64 -6.04 -27.36
N ALA D 155 16.39 -7.31 -27.07
CA ALA D 155 15.67 -7.66 -25.85
C ALA D 155 16.41 -7.12 -24.63
N THR D 156 17.71 -7.37 -24.56
CA THR D 156 18.51 -6.81 -23.48
C THR D 156 18.38 -5.29 -23.42
N TYR D 157 18.54 -4.63 -24.57
CA TYR D 157 18.44 -3.18 -24.59
C TYR D 157 17.08 -2.72 -24.06
N THR D 158 16.01 -3.34 -24.54
CA THR D 158 14.68 -2.97 -24.07
C THR D 158 14.54 -3.22 -22.57
N PHE D 159 15.19 -4.27 -22.07
CA PHE D 159 15.17 -4.53 -20.62
C PHE D 159 15.89 -3.42 -19.86
N LEU D 160 17.10 -3.06 -20.28
CA LEU D 160 17.82 -2.01 -19.58
C LEU D 160 17.03 -0.70 -19.58
N GLN D 161 16.21 -0.48 -20.61
CA GLN D 161 15.36 0.71 -20.62
C GLN D 161 14.39 0.71 -19.46
N GLN D 162 13.99 -0.48 -18.99
CA GLN D 162 13.11 -0.54 -17.82
C GLN D 162 13.86 -0.15 -16.56
N LEU D 163 15.12 -0.59 -16.45
CA LEU D 163 15.95 -0.24 -15.31
C LEU D 163 16.34 1.24 -15.35
N CYS D 164 16.57 1.78 -16.55
CA CYS D 164 17.06 3.13 -16.69
C CYS D 164 16.72 3.67 -18.07
N PRO D 165 15.58 4.33 -18.23
CA PRO D 165 15.15 4.76 -19.58
C PRO D 165 16.16 5.71 -20.22
N ASP D 166 16.36 5.54 -21.52
CA ASP D 166 17.27 6.38 -22.30
C ASP D 166 16.51 7.51 -22.98
N SER D 167 17.28 8.43 -23.56
CA SER D 167 16.75 9.62 -24.22
C SER D 167 16.75 9.53 -25.73
N GLY D 168 17.77 8.90 -26.31
CA GLY D 168 18.05 8.96 -27.73
C GLY D 168 17.03 8.35 -28.68
N THR D 169 17.48 8.10 -29.91
CA THR D 169 16.63 7.70 -31.02
C THR D 169 16.51 6.18 -31.11
N ILE D 170 15.51 5.73 -31.88
CA ILE D 170 15.37 4.31 -32.15
C ILE D 170 16.60 3.80 -32.90
N ALA D 171 17.10 4.62 -33.83
CA ALA D 171 18.33 4.27 -34.55
C ALA D 171 19.51 4.17 -33.59
N ALA D 172 19.56 5.07 -32.59
CA ALA D 172 20.65 5.02 -31.62
C ALA D 172 20.65 3.69 -30.86
N ARG D 173 19.46 3.19 -30.51
CA ARG D 173 19.37 1.88 -29.85
C ARG D 173 19.92 0.78 -30.76
N ALA D 174 19.52 0.79 -32.04
CA ALA D 174 20.04 -0.18 -32.98
C ALA D 174 21.56 -0.10 -33.07
N GLN D 175 22.11 1.11 -33.12
CA GLN D 175 23.56 1.27 -33.25
C GLN D 175 24.29 0.83 -31.99
N VAL D 176 23.68 1.00 -30.81
CA VAL D 176 24.28 0.47 -29.58
C VAL D 176 24.37 -1.04 -29.64
N CYS D 177 23.26 -1.69 -30.03
CA CYS D 177 23.25 -3.15 -30.12
C CYS D 177 24.24 -3.64 -31.16
N GLN D 178 24.44 -2.88 -32.24
CA GLN D 178 25.40 -3.27 -33.25
C GLN D 178 26.82 -3.13 -32.73
N GLN D 179 27.10 -2.05 -31.99
CA GLN D 179 28.42 -1.89 -31.37
C GLN D 179 28.75 -3.08 -30.48
N ALA D 180 27.77 -3.56 -29.71
CA ALA D 180 27.99 -4.71 -28.84
C ALA D 180 28.40 -5.94 -29.64
N GLU D 181 27.69 -6.23 -30.73
CA GLU D 181 28.04 -7.39 -31.54
C GLU D 181 29.44 -7.26 -32.14
N HIS D 182 29.83 -6.04 -32.51
CA HIS D 182 31.16 -5.83 -33.05
C HIS D 182 32.24 -6.10 -32.01
N SER D 183 32.17 -5.42 -30.87
CA SER D 183 33.27 -5.43 -29.91
C SER D 183 33.27 -6.65 -28.99
N PHE D 184 32.09 -7.16 -28.63
CA PHE D 184 32.01 -8.25 -27.67
C PHE D 184 31.76 -9.60 -28.30
N ALA D 185 31.15 -9.64 -29.48
CA ALA D 185 30.93 -10.89 -30.20
C ALA D 185 31.90 -11.10 -31.36
N GLY D 186 32.69 -10.09 -31.71
CA GLY D 186 33.63 -10.21 -32.81
C GLY D 186 32.98 -10.41 -34.17
N MET D 187 31.77 -9.90 -34.36
CA MET D 187 31.02 -10.07 -35.60
C MET D 187 30.65 -8.71 -36.18
N PRO D 188 31.35 -8.25 -37.25
CA PRO D 188 31.09 -6.90 -37.80
C PRO D 188 29.85 -6.86 -38.70
N CYS D 189 28.69 -6.92 -38.06
CA CYS D 189 27.42 -6.93 -38.77
C CYS D 189 27.02 -5.52 -39.21
N GLY D 190 25.96 -5.46 -40.02
CA GLY D 190 25.31 -4.21 -40.35
C GLY D 190 24.19 -3.89 -39.37
N ILE D 191 23.48 -2.80 -39.67
CA ILE D 191 22.42 -2.33 -38.77
C ILE D 191 21.09 -3.04 -39.01
N MET D 192 20.97 -3.82 -40.08
CA MET D 192 19.67 -4.34 -40.47
C MET D 192 19.01 -5.14 -39.35
N ASP D 193 19.72 -6.14 -38.81
CA ASP D 193 19.09 -7.07 -37.88
C ASP D 193 18.60 -6.35 -36.63
N GLN D 194 19.45 -5.51 -36.04
CA GLN D 194 19.03 -4.74 -34.87
C GLN D 194 17.88 -3.82 -35.22
N PHE D 195 17.94 -3.20 -36.41
CA PHE D 195 16.94 -2.21 -36.79
C PHE D 195 15.57 -2.84 -36.95
N ILE D 196 15.50 -4.00 -37.60
CA ILE D 196 14.21 -4.65 -37.84
C ILE D 196 13.65 -5.18 -36.52
N SER D 197 14.51 -5.68 -35.64
CA SER D 197 14.05 -6.13 -34.34
C SER D 197 13.45 -4.98 -33.55
N LEU D 198 13.99 -3.77 -33.71
CA LEU D 198 13.47 -2.59 -33.00
C LEU D 198 12.26 -1.98 -33.70
N MET D 199 12.23 -2.03 -35.03
CA MET D 199 11.33 -1.20 -35.82
C MET D 199 10.17 -1.97 -36.44
N GLY D 200 10.11 -3.29 -36.28
CA GLY D 200 9.08 -4.05 -36.95
C GLY D 200 7.67 -3.65 -36.53
N GLN D 201 6.75 -3.74 -37.48
CA GLN D 201 5.33 -3.55 -37.25
C GLN D 201 4.61 -4.74 -37.89
N LYS D 202 3.66 -5.32 -37.15
CA LYS D 202 2.99 -6.52 -37.65
C LYS D 202 2.21 -6.18 -38.92
N GLY D 203 2.17 -7.14 -39.85
CA GLY D 203 1.56 -6.87 -41.14
C GLY D 203 2.34 -5.92 -42.02
N HIS D 204 3.65 -5.82 -41.81
CA HIS D 204 4.47 -4.91 -42.59
C HIS D 204 5.87 -5.49 -42.77
N ALA D 205 6.45 -5.24 -43.94
CA ALA D 205 7.88 -5.36 -44.16
C ALA D 205 8.50 -3.98 -44.00
N LEU D 206 9.81 -3.95 -43.78
CA LEU D 206 10.51 -2.70 -43.51
C LEU D 206 11.53 -2.47 -44.62
N LEU D 207 11.24 -1.51 -45.50
CA LEU D 207 12.24 -1.05 -46.45
C LEU D 207 13.16 -0.09 -45.73
N ILE D 208 14.39 -0.53 -45.47
CA ILE D 208 15.35 0.23 -44.68
C ILE D 208 16.43 0.75 -45.62
N ASP D 209 16.60 2.06 -45.64
CA ASP D 209 17.71 2.69 -46.37
C ASP D 209 18.88 2.82 -45.40
N CYS D 210 19.87 1.94 -45.56
CA CYS D 210 20.98 1.87 -44.61
C CYS D 210 21.98 3.00 -44.78
N ARG D 211 21.77 3.90 -45.74
CA ARG D 211 22.57 5.12 -45.85
C ARG D 211 22.02 6.24 -44.98
N SER D 212 20.74 6.58 -45.17
CA SER D 212 20.09 7.65 -44.42
C SER D 212 19.29 7.16 -43.23
N LEU D 213 19.03 5.84 -43.14
CA LEU D 213 18.18 5.24 -42.13
C LEU D 213 16.71 5.62 -42.29
N GLU D 214 16.34 6.20 -43.43
CA GLU D 214 14.93 6.34 -43.76
C GLU D 214 14.27 4.96 -43.77
N THR D 215 13.05 4.90 -43.28
CA THR D 215 12.33 3.64 -43.15
C THR D 215 10.93 3.77 -43.75
N SER D 216 10.48 2.68 -44.37
CA SER D 216 9.15 2.61 -44.95
C SER D 216 8.47 1.34 -44.49
N LEU D 217 7.28 1.48 -43.92
CA LEU D 217 6.46 0.34 -43.55
C LEU D 217 5.63 -0.04 -44.77
N VAL D 218 5.90 -1.20 -45.34
CA VAL D 218 5.25 -1.68 -46.54
C VAL D 218 4.29 -2.79 -46.16
N PRO D 219 2.99 -2.64 -46.39
CA PRO D 219 2.03 -3.64 -45.90
C PRO D 219 2.33 -5.03 -46.45
N LEU D 220 2.28 -6.03 -45.55
CA LEU D 220 2.38 -7.45 -45.88
C LEU D 220 1.29 -8.14 -45.06
N SER D 221 0.06 -8.12 -45.58
CA SER D 221 -1.10 -8.62 -44.85
C SER D 221 -2.09 -9.15 -45.89
N ASP D 222 -1.78 -10.31 -46.45
CA ASP D 222 -2.62 -10.94 -47.47
C ASP D 222 -2.86 -12.39 -47.07
N PRO D 223 -4.07 -12.76 -46.65
CA PRO D 223 -4.34 -14.17 -46.33
C PRO D 223 -4.03 -15.12 -47.48
N LYS D 224 -4.01 -14.63 -48.72
CA LYS D 224 -3.64 -15.47 -49.85
C LYS D 224 -2.14 -15.67 -49.98
N LEU D 225 -1.32 -14.89 -49.28
CA LEU D 225 0.13 -14.94 -49.39
C LEU D 225 0.74 -15.46 -48.09
N ALA D 226 1.69 -16.38 -48.21
CA ALA D 226 2.41 -16.88 -47.06
C ALA D 226 3.92 -16.78 -47.29
N VAL D 227 4.66 -16.66 -46.20
CA VAL D 227 6.12 -16.62 -46.21
C VAL D 227 6.63 -17.88 -45.52
N LEU D 228 7.27 -18.75 -46.29
CA LEU D 228 7.76 -20.03 -45.77
C LEU D 228 9.26 -19.92 -45.51
N ILE D 229 9.65 -20.12 -44.26
CA ILE D 229 11.04 -20.10 -43.85
C ILE D 229 11.50 -21.54 -43.66
N THR D 230 12.62 -21.89 -44.30
CA THR D 230 13.17 -23.24 -44.25
C THR D 230 14.56 -23.17 -43.64
N ASN D 231 14.73 -23.80 -42.48
CA ASN D 231 16.03 -23.88 -41.83
C ASN D 231 16.73 -25.12 -42.35
N SER D 232 17.88 -24.93 -43.03
CA SER D 232 18.65 -26.08 -43.48
C SER D 232 19.28 -26.83 -42.33
N ASN D 233 19.29 -26.25 -41.13
CA ASN D 233 19.96 -26.84 -39.97
C ASN D 233 21.41 -27.14 -40.29
N VAL D 234 22.05 -26.22 -41.01
CA VAL D 234 23.46 -26.33 -41.37
C VAL D 234 24.19 -25.08 -40.91
N ALA D 239 32.06 -21.15 -41.54
CA ALA D 239 32.52 -20.36 -42.68
C ALA D 239 32.24 -18.88 -42.48
N SER D 240 31.88 -18.50 -41.26
CA SER D 240 31.59 -17.11 -40.94
C SER D 240 32.83 -16.26 -40.79
N SER D 241 34.01 -16.82 -41.08
CA SER D 241 35.22 -16.02 -41.22
C SER D 241 35.30 -15.38 -42.60
N GLU D 242 34.34 -15.66 -43.48
CA GLU D 242 34.34 -15.08 -44.81
C GLU D 242 33.43 -13.86 -44.91
N TYR D 243 32.49 -13.71 -43.98
CA TYR D 243 31.69 -12.49 -43.91
C TYR D 243 32.54 -11.23 -43.86
N PRO D 244 33.49 -11.09 -42.94
CA PRO D 244 34.37 -9.91 -42.98
C PRO D 244 35.21 -9.85 -44.24
N VAL D 245 35.43 -10.98 -44.91
CA VAL D 245 36.20 -10.98 -46.14
C VAL D 245 35.39 -10.34 -47.26
N ARG D 246 34.10 -10.67 -47.36
CA ARG D 246 33.23 -10.00 -48.32
C ARG D 246 33.17 -8.50 -48.00
N ARG D 247 33.01 -8.16 -46.71
CA ARG D 247 33.00 -6.76 -46.31
C ARG D 247 34.28 -6.04 -46.72
N ARG D 248 35.42 -6.73 -46.60
CA ARG D 248 36.69 -6.10 -47.01
C ARG D 248 36.72 -5.86 -48.51
N GLN D 249 36.30 -6.85 -49.30
CA GLN D 249 36.31 -6.70 -50.75
C GLN D 249 35.44 -5.52 -51.20
N CYS D 250 34.22 -5.42 -50.66
CA CYS D 250 33.35 -4.31 -51.03
C CYS D 250 34.01 -2.97 -50.74
N GLU D 251 34.66 -2.85 -49.57
CA GLU D 251 35.36 -1.60 -49.27
C GLU D 251 36.49 -1.35 -50.26
N GLU D 252 37.23 -2.40 -50.64
CA GLU D 252 38.32 -2.23 -51.59
C GLU D 252 37.82 -1.74 -52.95
N VAL D 253 36.69 -2.28 -53.42
CA VAL D 253 36.18 -1.88 -54.72
C VAL D 253 35.69 -0.44 -54.69
N ALA D 254 35.08 -0.02 -53.58
CA ALA D 254 34.59 1.35 -53.48
C ALA D 254 35.73 2.35 -53.52
N ARG D 255 36.82 2.06 -52.79
CA ARG D 255 37.99 2.92 -52.86
C ARG D 255 38.55 2.98 -54.27
N ALA D 256 38.67 1.82 -54.93
CA ALA D 256 39.18 1.79 -56.30
C ALA D 256 38.38 2.71 -57.21
N LEU D 257 37.07 2.80 -57.00
CA LEU D 257 36.22 3.69 -57.78
C LEU D 257 36.09 5.06 -57.16
N GLY D 258 36.80 5.32 -56.06
CA GLY D 258 36.75 6.62 -55.41
C GLY D 258 35.38 7.01 -54.90
N ALA D 259 34.62 6.04 -54.41
CA ALA D 259 33.28 6.28 -53.91
C ALA D 259 33.20 5.99 -52.41
N ALA D 260 32.26 6.64 -51.75
CA ALA D 260 32.12 6.45 -50.31
C ALA D 260 31.61 5.05 -49.99
N SER D 261 30.67 4.54 -50.79
CA SER D 261 30.19 3.17 -50.64
C SER D 261 29.64 2.72 -51.99
N LEU D 262 29.46 1.39 -52.12
CA LEU D 262 28.91 0.83 -53.34
C LEU D 262 27.50 1.31 -53.64
N ARG D 263 26.83 1.96 -52.69
CA ARG D 263 25.49 2.46 -52.95
C ARG D 263 25.49 3.59 -53.97
N GLU D 264 26.57 4.38 -54.03
CA GLU D 264 26.65 5.47 -54.99
C GLU D 264 27.09 4.98 -56.35
N VAL D 265 27.24 3.67 -56.53
CA VAL D 265 27.71 3.08 -57.77
C VAL D 265 26.59 2.25 -58.37
N GLN D 266 26.33 2.47 -59.65
CA GLN D 266 25.38 1.68 -60.42
C GLN D 266 26.13 0.79 -61.40
N LEU D 267 25.39 -0.20 -61.92
CA LEU D 267 26.01 -1.21 -62.79
C LEU D 267 26.81 -0.55 -63.90
N GLU D 268 26.25 0.47 -64.55
CA GLU D 268 26.94 1.11 -65.67
C GLU D 268 28.29 1.69 -65.26
N GLU D 269 28.37 2.38 -64.13
CA GLU D 269 29.66 2.88 -63.71
C GLU D 269 30.60 1.73 -63.35
N LEU D 270 30.06 0.65 -62.77
CA LEU D 270 30.88 -0.52 -62.46
C LEU D 270 31.44 -1.16 -63.73
N GLU D 271 30.64 -1.17 -64.80
CA GLU D 271 31.10 -1.73 -66.07
C GLU D 271 32.25 -0.90 -66.66
N ALA D 272 32.12 0.43 -66.61
CA ALA D 272 33.17 1.29 -67.15
C ALA D 272 34.48 1.09 -66.41
N ALA D 273 34.43 0.94 -65.09
CA ALA D 273 35.62 0.81 -64.26
C ALA D 273 36.04 -0.64 -64.04
N ARG D 274 35.60 -1.55 -64.91
CA ARG D 274 35.88 -2.97 -64.72
C ARG D 274 37.37 -3.24 -64.49
N ASP D 275 38.24 -2.54 -65.20
CA ASP D 275 39.66 -2.79 -65.19
C ASP D 275 40.41 -2.12 -64.03
N LEU D 276 39.73 -1.33 -63.20
CA LEU D 276 40.39 -0.74 -62.04
C LEU D 276 40.34 -1.63 -60.81
N VAL D 277 39.45 -2.63 -60.80
CA VAL D 277 39.31 -3.55 -59.68
C VAL D 277 39.58 -4.96 -60.18
N SER D 278 39.77 -5.87 -59.23
CA SER D 278 40.03 -7.26 -59.59
C SER D 278 38.74 -7.93 -60.11
N LYS D 279 38.94 -9.02 -60.85
CA LYS D 279 37.80 -9.75 -61.40
C LYS D 279 36.84 -10.22 -60.31
N GLU D 280 37.38 -10.82 -59.25
CA GLU D 280 36.53 -11.24 -58.15
C GLU D 280 35.85 -10.04 -57.50
N GLY D 281 36.61 -8.97 -57.27
CA GLY D 281 36.00 -7.75 -56.73
C GLY D 281 34.87 -7.24 -57.59
N PHE D 282 35.00 -7.38 -58.91
CA PHE D 282 33.93 -6.92 -59.80
C PHE D 282 32.67 -7.74 -59.59
N ARG D 283 32.80 -9.06 -59.45
CA ARG D 283 31.63 -9.89 -59.21
C ARG D 283 31.00 -9.55 -57.87
N ARG D 284 31.83 -9.30 -56.84
CA ARG D 284 31.31 -8.87 -55.55
C ARG D 284 30.48 -7.61 -55.71
N ALA D 285 31.05 -6.58 -56.35
CA ALA D 285 30.33 -5.32 -56.50
C ALA D 285 29.10 -5.47 -57.39
N ARG D 286 29.17 -6.37 -58.38
CA ARG D 286 28.01 -6.54 -59.26
C ARG D 286 26.79 -7.04 -58.49
N HIS D 287 27.00 -7.93 -57.53
CA HIS D 287 25.89 -8.36 -56.69
C HIS D 287 25.32 -7.20 -55.90
N VAL D 288 26.18 -6.49 -55.17
CA VAL D 288 25.72 -5.41 -54.28
C VAL D 288 24.91 -4.40 -55.08
N VAL D 289 25.51 -3.83 -56.12
CA VAL D 289 24.83 -2.81 -56.91
C VAL D 289 23.52 -3.34 -57.47
N GLY D 290 23.51 -4.60 -57.93
CA GLY D 290 22.30 -5.17 -58.47
C GLY D 290 21.30 -5.56 -57.41
N GLU D 291 21.79 -5.97 -56.23
CA GLU D 291 20.89 -6.30 -55.14
C GLU D 291 20.18 -5.04 -54.62
N ILE D 292 20.91 -3.93 -54.52
CA ILE D 292 20.28 -2.68 -54.08
C ILE D 292 19.12 -2.33 -55.00
N ARG D 293 19.35 -2.40 -56.31
N ARG D 293 19.35 -2.43 -56.31
CA ARG D 293 18.28 -2.09 -57.25
CA ARG D 293 18.29 -2.12 -57.27
C ARG D 293 17.15 -3.11 -57.16
C ARG D 293 17.15 -3.12 -57.17
N ARG D 294 17.49 -4.40 -57.00
CA ARG D 294 16.45 -5.42 -56.86
C ARG D 294 15.57 -5.15 -55.65
N THR D 295 16.17 -4.69 -54.54
CA THR D 295 15.39 -4.40 -53.35
C THR D 295 14.35 -3.30 -53.63
N ALA D 296 14.80 -2.20 -54.24
CA ALA D 296 13.87 -1.14 -54.60
C ALA D 296 12.79 -1.63 -55.54
N GLN D 297 13.14 -2.54 -56.46
CA GLN D 297 12.14 -3.09 -57.36
C GLN D 297 11.16 -3.98 -56.63
N ALA D 298 11.65 -4.76 -55.65
CA ALA D 298 10.76 -5.65 -54.91
C ALA D 298 9.80 -4.87 -54.03
N ALA D 299 10.26 -3.77 -53.43
CA ALA D 299 9.36 -2.92 -52.67
C ALA D 299 8.27 -2.33 -53.57
N ALA D 300 8.67 -1.85 -54.76
CA ALA D 300 7.70 -1.33 -55.71
C ALA D 300 6.75 -2.43 -56.18
N ALA D 301 7.30 -3.60 -56.49
CA ALA D 301 6.47 -4.73 -56.88
C ALA D 301 5.49 -5.11 -55.77
N LEU D 302 5.96 -5.07 -54.51
CA LEU D 302 5.11 -5.45 -53.40
C LEU D 302 3.99 -4.45 -53.18
N ARG D 303 4.24 -3.18 -53.45
CA ARG D 303 3.21 -2.16 -53.23
C ARG D 303 2.02 -2.38 -54.16
N ARG D 304 2.26 -2.90 -55.36
CA ARG D 304 1.20 -3.17 -56.31
C ARG D 304 0.69 -4.61 -56.23
N GLY D 305 1.22 -5.41 -55.31
CA GLY D 305 0.75 -6.77 -55.15
C GLY D 305 1.22 -7.75 -56.20
N ASP D 306 2.29 -7.43 -56.93
CA ASP D 306 2.81 -8.30 -57.99
C ASP D 306 3.68 -9.37 -57.35
N TYR D 307 3.03 -10.38 -56.78
CA TYR D 307 3.77 -11.43 -56.07
C TYR D 307 4.65 -12.22 -57.04
N ARG D 308 4.23 -12.35 -58.29
CA ARG D 308 5.07 -13.02 -59.28
C ARG D 308 6.35 -12.23 -59.53
N ALA D 309 6.23 -10.91 -59.71
CA ALA D 309 7.40 -10.09 -59.94
C ALA D 309 8.34 -10.12 -58.72
N PHE D 310 7.77 -10.01 -57.53
CA PHE D 310 8.59 -10.12 -56.32
C PHE D 310 9.28 -11.48 -56.25
N GLY D 311 8.55 -12.55 -56.59
CA GLY D 311 9.17 -13.86 -56.61
C GLY D 311 10.33 -13.95 -57.58
N ARG D 312 10.19 -13.34 -58.75
CA ARG D 312 11.28 -13.41 -59.73
C ARG D 312 12.51 -12.67 -59.24
N LEU D 313 12.33 -11.50 -58.64
CA LEU D 313 13.47 -10.77 -58.09
C LEU D 313 14.16 -11.56 -56.99
N MET D 314 13.39 -12.34 -56.22
CA MET D 314 13.98 -13.20 -55.20
C MET D 314 14.93 -14.22 -55.81
N VAL D 315 14.55 -14.82 -56.94
CA VAL D 315 15.39 -15.84 -57.56
C VAL D 315 16.63 -15.23 -58.17
N GLU D 316 16.51 -14.02 -58.74
CA GLU D 316 17.70 -13.32 -59.20
C GLU D 316 18.66 -13.07 -58.05
N SER D 317 18.15 -12.66 -56.89
CA SER D 317 18.99 -12.43 -55.74
C SER D 317 19.80 -13.69 -55.38
N HIS D 318 19.15 -14.86 -55.41
CA HIS D 318 19.86 -16.09 -55.07
C HIS D 318 20.97 -16.38 -56.06
N ARG D 319 20.68 -16.31 -57.36
CA ARG D 319 21.71 -16.52 -58.37
C ARG D 319 22.90 -15.60 -58.13
N SER D 320 22.62 -14.32 -57.87
CA SER D 320 23.71 -13.37 -57.59
C SER D 320 24.49 -13.80 -56.36
N LEU D 321 23.81 -14.17 -55.28
CA LEU D 321 24.50 -14.58 -54.07
C LEU D 321 25.29 -15.86 -54.27
N ARG D 322 24.83 -16.74 -55.16
CA ARG D 322 25.52 -18.01 -55.38
C ARG D 322 26.67 -17.87 -56.36
N ASP D 323 26.49 -17.05 -57.40
CA ASP D 323 27.45 -16.96 -58.49
C ASP D 323 28.39 -15.78 -58.35
N ASP D 324 27.86 -14.58 -58.11
CA ASP D 324 28.70 -13.39 -58.01
C ASP D 324 29.28 -13.20 -56.62
N TYR D 325 28.45 -13.32 -55.58
CA TYR D 325 28.90 -13.11 -54.21
C TYR D 325 29.42 -14.39 -53.55
N GLU D 326 29.02 -15.57 -54.06
CA GLU D 326 29.42 -16.87 -53.52
C GLU D 326 29.37 -16.89 -51.99
N VAL D 327 28.17 -16.83 -51.43
CA VAL D 327 27.98 -16.98 -49.98
C VAL D 327 26.94 -18.06 -49.72
N SER D 328 26.52 -18.74 -50.78
CA SER D 328 25.59 -19.86 -50.66
C SER D 328 26.37 -21.15 -50.45
N CYS D 329 25.67 -22.28 -50.50
CA CYS D 329 26.29 -23.58 -50.36
C CYS D 329 25.38 -24.63 -50.99
N PRO D 330 25.88 -25.84 -51.23
CA PRO D 330 25.04 -26.84 -51.91
C PRO D 330 23.71 -27.11 -51.22
N GLU D 331 23.70 -27.19 -49.89
CA GLU D 331 22.45 -27.45 -49.18
C GLU D 331 21.41 -26.38 -49.49
N LEU D 332 21.79 -25.11 -49.37
CA LEU D 332 20.85 -24.03 -49.66
C LEU D 332 20.36 -24.07 -51.11
N ASP D 333 21.27 -24.31 -52.05
CA ASP D 333 20.88 -24.32 -53.46
C ASP D 333 19.86 -25.42 -53.73
N GLN D 334 20.06 -26.59 -53.12
CA GLN D 334 19.08 -27.67 -53.26
C GLN D 334 17.76 -27.27 -52.65
N LEU D 335 17.81 -26.57 -51.51
CA LEU D 335 16.59 -26.10 -50.87
C LEU D 335 15.88 -25.09 -51.76
N VAL D 336 16.63 -24.19 -52.39
CA VAL D 336 16.02 -23.17 -53.25
C VAL D 336 15.37 -23.82 -54.47
N GLU D 337 16.09 -24.72 -55.14
CA GLU D 337 15.56 -25.34 -56.35
C GLU D 337 14.33 -26.18 -56.04
N ALA D 338 14.38 -26.97 -54.97
CA ALA D 338 13.23 -27.77 -54.59
C ALA D 338 11.99 -26.90 -54.39
N ALA D 339 12.18 -25.72 -53.77
CA ALA D 339 11.08 -24.78 -53.59
C ALA D 339 10.55 -24.29 -54.93
N LEU D 340 11.46 -24.06 -55.89
CA LEU D 340 11.06 -23.49 -57.17
C LEU D 340 10.29 -24.48 -58.04
N ALA D 341 10.42 -25.79 -57.78
CA ALA D 341 9.67 -26.78 -58.53
C ALA D 341 8.22 -26.91 -58.07
N VAL D 342 7.91 -26.48 -56.86
CA VAL D 342 6.56 -26.66 -56.32
C VAL D 342 5.63 -25.62 -56.94
N PRO D 343 4.47 -26.02 -57.45
CA PRO D 343 3.50 -25.04 -57.91
C PRO D 343 2.95 -24.23 -56.74
N GLY D 344 2.65 -22.96 -57.03
CA GLY D 344 2.25 -22.03 -56.00
C GLY D 344 3.37 -21.22 -55.40
N VAL D 345 4.61 -21.56 -55.67
CA VAL D 345 5.75 -20.80 -55.18
C VAL D 345 6.03 -19.65 -56.14
N TYR D 346 6.09 -18.43 -55.59
CA TYR D 346 6.42 -17.27 -56.42
C TYR D 346 7.92 -17.13 -56.57
N GLY D 347 8.67 -17.45 -55.52
CA GLY D 347 10.12 -17.35 -55.55
C GLY D 347 10.70 -17.85 -54.25
N SER D 348 12.02 -18.02 -54.25
CA SER D 348 12.72 -18.53 -53.09
C SER D 348 14.19 -18.17 -53.19
N ARG D 349 14.84 -18.06 -52.03
CA ARG D 349 16.24 -17.67 -51.98
C ARG D 349 16.75 -17.86 -50.56
N MET D 350 18.07 -17.86 -50.42
CA MET D 350 18.68 -17.82 -49.11
C MET D 350 18.46 -16.45 -48.47
N THR D 351 18.42 -16.44 -47.13
CA THR D 351 18.36 -15.19 -46.39
C THR D 351 19.45 -15.22 -45.32
N GLY D 352 19.78 -14.05 -44.79
CA GLY D 352 20.84 -13.97 -43.81
C GLY D 352 22.24 -13.95 -44.43
N GLY D 353 23.23 -14.26 -43.61
CA GLY D 353 24.61 -14.18 -44.06
C GLY D 353 24.97 -15.25 -45.09
N GLY D 354 24.45 -16.46 -44.93
CA GLY D 354 24.74 -17.54 -45.85
C GLY D 354 25.61 -18.62 -45.22
N PHE D 355 26.08 -19.52 -46.08
CA PHE D 355 26.92 -20.65 -45.66
C PHE D 355 26.15 -21.60 -44.76
N GLY D 356 24.85 -21.70 -44.96
CA GLY D 356 23.91 -22.40 -44.11
C GLY D 356 22.76 -21.49 -43.78
N GLY D 357 22.00 -21.86 -42.75
CA GLY D 357 20.90 -21.02 -42.33
C GLY D 357 19.59 -21.38 -42.99
N CYS D 358 18.81 -20.38 -43.37
CA CYS D 358 17.44 -20.60 -43.82
C CYS D 358 17.26 -20.16 -45.27
N THR D 359 16.14 -20.59 -45.83
CA THR D 359 15.66 -20.17 -47.15
C THR D 359 14.30 -19.52 -46.97
N VAL D 360 14.11 -18.35 -47.56
CA VAL D 360 12.82 -17.66 -47.53
C VAL D 360 12.12 -17.89 -48.86
N THR D 361 10.83 -18.19 -48.78
CA THR D 361 10.03 -18.54 -49.95
C THR D 361 8.72 -17.77 -49.92
N LEU D 362 8.42 -17.06 -50.99
CA LEU D 362 7.15 -16.39 -51.11
C LEU D 362 6.18 -17.35 -51.79
N LEU D 363 5.02 -17.61 -51.16
CA LEU D 363 4.17 -18.65 -51.70
C LEU D 363 2.71 -18.36 -51.43
N GLU D 364 1.86 -19.01 -52.22
CA GLU D 364 0.43 -19.01 -52.00
C GLU D 364 0.10 -19.73 -50.70
N ALA D 365 -0.78 -19.12 -49.90
CA ALA D 365 -1.10 -19.69 -48.60
C ALA D 365 -1.54 -21.15 -48.74
N SER D 366 -2.39 -21.44 -49.73
CA SER D 366 -2.87 -22.81 -49.90
C SER D 366 -1.74 -23.77 -50.25
N ALA D 367 -0.65 -23.26 -50.83
CA ALA D 367 0.44 -24.13 -51.26
C ALA D 367 1.40 -24.49 -50.14
N ALA D 368 1.28 -23.87 -48.97
CA ALA D 368 2.23 -24.12 -47.89
C ALA D 368 2.27 -25.59 -47.51
N PRO D 369 1.15 -26.26 -47.24
CA PRO D 369 1.23 -27.69 -46.85
C PRO D 369 1.96 -28.54 -47.88
N HIS D 370 1.63 -28.39 -49.16
CA HIS D 370 2.31 -29.15 -50.20
C HIS D 370 3.77 -28.75 -50.33
N ALA D 371 4.06 -27.46 -50.23
CA ALA D 371 5.44 -26.98 -50.37
C ALA D 371 6.36 -27.62 -49.34
N MET D 372 5.92 -27.71 -48.09
CA MET D 372 6.76 -28.28 -47.05
C MET D 372 7.11 -29.74 -47.36
N ARG D 373 6.15 -30.49 -47.89
CA ARG D 373 6.40 -31.90 -48.19
C ARG D 373 7.42 -32.06 -49.31
N HIS D 374 7.30 -31.28 -50.39
CA HIS D 374 8.22 -31.44 -51.51
C HIS D 374 9.63 -31.03 -51.11
N ILE D 375 9.78 -29.87 -50.47
CA ILE D 375 11.11 -29.39 -50.11
C ILE D 375 11.83 -30.43 -49.26
N GLN D 376 11.16 -30.95 -48.24
CA GLN D 376 11.79 -31.95 -47.38
C GLN D 376 12.16 -33.19 -48.17
N GLU D 377 11.27 -33.66 -49.04
CA GLU D 377 11.52 -34.89 -49.78
C GLU D 377 12.67 -34.73 -50.75
N HIS D 378 12.88 -33.54 -51.29
CA HIS D 378 13.94 -33.29 -52.25
C HIS D 378 15.19 -32.69 -51.60
N TYR D 379 15.31 -32.79 -50.28
CA TYR D 379 16.46 -32.27 -49.54
C TYR D 379 17.18 -33.41 -48.86
N GLY D 380 18.48 -33.53 -49.12
CA GLY D 380 19.30 -34.56 -48.50
C GLY D 380 19.67 -34.20 -47.07
N GLY D 381 18.68 -34.07 -46.20
CA GLY D 381 18.94 -33.64 -44.85
C GLY D 381 17.64 -33.35 -44.12
N THR D 382 17.79 -33.01 -42.84
CA THR D 382 16.65 -32.69 -42.00
C THR D 382 16.34 -31.20 -42.11
N ALA D 383 15.08 -30.88 -42.39
CA ALA D 383 14.64 -29.51 -42.61
C ALA D 383 13.60 -29.10 -41.59
N THR D 384 13.67 -27.86 -41.13
CA THR D 384 12.69 -27.25 -40.24
C THR D 384 11.95 -26.15 -40.99
N PHE D 385 10.66 -25.99 -40.67
CA PHE D 385 9.81 -25.03 -41.35
C PHE D 385 9.15 -24.08 -40.35
N TYR D 386 9.06 -22.81 -40.74
CA TYR D 386 8.30 -21.80 -40.01
C TYR D 386 7.42 -21.07 -41.00
N LEU D 387 6.10 -21.15 -40.81
CA LEU D 387 5.16 -20.31 -41.55
C LEU D 387 4.87 -19.10 -40.69
N SER D 388 5.48 -17.97 -41.03
CA SER D 388 5.43 -16.79 -40.19
C SER D 388 4.82 -15.61 -40.95
N GLN D 389 4.14 -14.76 -40.21
CA GLN D 389 3.66 -13.48 -40.67
C GLN D 389 4.55 -12.37 -40.13
N ALA D 390 4.42 -11.18 -40.73
CA ALA D 390 5.17 -10.02 -40.23
C ALA D 390 4.66 -9.65 -38.85
N ALA D 391 5.58 -9.52 -37.90
CA ALA D 391 5.25 -9.32 -36.50
C ALA D 391 5.71 -7.95 -36.03
N ASP D 392 5.37 -7.62 -34.79
CA ASP D 392 5.80 -6.37 -34.18
C ASP D 392 7.25 -6.46 -33.75
N GLY D 393 7.88 -5.30 -33.57
CA GLY D 393 9.22 -5.21 -33.06
C GLY D 393 9.27 -5.31 -31.55
N ALA D 394 10.41 -4.94 -30.99
CA ALA D 394 10.62 -5.02 -29.55
C ALA D 394 9.51 -4.26 -28.82
N LYS D 395 9.08 -4.82 -27.69
CA LYS D 395 8.03 -4.18 -26.90
C LYS D 395 8.21 -4.54 -25.44
N VAL D 396 7.62 -3.70 -24.59
CA VAL D 396 7.56 -3.98 -23.16
C VAL D 396 6.37 -4.88 -22.88
N LEU D 397 6.53 -5.82 -21.94
CA LEU D 397 5.45 -6.70 -21.52
C LEU D 397 5.16 -6.42 -20.05
N CYS D 398 3.91 -6.07 -19.75
CA CYS D 398 3.52 -5.72 -18.39
C CYS D 398 3.14 -6.99 -17.63
N LEU D 399 3.78 -7.19 -16.48
CA LEU D 399 3.49 -8.35 -15.64
C LEU D 399 2.44 -8.00 -14.60
N ARG E 12 10.99 16.33 6.51
CA ARG E 12 10.46 16.14 7.85
C ARG E 12 10.91 17.28 8.76
N GLN E 13 10.08 18.30 8.88
CA GLN E 13 10.45 19.56 9.50
C GLN E 13 9.60 19.87 10.73
N PRO E 14 10.13 19.67 11.94
CA PRO E 14 9.31 19.90 13.14
C PRO E 14 8.87 21.36 13.24
N GLN E 15 7.72 21.56 13.87
CA GLN E 15 7.16 22.89 14.09
C GLN E 15 7.54 23.40 15.47
N VAL E 16 7.24 24.68 15.69
CA VAL E 16 7.68 25.36 16.91
C VAL E 16 7.17 24.63 18.14
N ALA E 17 5.92 24.17 18.11
CA ALA E 17 5.33 23.55 19.29
C ALA E 17 6.10 22.30 19.71
N GLU E 18 6.46 21.45 18.76
CA GLU E 18 7.23 20.25 19.12
C GLU E 18 8.59 20.64 19.69
N LEU E 19 9.26 21.60 19.06
CA LEU E 19 10.58 22.01 19.54
C LEU E 19 10.49 22.65 20.92
N LEU E 20 9.53 23.54 21.13
CA LEU E 20 9.37 24.15 22.44
C LEU E 20 9.10 23.10 23.51
N ALA E 21 8.28 22.10 23.19
CA ALA E 21 8.00 21.03 24.15
C ALA E 21 9.23 20.16 24.38
N GLU E 22 9.98 19.85 23.32
CA GLU E 22 11.21 19.09 23.49
C GLU E 22 12.19 19.84 24.37
N ALA E 23 12.29 21.15 24.19
CA ALA E 23 13.23 21.94 24.98
C ALA E 23 12.80 22.03 26.44
N ARG E 24 11.49 22.05 26.72
CA ARG E 24 11.07 22.16 28.11
C ARG E 24 11.34 20.85 28.86
N ARG E 25 11.04 19.73 28.21
CA ARG E 25 11.33 18.42 28.82
C ARG E 25 12.81 18.30 29.18
N ALA E 26 13.69 18.71 28.26
CA ALA E 26 15.11 18.63 28.53
C ALA E 26 15.52 19.55 29.68
N PHE E 27 14.97 20.76 29.72
CA PHE E 27 15.29 21.68 30.80
C PHE E 27 14.81 21.13 32.14
N ARG E 28 13.64 20.48 32.14
CA ARG E 28 13.13 19.89 33.37
C ARG E 28 14.05 18.79 33.88
N GLU E 29 14.38 17.82 33.02
CA GLU E 29 15.26 16.73 33.44
C GLU E 29 16.61 17.24 33.92
N GLU E 30 17.10 18.34 33.35
CA GLU E 30 18.46 18.80 33.60
C GLU E 30 18.57 19.74 34.79
N PHE E 31 17.54 20.56 35.04
CA PHE E 31 17.62 21.57 36.08
C PHE E 31 16.55 21.43 37.16
N GLY E 32 15.57 20.54 36.98
CA GLY E 32 14.63 20.22 38.02
C GLY E 32 13.42 21.13 38.11
N ALA E 33 13.40 22.23 37.38
CA ALA E 33 12.28 23.16 37.40
C ALA E 33 11.83 23.44 35.97
N GLU E 34 10.74 24.17 35.86
CA GLU E 34 10.27 24.60 34.56
C GLU E 34 11.07 25.81 34.07
N PRO E 35 11.42 25.86 32.79
CA PRO E 35 12.03 27.07 32.25
C PRO E 35 11.03 28.21 32.26
N GLU E 36 11.55 29.43 32.40
CA GLU E 36 10.70 30.61 32.46
C GLU E 36 10.61 31.36 31.13
N LEU E 37 11.61 31.24 30.27
CA LEU E 37 11.67 32.01 29.04
C LEU E 37 11.95 31.08 27.87
N ALA E 38 11.39 31.43 26.71
CA ALA E 38 11.56 30.64 25.51
C ALA E 38 11.76 31.59 24.34
N VAL E 39 12.57 31.16 23.37
CA VAL E 39 13.00 32.04 22.28
C VAL E 39 13.36 31.16 21.09
N SER E 40 13.19 31.70 19.89
CA SER E 40 13.51 30.98 18.68
C SER E 40 14.16 31.90 17.66
N ALA E 41 14.95 31.29 16.77
CA ALA E 41 15.65 31.99 15.70
C ALA E 41 15.81 30.96 14.59
N PRO E 42 15.47 31.30 13.35
CA PRO E 42 15.46 30.32 12.27
C PRO E 42 16.81 30.21 11.58
N GLY E 43 16.97 29.12 10.82
CA GLY E 43 18.00 29.04 9.81
C GLY E 43 17.58 29.81 8.58
N ARG E 44 18.43 29.74 7.55
CA ARG E 44 18.17 30.52 6.35
C ARG E 44 18.67 29.76 5.13
N VAL E 45 18.07 30.04 3.99
CA VAL E 45 18.57 29.60 2.70
C VAL E 45 18.68 30.83 1.79
N ASN E 46 19.81 30.96 1.11
CA ASN E 46 20.06 32.07 0.21
C ASN E 46 19.59 31.72 -1.20
N LEU E 47 18.58 32.42 -1.69
CA LEU E 47 18.11 32.14 -3.04
C LEU E 47 19.16 32.52 -4.07
N ILE E 48 19.83 33.67 -3.90
CA ILE E 48 20.88 34.09 -4.81
C ILE E 48 21.64 35.24 -4.16
N GLY E 49 22.88 35.43 -4.59
CA GLY E 49 23.71 36.50 -4.04
C GLY E 49 24.81 36.01 -3.12
N GLU E 50 25.57 35.02 -3.57
CA GLU E 50 26.56 34.37 -2.74
C GLU E 50 27.89 35.12 -2.79
N HIS E 51 28.55 35.19 -1.63
CA HIS E 51 29.86 35.82 -1.50
C HIS E 51 29.85 37.28 -1.96
N THR E 52 28.69 37.94 -1.82
CA THR E 52 28.60 39.37 -2.04
C THR E 52 28.42 40.18 -0.76
N ASP E 53 28.01 39.55 0.33
CA ASP E 53 27.68 40.32 1.54
C ASP E 53 28.92 40.96 2.15
N TYR E 54 30.00 40.19 2.30
CA TYR E 54 31.22 40.82 2.81
C TYR E 54 31.90 41.70 1.76
N ASN E 55 31.33 41.76 0.55
CA ASN E 55 31.70 42.72 -0.48
C ASN E 55 30.70 43.86 -0.58
N GLN E 56 29.85 44.02 0.44
CA GLN E 56 28.86 45.11 0.50
C GLN E 56 27.89 45.04 -0.67
N GLY E 57 27.53 43.84 -1.08
CA GLY E 57 26.66 43.61 -2.21
C GLY E 57 25.22 43.36 -1.80
N LEU E 58 24.50 42.61 -2.64
CA LEU E 58 23.11 42.28 -2.42
C LEU E 58 22.97 40.77 -2.18
N VAL E 59 21.98 40.41 -1.34
CA VAL E 59 21.66 39.02 -1.06
C VAL E 59 20.14 38.87 -1.07
N LEU E 60 19.67 37.67 -1.36
CA LEU E 60 18.25 37.37 -1.43
C LEU E 60 17.96 36.06 -0.69
N PRO E 61 18.12 36.05 0.63
CA PRO E 61 17.78 34.88 1.42
C PRO E 61 16.34 34.89 1.92
N MET E 62 15.90 33.71 2.35
CA MET E 62 14.63 33.55 3.05
C MET E 62 14.85 32.70 4.30
N ALA E 63 14.11 33.04 5.35
CA ALA E 63 14.15 32.27 6.59
C ALA E 63 13.46 30.92 6.39
N LEU E 64 14.04 29.89 7.01
CA LEU E 64 13.53 28.53 6.91
C LEU E 64 12.62 28.20 8.08
N GLU E 65 11.86 27.12 7.92
CA GLU E 65 11.10 26.56 9.04
C GLU E 65 11.99 25.75 9.98
N LEU E 66 13.20 25.40 9.57
CA LEU E 66 14.19 24.84 10.47
C LEU E 66 14.61 25.89 11.49
N MET E 67 14.76 25.48 12.75
CA MET E 67 14.69 26.45 13.84
C MET E 67 15.60 26.04 14.98
N THR E 68 16.07 27.05 15.72
CA THR E 68 16.69 26.86 17.02
C THR E 68 15.76 27.44 18.09
N VAL E 69 15.45 26.64 19.10
CA VAL E 69 14.65 27.08 20.23
C VAL E 69 15.52 27.02 21.48
N LEU E 70 15.55 28.11 22.23
CA LEU E 70 16.30 28.22 23.48
C LEU E 70 15.32 28.53 24.59
N VAL E 71 15.28 27.70 25.62
CA VAL E 71 14.51 27.98 26.82
C VAL E 71 15.44 27.99 28.02
N GLY E 72 15.11 28.81 29.01
CA GLY E 72 15.95 28.91 30.18
C GLY E 72 15.32 29.83 31.22
N SER E 73 16.10 30.09 32.26
CA SER E 73 15.66 30.91 33.38
C SER E 73 16.86 31.66 33.93
N PRO E 74 16.66 32.85 34.50
CA PRO E 74 17.77 33.55 35.14
C PRO E 74 18.22 32.84 36.41
N ARG E 75 19.47 33.06 36.78
CA ARG E 75 20.05 32.52 37.99
C ARG E 75 20.54 33.65 38.89
N LYS E 76 20.67 33.33 40.18
CA LYS E 76 21.32 34.21 41.13
C LYS E 76 22.81 33.96 41.22
N ASP E 77 23.32 32.90 40.58
CA ASP E 77 24.68 32.46 40.75
C ASP E 77 25.69 33.38 40.05
N GLY E 78 25.24 34.15 39.07
CA GLY E 78 26.20 34.78 38.19
C GLY E 78 26.87 33.79 37.25
N LEU E 79 26.36 32.57 37.19
CA LEU E 79 26.89 31.52 36.34
C LEU E 79 25.98 31.28 35.14
N VAL E 80 26.56 30.71 34.09
CA VAL E 80 25.83 30.29 32.91
C VAL E 80 25.93 28.77 32.80
N SER E 81 24.79 28.10 32.76
CA SER E 81 24.72 26.64 32.63
C SER E 81 23.97 26.31 31.36
N LEU E 82 24.62 25.58 30.46
CA LEU E 82 24.09 25.32 29.13
C LEU E 82 23.99 23.83 28.86
N LEU E 83 22.96 23.46 28.08
CA LEU E 83 22.82 22.11 27.56
C LEU E 83 22.21 22.18 26.17
N THR E 84 22.84 21.51 25.20
CA THR E 84 22.31 21.36 23.87
C THR E 84 22.00 19.89 23.60
N THR E 85 20.85 19.64 22.98
CA THR E 85 20.43 18.29 22.61
C THR E 85 20.78 17.94 21.17
N SER E 86 21.50 18.81 20.49
CA SER E 86 21.82 18.60 19.08
C SER E 86 22.91 17.55 18.94
N GLU E 87 22.67 16.57 18.07
CA GLU E 87 23.56 15.43 17.98
C GLU E 87 24.90 15.78 17.35
N GLY E 88 24.93 16.72 16.40
CA GLY E 88 26.17 17.06 15.72
C GLY E 88 27.16 17.91 16.47
N ALA E 89 26.87 18.27 17.72
CA ALA E 89 27.77 19.13 18.48
C ALA E 89 28.92 18.31 19.04
N ASP E 90 30.05 18.99 19.26
CA ASP E 90 31.23 18.34 19.79
C ASP E 90 31.09 18.12 21.29
N GLU E 91 31.60 16.98 21.76
CA GLU E 91 31.51 16.65 23.17
C GLU E 91 32.30 17.66 24.01
N PRO E 92 31.81 18.02 25.21
CA PRO E 92 30.59 17.57 25.89
C PRO E 92 29.40 18.45 25.54
N GLN E 93 28.18 17.89 25.54
CA GLN E 93 27.02 18.72 25.22
C GLN E 93 26.59 19.63 26.37
N ARG E 94 27.30 19.59 27.49
CA ARG E 94 27.06 20.48 28.62
C ARG E 94 28.29 21.33 28.91
N LEU E 95 28.05 22.55 29.35
CA LEU E 95 29.11 23.46 29.76
C LEU E 95 28.55 24.47 30.73
N GLN E 96 29.38 24.86 31.70
CA GLN E 96 29.07 25.90 32.66
C GLN E 96 30.28 26.78 32.86
N PHE E 97 30.06 28.08 32.99
CA PHE E 97 31.14 29.04 33.17
C PHE E 97 30.58 30.26 33.87
N PRO E 98 31.42 31.03 34.55
CA PRO E 98 30.93 32.25 35.21
C PRO E 98 30.78 33.36 34.18
N LEU E 99 29.93 34.33 34.52
CA LEU E 99 29.72 35.43 33.60
C LEU E 99 31.03 36.22 33.44
N PRO E 100 31.24 36.86 32.31
CA PRO E 100 32.43 37.71 32.15
C PRO E 100 32.33 38.95 33.02
N THR E 101 33.50 39.45 33.41
CA THR E 101 33.62 40.62 34.26
C THR E 101 34.56 41.62 33.59
N ALA E 102 34.63 42.82 34.16
CA ALA E 102 35.67 43.76 33.75
C ALA E 102 37.06 43.17 33.99
N GLN E 103 37.19 42.33 35.02
CA GLN E 103 38.46 41.67 35.32
C GLN E 103 38.79 40.62 34.27
N ARG E 104 38.04 39.53 34.26
CA ARG E 104 38.23 38.44 33.30
C ARG E 104 37.06 38.38 32.33
N SER E 105 37.36 38.27 31.04
CA SER E 105 36.35 38.12 30.01
C SER E 105 36.36 36.69 29.50
N LEU E 106 35.22 36.26 28.96
CA LEU E 106 35.13 34.92 28.40
C LEU E 106 36.21 34.70 27.35
N GLU E 107 36.61 33.44 27.18
CA GLU E 107 37.65 33.10 26.23
C GLU E 107 37.19 31.91 25.39
N PRO E 108 37.45 31.94 24.08
CA PRO E 108 37.10 30.78 23.24
C PRO E 108 37.88 29.55 23.67
N GLY E 109 37.15 28.51 24.06
CA GLY E 109 37.77 27.26 24.45
C GLY E 109 37.03 26.06 23.90
N THR E 110 36.88 25.04 24.74
CA THR E 110 36.16 23.81 24.40
C THR E 110 35.02 23.60 25.39
N PRO E 111 33.89 23.04 24.94
CA PRO E 111 33.69 22.60 23.56
C PRO E 111 33.54 23.76 22.58
N ARG E 112 33.81 23.49 21.30
CA ARG E 112 33.78 24.54 20.30
C ARG E 112 32.40 25.18 20.19
N TRP E 113 31.34 24.36 20.26
CA TRP E 113 30.00 24.87 20.04
C TRP E 113 29.62 25.97 21.03
N ALA E 114 30.14 25.91 22.25
CA ALA E 114 29.82 26.92 23.25
C ALA E 114 30.43 28.28 22.93
N ASN E 115 31.41 28.34 22.03
CA ASN E 115 32.02 29.62 21.69
C ASN E 115 31.01 30.60 21.11
N TYR E 116 30.02 30.09 20.37
CA TYR E 116 29.02 30.97 19.78
C TYR E 116 28.21 31.67 20.86
N VAL E 117 27.83 30.93 21.90
CA VAL E 117 27.06 31.53 22.99
C VAL E 117 27.94 32.46 23.82
N LYS E 118 29.18 32.05 24.09
CA LYS E 118 30.10 32.89 24.83
C LYS E 118 30.32 34.23 24.13
N GLY E 119 30.52 34.19 22.81
CA GLY E 119 30.74 35.43 22.08
C GLY E 119 29.57 36.39 22.18
N VAL E 120 28.35 35.87 22.03
CA VAL E 120 27.17 36.73 22.14
C VAL E 120 27.10 37.33 23.54
N ILE E 121 27.38 36.52 24.56
CA ILE E 121 27.41 37.04 25.93
C ILE E 121 28.48 38.11 26.07
N GLN E 122 29.69 37.80 25.58
CA GLN E 122 30.82 38.72 25.78
C GLN E 122 30.55 40.07 25.14
N TYR E 123 29.88 40.08 23.98
CA TYR E 123 29.64 41.31 23.23
C TYR E 123 28.22 41.83 23.39
N TYR E 124 27.42 41.23 24.25
CA TYR E 124 26.06 41.76 24.46
C TYR E 124 26.15 43.17 25.02
N PRO E 125 25.41 44.13 24.45
CA PRO E 125 25.64 45.55 24.75
C PRO E 125 24.94 46.08 25.99
N ALA E 126 24.11 45.29 26.67
CA ALA E 126 23.35 45.76 27.81
C ALA E 126 23.85 45.13 29.11
N ALA E 127 23.54 45.79 30.22
CA ALA E 127 23.92 45.34 31.55
C ALA E 127 22.87 45.80 32.54
N PRO E 128 22.72 45.11 33.68
CA PRO E 128 23.52 43.94 34.06
C PRO E 128 22.96 42.65 33.50
N LEU E 129 23.83 41.79 32.99
CA LEU E 129 23.41 40.49 32.48
C LEU E 129 23.45 39.47 33.61
N PRO E 130 22.33 38.86 33.98
CA PRO E 130 22.35 37.86 35.04
C PRO E 130 22.86 36.52 34.52
N GLY E 131 23.26 35.67 35.46
CA GLY E 131 23.47 34.28 35.13
C GLY E 131 22.17 33.62 34.68
N PHE E 132 22.31 32.49 33.99
CA PHE E 132 21.13 31.78 33.54
C PHE E 132 21.48 30.33 33.25
N SER E 133 20.45 29.49 33.30
CA SER E 133 20.49 28.13 32.79
C SER E 133 19.67 28.07 31.51
N ALA E 134 20.11 27.26 30.56
CA ALA E 134 19.43 27.23 29.27
C ALA E 134 19.75 25.93 28.56
N VAL E 135 18.78 25.42 27.81
CA VAL E 135 18.96 24.29 26.92
C VAL E 135 18.66 24.72 25.49
N VAL E 136 19.46 24.22 24.56
CA VAL E 136 19.33 24.53 23.14
C VAL E 136 18.82 23.30 22.40
N VAL E 137 17.81 23.48 21.57
CA VAL E 137 17.36 22.45 20.63
C VAL E 137 17.28 23.09 19.25
N SER E 138 17.50 22.28 18.23
CA SER E 138 17.58 22.79 16.87
C SER E 138 17.15 21.73 15.87
N SER E 139 16.42 22.16 14.85
CA SER E 139 16.15 21.35 13.67
C SER E 139 17.01 21.77 12.48
N VAL E 140 17.92 22.71 12.70
CA VAL E 140 18.85 23.15 11.66
C VAL E 140 20.05 22.21 11.68
N PRO E 141 20.37 21.54 10.57
CA PRO E 141 21.50 20.59 10.59
C PRO E 141 22.81 21.32 10.81
N LEU E 142 23.57 20.87 11.81
CA LEU E 142 24.83 21.51 12.12
C LEU E 142 25.82 21.24 11.00
N GLY E 143 26.38 22.30 10.44
CA GLY E 143 27.36 22.15 9.38
C GLY E 143 26.78 21.86 8.01
N GLY E 144 25.47 22.00 7.84
CA GLY E 144 24.83 21.70 6.57
C GLY E 144 24.68 22.88 5.63
N GLY E 145 25.25 24.03 5.97
CA GLY E 145 25.19 25.19 5.12
C GLY E 145 23.94 26.03 5.24
N LEU E 146 23.01 25.67 6.12
CA LEU E 146 21.81 26.45 6.36
C LEU E 146 21.98 27.41 7.54
N SER E 147 23.23 27.64 7.96
CA SER E 147 23.57 28.61 9.00
C SER E 147 22.91 28.28 10.34
N SER E 148 23.23 27.09 10.85
CA SER E 148 22.90 26.80 12.24
C SER E 148 23.65 27.74 13.18
N SER E 149 24.86 28.15 12.81
CA SER E 149 25.63 29.07 13.65
C SER E 149 24.86 30.36 13.91
N ALA E 150 24.39 31.01 12.84
CA ALA E 150 23.63 32.25 13.04
C ALA E 150 22.34 31.99 13.79
N SER E 151 21.68 30.85 13.52
CA SER E 151 20.50 30.48 14.30
C SER E 151 20.83 30.40 15.78
N LEU E 152 21.94 29.76 16.12
CA LEU E 152 22.35 29.67 17.52
C LEU E 152 22.67 31.04 18.10
N GLU E 153 23.41 31.87 17.36
CA GLU E 153 23.81 33.18 17.86
C GLU E 153 22.60 34.09 18.04
N VAL E 154 21.72 34.13 17.06
CA VAL E 154 20.57 35.04 17.15
C VAL E 154 19.61 34.57 18.23
N ALA E 155 19.42 33.25 18.34
CA ALA E 155 18.63 32.72 19.45
C ALA E 155 19.21 33.15 20.79
N THR E 156 20.53 32.99 20.95
CA THR E 156 21.18 33.45 22.17
C THR E 156 20.92 34.93 22.41
N TYR E 157 21.13 35.77 21.39
CA TYR E 157 20.90 37.20 21.57
C TYR E 157 19.46 37.46 22.00
N THR E 158 18.49 36.84 21.32
CA THR E 158 17.10 37.04 21.68
C THR E 158 16.82 36.57 23.10
N PHE E 159 17.48 35.49 23.55
CA PHE E 159 17.31 35.06 24.93
C PHE E 159 17.87 36.11 25.89
N LEU E 160 19.08 36.59 25.64
CA LEU E 160 19.67 37.60 26.51
C LEU E 160 18.81 38.84 26.60
N GLN E 161 18.06 39.15 25.54
CA GLN E 161 17.13 40.27 25.58
C GLN E 161 16.04 40.08 26.62
N GLN E 162 15.66 38.83 26.89
CA GLN E 162 14.65 38.58 27.91
C GLN E 162 15.20 38.85 29.30
N LEU E 163 16.44 38.45 29.55
CA LEU E 163 17.08 38.73 30.83
C LEU E 163 17.42 40.21 30.98
N CYS E 164 17.77 40.88 29.88
CA CYS E 164 18.26 42.26 29.95
C CYS E 164 18.02 42.97 28.63
N PRO E 165 16.88 43.64 28.47
CA PRO E 165 16.54 44.24 27.17
C PRO E 165 17.54 45.31 26.74
N ASP E 166 17.83 45.33 25.44
CA ASP E 166 18.75 46.28 24.83
C ASP E 166 17.99 47.46 24.21
N SER E 167 18.76 48.48 23.82
CA SER E 167 18.22 49.71 23.24
C SER E 167 18.45 49.82 21.74
N GLY E 168 19.59 49.36 21.25
CA GLY E 168 20.08 49.63 19.90
C GLY E 168 19.26 49.08 18.75
N THR E 169 19.88 49.00 17.58
CA THR E 169 19.16 48.67 16.36
C THR E 169 19.13 47.16 16.14
N ILE E 170 18.22 46.72 15.28
CA ILE E 170 18.19 45.32 14.90
C ILE E 170 19.50 44.96 14.19
N ALA E 171 20.00 45.88 13.37
CA ALA E 171 21.30 45.68 12.73
C ALA E 171 22.40 45.58 13.77
N ALA E 172 22.30 46.36 14.85
CA ALA E 172 23.31 46.28 15.91
C ALA E 172 23.34 44.89 16.51
N ARG E 173 22.17 44.27 16.69
CA ARG E 173 22.12 42.90 17.19
C ARG E 173 22.80 41.95 16.22
N ALA E 174 22.48 42.07 14.93
CA ALA E 174 23.13 41.25 13.91
C ALA E 174 24.64 41.42 13.94
N GLN E 175 25.10 42.66 14.08
CA GLN E 175 26.55 42.90 14.10
C GLN E 175 27.20 42.33 15.35
N VAL E 176 26.47 42.31 16.48
CA VAL E 176 26.99 41.66 17.68
C VAL E 176 27.19 40.17 17.43
N CYS E 177 26.18 39.51 16.86
CA CYS E 177 26.28 38.08 16.59
C CYS E 177 27.40 37.79 15.60
N GLN E 178 27.64 38.71 14.66
CA GLN E 178 28.74 38.52 13.71
C GLN E 178 30.08 38.69 14.40
N GLN E 179 30.20 39.67 15.31
CA GLN E 179 31.43 39.84 16.07
C GLN E 179 31.79 38.58 16.84
N ALA E 180 30.80 37.94 17.45
CA ALA E 180 31.06 36.70 18.20
C ALA E 180 31.62 35.62 17.28
N GLU E 181 31.03 35.45 16.10
CA GLU E 181 31.53 34.46 15.16
C GLU E 181 32.96 34.78 14.73
N HIS E 182 33.28 36.06 14.58
CA HIS E 182 34.64 36.44 14.21
C HIS E 182 35.62 36.10 15.33
N SER E 183 35.37 36.59 16.55
CA SER E 183 36.36 36.50 17.62
C SER E 183 36.35 35.15 18.33
N PHE E 184 35.19 34.51 18.48
CA PHE E 184 35.09 33.31 19.29
C PHE E 184 35.03 32.02 18.48
N ALA E 185 34.54 32.07 17.24
CA ALA E 185 34.54 30.90 16.38
C ALA E 185 35.63 30.96 15.32
N GLY E 186 36.32 32.09 15.18
CA GLY E 186 37.38 32.23 14.19
C GLY E 186 36.90 32.16 12.76
N MET E 187 35.66 32.58 12.50
CA MET E 187 35.08 32.52 11.16
C MET E 187 34.63 33.91 10.75
N PRO E 188 35.38 34.60 9.87
CA PRO E 188 35.05 35.99 9.48
C PRO E 188 33.93 36.05 8.44
N CYS E 189 32.70 35.78 8.90
CA CYS E 189 31.54 35.77 8.04
C CYS E 189 31.06 37.18 7.74
N GLY E 190 30.10 37.28 6.82
CA GLY E 190 29.38 38.51 6.57
C GLY E 190 28.15 38.63 7.45
N ILE E 191 27.39 39.70 7.21
CA ILE E 191 26.21 39.97 8.02
C ILE E 191 24.96 39.23 7.54
N MET E 192 25.02 38.61 6.36
CA MET E 192 23.81 38.08 5.75
C MET E 192 23.08 37.12 6.66
N ASP E 193 23.77 36.07 7.13
CA ASP E 193 23.10 35.00 7.86
C ASP E 193 22.46 35.52 9.13
N GLN E 194 23.19 36.33 9.89
CA GLN E 194 22.61 36.90 11.10
C GLN E 194 21.43 37.80 10.78
N PHE E 195 21.52 38.59 9.71
CA PHE E 195 20.48 39.56 9.42
C PHE E 195 19.15 38.88 9.04
N ILE E 196 19.21 37.84 8.21
CA ILE E 196 17.97 37.18 7.79
C ILE E 196 17.34 36.43 8.96
N SER E 197 18.17 35.84 9.82
CA SER E 197 17.64 35.16 11.00
C SER E 197 16.90 36.14 11.91
N LEU E 198 17.34 37.39 11.96
CA LEU E 198 16.68 38.38 12.81
C LEU E 198 15.46 38.99 12.13
N MET E 199 15.51 39.17 10.80
CA MET E 199 14.58 40.03 10.08
C MET E 199 13.58 39.28 9.20
N GLY E 200 13.65 37.95 9.15
CA GLY E 200 12.80 37.22 8.22
C GLY E 200 11.32 37.45 8.48
N GLN E 201 10.54 37.37 7.40
CA GLN E 201 9.09 37.41 7.45
C GLN E 201 8.54 36.23 6.68
N LYS E 202 7.55 35.55 7.26
CA LYS E 202 7.03 34.34 6.64
C LYS E 202 6.39 34.66 5.30
N GLY E 203 6.55 33.74 4.34
CA GLY E 203 6.05 33.98 3.00
C GLY E 203 6.79 35.07 2.26
N HIS E 204 8.04 35.34 2.63
CA HIS E 204 8.81 36.40 2.00
C HIS E 204 10.28 36.04 1.98
N ALA E 205 10.94 36.43 0.90
CA ALA E 205 12.39 36.51 0.86
C ALA E 205 12.82 37.94 1.17
N LEU E 206 14.07 38.09 1.58
CA LEU E 206 14.60 39.38 2.00
C LEU E 206 15.75 39.79 1.10
N LEU E 207 15.51 40.80 0.24
CA LEU E 207 16.59 41.40 -0.52
C LEU E 207 17.31 42.37 0.41
N ILE E 208 18.52 42.02 0.81
CA ILE E 208 19.29 42.78 1.79
C ILE E 208 20.42 43.48 1.08
N ASP E 209 20.48 44.80 1.24
CA ASP E 209 21.60 45.61 0.76
C ASP E 209 22.61 45.66 1.90
N CYS E 210 23.69 44.90 1.76
CA CYS E 210 24.67 44.74 2.83
C CYS E 210 25.58 45.96 2.99
N ARG E 211 25.41 46.98 2.15
CA ARG E 211 26.09 48.26 2.35
C ARG E 211 25.30 49.17 3.28
N SER E 212 24.02 49.41 2.95
CA SER E 212 23.16 50.30 3.72
C SER E 212 22.31 49.57 4.75
N LEU E 213 22.19 48.25 4.66
CA LEU E 213 21.32 47.44 5.52
C LEU E 213 19.84 47.73 5.29
N GLU E 214 19.50 48.43 4.22
CA GLU E 214 18.11 48.54 3.82
C GLU E 214 17.60 47.18 3.33
N THR E 215 16.29 46.98 3.47
CA THR E 215 15.72 45.66 3.22
C THR E 215 14.43 45.80 2.43
N SER E 216 14.18 44.83 1.54
CA SER E 216 12.96 44.79 0.73
C SER E 216 12.36 43.40 0.83
N LEU E 217 11.08 43.35 1.18
CA LEU E 217 10.34 42.10 1.29
C LEU E 217 9.74 41.69 -0.04
N VAL E 218 10.18 40.55 -0.56
CA VAL E 218 9.73 40.00 -1.84
C VAL E 218 8.82 38.81 -1.53
N PRO E 219 7.53 38.88 -1.87
CA PRO E 219 6.62 37.78 -1.53
C PRO E 219 7.03 36.47 -2.17
N LEU E 220 6.97 35.40 -1.37
CA LEU E 220 7.21 34.03 -1.84
C LEU E 220 6.12 33.14 -1.22
N SER E 221 4.94 33.15 -1.85
CA SER E 221 3.78 32.45 -1.31
C SER E 221 2.91 32.02 -2.48
N ASP E 222 3.37 30.98 -3.18
CA ASP E 222 2.66 30.45 -4.34
C ASP E 222 2.51 28.95 -4.16
N PRO E 223 1.30 28.44 -3.90
CA PRO E 223 1.15 26.99 -3.76
C PRO E 223 1.67 26.22 -4.97
N LYS E 224 1.75 26.86 -6.15
CA LYS E 224 2.29 26.23 -7.35
C LYS E 224 3.81 26.17 -7.36
N LEU E 225 4.48 26.91 -6.48
CA LEU E 225 5.93 27.00 -6.44
C LEU E 225 6.47 26.36 -5.18
N ALA E 226 7.53 25.56 -5.33
CA ALA E 226 8.20 24.92 -4.21
C ALA E 226 9.68 25.26 -4.22
N VAL E 227 10.27 25.28 -3.02
CA VAL E 227 11.71 25.48 -2.83
C VAL E 227 12.28 24.20 -2.26
N LEU E 228 13.11 23.51 -3.04
CA LEU E 228 13.70 22.24 -2.64
C LEU E 228 15.16 22.47 -2.24
N ILE E 229 15.48 22.18 -0.98
CA ILE E 229 16.83 22.26 -0.47
C ILE E 229 17.39 20.85 -0.40
N THR E 230 18.57 20.65 -0.99
CA THR E 230 19.22 19.34 -1.04
C THR E 230 20.55 19.43 -0.30
N ASN E 231 20.66 18.66 0.78
CA ASN E 231 21.88 18.62 1.58
C ASN E 231 22.79 17.56 0.97
N SER E 232 23.97 17.97 0.50
CA SER E 232 24.92 17.01 -0.03
C SER E 232 25.50 16.13 1.07
N ASN E 233 25.34 16.52 2.33
CA ASN E 233 25.94 15.80 3.45
C ASN E 233 27.44 15.64 3.24
N VAL E 234 28.05 16.69 2.69
CA VAL E 234 29.49 16.74 2.49
C VAL E 234 30.06 17.94 3.22
N ALA E 239 38.58 23.69 1.88
CA ALA E 239 37.37 23.60 2.69
C ALA E 239 36.99 24.96 3.26
N SER E 240 36.52 24.98 4.51
CA SER E 240 36.18 26.24 5.15
C SER E 240 37.40 27.15 5.28
N SER E 241 38.60 26.61 5.16
CA SER E 241 39.82 27.41 5.19
C SER E 241 40.00 28.27 3.94
N GLU E 242 39.14 28.13 2.94
CA GLU E 242 39.23 28.96 1.74
C GLU E 242 38.29 30.15 1.76
N TYR E 243 37.27 30.12 2.61
CA TYR E 243 36.41 31.30 2.79
C TYR E 243 37.21 32.55 3.13
N PRO E 244 38.07 32.54 4.15
CA PRO E 244 38.89 33.75 4.43
C PRO E 244 39.83 34.09 3.29
N VAL E 245 40.18 33.14 2.43
CA VAL E 245 41.04 33.45 1.29
C VAL E 245 40.26 34.24 0.24
N ARG E 246 39.03 33.83 -0.04
CA ARG E 246 38.20 34.58 -0.97
C ARG E 246 37.97 36.00 -0.47
N ARG E 247 37.67 36.15 0.83
CA ARG E 247 37.55 37.49 1.39
C ARG E 247 38.84 38.27 1.23
N ARG E 248 39.98 37.60 1.40
CA ARG E 248 41.26 38.28 1.22
C ARG E 248 41.46 38.69 -0.24
N GLN E 249 41.13 37.79 -1.17
CA GLN E 249 41.29 38.11 -2.58
C GLN E 249 40.46 39.32 -2.99
N CYS E 250 39.19 39.35 -2.58
CA CYS E 250 38.33 40.47 -2.92
C CYS E 250 38.89 41.79 -2.42
N GLU E 251 39.39 41.82 -1.18
CA GLU E 251 39.99 43.04 -0.66
C GLU E 251 41.22 43.46 -1.47
N GLU E 252 42.06 42.49 -1.85
CA GLU E 252 43.25 42.86 -2.63
C GLU E 252 42.88 43.45 -3.98
N VAL E 253 41.87 42.87 -4.65
CA VAL E 253 41.48 43.40 -5.94
C VAL E 253 40.89 44.79 -5.81
N ALA E 254 40.20 45.04 -4.70
CA ALA E 254 39.62 46.36 -4.47
C ALA E 254 40.72 47.40 -4.33
N ARG E 255 41.80 47.06 -3.62
CA ARG E 255 42.93 47.98 -3.55
C ARG E 255 43.53 48.21 -4.94
N ALA E 256 43.73 47.14 -5.72
CA ALA E 256 44.26 47.31 -7.07
C ALA E 256 43.39 48.24 -7.90
N LEU E 257 42.07 48.18 -7.71
CA LEU E 257 41.15 49.03 -8.48
C LEU E 257 40.87 50.37 -7.80
N GLY E 258 41.50 50.66 -6.66
CA GLY E 258 41.27 51.93 -6.01
C GLY E 258 39.82 52.16 -5.62
N ALA E 259 39.12 51.11 -5.20
CA ALA E 259 37.72 51.21 -4.81
C ALA E 259 37.56 50.84 -3.34
N ALA E 260 36.54 51.40 -2.69
CA ALA E 260 36.32 51.07 -1.29
C ALA E 260 35.76 49.66 -1.13
N SER E 261 34.92 49.21 -2.06
CA SER E 261 34.45 47.83 -2.03
C SER E 261 34.08 47.41 -3.45
N LEU E 262 33.96 46.09 -3.64
CA LEU E 262 33.59 45.57 -4.95
C LEU E 262 32.20 46.02 -5.37
N ARG E 263 31.41 46.56 -4.44
CA ARG E 263 30.10 47.07 -4.82
C ARG E 263 30.24 48.31 -5.68
N GLU E 264 31.37 49.03 -5.54
CA GLU E 264 31.62 50.24 -6.30
C GLU E 264 32.16 49.97 -7.69
N VAL E 265 32.29 48.71 -8.09
CA VAL E 265 32.81 48.35 -9.40
C VAL E 265 31.73 47.58 -10.13
N GLN E 266 31.48 47.97 -11.37
CA GLN E 266 30.59 47.25 -12.26
C GLN E 266 31.41 46.56 -13.34
N LEU E 267 30.75 45.61 -14.02
CA LEU E 267 31.44 44.79 -15.01
C LEU E 267 32.26 45.62 -15.98
N GLU E 268 31.67 46.70 -16.52
CA GLU E 268 32.35 47.50 -17.51
C GLU E 268 33.64 48.11 -16.95
N GLU E 269 33.59 48.63 -15.73
CA GLU E 269 34.79 49.17 -15.11
C GLU E 269 35.81 48.08 -14.81
N LEU E 270 35.38 46.89 -14.39
CA LEU E 270 36.33 45.81 -14.08
C LEU E 270 37.00 45.30 -15.36
N GLU E 271 36.23 45.19 -16.44
CA GLU E 271 36.73 44.73 -17.73
C GLU E 271 37.70 45.73 -18.34
N ALA E 272 37.40 47.02 -18.24
CA ALA E 272 38.31 48.04 -18.74
C ALA E 272 39.66 47.99 -18.01
N ALA E 273 39.62 47.78 -16.70
CA ALA E 273 40.80 47.75 -15.84
C ALA E 273 41.37 46.34 -15.67
N ARG E 274 41.05 45.42 -16.59
CA ARG E 274 41.46 44.03 -16.44
C ARG E 274 42.96 43.87 -16.19
N ASP E 275 43.80 44.73 -16.76
CA ASP E 275 45.24 44.60 -16.61
C ASP E 275 45.76 45.11 -15.26
N LEU E 276 44.88 45.62 -14.40
CA LEU E 276 45.29 46.05 -13.08
C LEU E 276 45.27 44.93 -12.05
N VAL E 277 44.58 43.82 -12.34
CA VAL E 277 44.47 42.71 -11.42
C VAL E 277 45.03 41.45 -12.08
N SER E 278 45.27 40.45 -11.25
CA SER E 278 45.69 39.14 -11.74
C SER E 278 44.52 38.42 -12.39
N LYS E 279 44.83 37.42 -13.22
CA LYS E 279 43.78 36.67 -13.89
C LYS E 279 42.81 36.06 -12.89
N GLU E 280 43.33 35.39 -11.85
CA GLU E 280 42.48 34.84 -10.81
C GLU E 280 41.75 35.95 -10.07
N GLY E 281 42.47 37.02 -9.70
CA GLY E 281 41.82 38.14 -9.06
C GLY E 281 40.71 38.73 -9.90
N PHE E 282 40.91 38.75 -11.22
CA PHE E 282 39.88 39.27 -12.11
C PHE E 282 38.65 38.36 -12.10
N ARG E 283 38.87 37.04 -12.11
CA ARG E 283 37.75 36.12 -12.10
C ARG E 283 36.97 36.21 -10.79
N ARG E 284 37.67 36.37 -9.67
CA ARG E 284 36.97 36.57 -8.40
C ARG E 284 36.05 37.78 -8.46
N ALA E 285 36.58 38.92 -8.88
CA ALA E 285 35.77 40.14 -8.93
C ALA E 285 34.64 40.01 -9.94
N ARG E 286 34.85 39.28 -11.03
CA ARG E 286 33.79 39.15 -12.03
C ARG E 286 32.56 38.48 -11.44
N HIS E 287 32.74 37.47 -10.60
CA HIS E 287 31.59 36.87 -9.95
C HIS E 287 30.88 37.86 -9.05
N VAL E 288 31.62 38.49 -8.13
CA VAL E 288 31.01 39.40 -7.17
C VAL E 288 30.23 40.49 -7.88
N VAL E 289 30.90 41.24 -8.76
CA VAL E 289 30.24 42.34 -9.47
C VAL E 289 29.05 41.83 -10.27
N GLY E 290 29.20 40.66 -10.91
CA GLY E 290 28.10 40.10 -11.68
C GLY E 290 27.01 39.49 -10.83
N GLU E 291 27.38 38.92 -9.67
CA GLU E 291 26.37 38.39 -8.76
C GLU E 291 25.51 39.49 -8.19
N ILE E 292 26.11 40.64 -7.86
CA ILE E 292 25.36 41.76 -7.34
C ILE E 292 24.27 42.17 -8.31
N ARG E 293 24.62 42.30 -9.59
CA ARG E 293 23.61 42.68 -10.58
C ARG E 293 22.61 41.54 -10.78
N ARG E 294 23.06 40.29 -10.68
CA ARG E 294 22.14 39.16 -10.83
C ARG E 294 21.12 39.15 -9.70
N THR E 295 21.55 39.45 -8.47
CA THR E 295 20.64 39.45 -7.34
C THR E 295 19.55 40.49 -7.51
N ALA E 296 19.93 41.73 -7.85
CA ALA E 296 18.94 42.77 -8.08
C ALA E 296 17.97 42.37 -9.19
N GLN E 297 18.49 41.71 -10.22
CA GLN E 297 17.66 41.25 -11.33
C GLN E 297 16.73 40.13 -10.91
N ALA E 298 17.23 39.21 -10.06
CA ALA E 298 16.40 38.09 -9.63
C ALA E 298 15.26 38.55 -8.71
N ALA E 299 15.54 39.54 -7.86
CA ALA E 299 14.47 40.10 -7.03
C ALA E 299 13.36 40.69 -7.90
N ALA E 300 13.73 41.42 -8.96
CA ALA E 300 12.74 41.97 -9.86
C ALA E 300 11.96 40.86 -10.56
N ALA E 301 12.66 39.82 -11.02
CA ALA E 301 11.98 38.70 -11.64
C ALA E 301 11.03 38.02 -10.67
N LEU E 302 11.45 37.87 -9.40
CA LEU E 302 10.61 37.18 -8.44
C LEU E 302 9.38 38.01 -8.09
N ARG E 303 9.51 39.34 -8.05
CA ARG E 303 8.36 40.18 -7.79
C ARG E 303 7.28 39.97 -8.85
N ARG E 304 7.68 39.95 -10.12
CA ARG E 304 6.75 39.82 -11.22
C ARG E 304 6.37 38.37 -11.53
N GLY E 305 6.86 37.41 -10.75
CA GLY E 305 6.51 36.03 -10.95
C GLY E 305 7.19 35.33 -12.11
N ASP E 306 8.31 35.88 -12.59
CA ASP E 306 9.05 35.27 -13.71
C ASP E 306 9.94 34.17 -13.15
N TYR E 307 9.31 33.04 -12.83
CA TYR E 307 10.04 31.95 -12.20
C TYR E 307 11.08 31.36 -13.13
N ARG E 308 10.79 31.27 -14.43
N ARG E 308 10.79 31.29 -14.43
CA ARG E 308 11.76 30.73 -15.36
CA ARG E 308 11.75 30.73 -15.37
C ARG E 308 12.99 31.63 -15.46
C ARG E 308 12.98 31.62 -15.50
N ALA E 309 12.78 32.95 -15.46
CA ALA E 309 13.93 33.86 -15.48
C ALA E 309 14.73 33.75 -14.20
N PHE E 310 14.06 33.65 -13.05
CA PHE E 310 14.76 33.46 -11.78
C PHE E 310 15.61 32.20 -11.80
N GLY E 311 15.06 31.10 -12.33
CA GLY E 311 15.83 29.88 -12.44
C GLY E 311 17.09 30.06 -13.29
N ARG E 312 16.98 30.81 -14.38
CA ARG E 312 18.16 31.03 -15.22
C ARG E 312 19.22 31.87 -14.50
N LEU E 313 18.81 32.91 -13.78
CA LEU E 313 19.79 33.67 -13.00
C LEU E 313 20.43 32.79 -11.93
N MET E 314 19.66 31.88 -11.34
CA MET E 314 20.22 30.95 -10.37
C MET E 314 21.29 30.07 -11.00
N VAL E 315 21.03 29.61 -12.23
CA VAL E 315 21.95 28.71 -12.91
C VAL E 315 23.22 29.46 -13.33
N GLU E 316 23.07 30.71 -13.74
CA GLU E 316 24.24 31.54 -13.99
C GLU E 316 25.05 31.72 -12.72
N SER E 317 24.38 31.98 -11.60
CA SER E 317 25.08 32.14 -10.32
C SER E 317 25.92 30.92 -9.99
N HIS E 318 25.37 29.72 -10.19
CA HIS E 318 26.12 28.52 -9.85
C HIS E 318 27.38 28.39 -10.70
N ARG E 319 27.23 28.51 -12.02
CA ARG E 319 28.39 28.42 -12.90
C ARG E 319 29.47 29.42 -12.50
N SER E 320 29.05 30.66 -12.23
CA SER E 320 29.99 31.68 -11.79
C SER E 320 30.69 31.26 -10.49
N LEU E 321 29.91 30.75 -9.54
CA LEU E 321 30.49 30.27 -8.29
C LEU E 321 31.38 29.06 -8.53
N ARG E 322 31.10 28.28 -9.58
CA ARG E 322 31.89 27.08 -9.83
C ARG E 322 33.17 27.39 -10.58
N ASP E 323 33.10 28.32 -11.54
CA ASP E 323 34.20 28.63 -12.44
C ASP E 323 34.97 29.87 -12.03
N ASP E 324 34.27 30.96 -11.72
CA ASP E 324 34.96 32.20 -11.41
C ASP E 324 35.43 32.26 -9.96
N TYR E 325 34.55 31.93 -9.02
CA TYR E 325 34.87 31.98 -7.61
C TYR E 325 35.44 30.67 -7.07
N GLU E 326 35.21 29.56 -7.77
CA GLU E 326 35.72 28.26 -7.33
C GLU E 326 35.47 28.02 -5.84
N VAL E 327 34.21 27.90 -5.44
CA VAL E 327 33.84 27.56 -4.07
C VAL E 327 32.85 26.42 -4.08
N SER E 328 32.62 25.85 -5.26
CA SER E 328 31.77 24.69 -5.41
C SER E 328 32.62 23.43 -5.29
N CYS E 329 32.03 22.27 -5.58
CA CYS E 329 32.76 21.00 -5.51
C CYS E 329 32.01 20.00 -6.36
N PRO E 330 32.62 18.84 -6.65
CA PRO E 330 31.95 17.85 -7.51
C PRO E 330 30.58 17.44 -7.00
N GLU E 331 30.44 17.22 -5.69
CA GLU E 331 29.14 16.83 -5.15
C GLU E 331 28.09 17.89 -5.43
N LEU E 332 28.43 19.15 -5.17
CA LEU E 332 27.49 20.24 -5.47
C LEU E 332 27.15 20.29 -6.96
N ASP E 333 28.16 20.13 -7.82
CA ASP E 333 27.91 20.19 -9.26
C ASP E 333 26.98 19.06 -9.70
N GLN E 334 27.17 17.86 -9.15
CA GLN E 334 26.32 16.73 -9.52
C GLN E 334 24.89 16.94 -9.07
N LEU E 335 24.69 17.48 -7.88
CA LEU E 335 23.33 17.74 -7.41
C LEU E 335 22.65 18.79 -8.29
N VAL E 336 23.38 19.84 -8.68
CA VAL E 336 22.81 20.89 -9.50
C VAL E 336 22.43 20.35 -10.87
N GLU E 337 23.34 19.61 -11.51
CA GLU E 337 23.09 19.10 -12.86
C GLU E 337 21.90 18.15 -12.87
N ALA E 338 21.86 17.22 -11.91
CA ALA E 338 20.73 16.31 -11.82
C ALA E 338 19.42 17.08 -11.64
N ALA E 339 19.44 18.14 -10.83
CA ALA E 339 18.23 18.91 -10.60
C ALA E 339 17.74 19.58 -11.88
N LEU E 340 18.66 20.06 -12.72
CA LEU E 340 18.26 20.79 -13.92
C LEU E 340 17.64 19.87 -14.98
N ALA E 341 17.86 18.56 -14.87
CA ALA E 341 17.27 17.62 -15.83
C ALA E 341 15.80 17.36 -15.56
N VAL E 342 15.31 17.65 -14.36
CA VAL E 342 13.93 17.35 -14.01
C VAL E 342 13.01 18.37 -14.66
N PRO E 343 11.97 17.94 -15.36
CA PRO E 343 11.00 18.92 -15.88
C PRO E 343 10.25 19.58 -14.76
N GLY E 344 9.94 20.85 -14.93
CA GLY E 344 9.33 21.64 -13.89
C GLY E 344 10.31 22.37 -13.00
N VAL E 345 11.60 22.04 -13.07
CA VAL E 345 12.61 22.76 -12.30
C VAL E 345 12.99 24.01 -13.07
N TYR E 346 12.92 25.17 -12.41
CA TYR E 346 13.28 26.42 -13.06
C TYR E 346 14.79 26.64 -13.02
N GLY E 347 15.43 26.26 -11.92
CA GLY E 347 16.87 26.43 -11.78
C GLY E 347 17.32 25.85 -10.45
N SER E 348 18.63 25.75 -10.31
CA SER E 348 19.22 25.17 -9.11
C SER E 348 20.66 25.64 -8.99
N ARG E 349 21.16 25.69 -7.76
CA ARG E 349 22.51 26.16 -7.51
C ARG E 349 22.87 25.84 -6.08
N MET E 350 24.17 25.90 -5.80
CA MET E 350 24.64 25.80 -4.42
C MET E 350 24.28 27.05 -3.64
N THR E 351 24.13 26.89 -2.32
CA THR E 351 23.92 28.01 -1.42
C THR E 351 24.90 27.93 -0.26
N GLY E 352 25.04 29.05 0.45
CA GLY E 352 25.98 29.12 1.55
C GLY E 352 27.40 29.37 1.07
N GLY E 353 28.35 29.05 1.95
CA GLY E 353 29.75 29.32 1.64
C GLY E 353 30.28 28.46 0.51
N GLY E 354 29.84 27.21 0.44
CA GLY E 354 30.30 26.29 -0.59
C GLY E 354 31.18 25.20 -0.02
N PHE E 355 31.81 24.45 -0.93
CA PHE E 355 32.69 23.34 -0.56
C PHE E 355 31.91 22.23 0.13
N GLY E 356 30.64 22.10 -0.21
CA GLY E 356 29.71 21.23 0.47
C GLY E 356 28.47 22.00 0.84
N GLY E 357 27.68 21.42 1.75
CA GLY E 357 26.46 22.09 2.19
C GLY E 357 25.27 21.68 1.36
N CYS E 358 24.41 22.64 1.03
CA CYS E 358 23.13 22.35 0.41
C CYS E 358 23.03 22.94 -0.99
N THR E 359 22.02 22.47 -1.71
CA THR E 359 21.61 23.00 -3.00
C THR E 359 20.17 23.47 -2.88
N VAL E 360 19.90 24.69 -3.33
CA VAL E 360 18.54 25.23 -3.38
C VAL E 360 18.03 25.08 -4.81
N THR E 361 16.79 24.60 -4.95
CA THR E 361 16.21 24.32 -6.24
C THR E 361 14.80 24.90 -6.29
N LEU E 362 14.56 25.77 -7.26
CA LEU E 362 13.23 26.33 -7.50
C LEU E 362 12.56 25.52 -8.60
N LEU E 363 11.36 25.00 -8.31
CA LEU E 363 10.70 24.07 -9.21
C LEU E 363 9.19 24.15 -9.01
N GLU E 364 8.45 23.63 -9.98
CA GLU E 364 7.01 23.51 -9.81
C GLU E 364 6.70 22.56 -8.66
N ALA E 365 5.78 23.00 -7.78
CA ALA E 365 5.46 22.23 -6.59
C ALA E 365 5.14 20.78 -6.91
N SER E 366 4.36 20.57 -7.97
CA SER E 366 3.95 19.20 -8.33
C SER E 366 5.15 18.32 -8.66
N ALA E 367 6.25 18.91 -9.10
CA ALA E 367 7.43 18.16 -9.50
C ALA E 367 8.32 17.77 -8.33
N ALA E 368 8.04 18.26 -7.11
CA ALA E 368 8.93 18.00 -6.00
C ALA E 368 9.17 16.51 -5.77
N PRO E 369 8.16 15.66 -5.68
CA PRO E 369 8.43 14.23 -5.48
C PRO E 369 9.37 13.64 -6.53
N HIS E 370 9.14 13.97 -7.80
CA HIS E 370 10.00 13.46 -8.86
C HIS E 370 11.42 14.01 -8.74
N ALA E 371 11.55 15.30 -8.41
CA ALA E 371 12.88 15.89 -8.29
C ALA E 371 13.71 15.16 -7.24
N MET E 372 13.11 14.88 -6.08
CA MET E 372 13.84 14.18 -5.03
C MET E 372 14.25 12.78 -5.47
N ARG E 373 13.36 12.07 -6.17
CA ARG E 373 13.69 10.72 -6.62
C ARG E 373 14.82 10.76 -7.66
N HIS E 374 14.72 11.67 -8.62
CA HIS E 374 15.76 11.76 -9.65
C HIS E 374 17.09 12.19 -9.05
N ILE E 375 17.08 13.24 -8.23
CA ILE E 375 18.31 13.76 -7.64
C ILE E 375 19.03 12.66 -6.85
N GLN E 376 18.29 11.96 -5.98
CA GLN E 376 18.90 10.94 -5.15
C GLN E 376 19.54 9.83 -5.99
N GLU E 377 18.83 9.37 -7.02
CA GLU E 377 19.33 8.25 -7.82
C GLU E 377 20.56 8.62 -8.62
N HIS E 378 20.68 9.89 -9.02
CA HIS E 378 21.80 10.37 -9.82
C HIS E 378 22.89 11.03 -8.98
N TYR E 379 22.91 10.78 -7.67
CA TYR E 379 23.89 11.37 -6.77
C TYR E 379 24.76 10.28 -6.16
N GLY E 380 26.07 10.43 -6.29
CA GLY E 380 27.00 9.47 -5.73
C GLY E 380 27.15 9.66 -4.23
N GLY E 381 26.04 9.54 -3.52
CA GLY E 381 26.02 9.74 -2.08
C GLY E 381 24.59 9.84 -1.62
N THR E 382 24.44 9.91 -0.30
CA THR E 382 23.12 10.08 0.30
C THR E 382 22.81 11.56 0.47
N ALA E 383 21.65 11.99 -0.03
CA ALA E 383 21.24 13.38 -0.01
C ALA E 383 19.98 13.51 0.84
N THR E 384 19.90 14.61 1.59
CA THR E 384 18.73 14.93 2.40
C THR E 384 17.98 16.09 1.76
N PHE E 385 16.66 16.07 1.90
CA PHE E 385 15.80 17.03 1.23
C PHE E 385 14.92 17.77 2.24
N TYR E 386 14.75 19.06 2.01
CA TYR E 386 13.82 19.90 2.77
C TYR E 386 12.97 20.69 1.79
N LEU E 387 11.65 20.49 1.85
CA LEU E 387 10.71 21.34 1.15
C LEU E 387 10.24 22.40 2.13
N SER E 388 10.76 23.63 1.97
CA SER E 388 10.56 24.68 2.96
C SER E 388 9.83 25.87 2.38
N GLN E 389 9.06 26.54 3.23
CA GLN E 389 8.47 27.84 2.96
C GLN E 389 9.26 28.93 3.68
N ALA E 390 9.06 30.17 3.23
CA ALA E 390 9.65 31.31 3.90
C ALA E 390 9.00 31.52 5.27
N ALA E 391 9.82 31.62 6.30
CA ALA E 391 9.37 31.69 7.69
C ALA E 391 9.71 33.04 8.30
N ASP E 392 9.23 33.23 9.53
CA ASP E 392 9.50 34.43 10.31
C ASP E 392 10.91 34.40 10.89
N GLY E 393 11.39 35.57 11.27
CA GLY E 393 12.67 35.69 11.95
C GLY E 393 12.54 35.40 13.43
N ALA E 394 13.61 35.76 14.16
CA ALA E 394 13.67 35.50 15.60
C ALA E 394 12.45 36.08 16.30
N LYS E 395 11.95 35.36 17.30
CA LYS E 395 10.80 35.81 18.07
C LYS E 395 10.83 35.22 19.46
N VAL E 396 10.10 35.87 20.37
CA VAL E 396 9.90 35.38 21.72
C VAL E 396 8.78 34.36 21.74
N LEU E 397 8.91 33.32 22.57
CA LEU E 397 7.89 32.30 22.76
C LEU E 397 7.40 32.36 24.20
N CYS E 398 6.09 32.53 24.39
CA CYS E 398 5.52 32.67 25.72
C CYS E 398 5.25 31.29 26.31
N LEU E 399 5.78 31.06 27.51
CA LEU E 399 5.62 29.79 28.20
C LEU E 399 4.42 29.81 29.15
N GLN F 13 -41.29 -17.68 11.83
CA GLN F 13 -41.25 -16.23 11.85
C GLN F 13 -40.16 -15.69 10.95
N PRO F 14 -40.42 -14.54 10.31
CA PRO F 14 -39.45 -14.00 9.35
C PRO F 14 -38.15 -13.64 10.06
N GLN F 15 -37.04 -13.82 9.34
CA GLN F 15 -35.71 -13.50 9.83
C GLN F 15 -35.24 -12.15 9.31
N VAL F 16 -34.14 -11.66 9.91
CA VAL F 16 -33.65 -10.32 9.61
C VAL F 16 -33.30 -10.19 8.13
N ALA F 17 -32.65 -11.20 7.56
CA ALA F 17 -32.24 -11.11 6.16
C ALA F 17 -33.44 -10.96 5.24
N GLU F 18 -34.49 -11.74 5.47
CA GLU F 18 -35.70 -11.63 4.67
C GLU F 18 -36.34 -10.25 4.83
N LEU F 19 -36.43 -9.77 6.07
CA LEU F 19 -36.99 -8.44 6.31
C LEU F 19 -36.10 -7.34 5.73
N LEU F 20 -34.78 -7.46 5.92
CA LEU F 20 -33.88 -6.46 5.36
C LEU F 20 -34.04 -6.36 3.85
N ALA F 21 -34.25 -7.49 3.19
CA ALA F 21 -34.45 -7.47 1.74
C ALA F 21 -35.77 -6.80 1.40
N GLU F 22 -36.83 -7.08 2.18
CA GLU F 22 -38.11 -6.43 1.93
C GLU F 22 -38.00 -4.92 2.09
N ALA F 23 -37.25 -4.46 3.10
CA ALA F 23 -37.08 -3.03 3.31
C ALA F 23 -36.25 -2.41 2.19
N ARG F 24 -35.32 -3.17 1.62
CA ARG F 24 -34.50 -2.65 0.54
C ARG F 24 -35.30 -2.50 -0.75
N ARG F 25 -36.11 -3.50 -1.09
CA ARG F 25 -36.97 -3.40 -2.26
C ARG F 25 -37.93 -2.21 -2.15
N ALA F 26 -38.57 -2.07 -0.98
CA ALA F 26 -39.51 -0.96 -0.80
C ALA F 26 -38.80 0.38 -0.89
N PHE F 27 -37.61 0.47 -0.30
CA PHE F 27 -36.84 1.71 -0.38
C PHE F 27 -36.48 2.02 -1.84
N ARG F 28 -36.14 0.99 -2.61
CA ARG F 28 -35.82 1.20 -4.02
C ARG F 28 -37.03 1.71 -4.78
N GLU F 29 -38.16 1.01 -4.67
CA GLU F 29 -39.38 1.42 -5.37
C GLU F 29 -39.81 2.83 -4.97
N GLU F 30 -39.54 3.23 -3.73
CA GLU F 30 -40.04 4.50 -3.20
C GLU F 30 -39.10 5.67 -3.43
N PHE F 31 -37.79 5.44 -3.42
CA PHE F 31 -36.81 6.52 -3.50
C PHE F 31 -35.87 6.44 -4.69
N GLY F 32 -35.87 5.34 -5.44
CA GLY F 32 -35.10 5.25 -6.66
C GLY F 32 -33.66 4.81 -6.50
N ALA F 33 -33.14 4.72 -5.29
CA ALA F 33 -31.78 4.29 -5.04
C ALA F 33 -31.76 3.22 -3.96
N GLU F 34 -30.57 2.66 -3.71
CA GLU F 34 -30.37 1.73 -2.62
C GLU F 34 -30.22 2.50 -1.31
N PRO F 35 -30.78 2.00 -0.21
CA PRO F 35 -30.53 2.61 1.09
C PRO F 35 -29.06 2.48 1.47
N GLU F 36 -28.58 3.45 2.24
CA GLU F 36 -27.19 3.44 2.68
C GLU F 36 -27.02 2.89 4.08
N LEU F 37 -28.05 2.95 4.91
CA LEU F 37 -27.95 2.53 6.30
C LEU F 37 -29.09 1.58 6.63
N ALA F 38 -28.82 0.62 7.51
CA ALA F 38 -29.81 -0.37 7.91
C ALA F 38 -29.71 -0.59 9.42
N VAL F 39 -30.85 -0.90 10.03
CA VAL F 39 -30.94 -0.98 11.49
C VAL F 39 -32.12 -1.86 11.85
N SER F 40 -32.02 -2.53 13.01
CA SER F 40 -33.10 -3.38 13.50
C SER F 40 -33.20 -3.27 15.01
N ALA F 41 -34.42 -3.51 15.51
CA ALA F 41 -34.76 -3.50 16.94
C ALA F 41 -35.93 -4.46 17.14
N PRO F 42 -35.85 -5.35 18.12
CA PRO F 42 -36.89 -6.37 18.29
C PRO F 42 -38.05 -5.92 19.17
N GLY F 43 -39.14 -6.67 19.07
CA GLY F 43 -40.19 -6.62 20.07
C GLY F 43 -39.80 -7.39 21.32
N ARG F 44 -40.74 -7.46 22.25
CA ARG F 44 -40.44 -8.06 23.55
C ARG F 44 -41.67 -8.74 24.12
N VAL F 45 -41.42 -9.74 24.97
CA VAL F 45 -42.44 -10.33 25.82
C VAL F 45 -41.90 -10.36 27.25
N ASN F 46 -42.74 -9.97 28.21
CA ASN F 46 -42.37 -9.99 29.62
C ASN F 46 -42.76 -11.35 30.20
N LEU F 47 -41.76 -12.14 30.60
CA LEU F 47 -42.06 -13.45 31.17
C LEU F 47 -42.76 -13.32 32.52
N ILE F 48 -42.31 -12.40 33.36
CA ILE F 48 -42.93 -12.17 34.66
C ILE F 48 -42.42 -10.85 35.22
N GLY F 49 -43.19 -10.24 36.11
CA GLY F 49 -42.81 -8.97 36.70
C GLY F 49 -43.63 -7.83 36.14
N GLU F 50 -44.96 -8.00 36.13
CA GLU F 50 -45.85 -7.06 35.45
C GLU F 50 -46.26 -5.90 36.34
N HIS F 51 -46.34 -4.71 35.74
CA HIS F 51 -46.76 -3.48 36.43
C HIS F 51 -45.87 -3.18 37.63
N THR F 52 -44.61 -3.60 37.56
CA THR F 52 -43.61 -3.24 38.55
C THR F 52 -42.59 -2.21 38.07
N ASP F 53 -42.46 -2.00 36.76
CA ASP F 53 -41.38 -1.16 36.25
C ASP F 53 -41.57 0.30 36.67
N TYR F 54 -42.78 0.84 36.52
CA TYR F 54 -42.98 2.19 37.03
C TYR F 54 -43.06 2.25 38.55
N ASN F 55 -42.96 1.12 39.23
CA ASN F 55 -42.81 1.07 40.68
C ASN F 55 -41.35 0.83 41.09
N GLN F 56 -40.42 1.01 40.17
CA GLN F 56 -38.99 0.80 40.44
C GLN F 56 -38.71 -0.65 40.86
N GLY F 57 -39.44 -1.59 40.27
CA GLY F 57 -39.34 -2.99 40.63
C GLY F 57 -38.44 -3.77 39.70
N LEU F 58 -38.71 -5.07 39.59
CA LEU F 58 -37.93 -5.99 38.77
C LEU F 58 -38.78 -6.51 37.63
N VAL F 59 -38.15 -6.77 36.49
CA VAL F 59 -38.81 -7.34 35.32
C VAL F 59 -37.92 -8.39 34.71
N LEU F 60 -38.54 -9.35 34.00
CA LEU F 60 -37.84 -10.45 33.35
C LEU F 60 -38.36 -10.61 31.93
N PRO F 61 -38.07 -9.65 31.05
CA PRO F 61 -38.45 -9.78 29.65
C PRO F 61 -37.35 -10.44 28.82
N MET F 62 -37.74 -10.90 27.64
CA MET F 62 -36.82 -11.36 26.62
C MET F 62 -37.18 -10.75 25.28
N ALA F 63 -36.18 -10.46 24.47
CA ALA F 63 -36.42 -9.94 23.14
C ALA F 63 -36.97 -11.04 22.23
N LEU F 64 -37.89 -10.67 21.35
CA LEU F 64 -38.52 -11.64 20.48
C LEU F 64 -37.82 -11.67 19.12
N GLU F 65 -38.13 -12.72 18.35
CA GLU F 65 -37.67 -12.76 16.97
C GLU F 65 -38.48 -11.83 16.08
N LEU F 66 -39.64 -11.37 16.55
CA LEU F 66 -40.36 -10.30 15.88
C LEU F 66 -39.55 -9.01 15.98
N MET F 67 -39.52 -8.26 14.87
CA MET F 67 -38.45 -7.28 14.67
C MET F 67 -38.96 -6.11 13.85
N THR F 68 -38.34 -4.94 14.08
CA THR F 68 -38.47 -3.78 13.21
C THR F 68 -37.14 -3.52 12.53
N VAL F 69 -37.17 -3.38 11.20
CA VAL F 69 -35.98 -3.04 10.41
C VAL F 69 -36.20 -1.69 9.76
N LEU F 70 -35.21 -0.80 9.90
CA LEU F 70 -35.22 0.51 9.26
C LEU F 70 -34.02 0.64 8.34
N VAL F 71 -34.28 0.96 7.08
CA VAL F 71 -33.22 1.26 6.12
C VAL F 71 -33.47 2.67 5.60
N GLY F 72 -32.38 3.38 5.31
CA GLY F 72 -32.51 4.73 4.83
C GLY F 72 -31.17 5.35 4.50
N SER F 73 -31.22 6.64 4.18
CA SER F 73 -30.04 7.40 3.79
C SER F 73 -30.22 8.84 4.24
N PRO F 74 -29.14 9.55 4.53
CA PRO F 74 -29.25 10.97 4.85
C PRO F 74 -29.61 11.79 3.62
N ARG F 75 -30.19 12.97 3.87
CA ARG F 75 -30.56 13.92 2.84
C ARG F 75 -29.84 15.24 3.10
N LYS F 76 -29.73 16.05 2.04
CA LYS F 76 -29.28 17.43 2.18
C LYS F 76 -30.44 18.38 2.43
N ASP F 77 -31.67 17.88 2.32
CA ASP F 77 -32.87 18.70 2.33
C ASP F 77 -33.20 19.25 3.71
N GLY F 78 -32.71 18.64 4.77
CA GLY F 78 -33.27 18.96 6.07
C GLY F 78 -34.66 18.42 6.25
N LEU F 79 -35.10 17.52 5.37
CA LEU F 79 -36.43 16.91 5.42
C LEU F 79 -36.33 15.47 5.90
N VAL F 80 -37.45 14.98 6.41
CA VAL F 80 -37.63 13.57 6.76
C VAL F 80 -38.72 13.01 5.86
N SER F 81 -38.40 11.95 5.12
CA SER F 81 -39.36 11.28 4.24
C SER F 81 -39.45 9.84 4.71
N LEU F 82 -40.65 9.43 5.13
CA LEU F 82 -40.84 8.13 5.76
C LEU F 82 -41.88 7.32 5.00
N LEU F 83 -41.69 6.00 5.02
CA LEU F 83 -42.65 5.06 4.49
C LEU F 83 -42.66 3.83 5.36
N THR F 84 -43.84 3.41 5.79
CA THR F 84 -44.01 2.17 6.54
C THR F 84 -44.83 1.20 5.69
N THR F 85 -44.42 -0.07 5.70
CA THR F 85 -45.10 -1.10 4.94
C THR F 85 -46.09 -1.90 5.79
N SER F 86 -46.29 -1.49 7.05
CA SER F 86 -47.22 -2.19 7.92
C SER F 86 -48.65 -1.72 7.62
N GLU F 87 -49.54 -2.70 7.39
CA GLU F 87 -50.91 -2.38 6.98
C GLU F 87 -51.75 -1.87 8.14
N GLY F 88 -51.50 -2.38 9.34
CA GLY F 88 -52.29 -1.93 10.48
C GLY F 88 -52.01 -0.53 10.97
N ALA F 89 -51.15 0.23 10.28
CA ALA F 89 -50.80 1.58 10.69
C ALA F 89 -51.90 2.57 10.32
N ASP F 90 -51.86 3.74 10.95
CA ASP F 90 -52.82 4.79 10.60
C ASP F 90 -52.49 5.38 9.24
N GLU F 91 -53.51 5.54 8.41
CA GLU F 91 -53.30 6.11 7.08
C GLU F 91 -53.08 7.62 7.19
N PRO F 92 -52.20 8.19 6.37
CA PRO F 92 -51.44 7.54 5.28
C PRO F 92 -50.17 6.86 5.74
N GLN F 93 -49.77 5.78 5.07
CA GLN F 93 -48.56 5.05 5.42
C GLN F 93 -47.29 5.76 4.96
N ARG F 94 -47.42 6.91 4.30
CA ARG F 94 -46.28 7.74 3.94
C ARG F 94 -46.40 9.09 4.62
N LEU F 95 -45.26 9.65 4.99
CA LEU F 95 -45.25 10.98 5.59
C LEU F 95 -43.88 11.62 5.39
N GLN F 96 -43.89 12.93 5.19
CA GLN F 96 -42.67 13.73 5.08
C GLN F 96 -42.86 15.04 5.83
N PHE F 97 -41.80 15.47 6.50
CA PHE F 97 -41.84 16.68 7.32
C PHE F 97 -40.42 17.21 7.47
N PRO F 98 -40.26 18.50 7.73
CA PRO F 98 -38.93 19.07 7.93
C PRO F 98 -38.39 18.78 9.33
N LEU F 99 -37.07 18.86 9.43
CA LEU F 99 -36.41 18.62 10.70
C LEU F 99 -36.82 19.70 11.71
N PRO F 100 -36.84 19.39 13.00
CA PRO F 100 -37.14 20.42 14.01
C PRO F 100 -36.01 21.43 14.14
N THR F 101 -36.37 22.62 14.62
CA THR F 101 -35.43 23.71 14.82
C THR F 101 -35.55 24.22 16.26
N ALA F 102 -34.59 25.05 16.67
CA ALA F 102 -34.75 25.78 17.93
C ALA F 102 -35.96 26.70 17.86
N GLN F 103 -36.27 27.23 16.68
CA GLN F 103 -37.42 28.10 16.48
C GLN F 103 -38.70 27.28 16.60
N ARG F 104 -38.94 26.38 15.65
CA ARG F 104 -40.10 25.52 15.65
C ARG F 104 -39.68 24.08 15.93
N SER F 105 -40.39 23.42 16.83
CA SER F 105 -40.15 22.03 17.18
C SER F 105 -41.24 21.14 16.61
N LEU F 106 -40.89 19.87 16.42
CA LEU F 106 -41.87 18.89 15.95
C LEU F 106 -43.09 18.90 16.86
N GLU F 107 -44.23 18.53 16.29
CA GLU F 107 -45.47 18.49 17.06
C GLU F 107 -46.19 17.19 16.82
N PRO F 108 -46.75 16.58 17.86
CA PRO F 108 -47.55 15.35 17.66
C PRO F 108 -48.78 15.63 16.83
N GLY F 109 -48.87 14.96 15.69
CA GLY F 109 -50.02 15.10 14.82
C GLY F 109 -50.52 13.80 14.23
N THR F 110 -50.89 13.85 12.95
CA THR F 110 -51.35 12.73 12.15
C THR F 110 -50.46 12.58 10.92
N PRO F 111 -50.22 11.36 10.45
CA PRO F 111 -50.79 10.14 11.04
C PRO F 111 -50.16 9.78 12.40
N ARG F 112 -50.90 9.02 13.20
CA ARG F 112 -50.45 8.70 14.55
C ARG F 112 -49.13 7.93 14.54
N TRP F 113 -48.99 6.97 13.61
CA TRP F 113 -47.81 6.11 13.66
C TRP F 113 -46.53 6.92 13.54
N ALA F 114 -46.56 8.04 12.80
CA ALA F 114 -45.38 8.87 12.65
C ALA F 114 -45.02 9.63 13.92
N ASN F 115 -45.94 9.74 14.88
CA ASN F 115 -45.61 10.44 16.12
C ASN F 115 -44.47 9.77 16.86
N TYR F 116 -44.36 8.45 16.76
CA TYR F 116 -43.29 7.75 17.46
C TYR F 116 -41.93 8.15 16.92
N VAL F 117 -41.81 8.24 15.59
CA VAL F 117 -40.54 8.66 15.01
C VAL F 117 -40.30 10.14 15.25
N LYS F 118 -41.35 10.95 15.16
CA LYS F 118 -41.21 12.38 15.42
C LYS F 118 -40.65 12.64 16.81
N GLY F 119 -41.19 11.94 17.82
CA GLY F 119 -40.73 12.16 19.18
C GLY F 119 -39.27 11.81 19.38
N VAL F 120 -38.85 10.66 18.82
CA VAL F 120 -37.45 10.25 18.96
C VAL F 120 -36.52 11.29 18.32
N ILE F 121 -36.92 11.82 17.16
CA ILE F 121 -36.13 12.87 16.52
C ILE F 121 -36.05 14.10 17.43
N GLN F 122 -37.20 14.52 17.95
CA GLN F 122 -37.26 15.76 18.72
C GLN F 122 -36.35 15.70 19.95
N TYR F 123 -36.27 14.53 20.60
CA TYR F 123 -35.52 14.41 21.84
C TYR F 123 -34.14 13.79 21.65
N TYR F 124 -33.73 13.54 20.42
CA TYR F 124 -32.40 13.01 20.19
C TYR F 124 -31.35 14.02 20.68
N PRO F 125 -30.38 13.61 21.48
CA PRO F 125 -29.48 14.55 22.17
C PRO F 125 -28.27 15.00 21.37
N ALA F 126 -28.03 14.48 20.18
CA ALA F 126 -26.83 14.80 19.42
C ALA F 126 -27.18 15.66 18.21
N ALA F 127 -26.19 16.41 17.73
CA ALA F 127 -26.34 17.29 16.59
C ALA F 127 -25.01 17.41 15.88
N PRO F 128 -25.01 17.77 14.58
CA PRO F 128 -26.23 18.09 13.84
C PRO F 128 -26.91 16.87 13.22
N LEU F 129 -28.23 16.79 13.34
CA LEU F 129 -28.99 15.71 12.76
C LEU F 129 -29.42 16.06 11.35
N PRO F 130 -28.99 15.34 10.32
CA PRO F 130 -29.44 15.64 8.96
C PRO F 130 -30.83 15.09 8.68
N GLY F 131 -31.42 15.59 7.60
CA GLY F 131 -32.59 14.94 7.05
C GLY F 131 -32.27 13.54 6.57
N PHE F 132 -33.31 12.74 6.38
CA PHE F 132 -33.10 11.38 5.91
C PHE F 132 -34.37 10.84 5.27
N SER F 133 -34.18 9.84 4.41
CA SER F 133 -35.25 9.01 3.90
C SER F 133 -35.15 7.62 4.53
N ALA F 134 -36.30 7.01 4.79
CA ALA F 134 -36.30 5.71 5.47
C ALA F 134 -37.63 5.01 5.21
N VAL F 135 -37.56 3.68 5.12
CA VAL F 135 -38.73 2.82 5.07
C VAL F 135 -38.70 1.91 6.29
N VAL F 136 -39.88 1.66 6.87
CA VAL F 136 -40.02 0.81 8.05
C VAL F 136 -40.67 -0.49 7.62
N VAL F 137 -40.09 -1.61 8.03
CA VAL F 137 -40.73 -2.92 7.91
C VAL F 137 -40.69 -3.58 9.28
N SER F 138 -41.69 -4.40 9.55
CA SER F 138 -41.85 -4.96 10.89
C SER F 138 -42.59 -6.28 10.83
N SER F 139 -42.15 -7.23 11.64
CA SER F 139 -42.90 -8.45 11.92
C SER F 139 -43.55 -8.42 13.29
N VAL F 140 -43.47 -7.30 14.00
CA VAL F 140 -44.10 -7.13 15.30
C VAL F 140 -45.55 -6.68 15.07
N PRO F 141 -46.55 -7.43 15.54
CA PRO F 141 -47.94 -7.01 15.32
C PRO F 141 -48.24 -5.73 16.07
N LEU F 142 -48.74 -4.73 15.33
CA LEU F 142 -49.05 -3.44 15.94
C LEU F 142 -50.24 -3.56 16.87
N GLY F 143 -50.07 -3.11 18.12
CA GLY F 143 -51.13 -3.12 19.09
C GLY F 143 -51.39 -4.45 19.75
N GLY F 144 -50.51 -5.42 19.57
CA GLY F 144 -50.67 -6.74 20.14
C GLY F 144 -50.01 -6.98 21.48
N GLY F 145 -49.44 -5.94 22.09
CA GLY F 145 -48.81 -6.06 23.39
C GLY F 145 -47.37 -6.53 23.36
N LEU F 146 -46.79 -6.74 22.19
CA LEU F 146 -45.39 -7.13 22.08
C LEU F 146 -44.47 -5.93 21.87
N SER F 147 -44.96 -4.71 22.11
CA SER F 147 -44.16 -3.49 22.02
C SER F 147 -43.66 -3.26 20.59
N SER F 148 -44.61 -3.16 19.66
CA SER F 148 -44.26 -2.62 18.35
C SER F 148 -43.81 -1.18 18.46
N SER F 149 -44.42 -0.44 19.39
CA SER F 149 -44.02 0.94 19.64
C SER F 149 -42.56 1.04 20.04
N ALA F 150 -42.16 0.27 21.08
CA ALA F 150 -40.77 0.31 21.53
C ALA F 150 -39.83 -0.19 20.45
N SER F 151 -40.24 -1.24 19.71
CA SER F 151 -39.45 -1.69 18.57
C SER F 151 -39.24 -0.56 17.57
N LEU F 152 -40.30 0.18 17.25
CA LEU F 152 -40.19 1.30 16.33
C LEU F 152 -39.30 2.40 16.89
N GLU F 153 -39.49 2.74 18.17
CA GLU F 153 -38.73 3.83 18.77
C GLU F 153 -37.24 3.51 18.84
N VAL F 154 -36.90 2.30 19.26
CA VAL F 154 -35.49 1.94 19.39
C VAL F 154 -34.84 1.83 18.03
N ALA F 155 -35.57 1.30 17.04
CA ALA F 155 -35.06 1.28 15.67
C ALA F 155 -34.76 2.69 15.18
N THR F 156 -35.71 3.60 15.33
CA THR F 156 -35.46 4.99 14.97
C THR F 156 -34.24 5.53 15.69
N TYR F 157 -34.18 5.35 17.01
CA TYR F 157 -33.03 5.85 17.75
C TYR F 157 -31.74 5.26 17.20
N THR F 158 -31.72 3.94 16.99
CA THR F 158 -30.51 3.31 16.45
C THR F 158 -30.18 3.84 15.06
N PHE F 159 -31.20 4.15 14.26
CA PHE F 159 -30.95 4.74 12.95
C PHE F 159 -30.31 6.12 13.10
N LEU F 160 -30.89 6.97 13.94
CA LEU F 160 -30.32 8.30 14.13
C LEU F 160 -28.88 8.23 14.62
N GLN F 161 -28.50 7.17 15.31
CA GLN F 161 -27.12 7.01 15.74
C GLN F 161 -26.17 6.91 14.55
N GLN F 162 -26.63 6.36 13.43
CA GLN F 162 -25.79 6.30 12.23
C GLN F 162 -25.62 7.67 11.61
N LEU F 163 -26.69 8.48 11.56
CA LEU F 163 -26.58 9.83 11.04
C LEU F 163 -25.77 10.72 11.95
N CYS F 164 -25.87 10.52 13.27
CA CYS F 164 -25.24 11.41 14.23
C CYS F 164 -25.02 10.67 15.54
N PRO F 165 -23.86 10.04 15.72
CA PRO F 165 -23.66 9.21 16.93
C PRO F 165 -23.80 10.05 18.18
N ASP F 166 -24.41 9.45 19.21
CA ASP F 166 -24.64 10.11 20.48
C ASP F 166 -23.51 9.78 21.46
N SER F 167 -23.50 10.53 22.57
CA SER F 167 -22.47 10.39 23.59
C SER F 167 -22.94 9.65 24.84
N GLY F 168 -24.17 9.89 25.27
CA GLY F 168 -24.63 9.43 26.57
C GLY F 168 -24.71 7.93 26.73
N THR F 169 -25.40 7.47 27.78
CA THR F 169 -25.46 6.08 28.15
C THR F 169 -26.64 5.38 27.50
N ILE F 170 -26.61 4.03 27.53
CA ILE F 170 -27.71 3.23 27.01
C ILE F 170 -29.00 3.57 27.74
N ALA F 171 -28.92 3.81 29.05
CA ALA F 171 -30.12 4.18 29.80
C ALA F 171 -30.74 5.45 29.22
N ALA F 172 -29.90 6.40 28.80
CA ALA F 172 -30.42 7.63 28.20
C ALA F 172 -31.21 7.33 26.94
N ARG F 173 -30.74 6.38 26.12
CA ARG F 173 -31.49 6.00 24.92
C ARG F 173 -32.86 5.45 25.28
N ALA F 174 -32.92 4.55 26.27
CA ALA F 174 -34.21 4.06 26.73
C ALA F 174 -35.09 5.21 27.20
N GLN F 175 -34.53 6.13 27.98
CA GLN F 175 -35.33 7.25 28.48
C GLN F 175 -35.71 8.22 27.38
N VAL F 176 -34.85 8.39 26.37
CA VAL F 176 -35.23 9.21 25.22
C VAL F 176 -36.43 8.60 24.51
N CYS F 177 -36.36 7.30 24.24
CA CYS F 177 -37.47 6.62 23.57
C CYS F 177 -38.72 6.62 24.44
N GLN F 178 -38.56 6.54 25.76
CA GLN F 178 -39.71 6.59 26.67
C GLN F 178 -40.31 7.99 26.71
N GLN F 179 -39.46 9.03 26.77
CA GLN F 179 -39.98 10.39 26.73
C GLN F 179 -40.84 10.62 25.51
N ALA F 180 -40.42 10.11 24.35
CA ALA F 180 -41.19 10.29 23.12
C ALA F 180 -42.57 9.66 23.25
N GLU F 181 -42.63 8.43 23.76
CA GLU F 181 -43.92 7.76 23.92
C GLU F 181 -44.82 8.56 24.86
N HIS F 182 -44.23 9.19 25.87
CA HIS F 182 -44.99 10.04 26.79
C HIS F 182 -45.55 11.25 26.07
N SER F 183 -44.67 12.04 25.44
CA SER F 183 -45.04 13.35 24.93
C SER F 183 -45.73 13.31 23.57
N PHE F 184 -45.34 12.39 22.70
CA PHE F 184 -45.86 12.37 21.34
C PHE F 184 -46.93 11.31 21.10
N ALA F 185 -46.92 10.22 21.88
CA ALA F 185 -47.95 9.19 21.77
C ALA F 185 -48.96 9.23 22.91
N GLY F 186 -48.71 10.04 23.95
CA GLY F 186 -49.63 10.14 25.07
C GLY F 186 -49.80 8.90 25.92
N MET F 187 -48.77 8.06 26.01
CA MET F 187 -48.83 6.82 26.78
C MET F 187 -47.74 6.80 27.85
N PRO F 188 -48.08 7.01 29.12
CA PRO F 188 -47.06 7.10 30.19
C PRO F 188 -46.55 5.74 30.63
N CYS F 189 -45.75 5.11 29.76
CA CYS F 189 -45.20 3.80 30.02
C CYS F 189 -43.96 3.90 30.92
N GLY F 190 -43.48 2.74 31.35
CA GLY F 190 -42.20 2.63 32.03
C GLY F 190 -41.06 2.39 31.06
N ILE F 191 -39.87 2.16 31.63
CA ILE F 191 -38.66 1.97 30.81
C ILE F 191 -38.50 0.54 30.30
N MET F 192 -39.29 -0.41 30.80
CA MET F 192 -39.04 -1.82 30.51
C MET F 192 -38.96 -2.08 29.02
N ASP F 193 -40.00 -1.68 28.28
CA ASP F 193 -40.10 -2.07 26.88
C ASP F 193 -38.93 -1.54 26.07
N GLN F 194 -38.60 -0.26 26.26
CA GLN F 194 -37.46 0.32 25.56
C GLN F 194 -36.17 -0.37 25.96
N PHE F 195 -36.02 -0.71 27.25
CA PHE F 195 -34.77 -1.27 27.74
C PHE F 195 -34.50 -2.66 27.16
N ILE F 196 -35.52 -3.52 27.12
CA ILE F 196 -35.32 -4.87 26.61
C ILE F 196 -35.07 -4.83 25.10
N SER F 197 -35.74 -3.92 24.40
CA SER F 197 -35.48 -3.76 22.98
C SER F 197 -34.04 -3.33 22.73
N LEU F 198 -33.47 -2.55 23.64
CA LEU F 198 -32.09 -2.10 23.51
C LEU F 198 -31.08 -3.13 24.02
N MET F 199 -31.42 -3.89 25.06
CA MET F 199 -30.43 -4.66 25.80
C MET F 199 -30.54 -6.17 25.62
N GLY F 200 -31.50 -6.66 24.84
CA GLY F 200 -31.69 -8.09 24.75
C GLY F 200 -30.45 -8.81 24.22
N GLN F 201 -30.27 -10.05 24.67
CA GLN F 201 -29.22 -10.93 24.18
C GLN F 201 -29.87 -12.26 23.79
N LYS F 202 -29.52 -12.78 22.61
CA LYS F 202 -30.17 -13.99 22.13
C LYS F 202 -29.85 -15.15 23.06
N GLY F 203 -30.82 -16.03 23.26
CA GLY F 203 -30.66 -17.13 24.20
C GLY F 203 -30.58 -16.70 25.65
N HIS F 204 -31.12 -15.54 25.98
CA HIS F 204 -31.08 -15.02 27.35
C HIS F 204 -32.35 -14.22 27.61
N ALA F 205 -32.84 -14.31 28.84
CA ALA F 205 -33.80 -13.36 29.38
C ALA F 205 -33.04 -12.29 30.15
N LEU F 206 -33.66 -11.14 30.33
CA LEU F 206 -33.00 -9.98 30.95
C LEU F 206 -33.75 -9.61 32.22
N LEU F 207 -33.14 -9.89 33.37
CA LEU F 207 -33.66 -9.42 34.65
C LEU F 207 -33.26 -7.97 34.84
N ILE F 208 -34.23 -7.06 34.81
CA ILE F 208 -33.98 -5.62 34.87
C ILE F 208 -34.41 -5.09 36.22
N ASP F 209 -33.49 -4.45 36.93
CA ASP F 209 -33.78 -3.72 38.15
C ASP F 209 -34.09 -2.27 37.77
N CYS F 210 -35.37 -1.90 37.82
CA CYS F 210 -35.82 -0.59 37.34
C CYS F 210 -35.52 0.53 38.33
N ARG F 211 -34.94 0.24 39.49
CA ARG F 211 -34.45 1.27 40.39
C ARG F 211 -33.02 1.66 40.05
N SER F 212 -32.12 0.70 39.98
CA SER F 212 -30.72 0.96 39.68
C SER F 212 -30.41 0.84 38.20
N LEU F 213 -31.31 0.25 37.41
CA LEU F 213 -31.10 -0.04 35.99
C LEU F 213 -29.97 -1.03 35.77
N GLU F 214 -29.48 -1.65 36.85
CA GLU F 214 -28.57 -2.77 36.70
C GLU F 214 -29.27 -3.92 35.97
N THR F 215 -28.48 -4.69 35.22
CA THR F 215 -29.02 -5.71 34.33
C THR F 215 -28.34 -7.05 34.59
N SER F 216 -29.12 -8.13 34.50
CA SER F 216 -28.61 -9.49 34.66
C SER F 216 -29.12 -10.37 33.53
N LEU F 217 -28.21 -11.06 32.85
CA LEU F 217 -28.54 -11.98 31.78
C LEU F 217 -28.85 -13.37 32.34
N VAL F 218 -30.08 -13.81 32.16
CA VAL F 218 -30.53 -15.12 32.63
C VAL F 218 -30.67 -16.02 31.42
N PRO F 219 -29.88 -17.09 31.30
CA PRO F 219 -29.92 -17.91 30.09
C PRO F 219 -31.29 -18.53 29.87
N LEU F 220 -31.74 -18.48 28.60
CA LEU F 220 -32.97 -19.12 28.13
C LEU F 220 -32.62 -19.79 26.80
N SER F 221 -32.05 -20.99 26.87
CA SER F 221 -31.53 -21.68 25.70
C SER F 221 -31.64 -23.19 25.90
N ASP F 222 -32.86 -23.71 25.79
CA ASP F 222 -33.12 -25.14 25.94
C ASP F 222 -33.97 -25.61 24.77
N PRO F 223 -33.41 -26.41 23.86
CA PRO F 223 -34.23 -26.93 22.75
C PRO F 223 -35.48 -27.64 23.20
N LYS F 224 -35.50 -28.17 24.42
CA LYS F 224 -36.68 -28.81 24.99
C LYS F 224 -37.73 -27.80 25.48
N LEU F 225 -37.38 -26.53 25.58
CA LEU F 225 -38.25 -25.50 26.13
C LEU F 225 -38.69 -24.52 25.05
N ALA F 226 -39.98 -24.21 25.04
CA ALA F 226 -40.56 -23.24 24.12
C ALA F 226 -41.30 -22.17 24.91
N VAL F 227 -41.35 -20.97 24.35
CA VAL F 227 -42.11 -19.85 24.89
C VAL F 227 -43.24 -19.58 23.92
N LEU F 228 -44.48 -19.84 24.34
CA LEU F 228 -45.64 -19.71 23.47
C LEU F 228 -46.35 -18.40 23.78
N ILE F 229 -46.44 -17.53 22.78
CA ILE F 229 -47.13 -16.26 22.89
C ILE F 229 -48.48 -16.38 22.19
N THR F 230 -49.54 -16.03 22.89
CA THR F 230 -50.90 -16.11 22.37
C THR F 230 -51.54 -14.73 22.40
N ASN F 231 -51.88 -14.21 21.22
CA ASN F 231 -52.54 -12.92 21.11
C ASN F 231 -54.05 -13.13 21.20
N SER F 232 -54.68 -12.52 22.20
CA SER F 232 -56.12 -12.58 22.31
C SER F 232 -56.82 -11.79 21.20
N ASN F 233 -56.08 -10.96 20.47
CA ASN F 233 -56.65 -10.10 19.45
C ASN F 233 -57.76 -9.23 20.02
N VAL F 234 -57.47 -8.64 21.18
CA VAL F 234 -58.36 -7.71 21.85
C VAL F 234 -57.53 -6.62 22.50
N ARG F 235 -58.10 -5.42 22.60
CA ARG F 235 -57.42 -4.29 23.24
C ARG F 235 -58.51 -3.33 23.74
N HIS F 236 -59.11 -3.69 24.86
CA HIS F 236 -60.19 -2.88 25.44
C HIS F 236 -59.75 -1.46 25.73
N SER F 240 -57.03 0.78 28.00
CA SER F 240 -55.72 1.42 28.07
C SER F 240 -55.79 2.69 28.91
N SER F 241 -56.99 3.05 29.34
CA SER F 241 -57.21 4.23 30.15
C SER F 241 -57.02 3.98 31.64
N GLU F 242 -56.85 2.73 32.07
CA GLU F 242 -56.66 2.43 33.47
C GLU F 242 -55.19 2.29 33.85
N TYR F 243 -54.31 2.09 32.86
CA TYR F 243 -52.87 2.09 33.13
C TYR F 243 -52.44 3.33 33.89
N PRO F 244 -52.75 4.55 33.43
CA PRO F 244 -52.40 5.74 34.23
C PRO F 244 -53.11 5.78 35.57
N VAL F 245 -54.25 5.11 35.71
CA VAL F 245 -54.94 5.09 37.01
C VAL F 245 -54.20 4.20 37.99
N ARG F 246 -53.76 3.03 37.55
CA ARG F 246 -52.97 2.16 38.41
C ARG F 246 -51.66 2.84 38.82
N ARG F 247 -51.00 3.53 37.87
CA ARG F 247 -49.77 4.25 38.21
C ARG F 247 -50.03 5.28 39.29
N ARG F 248 -51.16 5.97 39.23
CA ARG F 248 -51.47 6.97 40.26
C ARG F 248 -51.70 6.31 41.61
N GLN F 249 -52.43 5.19 41.63
CA GLN F 249 -52.73 4.50 42.89
C GLN F 249 -51.45 4.09 43.61
N CYS F 250 -50.52 3.46 42.90
CA CYS F 250 -49.27 3.04 43.52
C CYS F 250 -48.54 4.21 44.16
N GLU F 251 -48.48 5.35 43.47
CA GLU F 251 -47.87 6.54 44.05
C GLU F 251 -48.62 6.99 45.30
N GLU F 252 -49.95 6.90 45.29
CA GLU F 252 -50.72 7.30 46.46
C GLU F 252 -50.37 6.43 47.67
N VAL F 253 -50.21 5.13 47.45
CA VAL F 253 -49.86 4.23 48.56
C VAL F 253 -48.45 4.49 49.04
N ALA F 254 -47.53 4.82 48.11
CA ALA F 254 -46.15 5.08 48.52
C ALA F 254 -46.07 6.31 49.41
N ARG F 255 -46.78 7.38 49.04
CA ARG F 255 -46.84 8.55 49.91
C ARG F 255 -47.49 8.22 51.25
N ALA F 256 -48.62 7.50 51.21
CA ALA F 256 -49.32 7.15 52.45
C ALA F 256 -48.40 6.42 53.43
N LEU F 257 -47.50 5.58 52.91
CA LEU F 257 -46.54 4.86 53.75
C LEU F 257 -45.25 5.63 53.94
N GLY F 258 -45.16 6.86 53.45
CA GLY F 258 -43.94 7.63 53.58
C GLY F 258 -42.76 6.99 52.89
N ALA F 259 -42.99 6.37 51.74
CA ALA F 259 -41.97 5.71 50.96
C ALA F 259 -41.81 6.38 49.61
N ALA F 260 -40.61 6.27 49.03
CA ALA F 260 -40.34 6.86 47.73
C ALA F 260 -41.05 6.08 46.63
N SER F 261 -41.06 4.75 46.73
CA SER F 261 -41.76 3.91 45.77
C SER F 261 -42.14 2.62 46.46
N LEU F 262 -43.04 1.87 45.82
CA LEU F 262 -43.47 0.60 46.39
C LEU F 262 -42.36 -0.43 46.49
N ARG F 263 -41.22 -0.21 45.83
CA ARG F 263 -40.15 -1.20 45.94
C ARG F 263 -39.56 -1.25 47.35
N GLU F 264 -39.61 -0.15 48.08
CA GLU F 264 -39.09 -0.12 49.44
C GLU F 264 -40.10 -0.67 50.44
N VAL F 265 -41.22 -1.18 49.95
CA VAL F 265 -42.31 -1.66 50.80
C VAL F 265 -42.45 -3.17 50.59
N GLN F 266 -42.51 -3.90 51.70
CA GLN F 266 -42.76 -5.33 51.70
C GLN F 266 -44.16 -5.59 52.27
N LEU F 267 -44.65 -6.80 52.01
CA LEU F 267 -46.03 -7.14 52.35
C LEU F 267 -46.34 -6.80 53.81
N GLU F 268 -45.45 -7.18 54.73
CA GLU F 268 -45.77 -7.03 56.15
C GLU F 268 -45.98 -5.58 56.53
N GLU F 269 -45.11 -4.68 56.03
CA GLU F 269 -45.29 -3.26 56.30
C GLU F 269 -46.58 -2.75 55.66
N LEU F 270 -46.92 -3.28 54.50
CA LEU F 270 -48.20 -2.93 53.88
C LEU F 270 -49.35 -3.41 54.75
N GLU F 271 -49.17 -4.57 55.39
CA GLU F 271 -50.20 -5.10 56.28
C GLU F 271 -50.34 -4.25 57.52
N ALA F 272 -49.21 -3.79 58.09
CA ALA F 272 -49.28 -2.94 59.27
C ALA F 272 -50.00 -1.63 58.96
N ALA F 273 -49.78 -1.06 57.78
CA ALA F 273 -50.35 0.21 57.38
C ALA F 273 -51.67 0.06 56.61
N ARG F 274 -52.36 -1.07 56.77
CA ARG F 274 -53.58 -1.31 56.00
C ARG F 274 -54.55 -0.15 56.09
N ASP F 275 -54.66 0.46 57.27
CA ASP F 275 -55.65 1.50 57.53
C ASP F 275 -55.21 2.88 57.05
N LEU F 276 -54.00 3.04 56.55
CA LEU F 276 -53.55 4.32 56.02
C LEU F 276 -53.87 4.50 54.54
N VAL F 277 -54.19 3.40 53.85
CA VAL F 277 -54.49 3.43 52.42
C VAL F 277 -55.91 2.90 52.22
N SER F 278 -56.44 3.13 51.02
CA SER F 278 -57.76 2.63 50.68
C SER F 278 -57.73 1.12 50.44
N LYS F 279 -58.91 0.50 50.54
CA LYS F 279 -59.02 -0.93 50.32
C LYS F 279 -58.51 -1.31 48.94
N GLU F 280 -58.94 -0.56 47.91
CA GLU F 280 -58.44 -0.78 46.56
C GLU F 280 -56.94 -0.54 46.49
N GLY F 281 -56.49 0.56 47.09
CA GLY F 281 -55.06 0.84 47.13
C GLY F 281 -54.25 -0.29 47.75
N PHE F 282 -54.79 -0.94 48.77
CA PHE F 282 -54.05 -2.03 49.42
C PHE F 282 -53.83 -3.20 48.47
N ARG F 283 -54.86 -3.60 47.72
CA ARG F 283 -54.71 -4.71 46.78
C ARG F 283 -53.74 -4.34 45.66
N ARG F 284 -53.82 -3.11 45.17
CA ARG F 284 -52.86 -2.66 44.15
C ARG F 284 -51.44 -2.84 44.64
N ALA F 285 -51.14 -2.31 45.84
CA ALA F 285 -49.78 -2.40 46.36
C ALA F 285 -49.38 -3.84 46.65
N ARG F 286 -50.33 -4.68 47.06
CA ARG F 286 -49.98 -6.07 47.38
C ARG F 286 -49.47 -6.80 46.15
N HIS F 287 -50.04 -6.55 44.97
CA HIS F 287 -49.52 -7.17 43.76
C HIS F 287 -48.07 -6.75 43.53
N VAL F 288 -47.83 -5.44 43.54
CA VAL F 288 -46.49 -4.92 43.24
C VAL F 288 -45.47 -5.56 44.17
N VAL F 289 -45.69 -5.45 45.48
CA VAL F 289 -44.73 -6.00 46.44
C VAL F 289 -44.54 -7.49 46.21
N GLY F 290 -45.62 -8.21 45.90
CA GLY F 290 -45.51 -9.64 45.68
C GLY F 290 -44.93 -9.99 44.32
N GLU F 291 -45.19 -9.17 43.31
CA GLU F 291 -44.62 -9.43 41.99
C GLU F 291 -43.12 -9.24 41.98
N ILE F 292 -42.64 -8.21 42.68
CA ILE F 292 -41.20 -7.94 42.75
C ILE F 292 -40.46 -9.15 43.33
N ARG F 293 -41.00 -9.75 44.39
CA ARG F 293 -40.34 -10.93 44.94
C ARG F 293 -40.52 -12.14 44.02
N ARG F 294 -41.71 -12.31 43.46
CA ARG F 294 -41.91 -13.39 42.50
C ARG F 294 -40.92 -13.30 41.34
N THR F 295 -40.66 -12.08 40.86
CA THR F 295 -39.72 -11.92 39.75
C THR F 295 -38.31 -12.36 40.15
N ALA F 296 -37.83 -11.89 41.31
CA ALA F 296 -36.52 -12.32 41.78
C ALA F 296 -36.45 -13.83 41.94
N GLN F 297 -37.54 -14.44 42.41
CA GLN F 297 -37.57 -15.89 42.57
C GLN F 297 -37.54 -16.59 41.22
N ALA F 298 -38.21 -16.02 40.22
CA ALA F 298 -38.25 -16.65 38.90
C ALA F 298 -36.90 -16.58 38.21
N ALA F 299 -36.18 -15.48 38.38
CA ALA F 299 -34.82 -15.39 37.82
C ALA F 299 -33.92 -16.46 38.39
N ALA F 300 -33.97 -16.67 39.71
CA ALA F 300 -33.17 -17.72 40.33
C ALA F 300 -33.63 -19.10 39.88
N ALA F 301 -34.95 -19.32 39.83
CA ALA F 301 -35.47 -20.60 39.34
C ALA F 301 -35.02 -20.88 37.92
N LEU F 302 -35.02 -19.84 37.08
CA LEU F 302 -34.64 -20.03 35.69
C LEU F 302 -33.15 -20.32 35.54
N ARG F 303 -32.32 -19.76 36.42
N ARG F 303 -32.32 -19.76 36.42
CA ARG F 303 -30.89 -20.01 36.33
CA ARG F 303 -30.89 -20.01 36.33
C ARG F 303 -30.55 -21.48 36.56
C ARG F 303 -30.57 -21.49 36.54
N ARG F 304 -31.30 -22.15 37.43
CA ARG F 304 -31.04 -23.54 37.75
C ARG F 304 -31.89 -24.51 36.93
N GLY F 305 -32.69 -23.98 35.99
CA GLY F 305 -33.49 -24.84 35.14
C GLY F 305 -34.75 -25.39 35.76
N ASP F 306 -35.25 -24.80 36.84
CA ASP F 306 -36.47 -25.27 37.51
C ASP F 306 -37.67 -24.71 36.76
N TYR F 307 -37.98 -25.34 35.63
CA TYR F 307 -39.05 -24.84 34.78
C TYR F 307 -40.42 -24.93 35.44
N ARG F 308 -40.69 -26.00 36.20
CA ARG F 308 -42.00 -26.10 36.83
C ARG F 308 -42.16 -25.10 37.98
N ALA F 309 -41.06 -24.78 38.67
CA ALA F 309 -41.13 -23.71 39.65
C ALA F 309 -41.39 -22.38 38.96
N PHE F 310 -40.71 -22.12 37.85
CA PHE F 310 -40.96 -20.91 37.09
C PHE F 310 -42.40 -20.87 36.58
N GLY F 311 -42.90 -22.00 36.09
CA GLY F 311 -44.29 -22.04 35.65
C GLY F 311 -45.28 -21.71 36.77
N ARG F 312 -45.02 -22.21 37.97
CA ARG F 312 -45.92 -21.92 39.09
C ARG F 312 -45.86 -20.44 39.46
N LEU F 313 -44.67 -19.84 39.45
CA LEU F 313 -44.59 -18.40 39.69
C LEU F 313 -45.33 -17.61 38.61
N MET F 314 -45.33 -18.12 37.37
CA MET F 314 -46.09 -17.46 36.32
C MET F 314 -47.58 -17.44 36.64
N VAL F 315 -48.10 -18.54 37.18
CA VAL F 315 -49.54 -18.60 37.49
C VAL F 315 -49.87 -17.73 38.69
N GLU F 316 -48.98 -17.67 39.68
CA GLU F 316 -49.19 -16.74 40.79
C GLU F 316 -49.28 -15.31 40.27
N SER F 317 -48.38 -14.93 39.36
CA SER F 317 -48.43 -13.60 38.78
C SER F 317 -49.78 -13.32 38.13
N HIS F 318 -50.30 -14.28 37.37
CA HIS F 318 -51.58 -14.09 36.71
C HIS F 318 -52.70 -13.90 37.72
N ARG F 319 -52.78 -14.80 38.71
CA ARG F 319 -53.78 -14.65 39.75
C ARG F 319 -53.69 -13.27 40.41
N SER F 320 -52.46 -12.85 40.74
CA SER F 320 -52.27 -11.53 41.33
C SER F 320 -52.77 -10.43 40.41
N LEU F 321 -52.40 -10.50 39.13
CA LEU F 321 -52.82 -9.50 38.16
C LEU F 321 -54.33 -9.54 37.94
N ARG F 322 -54.96 -10.70 38.14
CA ARG F 322 -56.40 -10.83 37.86
C ARG F 322 -57.25 -10.32 39.01
N ASP F 323 -56.82 -10.57 40.25
CA ASP F 323 -57.63 -10.27 41.42
C ASP F 323 -57.21 -8.99 42.14
N ASP F 324 -55.93 -8.80 42.42
CA ASP F 324 -55.50 -7.64 43.19
C ASP F 324 -55.29 -6.42 42.29
N TYR F 325 -54.62 -6.59 41.16
CA TYR F 325 -54.37 -5.46 40.28
C TYR F 325 -55.51 -5.22 39.29
N GLU F 326 -56.33 -6.23 39.04
CA GLU F 326 -57.47 -6.13 38.13
C GLU F 326 -57.08 -5.42 36.84
N VAL F 327 -56.23 -6.05 36.03
CA VAL F 327 -55.88 -5.54 34.71
C VAL F 327 -56.02 -6.66 33.68
N SER F 328 -56.59 -7.78 34.12
CA SER F 328 -56.84 -8.89 33.21
C SER F 328 -58.24 -8.74 32.60
N CYS F 329 -58.69 -9.75 31.88
CA CYS F 329 -60.02 -9.72 31.28
C CYS F 329 -60.46 -11.15 31.00
N PRO F 330 -61.75 -11.36 30.71
CA PRO F 330 -62.22 -12.73 30.45
C PRO F 330 -61.46 -13.42 29.34
N GLU F 331 -61.17 -12.71 28.24
CA GLU F 331 -60.42 -13.33 27.15
C GLU F 331 -59.05 -13.82 27.63
N LEU F 332 -58.32 -12.95 28.33
CA LEU F 332 -57.02 -13.36 28.87
C LEU F 332 -57.15 -14.50 29.86
N ASP F 333 -58.13 -14.43 30.76
CA ASP F 333 -58.30 -15.49 31.75
C ASP F 333 -58.63 -16.81 31.08
N GLN F 334 -59.46 -16.77 30.03
CA GLN F 334 -59.83 -17.99 29.32
C GLN F 334 -58.62 -18.60 28.62
N LEU F 335 -57.75 -17.76 28.05
CA LEU F 335 -56.54 -18.26 27.39
C LEU F 335 -55.61 -18.94 28.38
N VAL F 336 -55.43 -18.36 29.57
CA VAL F 336 -54.51 -18.92 30.55
C VAL F 336 -54.99 -20.28 31.02
N GLU F 337 -56.28 -20.40 31.34
CA GLU F 337 -56.79 -21.67 31.87
C GLU F 337 -56.64 -22.78 30.84
N ALA F 338 -57.03 -22.52 29.59
CA ALA F 338 -56.87 -23.50 28.54
C ALA F 338 -55.41 -23.92 28.40
N ALA F 339 -54.49 -22.96 28.51
CA ALA F 339 -53.07 -23.29 28.41
C ALA F 339 -52.65 -24.22 29.54
N LEU F 340 -53.17 -23.99 30.75
CA LEU F 340 -52.79 -24.82 31.89
C LEU F 340 -53.37 -26.22 31.80
N ALA F 341 -54.42 -26.42 31.00
CA ALA F 341 -55.00 -27.75 30.83
C ALA F 341 -54.17 -28.64 29.92
N VAL F 342 -53.32 -28.04 29.08
CA VAL F 342 -52.53 -28.81 28.13
C VAL F 342 -51.33 -29.43 28.85
N PRO F 343 -51.10 -30.74 28.69
CA PRO F 343 -49.89 -31.33 29.27
C PRO F 343 -48.63 -30.80 28.60
N GLY F 344 -47.56 -30.71 29.38
CA GLY F 344 -46.33 -30.11 28.94
C GLY F 344 -46.20 -28.63 29.21
N VAL F 345 -47.27 -27.97 29.63
CA VAL F 345 -47.21 -26.56 29.97
C VAL F 345 -46.71 -26.39 31.40
N TYR F 346 -45.67 -25.57 31.58
CA TYR F 346 -45.16 -25.28 32.91
C TYR F 346 -45.95 -24.17 33.58
N GLY F 347 -46.36 -23.16 32.82
CA GLY F 347 -47.13 -22.06 33.37
C GLY F 347 -47.56 -21.13 32.27
N SER F 348 -48.47 -20.23 32.62
CA SER F 348 -49.00 -19.27 31.66
C SER F 348 -49.62 -18.10 32.41
N ARG F 349 -49.64 -16.95 31.76
CA ARG F 349 -50.15 -15.73 32.37
C ARG F 349 -50.25 -14.67 31.29
N MET F 350 -51.01 -13.62 31.59
CA MET F 350 -51.05 -12.46 30.73
C MET F 350 -49.73 -11.71 30.78
N THR F 351 -49.41 -10.99 29.70
CA THR F 351 -48.25 -10.14 29.64
C THR F 351 -48.65 -8.75 29.17
N GLY F 352 -47.77 -7.78 29.41
CA GLY F 352 -48.06 -6.42 29.03
C GLY F 352 -48.97 -5.71 30.03
N GLY F 353 -49.57 -4.63 29.55
CA GLY F 353 -50.41 -3.81 30.41
C GLY F 353 -51.66 -4.53 30.86
N GLY F 354 -52.24 -5.35 30.00
CA GLY F 354 -53.45 -6.09 30.31
C GLY F 354 -54.64 -5.57 29.52
N PHE F 355 -55.82 -6.08 29.92
CA PHE F 355 -57.09 -5.70 29.29
C PHE F 355 -57.13 -6.17 27.84
N GLY F 356 -56.43 -7.26 27.54
CA GLY F 356 -56.21 -7.75 26.21
C GLY F 356 -54.74 -8.00 26.00
N GLY F 357 -54.35 -8.11 24.73
CA GLY F 357 -52.96 -8.35 24.42
C GLY F 357 -52.64 -9.83 24.32
N CYS F 358 -51.50 -10.24 24.87
CA CYS F 358 -51.01 -11.59 24.66
C CYS F 358 -50.93 -12.35 25.97
N THR F 359 -50.79 -13.67 25.84
CA THR F 359 -50.51 -14.57 26.95
C THR F 359 -49.20 -15.27 26.66
N VAL F 360 -48.29 -15.28 27.64
CA VAL F 360 -47.01 -15.97 27.51
C VAL F 360 -47.12 -17.32 28.23
N THR F 361 -46.64 -18.36 27.57
CA THR F 361 -46.75 -19.71 28.09
C THR F 361 -45.41 -20.43 27.96
N LEU F 362 -44.89 -20.92 29.07
CA LEU F 362 -43.68 -21.73 29.08
C LEU F 362 -44.07 -23.21 29.02
N LEU F 363 -43.55 -23.92 28.03
CA LEU F 363 -44.00 -25.29 27.80
C LEU F 363 -42.89 -26.08 27.12
N GLU F 364 -43.02 -27.41 27.18
CA GLU F 364 -42.14 -28.28 26.41
C GLU F 364 -42.34 -28.05 24.92
N ALA F 365 -41.24 -27.91 24.19
CA ALA F 365 -41.32 -27.62 22.76
C ALA F 365 -42.26 -28.59 22.05
N SER F 366 -42.17 -29.88 22.38
CA SER F 366 -42.99 -30.89 21.73
C SER F 366 -44.48 -30.64 21.95
N ALA F 367 -44.85 -29.95 23.03
CA ALA F 367 -46.26 -29.70 23.33
C ALA F 367 -46.82 -28.49 22.60
N ALA F 368 -45.98 -27.70 21.93
CA ALA F 368 -46.46 -26.48 21.28
C ALA F 368 -47.57 -26.75 20.29
N PRO F 369 -47.42 -27.67 19.32
CA PRO F 369 -48.52 -27.91 18.38
C PRO F 369 -49.82 -28.27 19.08
N HIS F 370 -49.79 -29.17 20.05
CA HIS F 370 -51.00 -29.52 20.77
C HIS F 370 -51.50 -28.33 21.59
N ALA F 371 -50.59 -27.60 22.22
CA ALA F 371 -51.01 -26.44 23.01
C ALA F 371 -51.75 -25.43 22.14
N MET F 372 -51.26 -25.19 20.92
CA MET F 372 -51.93 -24.26 20.02
C MET F 372 -53.32 -24.75 19.67
N ARG F 373 -53.48 -26.05 19.43
CA ARG F 373 -54.80 -26.60 19.11
C ARG F 373 -55.74 -26.50 20.30
N HIS F 374 -55.27 -26.86 21.50
CA HIS F 374 -56.13 -26.84 22.69
C HIS F 374 -56.54 -25.42 23.03
N ILE F 375 -55.58 -24.51 23.10
CA ILE F 375 -55.89 -23.12 23.45
C ILE F 375 -56.91 -22.54 22.47
N GLN F 376 -56.66 -22.72 21.18
CA GLN F 376 -57.55 -22.18 20.17
C GLN F 376 -58.96 -22.76 20.32
N GLU F 377 -59.06 -24.06 20.57
CA GLU F 377 -60.38 -24.70 20.62
C GLU F 377 -61.20 -24.23 21.81
N HIS F 378 -60.54 -23.87 22.92
CA HIS F 378 -61.22 -23.44 24.13
C HIS F 378 -61.26 -21.92 24.28
N TYR F 379 -61.07 -21.17 23.19
CA TYR F 379 -61.07 -19.72 23.23
C TYR F 379 -62.24 -19.18 22.41
N GLY F 380 -63.07 -18.34 23.04
CA GLY F 380 -64.19 -17.71 22.37
C GLY F 380 -63.76 -16.53 21.54
N GLY F 381 -62.91 -16.79 20.56
CA GLY F 381 -62.36 -15.74 19.74
C GLY F 381 -61.24 -16.30 18.88
N THR F 382 -60.71 -15.43 18.02
CA THR F 382 -59.60 -15.80 17.15
C THR F 382 -58.28 -15.53 17.86
N ALA F 383 -57.41 -16.53 17.91
CA ALA F 383 -56.14 -16.42 18.61
C ALA F 383 -55.00 -16.58 17.61
N THR F 384 -53.96 -15.77 17.79
CA THR F 384 -52.75 -15.84 16.99
C THR F 384 -51.60 -16.33 17.85
N PHE F 385 -50.69 -17.09 17.25
CA PHE F 385 -49.59 -17.72 18.00
C PHE F 385 -48.24 -17.35 17.41
N TYR F 386 -47.27 -17.11 18.31
CA TYR F 386 -45.88 -16.90 17.93
C TYR F 386 -45.00 -17.77 18.84
N LEU F 387 -44.25 -18.70 18.25
CA LEU F 387 -43.23 -19.47 18.96
C LEU F 387 -41.89 -18.79 18.78
N SER F 388 -41.40 -18.14 19.84
CA SER F 388 -40.20 -17.31 19.75
C SER F 388 -39.11 -17.78 20.71
N GLN F 389 -37.87 -17.55 20.30
CA GLN F 389 -36.69 -17.70 21.15
C GLN F 389 -36.22 -16.32 21.61
N ALA F 390 -35.37 -16.31 22.63
CA ALA F 390 -34.77 -15.06 23.10
C ALA F 390 -33.80 -14.53 22.05
N ALA F 391 -33.97 -13.26 21.67
CA ALA F 391 -33.21 -12.67 20.58
C ALA F 391 -32.32 -11.54 21.08
N ASP F 392 -31.51 -11.02 20.16
CA ASP F 392 -30.63 -9.88 20.44
C ASP F 392 -31.42 -8.59 20.48
N GLY F 393 -30.81 -7.57 21.09
CA GLY F 393 -31.38 -6.24 21.10
C GLY F 393 -31.07 -5.50 19.81
N ALA F 394 -31.29 -4.19 19.86
CA ALA F 394 -31.09 -3.34 18.68
C ALA F 394 -29.67 -3.50 18.16
N LYS F 395 -29.54 -3.48 16.83
CA LYS F 395 -28.22 -3.59 16.22
C LYS F 395 -28.21 -2.90 14.86
N VAL F 396 -27.01 -2.53 14.44
CA VAL F 396 -26.81 -1.97 13.11
C VAL F 396 -26.63 -3.11 12.12
N LEU F 397 -27.14 -2.92 10.91
CA LEU F 397 -27.01 -3.88 9.83
C LEU F 397 -26.21 -3.23 8.70
N CYS F 398 -25.10 -3.86 8.32
CA CYS F 398 -24.23 -3.29 7.30
C CYS F 398 -24.80 -3.61 5.93
N LEU F 399 -25.03 -2.58 5.12
CA LEU F 399 -25.57 -2.75 3.78
C LEU F 399 -24.44 -2.78 2.74
N ARG G 12 5.40 24.72 -21.94
CA ARG G 12 5.48 23.56 -21.05
C ARG G 12 4.11 22.89 -20.93
N GLN G 13 4.12 21.56 -21.01
CA GLN G 13 2.90 20.77 -20.89
C GLN G 13 3.22 19.50 -20.13
N PRO G 14 2.20 18.74 -19.71
CA PRO G 14 2.45 17.58 -18.86
C PRO G 14 3.30 16.51 -19.53
N GLN G 15 4.06 15.80 -18.70
CA GLN G 15 4.89 14.67 -19.12
C GLN G 15 4.12 13.38 -18.86
N VAL G 16 4.63 12.28 -19.42
CA VAL G 16 3.90 11.00 -19.38
C VAL G 16 3.66 10.58 -17.94
N ALA G 17 4.69 10.67 -17.09
CA ALA G 17 4.56 10.21 -15.72
C ALA G 17 3.52 11.00 -14.94
N GLU G 18 3.51 12.34 -15.11
CA GLU G 18 2.57 13.17 -14.37
C GLU G 18 1.13 12.82 -14.70
N LEU G 19 0.82 12.62 -15.98
CA LEU G 19 -0.54 12.28 -16.37
C LEU G 19 -0.95 10.94 -15.77
N LEU G 20 -0.06 9.94 -15.82
CA LEU G 20 -0.37 8.65 -15.24
C LEU G 20 -0.66 8.76 -13.74
N ALA G 21 0.10 9.60 -13.03
CA ALA G 21 -0.14 9.77 -11.60
C ALA G 21 -1.49 10.44 -11.36
N GLU G 22 -1.82 11.43 -12.17
CA GLU G 22 -3.13 12.08 -12.06
C GLU G 22 -4.25 11.09 -12.33
N ALA G 23 -4.07 10.20 -13.30
CA ALA G 23 -5.11 9.23 -13.64
C ALA G 23 -5.31 8.21 -12.52
N ARG G 24 -4.24 7.85 -11.83
CA ARG G 24 -4.37 6.87 -10.75
C ARG G 24 -5.06 7.48 -9.52
N ARG G 25 -4.70 8.71 -9.16
CA ARG G 25 -5.37 9.38 -8.05
C ARG G 25 -6.87 9.50 -8.30
N ALA G 26 -7.26 9.89 -9.51
CA ALA G 26 -8.67 9.96 -9.87
C ALA G 26 -9.31 8.58 -9.88
N PHE G 27 -8.59 7.59 -10.39
CA PHE G 27 -9.15 6.23 -10.43
C PHE G 27 -9.41 5.67 -9.05
N ARG G 28 -8.49 5.93 -8.11
CA ARG G 28 -8.67 5.46 -6.74
C ARG G 28 -9.87 6.14 -6.07
N GLU G 29 -9.94 7.47 -6.14
CA GLU G 29 -11.05 8.18 -5.53
C GLU G 29 -12.40 7.68 -6.03
N GLU G 30 -12.47 7.26 -7.30
CA GLU G 30 -13.73 6.92 -7.93
C GLU G 30 -14.09 5.44 -7.79
N PHE G 31 -13.10 4.55 -7.77
CA PHE G 31 -13.37 3.12 -7.78
C PHE G 31 -12.84 2.37 -6.57
N GLY G 32 -12.05 3.01 -5.70
CA GLY G 32 -11.66 2.42 -4.44
C GLY G 32 -10.44 1.53 -4.47
N ALA G 33 -9.93 1.19 -5.65
CA ALA G 33 -8.76 0.33 -5.77
C ALA G 33 -7.73 0.96 -6.69
N GLU G 34 -6.57 0.32 -6.77
CA GLU G 34 -5.53 0.75 -7.71
C GLU G 34 -5.87 0.27 -9.12
N PRO G 35 -5.64 1.09 -10.13
CA PRO G 35 -5.82 0.63 -11.52
C PRO G 35 -4.81 -0.45 -11.85
N GLU G 36 -5.21 -1.35 -12.74
CA GLU G 36 -4.38 -2.48 -13.14
C GLU G 36 -3.69 -2.28 -14.48
N LEU G 37 -4.26 -1.48 -15.37
CA LEU G 37 -3.75 -1.32 -16.73
C LEU G 37 -3.62 0.16 -17.06
N ALA G 38 -2.60 0.48 -17.85
CA ALA G 38 -2.33 1.86 -18.23
C ALA G 38 -1.98 1.93 -19.71
N VAL G 39 -2.36 3.04 -20.34
CA VAL G 39 -2.27 3.19 -21.79
C VAL G 39 -2.23 4.67 -22.10
N SER G 40 -1.59 5.03 -23.21
CA SER G 40 -1.51 6.40 -23.68
C SER G 40 -1.64 6.44 -25.20
N ALA G 41 -2.10 7.58 -25.71
CA ALA G 41 -2.27 7.79 -27.14
C ALA G 41 -2.10 9.27 -27.40
N PRO G 42 -1.26 9.66 -28.36
CA PRO G 42 -0.94 11.08 -28.54
C PRO G 42 -1.89 11.81 -29.47
N GLY G 43 -1.87 13.13 -29.36
CA GLY G 43 -2.43 14.00 -30.38
C GLY G 43 -1.48 14.16 -31.55
N ARG G 44 -1.90 14.98 -32.51
CA ARG G 44 -1.13 15.15 -33.74
C ARG G 44 -1.30 16.56 -34.25
N VAL G 45 -0.32 17.01 -35.03
CA VAL G 45 -0.41 18.23 -35.81
C VAL G 45 -0.08 17.87 -37.25
N ASN G 46 -0.88 18.35 -38.19
CA ASN G 46 -0.65 18.10 -39.60
C ASN G 46 0.24 19.20 -40.14
N LEU G 47 1.47 18.85 -40.52
CA LEU G 47 2.39 19.84 -41.05
C LEU G 47 1.91 20.35 -42.40
N ILE G 48 1.40 19.46 -43.24
CA ILE G 48 0.86 19.84 -44.55
C ILE G 48 0.08 18.66 -45.10
N GLY G 49 -0.88 18.94 -45.97
CA GLY G 49 -1.69 17.90 -46.55
C GLY G 49 -3.10 17.88 -46.00
N GLU G 50 -3.74 19.04 -45.97
CA GLU G 50 -5.04 19.20 -45.34
C GLU G 50 -6.16 18.88 -46.32
N HIS G 51 -7.21 18.21 -45.82
CA HIS G 51 -8.38 17.87 -46.62
C HIS G 51 -8.01 17.07 -47.86
N THR G 52 -6.91 16.31 -47.75
CA THR G 52 -6.50 15.29 -48.69
C THR G 52 -6.79 13.91 -48.12
N ASP G 53 -7.20 13.85 -46.86
CA ASP G 53 -7.31 12.61 -46.11
C ASP G 53 -8.36 11.68 -46.71
N TYR G 54 -9.59 12.16 -46.83
CA TYR G 54 -10.68 11.43 -47.47
C TYR G 54 -10.62 11.45 -48.99
N ASN G 55 -9.63 12.10 -49.59
CA ASN G 55 -9.43 12.05 -51.03
C ASN G 55 -8.35 11.06 -51.44
N GLN G 56 -7.96 10.16 -50.54
CA GLN G 56 -6.94 9.14 -50.84
C GLN G 56 -5.61 9.77 -51.23
N GLY G 57 -5.29 10.92 -50.65
CA GLY G 57 -4.10 11.66 -50.96
C GLY G 57 -2.97 11.40 -49.97
N LEU G 58 -2.10 12.38 -49.82
CA LEU G 58 -0.97 12.29 -48.92
C LEU G 58 -1.13 13.28 -47.77
N VAL G 59 -0.66 12.88 -46.60
CA VAL G 59 -0.66 13.73 -45.42
C VAL G 59 0.69 13.59 -44.74
N LEU G 60 1.07 14.62 -43.99
CA LEU G 60 2.34 14.65 -43.27
C LEU G 60 2.10 15.13 -41.86
N PRO G 61 1.43 14.34 -41.04
CA PRO G 61 1.24 14.69 -39.63
C PRO G 61 2.39 14.15 -38.79
N MET G 62 2.50 14.69 -37.60
CA MET G 62 3.43 14.20 -36.59
C MET G 62 2.67 14.03 -35.29
N ALA G 63 3.05 13.00 -34.52
CA ALA G 63 2.43 12.83 -33.22
C ALA G 63 2.95 13.89 -32.27
N LEU G 64 2.06 14.39 -31.43
CA LEU G 64 2.41 15.43 -30.47
C LEU G 64 2.71 14.80 -29.12
N GLU G 65 3.36 15.59 -28.27
CA GLU G 65 3.59 15.17 -26.90
C GLU G 65 2.33 15.31 -26.03
N LEU G 66 1.34 16.07 -26.50
CA LEU G 66 0.04 16.06 -25.85
C LEU G 66 -0.64 14.72 -26.09
N MET G 67 -1.26 14.17 -25.04
CA MET G 67 -1.62 12.77 -25.06
C MET G 67 -2.84 12.53 -24.18
N THR G 68 -3.53 11.43 -24.48
CA THR G 68 -4.59 10.91 -23.62
C THR G 68 -4.07 9.67 -22.89
N VAL G 69 -4.23 9.65 -21.58
CA VAL G 69 -3.85 8.51 -20.75
C VAL G 69 -5.11 7.90 -20.17
N LEU G 70 -5.25 6.59 -20.33
CA LEU G 70 -6.37 5.84 -19.77
C LEU G 70 -5.80 4.76 -18.87
N VAL G 71 -6.25 4.75 -17.61
CA VAL G 71 -5.92 3.71 -16.64
C VAL G 71 -7.20 3.06 -16.19
N GLY G 72 -7.13 1.76 -15.91
CA GLY G 72 -8.32 1.05 -15.50
C GLY G 72 -8.00 -0.39 -15.18
N SER G 73 -9.06 -1.15 -14.91
CA SER G 73 -8.97 -2.56 -14.53
C SER G 73 -10.22 -3.25 -15.03
N PRO G 74 -10.15 -4.55 -15.32
CA PRO G 74 -11.35 -5.30 -15.69
C PRO G 74 -12.32 -5.44 -14.51
N ARG G 75 -13.59 -5.65 -14.86
CA ARG G 75 -14.65 -5.84 -13.88
C ARG G 75 -15.32 -7.20 -14.07
N LYS G 76 -16.00 -7.63 -13.01
CA LYS G 76 -16.89 -8.79 -13.06
C LYS G 76 -18.32 -8.41 -13.42
N ASP G 77 -18.64 -7.12 -13.47
CA ASP G 77 -20.01 -6.67 -13.61
C ASP G 77 -20.56 -6.87 -15.02
N GLY G 78 -19.69 -6.97 -16.02
CA GLY G 78 -20.17 -6.84 -17.38
C GLY G 78 -20.61 -5.44 -17.73
N LEU G 79 -20.32 -4.48 -16.86
CA LEU G 79 -20.63 -3.07 -17.03
C LEU G 79 -19.37 -2.29 -17.35
N VAL G 80 -19.56 -1.11 -17.94
CA VAL G 80 -18.47 -0.18 -18.19
C VAL G 80 -18.71 1.08 -17.36
N SER G 81 -17.73 1.43 -16.53
CA SER G 81 -17.80 2.61 -15.68
C SER G 81 -16.65 3.55 -16.04
N LEU G 82 -16.98 4.77 -16.47
CA LEU G 82 -16.01 5.71 -17.01
C LEU G 82 -16.05 7.02 -16.24
N LEU G 83 -14.88 7.67 -16.14
CA LEU G 83 -14.77 9.03 -15.65
C LEU G 83 -13.64 9.73 -16.40
N THR G 84 -13.93 10.92 -16.91
CA THR G 84 -12.92 11.77 -17.55
C THR G 84 -12.69 13.03 -16.72
N THR G 85 -11.43 13.43 -16.62
CA THR G 85 -11.04 14.62 -15.86
C THR G 85 -10.88 15.86 -16.73
N SER G 86 -11.19 15.79 -18.02
CA SER G 86 -11.01 16.93 -18.90
C SER G 86 -12.15 17.92 -18.73
N GLU G 87 -11.80 19.20 -18.55
CA GLU G 87 -12.81 20.21 -18.23
C GLU G 87 -13.68 20.55 -19.44
N GLY G 88 -13.11 20.52 -20.64
CA GLY G 88 -13.87 20.83 -21.83
C GLY G 88 -14.84 19.75 -22.25
N ALA G 89 -14.96 18.71 -21.42
CA ALA G 89 -15.79 17.56 -21.76
C ALA G 89 -17.28 17.86 -21.53
N ASP G 90 -18.11 17.11 -22.25
CA ASP G 90 -19.55 17.25 -22.13
C ASP G 90 -20.03 16.66 -20.81
N GLU G 91 -20.84 17.41 -20.07
CA GLU G 91 -21.39 16.90 -18.83
C GLU G 91 -22.45 15.84 -19.13
N PRO G 92 -22.53 14.77 -18.32
CA PRO G 92 -21.76 14.53 -17.10
C PRO G 92 -20.39 13.90 -17.34
N GLN G 93 -19.42 14.23 -16.49
CA GLN G 93 -18.06 13.72 -16.60
C GLN G 93 -17.91 12.31 -16.03
N ARG G 94 -18.96 11.72 -15.47
CA ARG G 94 -18.97 10.35 -14.99
C ARG G 94 -20.02 9.56 -15.77
N LEU G 95 -19.75 8.28 -16.00
CA LEU G 95 -20.71 7.48 -16.74
C LEU G 95 -20.57 6.00 -16.42
N GLN G 96 -21.70 5.31 -16.39
CA GLN G 96 -21.71 3.86 -16.29
C GLN G 96 -22.84 3.34 -17.17
N PHE G 97 -22.58 2.23 -17.85
CA PHE G 97 -23.54 1.63 -18.75
C PHE G 97 -23.16 0.16 -18.94
N PRO G 98 -24.12 -0.68 -19.32
CA PRO G 98 -23.81 -2.09 -19.53
C PRO G 98 -23.14 -2.35 -20.86
N LEU G 99 -22.43 -3.48 -20.93
CA LEU G 99 -21.77 -3.88 -22.15
C LEU G 99 -22.80 -4.14 -23.26
N PRO G 100 -22.39 -3.98 -24.52
CA PRO G 100 -23.28 -4.34 -25.63
C PRO G 100 -23.47 -5.85 -25.70
N THR G 101 -24.60 -6.25 -26.26
CA THR G 101 -24.96 -7.65 -26.37
C THR G 101 -25.28 -7.98 -27.82
N ALA G 102 -25.42 -9.27 -28.11
CA ALA G 102 -26.00 -9.66 -29.38
C ALA G 102 -27.42 -9.13 -29.50
N GLN G 103 -28.12 -9.01 -28.38
CA GLN G 103 -29.46 -8.46 -28.32
C GLN G 103 -29.45 -6.95 -28.54
N ARG G 104 -28.86 -6.21 -27.60
CA ARG G 104 -28.80 -4.75 -27.65
C ARG G 104 -27.36 -4.30 -27.92
N SER G 105 -27.22 -3.36 -28.84
CA SER G 105 -25.93 -2.76 -29.16
C SER G 105 -25.87 -1.34 -28.62
N LEU G 106 -24.66 -0.88 -28.32
CA LEU G 106 -24.49 0.49 -27.86
C LEU G 106 -25.08 1.47 -28.86
N GLU G 107 -25.53 2.61 -28.35
CA GLU G 107 -26.12 3.64 -29.17
C GLU G 107 -25.57 5.00 -28.79
N PRO G 108 -25.29 5.87 -29.77
CA PRO G 108 -24.85 7.23 -29.44
C PRO G 108 -25.95 7.98 -28.69
N GLY G 109 -25.63 8.38 -27.47
CA GLY G 109 -26.55 9.13 -26.64
C GLY G 109 -25.86 10.27 -25.94
N THR G 110 -26.14 10.45 -24.66
CA THR G 110 -25.50 11.48 -23.86
C THR G 110 -24.76 10.85 -22.68
N PRO G 111 -23.60 11.40 -22.28
CA PRO G 111 -22.94 12.59 -22.86
C PRO G 111 -22.25 12.30 -24.20
N ARG G 112 -22.01 13.35 -24.97
CA ARG G 112 -21.40 13.17 -26.29
C ARG G 112 -20.01 12.55 -26.18
N TRP G 113 -19.22 12.98 -25.20
CA TRP G 113 -17.83 12.52 -25.12
C TRP G 113 -17.78 11.01 -24.93
N ALA G 114 -18.75 10.43 -24.22
CA ALA G 114 -18.76 9.00 -23.99
C ALA G 114 -19.07 8.23 -25.26
N ASN G 115 -19.59 8.90 -26.28
CA ASN G 115 -19.87 8.22 -27.54
C ASN G 115 -18.59 7.68 -28.17
N TYR G 116 -17.47 8.37 -27.97
CA TYR G 116 -16.21 7.95 -28.58
C TYR G 116 -15.74 6.61 -28.05
N VAL G 117 -15.78 6.43 -26.72
CA VAL G 117 -15.37 5.14 -26.17
C VAL G 117 -16.45 4.09 -26.44
N LYS G 118 -17.73 4.48 -26.34
CA LYS G 118 -18.81 3.55 -26.65
C LYS G 118 -18.67 2.99 -28.06
N GLY G 119 -18.40 3.87 -29.03
CA GLY G 119 -18.26 3.41 -30.40
C GLY G 119 -17.10 2.45 -30.58
N VAL G 120 -15.95 2.77 -29.96
CA VAL G 120 -14.79 1.89 -30.05
C VAL G 120 -15.10 0.53 -29.42
N ILE G 121 -15.82 0.53 -28.30
CA ILE G 121 -16.20 -0.73 -27.66
C ILE G 121 -17.10 -1.54 -28.59
N GLN G 122 -18.11 -0.89 -29.17
CA GLN G 122 -19.07 -1.60 -30.02
C GLN G 122 -18.39 -2.23 -31.22
N TYR G 123 -17.38 -1.55 -31.78
CA TYR G 123 -16.71 -2.01 -32.99
C TYR G 123 -15.41 -2.73 -32.71
N TYR G 124 -15.09 -2.99 -31.45
CA TYR G 124 -13.89 -3.75 -31.13
C TYR G 124 -14.00 -5.17 -31.71
N PRO G 125 -12.97 -5.65 -32.41
CA PRO G 125 -13.13 -6.89 -33.18
C PRO G 125 -12.91 -8.18 -32.40
N ALA G 126 -12.50 -8.13 -31.14
CA ALA G 126 -12.18 -9.34 -30.38
C ALA G 126 -13.19 -9.58 -29.28
N ALA G 127 -13.26 -10.83 -28.85
CA ALA G 127 -14.17 -11.24 -27.78
C ALA G 127 -13.57 -12.41 -27.05
N PRO G 128 -13.96 -12.63 -25.78
CA PRO G 128 -14.93 -11.78 -25.07
C PRO G 128 -14.28 -10.60 -24.36
N LEU G 129 -14.89 -9.43 -24.48
CA LEU G 129 -14.41 -8.24 -23.81
C LEU G 129 -15.09 -8.11 -22.45
N PRO G 130 -14.35 -8.11 -21.35
CA PRO G 130 -14.97 -7.97 -20.03
C PRO G 130 -15.36 -6.52 -19.76
N GLY G 131 -16.22 -6.35 -18.77
CA GLY G 131 -16.45 -5.02 -18.22
C GLY G 131 -15.18 -4.44 -17.63
N PHE G 132 -15.18 -3.12 -17.47
CA PHE G 132 -14.00 -2.47 -16.92
C PHE G 132 -14.36 -1.11 -16.36
N SER G 133 -13.51 -0.64 -15.45
CA SER G 133 -13.51 0.74 -14.98
C SER G 133 -12.31 1.46 -15.55
N ALA G 134 -12.48 2.75 -15.83
CA ALA G 134 -11.41 3.51 -16.45
C ALA G 134 -11.63 4.99 -16.18
N VAL G 135 -10.51 5.71 -16.03
CA VAL G 135 -10.50 7.16 -15.94
C VAL G 135 -9.71 7.69 -17.12
N VAL G 136 -10.18 8.80 -17.70
CA VAL G 136 -9.53 9.42 -18.84
C VAL G 136 -8.89 10.72 -18.38
N VAL G 137 -7.61 10.89 -18.71
CA VAL G 137 -6.91 12.15 -18.55
C VAL G 137 -6.23 12.49 -19.87
N SER G 138 -6.09 13.78 -20.13
CA SER G 138 -5.60 14.24 -21.42
C SER G 138 -4.93 15.59 -21.26
N SER G 139 -3.83 15.77 -21.98
CA SER G 139 -3.21 17.07 -22.18
C SER G 139 -3.53 17.64 -23.57
N VAL G 140 -4.37 16.95 -24.33
CA VAL G 140 -4.81 17.42 -25.64
C VAL G 140 -6.01 18.33 -25.44
N PRO G 141 -5.95 19.60 -25.87
CA PRO G 141 -7.11 20.49 -25.70
C PRO G 141 -8.27 20.03 -26.55
N LEU G 142 -9.44 19.89 -25.91
CA LEU G 142 -10.63 19.43 -26.62
C LEU G 142 -11.10 20.49 -27.60
N GLY G 143 -11.27 20.08 -28.86
CA GLY G 143 -11.77 20.97 -29.89
C GLY G 143 -10.76 21.92 -30.49
N GLY G 144 -9.47 21.73 -30.23
CA GLY G 144 -8.46 22.64 -30.73
C GLY G 144 -7.82 22.26 -32.05
N GLY G 145 -8.33 21.23 -32.73
CA GLY G 145 -7.77 20.83 -34.01
C GLY G 145 -6.56 19.93 -33.89
N LEU G 146 -6.15 19.57 -32.68
CA LEU G 146 -5.03 18.66 -32.47
C LEU G 146 -5.49 17.22 -32.29
N SER G 147 -6.73 16.91 -32.68
CA SER G 147 -7.27 15.56 -32.68
C SER G 147 -7.27 14.93 -31.28
N SER G 148 -7.93 15.63 -30.35
CA SER G 148 -8.25 14.99 -29.08
C SER G 148 -9.20 13.82 -29.27
N SER G 149 -10.11 13.92 -30.24
CA SER G 149 -11.04 12.84 -30.52
C SER G 149 -10.31 11.54 -30.83
N ALA G 150 -9.38 11.58 -31.80
CA ALA G 150 -8.64 10.38 -32.16
C ALA G 150 -7.77 9.90 -31.00
N SER G 151 -7.17 10.82 -30.25
CA SER G 151 -6.39 10.43 -29.08
C SER G 151 -7.22 9.57 -28.14
N LEU G 152 -8.45 9.99 -27.85
CA LEU G 152 -9.32 9.21 -26.97
C LEU G 152 -9.64 7.85 -27.58
N GLU G 153 -9.95 7.82 -28.88
CA GLU G 153 -10.33 6.58 -29.52
C GLU G 153 -9.17 5.59 -29.53
N VAL G 154 -7.97 6.05 -29.87
CA VAL G 154 -6.83 5.16 -29.92
C VAL G 154 -6.42 4.71 -28.52
N ALA G 155 -6.49 5.61 -27.54
CA ALA G 155 -6.26 5.21 -26.16
C ALA G 155 -7.24 4.12 -25.74
N THR G 156 -8.53 4.34 -25.99
CA THR G 156 -9.52 3.31 -25.69
C THR G 156 -9.20 2.00 -26.39
N TYR G 157 -8.91 2.05 -27.69
CA TYR G 157 -8.61 0.81 -28.42
C TYR G 157 -7.42 0.10 -27.80
N THR G 158 -6.33 0.83 -27.52
CA THR G 158 -5.17 0.21 -26.92
C THR G 158 -5.51 -0.37 -25.55
N PHE G 159 -6.42 0.27 -24.81
CA PHE G 159 -6.86 -0.27 -23.53
C PHE G 159 -7.56 -1.61 -23.71
N LEU G 160 -8.52 -1.67 -24.63
CA LEU G 160 -9.23 -2.93 -24.87
C LEU G 160 -8.30 -4.04 -25.30
N GLN G 161 -7.19 -3.69 -25.95
CA GLN G 161 -6.19 -4.71 -26.31
C GLN G 161 -5.61 -5.38 -25.07
N GLN G 162 -5.54 -4.66 -23.96
CA GLN G 162 -5.06 -5.25 -22.72
C GLN G 162 -6.08 -6.22 -22.15
N LEU G 163 -7.37 -5.87 -22.21
CA LEU G 163 -8.42 -6.77 -21.75
C LEU G 163 -8.57 -7.97 -22.67
N CYS G 164 -8.37 -7.78 -23.97
CA CYS G 164 -8.63 -8.83 -24.94
C CYS G 164 -7.83 -8.57 -26.22
N PRO G 165 -6.62 -9.11 -26.34
CA PRO G 165 -5.79 -8.80 -27.51
C PRO G 165 -6.47 -9.21 -28.80
N ASP G 166 -6.30 -8.38 -29.83
CA ASP G 166 -6.91 -8.59 -31.13
C ASP G 166 -5.95 -9.29 -32.08
N SER G 167 -6.48 -9.67 -33.24
CA SER G 167 -5.74 -10.41 -34.26
C SER G 167 -5.30 -9.55 -35.43
N GLY G 168 -6.13 -8.60 -35.86
CA GLY G 168 -5.92 -7.90 -37.12
C GLY G 168 -4.69 -7.00 -37.13
N THR G 169 -4.66 -6.14 -38.13
CA THR G 169 -3.53 -5.28 -38.44
C THR G 169 -3.66 -3.91 -37.78
N ILE G 170 -2.55 -3.17 -37.77
CA ILE G 170 -2.57 -1.81 -37.23
C ILE G 170 -3.54 -0.93 -38.00
N ALA G 171 -3.60 -1.09 -39.32
CA ALA G 171 -4.55 -0.33 -40.12
C ALA G 171 -5.98 -0.65 -39.70
N ALA G 172 -6.25 -1.91 -39.36
CA ALA G 172 -7.59 -2.29 -38.91
C ALA G 172 -7.99 -1.54 -37.65
N ARG G 173 -7.04 -1.36 -36.72
CA ARG G 173 -7.34 -0.60 -35.51
C ARG G 173 -7.71 0.85 -35.86
N ALA G 174 -6.93 1.48 -36.72
CA ALA G 174 -7.26 2.83 -37.17
C ALA G 174 -8.65 2.87 -37.78
N GLN G 175 -9.00 1.87 -38.61
CA GLN G 175 -10.31 1.85 -39.25
C GLN G 175 -11.43 1.62 -38.25
N VAL G 176 -11.17 0.85 -37.19
CA VAL G 176 -12.16 0.66 -36.15
C VAL G 176 -12.48 1.99 -35.49
N CYS G 177 -11.44 2.73 -35.10
CA CYS G 177 -11.64 4.03 -34.46
C CYS G 177 -12.31 5.02 -35.41
N GLN G 178 -12.05 4.92 -36.72
CA GLN G 178 -12.70 5.81 -37.66
C GLN G 178 -14.18 5.49 -37.78
N GLN G 179 -14.53 4.19 -37.83
CA GLN G 179 -15.94 3.82 -37.83
C GLN G 179 -16.65 4.36 -36.59
N ALA G 180 -16.01 4.30 -35.43
CA ALA G 180 -16.62 4.82 -34.22
C ALA G 180 -16.92 6.31 -34.36
N GLU G 181 -15.97 7.09 -34.85
CA GLU G 181 -16.20 8.51 -35.05
C GLU G 181 -17.32 8.75 -36.06
N HIS G 182 -17.39 7.90 -37.09
CA HIS G 182 -18.46 8.01 -38.07
C HIS G 182 -19.82 7.73 -37.44
N SER G 183 -19.98 6.56 -36.82
CA SER G 183 -21.30 6.12 -36.40
C SER G 183 -21.73 6.73 -35.07
N PHE G 184 -20.79 6.94 -34.15
CA PHE G 184 -21.16 7.38 -32.81
C PHE G 184 -20.91 8.86 -32.57
N ALA G 185 -19.98 9.47 -33.30
CA ALA G 185 -19.74 10.90 -33.19
C ALA G 185 -20.35 11.69 -34.35
N GLY G 186 -20.83 11.02 -35.40
CA GLY G 186 -21.43 11.72 -36.52
C GLY G 186 -20.48 12.61 -37.28
N MET G 187 -19.19 12.28 -37.29
CA MET G 187 -18.17 13.10 -37.92
C MET G 187 -17.46 12.28 -38.99
N PRO G 188 -17.75 12.50 -40.29
CA PRO G 188 -17.15 11.64 -41.33
C PRO G 188 -15.71 12.04 -41.64
N CYS G 189 -14.83 11.75 -40.68
CA CYS G 189 -13.43 12.07 -40.83
C CYS G 189 -12.71 11.03 -41.69
N GLY G 190 -11.47 11.34 -42.05
CA GLY G 190 -10.59 10.37 -42.68
C GLY G 190 -9.81 9.58 -41.65
N ILE G 191 -8.90 8.74 -42.15
CA ILE G 191 -8.11 7.89 -41.27
C ILE G 191 -6.89 8.61 -40.71
N MET G 192 -6.60 9.82 -41.17
CA MET G 192 -5.31 10.44 -40.85
C MET G 192 -5.08 10.51 -39.35
N ASP G 193 -6.02 11.09 -38.60
CA ASP G 193 -5.80 11.31 -37.17
C ASP G 193 -5.61 10.00 -36.45
N GLN G 194 -6.48 9.02 -36.72
CA GLN G 194 -6.35 7.72 -36.08
C GLN G 194 -5.02 7.07 -36.43
N PHE G 195 -4.58 7.20 -37.68
CA PHE G 195 -3.35 6.54 -38.10
C PHE G 195 -2.13 7.12 -37.42
N ILE G 196 -2.04 8.44 -37.32
CA ILE G 196 -0.87 9.06 -36.72
C ILE G 196 -0.83 8.79 -35.22
N SER G 197 -2.01 8.77 -34.58
CA SER G 197 -2.06 8.46 -33.16
C SER G 197 -1.55 7.05 -32.88
N LEU G 198 -1.77 6.12 -33.81
CA LEU G 198 -1.32 4.75 -33.65
C LEU G 198 0.14 4.56 -34.07
N MET G 199 0.57 5.25 -35.11
CA MET G 199 1.79 4.90 -35.83
C MET G 199 2.94 5.89 -35.64
N GLY G 200 2.74 6.96 -34.87
CA GLY G 200 3.80 7.96 -34.75
C GLY G 200 5.07 7.37 -34.17
N GLN G 201 6.19 7.94 -34.58
CA GLN G 201 7.50 7.59 -34.05
C GLN G 201 8.20 8.87 -33.63
N LYS G 202 8.80 8.89 -32.43
CA LYS G 202 9.39 10.11 -31.92
C LYS G 202 10.56 10.53 -32.80
N GLY G 203 10.71 11.84 -32.97
CA GLY G 203 11.74 12.36 -33.86
C GLY G 203 11.48 12.08 -35.32
N HIS G 204 10.23 11.90 -35.72
CA HIS G 204 9.87 11.58 -37.09
C HIS G 204 8.52 12.18 -37.42
N ALA G 205 8.37 12.62 -38.67
CA ALA G 205 7.06 12.88 -39.25
C ALA G 205 6.62 11.65 -40.04
N LEU G 206 5.31 11.57 -40.29
CA LEU G 206 4.72 10.42 -40.96
C LEU G 206 4.11 10.87 -42.27
N LEU G 207 4.77 10.54 -43.37
CA LEU G 207 4.17 10.70 -44.69
C LEU G 207 3.25 9.50 -44.92
N ILE G 208 1.95 9.74 -44.88
CA ILE G 208 0.96 8.67 -44.97
C ILE G 208 0.29 8.74 -46.34
N ASP G 209 0.36 7.65 -47.08
CA ASP G 209 -0.36 7.50 -48.34
C ASP G 209 -1.72 6.91 -48.01
N CYS G 210 -2.76 7.75 -48.04
CA CYS G 210 -4.08 7.35 -47.60
C CYS G 210 -4.82 6.48 -48.61
N ARG G 211 -4.20 6.20 -49.76
CA ARG G 211 -4.75 5.21 -50.68
C ARG G 211 -4.28 3.80 -50.33
N SER G 212 -2.97 3.60 -50.21
CA SER G 212 -2.38 2.30 -49.91
C SER G 212 -2.11 2.10 -48.43
N LEU G 213 -2.16 3.15 -47.62
CA LEU G 213 -1.81 3.12 -46.20
C LEU G 213 -0.32 2.87 -45.98
N GLU G 214 0.48 2.86 -47.04
CA GLU G 214 1.92 2.81 -46.87
C GLU G 214 2.38 4.05 -46.10
N THR G 215 3.35 3.87 -45.23
CA THR G 215 3.84 4.93 -44.38
C THR G 215 5.36 5.04 -44.50
N SER G 216 5.85 6.27 -44.43
CA SER G 216 7.27 6.57 -44.47
C SER G 216 7.60 7.50 -43.32
N LEU G 217 8.59 7.13 -42.52
CA LEU G 217 9.03 7.93 -41.39
C LEU G 217 10.05 8.95 -41.86
N VAL G 218 9.71 10.23 -41.76
CA VAL G 218 10.56 11.33 -42.18
C VAL G 218 11.11 12.01 -40.94
N PRO G 219 12.43 11.98 -40.72
CA PRO G 219 12.99 12.55 -39.49
C PRO G 219 12.71 14.04 -39.37
N LEU G 220 12.40 14.45 -38.14
CA LEU G 220 12.22 15.85 -37.75
C LEU G 220 13.07 16.00 -36.48
N SER G 221 14.36 16.25 -36.68
CA SER G 221 15.31 16.21 -35.58
C SER G 221 16.41 17.24 -35.82
N ASP G 222 16.07 18.50 -35.65
CA ASP G 222 17.03 19.60 -35.77
C ASP G 222 16.88 20.51 -34.56
N PRO G 223 17.84 20.52 -33.64
CA PRO G 223 17.76 21.46 -32.51
C PRO G 223 17.62 22.90 -32.96
N LYS G 224 18.08 23.23 -34.18
CA LYS G 224 17.92 24.55 -34.75
C LYS G 224 16.51 24.79 -35.29
N LEU G 225 15.71 23.74 -35.43
CA LEU G 225 14.38 23.83 -36.03
C LEU G 225 13.33 23.58 -34.97
N ALA G 226 12.31 24.43 -34.92
CA ALA G 226 11.21 24.29 -33.98
C ALA G 226 9.89 24.29 -34.72
N VAL G 227 8.90 23.61 -34.15
CA VAL G 227 7.54 23.59 -34.65
C VAL G 227 6.67 24.30 -33.62
N LEU G 228 6.15 25.48 -33.99
CA LEU G 228 5.35 26.29 -33.09
C LEU G 228 3.88 26.12 -33.46
N ILE G 229 3.09 25.61 -32.52
CA ILE G 229 1.65 25.43 -32.71
C ILE G 229 0.93 26.55 -31.97
N THR G 230 0.04 27.24 -32.68
CA THR G 230 -0.70 28.37 -32.14
C THR G 230 -2.19 28.05 -32.18
N ASN G 231 -2.82 28.00 -31.01
CA ASN G 231 -4.24 27.74 -30.88
C ASN G 231 -5.01 29.05 -30.93
N SER G 232 -5.89 29.18 -31.91
CA SER G 232 -6.77 30.36 -31.97
C SER G 232 -7.80 30.36 -30.87
N ASN G 233 -8.00 29.23 -30.19
CA ASN G 233 -9.02 29.11 -29.16
C ASN G 233 -10.40 29.48 -29.68
N SER G 241 -20.08 21.65 -39.47
CA SER G 241 -21.23 21.27 -40.28
C SER G 241 -20.91 21.44 -41.76
N GLU G 242 -19.77 22.06 -42.04
CA GLU G 242 -19.29 22.27 -43.40
C GLU G 242 -18.30 21.19 -43.86
N TYR G 243 -17.68 20.49 -42.92
CA TYR G 243 -16.79 19.38 -43.27
C TYR G 243 -17.46 18.34 -44.15
N PRO G 244 -18.62 17.78 -43.79
CA PRO G 244 -19.27 16.81 -44.69
C PRO G 244 -19.66 17.38 -46.04
N VAL G 245 -19.82 18.70 -46.16
CA VAL G 245 -20.14 19.28 -47.45
C VAL G 245 -18.92 19.25 -48.37
N ARG G 246 -17.74 19.55 -47.83
CA ARG G 246 -16.52 19.46 -48.62
C ARG G 246 -16.30 18.03 -49.11
N ARG G 247 -16.50 17.05 -48.23
CA ARG G 247 -16.37 15.65 -48.65
C ARG G 247 -17.36 15.31 -49.75
N ARG G 248 -18.59 15.83 -49.65
CA ARG G 248 -19.58 15.55 -50.69
C ARG G 248 -19.18 16.19 -52.02
N GLN G 249 -18.70 17.43 -51.98
CA GLN G 249 -18.31 18.10 -53.22
C GLN G 249 -17.20 17.32 -53.92
N CYS G 250 -16.18 16.89 -53.18
CA CYS G 250 -15.09 16.13 -53.77
C CYS G 250 -15.62 14.86 -54.45
N GLU G 251 -16.54 14.16 -53.80
CA GLU G 251 -17.12 12.96 -54.39
C GLU G 251 -17.84 13.27 -55.70
N GLU G 252 -18.60 14.37 -55.73
CA GLU G 252 -19.32 14.73 -56.96
C GLU G 252 -18.36 15.04 -58.10
N VAL G 253 -17.27 15.76 -57.81
CA VAL G 253 -16.32 16.09 -58.86
C VAL G 253 -15.60 14.85 -59.37
N ALA G 254 -15.34 13.89 -58.47
CA ALA G 254 -14.67 12.66 -58.90
C ALA G 254 -15.55 11.86 -59.85
N ARG G 255 -16.85 11.76 -59.54
CA ARG G 255 -17.78 11.07 -60.43
C ARG G 255 -17.88 11.77 -61.78
N ALA G 256 -18.04 13.09 -61.76
CA ALA G 256 -18.14 13.84 -63.01
C ALA G 256 -16.96 13.57 -63.93
N LEU G 257 -15.77 13.40 -63.35
CA LEU G 257 -14.56 13.08 -64.09
C LEU G 257 -14.34 11.58 -64.22
N GLY G 258 -15.28 10.77 -63.74
CA GLY G 258 -15.13 9.33 -63.86
C GLY G 258 -13.93 8.75 -63.14
N ALA G 259 -13.62 9.27 -61.96
CA ALA G 259 -12.47 8.85 -61.18
C ALA G 259 -12.92 8.23 -59.86
N ALA G 260 -12.09 7.33 -59.33
CA ALA G 260 -12.38 6.71 -58.05
C ALA G 260 -12.22 7.70 -56.90
N SER G 261 -11.21 8.56 -56.99
CA SER G 261 -10.98 9.61 -56.01
C SER G 261 -10.22 10.74 -56.69
N LEU G 262 -10.17 11.90 -56.01
CA LEU G 262 -9.44 13.04 -56.56
C LEU G 262 -7.95 12.76 -56.71
N ARG G 263 -7.42 11.70 -56.12
CA ARG G 263 -6.00 11.41 -56.28
C ARG G 263 -5.66 10.97 -57.70
N GLU G 264 -6.64 10.40 -58.40
CA GLU G 264 -6.51 9.91 -59.78
C GLU G 264 -6.65 11.03 -60.81
N VAL G 265 -6.72 12.28 -60.36
CA VAL G 265 -6.93 13.43 -61.24
C VAL G 265 -5.68 14.30 -61.23
N GLN G 266 -5.23 14.74 -62.40
CA GLN G 266 -4.10 15.63 -62.59
C GLN G 266 -4.58 17.03 -62.99
N LEU G 267 -3.69 18.01 -62.86
CA LEU G 267 -4.09 19.39 -63.14
C LEU G 267 -4.69 19.52 -64.53
N GLU G 268 -4.03 18.90 -65.52
CA GLU G 268 -4.43 19.06 -66.91
C GLU G 268 -5.87 18.61 -67.12
N GLU G 269 -6.23 17.45 -66.56
CA GLU G 269 -7.57 16.91 -66.69
C GLU G 269 -8.62 17.74 -65.94
N LEU G 270 -8.27 18.32 -64.80
CA LEU G 270 -9.25 19.10 -64.05
C LEU G 270 -9.72 20.31 -64.84
N GLU G 271 -8.81 20.95 -65.60
CA GLU G 271 -9.19 22.12 -66.38
C GLU G 271 -10.19 21.78 -67.48
N ALA G 272 -10.02 20.61 -68.11
CA ALA G 272 -10.93 20.20 -69.18
C ALA G 272 -12.37 20.12 -68.70
N ALA G 273 -12.59 19.68 -67.47
CA ALA G 273 -13.93 19.46 -66.93
C ALA G 273 -14.50 20.69 -66.24
N ARG G 274 -13.98 21.89 -66.51
CA ARG G 274 -14.47 23.07 -65.81
C ARG G 274 -15.98 23.21 -65.95
N ASP G 275 -16.51 22.92 -67.12
CA ASP G 275 -17.94 23.00 -67.40
C ASP G 275 -18.70 21.75 -67.03
N LEU G 276 -18.00 20.69 -66.59
CA LEU G 276 -18.65 19.46 -66.16
C LEU G 276 -19.00 19.46 -64.68
N VAL G 277 -18.36 20.31 -63.89
CA VAL G 277 -18.56 20.39 -62.45
C VAL G 277 -18.99 21.79 -62.08
N SER G 278 -19.45 21.94 -60.85
CA SER G 278 -19.82 23.26 -60.37
C SER G 278 -18.57 24.11 -60.15
N LYS G 279 -18.75 25.43 -60.17
CA LYS G 279 -17.61 26.34 -60.00
C LYS G 279 -16.89 26.10 -58.68
N GLU G 280 -17.65 26.06 -57.58
CA GLU G 280 -17.06 25.80 -56.28
C GLU G 280 -16.48 24.39 -56.23
N GLY G 281 -17.21 23.40 -56.75
CA GLY G 281 -16.68 22.05 -56.81
C GLY G 281 -15.36 21.98 -57.54
N PHE G 282 -15.18 22.82 -58.56
CA PHE G 282 -13.92 22.86 -59.28
C PHE G 282 -12.79 23.35 -58.37
N ARG G 283 -13.05 24.39 -57.58
CA ARG G 283 -12.03 24.92 -56.68
C ARG G 283 -11.65 23.90 -55.61
N ARG G 284 -12.64 23.14 -55.11
CA ARG G 284 -12.34 22.10 -54.15
C ARG G 284 -11.29 21.14 -54.70
N ALA G 285 -11.51 20.64 -55.92
CA ALA G 285 -10.57 19.71 -56.52
C ALA G 285 -9.22 20.36 -56.79
N ARG G 286 -9.22 21.66 -57.12
CA ARG G 286 -7.96 22.32 -57.41
C ARG G 286 -7.04 22.34 -56.19
N HIS G 287 -7.60 22.56 -55.00
CA HIS G 287 -6.79 22.47 -53.79
C HIS G 287 -6.28 21.06 -53.59
N VAL G 288 -7.18 20.08 -53.60
CA VAL G 288 -6.80 18.69 -53.32
C VAL G 288 -5.68 18.26 -54.26
N VAL G 289 -5.90 18.39 -55.58
CA VAL G 289 -4.91 17.97 -56.55
C VAL G 289 -3.60 18.72 -56.31
N GLY G 290 -3.68 20.01 -56.01
CA GLY G 290 -2.48 20.78 -55.72
C GLY G 290 -1.92 20.52 -54.33
N GLU G 291 -2.79 20.23 -53.37
CA GLU G 291 -2.33 19.93 -52.03
C GLU G 291 -1.58 18.60 -51.98
N ILE G 292 -2.07 17.60 -52.71
CA ILE G 292 -1.39 16.31 -52.77
C ILE G 292 0.03 16.47 -53.30
N ARG G 293 0.19 17.25 -54.36
CA ARG G 293 1.55 17.46 -54.90
C ARG G 293 2.42 18.22 -53.91
N ARG G 294 1.84 19.21 -53.21
CA ARG G 294 2.61 19.96 -52.21
C ARG G 294 3.09 19.05 -51.10
N THR G 295 2.24 18.12 -50.65
CA THR G 295 2.64 17.22 -49.57
C THR G 295 3.84 16.38 -49.99
N ALA G 296 3.77 15.77 -51.18
CA ALA G 296 4.88 14.99 -51.68
C ALA G 296 6.14 15.84 -51.84
N GLN G 297 5.98 17.08 -52.32
CA GLN G 297 7.14 17.97 -52.46
C GLN G 297 7.70 18.36 -51.10
N ALA G 298 6.83 18.60 -50.12
CA ALA G 298 7.30 18.99 -48.80
C ALA G 298 8.03 17.84 -48.12
N ALA G 299 7.55 16.61 -48.32
CA ALA G 299 8.23 15.44 -47.78
C ALA G 299 9.65 15.32 -48.34
N ALA G 300 9.80 15.51 -49.65
CA ALA G 300 11.13 15.45 -50.26
C ALA G 300 12.01 16.57 -49.73
N ALA G 301 11.46 17.78 -49.60
CA ALA G 301 12.22 18.89 -49.06
C ALA G 301 12.69 18.60 -47.64
N LEU G 302 11.86 17.93 -46.84
CA LEU G 302 12.22 17.67 -45.45
C LEU G 302 13.40 16.69 -45.34
N ARG G 303 13.47 15.72 -46.25
CA ARG G 303 14.59 14.79 -46.24
C ARG G 303 15.92 15.52 -46.38
N ARG G 304 15.97 16.57 -47.21
CA ARG G 304 17.19 17.31 -47.47
C ARG G 304 17.36 18.54 -46.58
N GLY G 305 16.44 18.79 -45.66
CA GLY G 305 16.59 19.90 -44.74
C GLY G 305 16.30 21.27 -45.33
N ASP G 306 15.59 21.34 -46.45
CA ASP G 306 15.27 22.62 -47.09
C ASP G 306 14.06 23.22 -46.37
N TYR G 307 14.31 23.77 -45.18
CA TYR G 307 13.22 24.29 -44.37
C TYR G 307 12.55 25.50 -45.02
N ARG G 308 13.33 26.39 -45.63
CA ARG G 308 12.75 27.54 -46.30
C ARG G 308 11.76 27.10 -47.37
N ALA G 309 12.12 26.08 -48.16
CA ALA G 309 11.19 25.56 -49.16
C ALA G 309 9.97 24.94 -48.51
N PHE G 310 10.16 24.17 -47.44
CA PHE G 310 9.04 23.58 -46.73
C PHE G 310 8.08 24.65 -46.22
N GLY G 311 8.63 25.72 -45.63
CA GLY G 311 7.78 26.83 -45.20
C GLY G 311 7.00 27.42 -46.36
N ARG G 312 7.63 27.49 -47.53
CA ARG G 312 6.97 28.04 -48.71
C ARG G 312 5.80 27.18 -49.13
N LEU G 313 5.96 25.85 -49.13
CA LEU G 313 4.84 24.97 -49.42
C LEU G 313 3.75 25.11 -48.37
N MET G 314 4.13 25.34 -47.12
CA MET G 314 3.13 25.57 -46.07
C MET G 314 2.31 26.82 -46.38
N VAL G 315 2.95 27.87 -46.88
CA VAL G 315 2.24 29.11 -47.15
C VAL G 315 1.34 28.93 -48.37
N GLU G 316 1.79 28.17 -49.37
CA GLU G 316 0.92 27.82 -50.48
C GLU G 316 -0.29 27.03 -50.00
N SER G 317 -0.06 26.07 -49.10
CA SER G 317 -1.16 25.27 -48.56
C SER G 317 -2.22 26.16 -47.90
N HIS G 318 -1.79 27.13 -47.10
CA HIS G 318 -2.76 27.99 -46.43
C HIS G 318 -3.52 28.84 -47.44
N ARG G 319 -2.81 29.46 -48.38
CA ARG G 319 -3.47 30.22 -49.42
C ARG G 319 -4.51 29.35 -50.14
N SER G 320 -4.12 28.12 -50.48
CA SER G 320 -5.06 27.19 -51.11
C SER G 320 -6.25 26.90 -50.20
N LEU G 321 -5.98 26.61 -48.92
CA LEU G 321 -7.06 26.26 -48.00
C LEU G 321 -8.00 27.43 -47.75
N ARG G 322 -7.51 28.66 -47.82
CA ARG G 322 -8.40 29.79 -47.53
C ARG G 322 -9.18 30.27 -48.75
N ASP G 323 -8.61 30.18 -49.96
CA ASP G 323 -9.27 30.70 -51.14
C ASP G 323 -10.03 29.63 -51.92
N ASP G 324 -9.39 28.49 -52.21
CA ASP G 324 -10.04 27.45 -52.99
C ASP G 324 -10.91 26.53 -52.14
N TYR G 325 -10.39 26.08 -50.99
CA TYR G 325 -11.16 25.17 -50.15
C TYR G 325 -12.05 25.91 -49.15
N GLU G 326 -11.74 27.17 -48.85
CA GLU G 326 -12.50 27.97 -47.90
C GLU G 326 -12.82 27.18 -46.63
N VAL G 327 -11.78 26.86 -45.86
CA VAL G 327 -11.96 26.20 -44.57
C VAL G 327 -11.21 26.98 -43.50
N SER G 328 -10.70 28.17 -43.84
CA SER G 328 -10.03 29.03 -42.89
C SER G 328 -11.05 29.99 -42.27
N CYS G 329 -10.54 30.97 -41.52
CA CYS G 329 -11.35 32.00 -40.90
C CYS G 329 -10.44 33.18 -40.60
N PRO G 330 -11.01 34.34 -40.28
CA PRO G 330 -10.17 35.51 -40.00
C PRO G 330 -9.16 35.25 -38.89
N GLU G 331 -9.57 34.54 -37.84
CA GLU G 331 -8.63 34.24 -36.75
C GLU G 331 -7.43 33.46 -37.26
N LEU G 332 -7.67 32.39 -38.02
CA LEU G 332 -6.57 31.63 -38.59
C LEU G 332 -5.73 32.49 -39.52
N ASP G 333 -6.39 33.27 -40.38
CA ASP G 333 -5.65 34.13 -41.30
C ASP G 333 -4.83 35.18 -40.55
N GLN G 334 -5.39 35.73 -39.47
CA GLN G 334 -4.64 36.71 -38.68
C GLN G 334 -3.44 36.06 -38.01
N LEU G 335 -3.62 34.84 -37.49
CA LEU G 335 -2.49 34.13 -36.88
C LEU G 335 -1.42 33.81 -37.92
N VAL G 336 -1.83 33.40 -39.12
CA VAL G 336 -0.86 33.02 -40.15
C VAL G 336 -0.02 34.23 -40.56
N GLU G 337 -0.68 35.37 -40.80
CA GLU G 337 0.04 36.56 -41.24
C GLU G 337 1.04 37.03 -40.19
N ALA G 338 0.58 37.13 -38.93
CA ALA G 338 1.47 37.54 -37.86
C ALA G 338 2.69 36.64 -37.76
N ALA G 339 2.50 35.33 -37.90
CA ALA G 339 3.62 34.40 -37.83
C ALA G 339 4.62 34.66 -38.95
N LEU G 340 4.13 34.98 -40.15
CA LEU G 340 5.01 35.18 -41.29
C LEU G 340 5.80 36.48 -41.22
N ALA G 341 5.37 37.44 -40.39
CA ALA G 341 6.11 38.69 -40.27
C ALA G 341 7.39 38.55 -39.45
N VAL G 342 7.49 37.52 -38.63
CA VAL G 342 8.66 37.35 -37.76
C VAL G 342 9.81 36.79 -38.59
N PRO G 343 11.00 37.38 -38.52
CA PRO G 343 12.16 36.79 -39.21
C PRO G 343 12.55 35.46 -38.60
N GLY G 344 13.07 34.58 -39.46
CA GLY G 344 13.38 33.22 -39.08
C GLY G 344 12.26 32.23 -39.30
N VAL G 345 11.06 32.70 -39.61
CA VAL G 345 9.91 31.84 -39.86
C VAL G 345 9.99 31.34 -41.30
N TYR G 346 9.89 30.02 -41.47
CA TYR G 346 9.93 29.46 -42.81
C TYR G 346 8.53 29.50 -43.45
N GLY G 347 7.50 29.25 -42.67
CA GLY G 347 6.14 29.23 -43.18
C GLY G 347 5.15 28.98 -42.08
N SER G 348 3.88 29.14 -42.42
CA SER G 348 2.80 28.95 -41.45
C SER G 348 1.50 28.70 -42.21
N ARG G 349 0.58 28.00 -41.54
CA ARG G 349 -0.69 27.65 -42.16
C ARG G 349 -1.61 27.07 -41.09
N MET G 350 -2.89 27.01 -41.41
CA MET G 350 -3.86 26.36 -40.54
C MET G 350 -3.65 24.85 -40.54
N THR G 351 -4.06 24.21 -39.45
CA THR G 351 -4.01 22.76 -39.33
C THR G 351 -5.37 22.24 -38.90
N GLY G 352 -5.57 20.94 -39.11
CA GLY G 352 -6.84 20.32 -38.76
C GLY G 352 -7.91 20.57 -39.81
N GLY G 353 -9.16 20.37 -39.39
CA GLY G 353 -10.27 20.54 -40.30
C GLY G 353 -10.47 21.97 -40.74
N GLY G 354 -10.21 22.92 -39.86
CA GLY G 354 -10.39 24.33 -40.15
C GLY G 354 -11.53 24.92 -39.36
N PHE G 355 -11.89 26.15 -39.72
CA PHE G 355 -12.97 26.89 -39.06
C PHE G 355 -12.64 27.18 -37.60
N GLY G 356 -11.34 27.34 -37.30
CA GLY G 356 -10.82 27.45 -35.96
C GLY G 356 -9.70 26.48 -35.77
N GLY G 357 -9.34 26.23 -34.51
CA GLY G 357 -8.28 25.30 -34.21
C GLY G 357 -6.93 25.98 -34.09
N CYS G 358 -5.90 25.34 -34.64
CA CYS G 358 -4.52 25.77 -34.43
C CYS G 358 -3.89 26.20 -35.75
N THR G 359 -2.75 26.88 -35.61
CA THR G 359 -1.88 27.21 -36.73
C THR G 359 -0.54 26.57 -36.46
N VAL G 360 -0.01 25.86 -37.45
CA VAL G 360 1.30 25.23 -37.34
C VAL G 360 2.31 26.13 -38.06
N THR G 361 3.44 26.38 -37.41
CA THR G 361 4.45 27.30 -37.91
C THR G 361 5.81 26.64 -37.77
N LEU G 362 6.54 26.53 -38.87
CA LEU G 362 7.89 26.01 -38.86
C LEU G 362 8.86 27.19 -38.74
N LEU G 363 9.76 27.12 -37.76
CA LEU G 363 10.59 28.27 -37.46
C LEU G 363 11.95 27.83 -36.98
N GLU G 364 12.92 28.74 -37.10
CA GLU G 364 14.23 28.51 -36.52
C GLU G 364 14.11 28.52 -35.00
N ALA G 365 14.75 27.53 -34.35
CA ALA G 365 14.59 27.38 -32.92
C ALA G 365 14.85 28.68 -32.17
N SER G 366 15.88 29.42 -32.56
CA SER G 366 16.22 30.66 -31.86
C SER G 366 15.11 31.70 -31.96
N ALA G 367 14.29 31.64 -33.00
CA ALA G 367 13.25 32.65 -33.21
C ALA G 367 11.97 32.38 -32.42
N ALA G 368 11.84 31.24 -31.77
CA ALA G 368 10.59 30.90 -31.10
C ALA G 368 10.16 31.94 -30.07
N PRO G 369 10.99 32.33 -29.10
CA PRO G 369 10.52 33.32 -28.11
C PRO G 369 10.05 34.62 -28.72
N HIS G 370 10.82 35.20 -29.65
CA HIS G 370 10.41 36.46 -30.27
C HIS G 370 9.16 36.28 -31.12
N ALA G 371 9.09 35.19 -31.88
CA ALA G 371 7.92 34.94 -32.73
C ALA G 371 6.64 34.84 -31.91
N MET G 372 6.70 34.16 -30.77
CA MET G 372 5.51 33.94 -29.94
C MET G 372 4.90 35.26 -29.46
N ARG G 373 5.73 36.24 -29.13
CA ARG G 373 5.21 37.50 -28.61
C ARG G 373 4.36 38.23 -29.64
N HIS G 374 4.79 38.26 -30.90
CA HIS G 374 4.08 39.00 -31.93
C HIS G 374 2.68 38.46 -32.17
N ILE G 375 2.57 37.13 -32.28
CA ILE G 375 1.29 36.52 -32.63
C ILE G 375 0.20 36.96 -31.66
N GLN G 376 0.46 36.85 -30.35
CA GLN G 376 -0.56 37.22 -29.37
C GLN G 376 -0.92 38.69 -29.46
N GLU G 377 0.09 39.57 -29.53
CA GLU G 377 -0.18 41.00 -29.49
C GLU G 377 -0.82 41.52 -30.77
N HIS G 378 -0.44 40.97 -31.93
CA HIS G 378 -0.98 41.47 -33.18
C HIS G 378 -2.12 40.60 -33.70
N TYR G 379 -2.68 39.76 -32.83
CA TYR G 379 -3.83 38.92 -33.13
C TYR G 379 -4.95 39.34 -32.19
N GLY G 380 -6.14 39.57 -32.74
CA GLY G 380 -7.24 40.02 -31.92
C GLY G 380 -7.82 38.94 -31.03
N GLY G 381 -7.02 38.44 -30.10
CA GLY G 381 -7.45 37.37 -29.22
C GLY G 381 -6.29 36.82 -28.43
N THR G 382 -6.64 35.92 -27.51
CA THR G 382 -5.65 35.24 -26.68
C THR G 382 -5.19 33.96 -27.37
N ALA G 383 -3.87 33.78 -27.46
CA ALA G 383 -3.29 32.67 -28.19
C ALA G 383 -2.50 31.77 -27.23
N THR G 384 -2.58 30.47 -27.48
CA THR G 384 -1.84 29.46 -26.75
C THR G 384 -0.77 28.86 -27.66
N PHE G 385 0.36 28.49 -27.07
CA PHE G 385 1.52 28.01 -27.81
C PHE G 385 1.94 26.63 -27.33
N TYR G 386 2.32 25.77 -28.27
CA TYR G 386 2.97 24.50 -27.98
C TYR G 386 4.19 24.38 -28.89
N LEU G 387 5.37 24.35 -28.29
CA LEU G 387 6.60 24.02 -29.02
C LEU G 387 6.88 22.54 -28.76
N SER G 388 6.57 21.71 -29.75
CA SER G 388 6.62 20.26 -29.58
C SER G 388 7.56 19.61 -30.59
N GLN G 389 8.12 18.48 -30.17
CA GLN G 389 8.86 17.58 -31.06
C GLN G 389 7.98 16.39 -31.43
N ALA G 390 8.42 15.65 -32.45
CA ALA G 390 7.69 14.46 -32.87
C ALA G 390 7.75 13.38 -31.79
N ALA G 391 6.58 12.83 -31.46
CA ALA G 391 6.43 11.90 -30.35
C ALA G 391 6.03 10.53 -30.86
N ASP G 392 5.99 9.57 -29.93
CA ASP G 392 5.59 8.20 -30.21
C ASP G 392 4.06 8.08 -30.31
N GLY G 393 3.63 7.00 -30.95
CA GLY G 393 2.21 6.68 -31.03
C GLY G 393 1.73 5.96 -29.78
N ALA G 394 0.53 5.38 -29.91
CA ALA G 394 -0.09 4.68 -28.80
C ALA G 394 0.84 3.61 -28.26
N LYS G 395 0.85 3.46 -26.94
CA LYS G 395 1.68 2.45 -26.29
C LYS G 395 1.06 2.04 -24.97
N VAL G 396 1.42 0.85 -24.50
CA VAL G 396 1.02 0.35 -23.19
C VAL G 396 1.95 0.93 -22.12
N LEU G 397 1.39 1.24 -20.96
CA LEU G 397 2.14 1.73 -19.82
C LEU G 397 2.03 0.73 -18.68
N CYS G 398 3.15 0.23 -18.18
CA CYS G 398 3.13 -0.76 -17.12
C CYS G 398 3.01 -0.08 -15.77
N LEU G 399 2.00 -0.49 -15.00
CA LEU G 399 1.78 0.06 -13.67
C LEU G 399 2.47 -0.79 -12.61
N GLN H 13 3.33 60.11 28.81
CA GLN H 13 3.35 59.22 27.65
C GLN H 13 3.71 57.79 28.08
N PRO H 14 2.73 56.91 28.17
CA PRO H 14 2.99 55.59 28.75
C PRO H 14 3.93 54.73 27.91
N GLN H 15 4.73 53.94 28.62
CA GLN H 15 5.61 52.95 28.02
C GLN H 15 4.98 51.57 28.20
N VAL H 16 5.57 50.58 27.54
CA VAL H 16 4.96 49.26 27.48
C VAL H 16 4.75 48.70 28.88
N ALA H 17 5.76 48.79 29.74
CA ALA H 17 5.63 48.23 31.08
C ALA H 17 4.53 48.94 31.86
N GLU H 18 4.47 50.27 31.77
CA GLU H 18 3.43 51.02 32.45
C GLU H 18 2.04 50.68 31.91
N LEU H 19 1.90 50.59 30.59
CA LEU H 19 0.62 50.22 29.99
C LEU H 19 0.25 48.79 30.32
N LEU H 20 1.20 47.87 30.22
CA LEU H 20 0.91 46.46 30.48
C LEU H 20 0.41 46.26 31.92
N ALA H 21 1.02 46.94 32.88
CA ALA H 21 0.59 46.82 34.27
C ALA H 21 -0.79 47.44 34.49
N GLU H 22 -1.04 48.60 33.87
CA GLU H 22 -2.35 49.22 33.99
C GLU H 22 -3.45 48.31 33.45
N ALA H 23 -3.19 47.64 32.34
CA ALA H 23 -4.19 46.77 31.75
C ALA H 23 -4.42 45.51 32.60
N ARG H 24 -3.37 45.01 33.28
CA ARG H 24 -3.58 43.80 34.06
C ARG H 24 -4.37 44.11 35.33
N ARG H 25 -4.06 45.23 35.99
CA ARG H 25 -4.86 45.65 37.15
C ARG H 25 -6.32 45.81 36.75
N ALA H 26 -6.57 46.47 35.62
CA ALA H 26 -7.93 46.64 35.14
C ALA H 26 -8.57 45.29 34.82
N PHE H 27 -7.80 44.38 34.22
CA PHE H 27 -8.32 43.05 33.93
C PHE H 27 -8.65 42.30 35.21
N ARG H 28 -7.81 42.45 36.24
CA ARG H 28 -8.08 41.80 37.52
C ARG H 28 -9.32 42.36 38.19
N GLU H 29 -9.39 43.69 38.34
CA GLU H 29 -10.54 44.31 38.98
C GLU H 29 -11.83 43.96 38.26
N GLU H 30 -11.78 43.78 36.94
CA GLU H 30 -12.98 43.55 36.16
C GLU H 30 -13.33 42.07 36.04
N PHE H 31 -12.33 41.19 36.05
CA PHE H 31 -12.55 39.78 35.80
C PHE H 31 -12.11 38.86 36.94
N GLY H 32 -11.40 39.40 37.95
CA GLY H 32 -11.09 38.67 39.16
C GLY H 32 -9.84 37.81 39.13
N ALA H 33 -9.23 37.61 37.96
CA ALA H 33 -8.03 36.79 37.84
C ALA H 33 -6.95 37.53 37.05
N GLU H 34 -5.77 36.92 36.94
CA GLU H 34 -4.69 37.46 36.12
C GLU H 34 -4.95 37.17 34.64
N PRO H 35 -4.66 38.12 33.76
CA PRO H 35 -4.68 37.83 32.33
C PRO H 35 -3.59 36.84 31.97
N GLU H 36 -3.86 36.03 30.95
CA GLU H 36 -2.94 35.00 30.52
C GLU H 36 -2.16 35.35 29.27
N LEU H 37 -2.70 36.24 28.42
CA LEU H 37 -2.11 36.55 27.13
C LEU H 37 -1.98 38.06 26.98
N ALA H 38 -0.91 38.49 26.30
CA ALA H 38 -0.65 39.91 26.09
C ALA H 38 -0.10 40.15 24.70
N VAL H 39 -0.42 41.33 24.17
CA VAL H 39 -0.09 41.69 22.78
C VAL H 39 -0.07 43.21 22.71
N SER H 40 0.71 43.74 21.78
CA SER H 40 0.77 45.18 21.56
C SER H 40 0.84 45.46 20.07
N ALA H 41 0.33 46.64 19.70
CA ALA H 41 0.31 47.08 18.33
C ALA H 41 0.36 48.60 18.39
N PRO H 42 1.26 49.23 17.65
CA PRO H 42 1.44 50.67 17.76
C PRO H 42 0.53 51.47 16.84
N GLY H 43 0.41 52.75 17.15
CA GLY H 43 -0.10 53.71 16.20
C GLY H 43 0.97 54.03 15.18
N ARG H 44 0.66 54.98 14.30
CA ARG H 44 1.54 55.27 13.19
C ARG H 44 1.51 56.76 12.87
N VAL H 45 2.61 57.23 12.31
CA VAL H 45 2.70 58.57 11.75
C VAL H 45 3.21 58.45 10.33
N ASN H 46 2.56 59.16 9.40
CA ASN H 46 2.97 59.17 8.01
C ASN H 46 3.96 60.32 7.82
N LEU H 47 5.21 59.98 7.51
CA LEU H 47 6.20 61.02 7.29
C LEU H 47 5.85 61.82 6.04
N ILE H 48 5.38 61.14 4.99
CA ILE H 48 4.94 61.80 3.77
C ILE H 48 4.17 60.78 2.95
N GLY H 49 3.28 61.26 2.08
CA GLY H 49 2.48 60.38 1.26
C GLY H 49 1.04 60.32 1.71
N GLU H 50 0.42 61.47 1.92
CA GLU H 50 -0.93 61.52 2.47
C GLU H 50 -1.95 61.42 1.34
N HIS H 51 -3.02 60.67 1.60
CA HIS H 51 -4.11 60.49 0.65
C HIS H 51 -3.62 59.95 -0.70
N THR H 52 -2.53 59.17 -0.66
CA THR H 52 -2.07 58.44 -1.84
C THR H 52 -2.35 56.94 -1.76
N ASP H 53 -2.62 56.41 -0.56
CA ASP H 53 -2.73 54.96 -0.40
C ASP H 53 -3.96 54.42 -1.13
N TYR H 54 -5.13 55.04 -0.93
CA TYR H 54 -6.30 54.60 -1.66
C TYR H 54 -6.27 55.01 -3.13
N ASN H 55 -5.23 55.72 -3.56
CA ASN H 55 -4.98 55.99 -4.96
C ASN H 55 -3.90 55.07 -5.51
N GLN H 56 -3.58 53.99 -4.80
CA GLN H 56 -2.58 53.02 -5.22
C GLN H 56 -1.20 53.67 -5.35
N GLY H 57 -0.92 54.63 -4.49
CA GLY H 57 0.33 55.38 -4.50
C GLY H 57 1.33 54.83 -3.50
N LEU H 58 2.21 55.72 -3.04
CA LEU H 58 3.25 55.37 -2.09
C LEU H 58 3.03 56.10 -0.78
N VAL H 59 3.42 55.45 0.32
CA VAL H 59 3.37 56.03 1.65
C VAL H 59 4.67 55.68 2.35
N LEU H 60 5.06 56.52 3.30
CA LEU H 60 6.28 56.35 4.08
C LEU H 60 5.96 56.56 5.54
N PRO H 61 5.20 55.65 6.15
CA PRO H 61 4.90 55.74 7.57
C PRO H 61 5.95 55.03 8.41
N MET H 62 5.96 55.38 9.70
CA MET H 62 6.75 54.69 10.70
C MET H 62 5.86 54.39 11.91
N ALA H 63 6.14 53.26 12.55
CA ALA H 63 5.42 52.92 13.76
C ALA H 63 5.86 53.81 14.92
N LEU H 64 4.90 54.20 15.75
CA LEU H 64 5.17 55.04 16.91
C LEU H 64 5.33 54.18 18.16
N GLU H 65 5.90 54.78 19.20
CA GLU H 65 5.96 54.12 20.49
C GLU H 65 4.63 54.16 21.22
N LEU H 66 3.70 55.02 20.79
CA LEU H 66 2.34 54.95 21.27
C LEU H 66 1.69 53.66 20.75
N MET H 67 0.90 53.02 21.60
CA MET H 67 0.58 51.61 21.41
C MET H 67 -0.82 51.32 21.91
N THR H 68 -1.36 50.23 21.38
CA THR H 68 -2.52 49.57 21.98
C THR H 68 -2.00 48.29 22.60
N VAL H 69 -2.26 48.10 23.89
CA VAL H 69 -1.88 46.89 24.61
C VAL H 69 -3.15 46.18 25.02
N LEU H 70 -3.23 44.90 24.69
CA LEU H 70 -4.38 44.08 25.02
C LEU H 70 -3.94 42.91 25.90
N VAL H 71 -4.60 42.76 27.04
CA VAL H 71 -4.41 41.61 27.90
C VAL H 71 -5.75 40.91 28.02
N GLY H 72 -5.71 39.59 28.13
CA GLY H 72 -6.94 38.84 28.22
C GLY H 72 -6.67 37.37 28.42
N SER H 73 -7.76 36.60 28.40
CA SER H 73 -7.70 35.17 28.64
C SER H 73 -8.84 34.51 27.88
N PRO H 74 -8.67 33.25 27.48
CA PRO H 74 -9.78 32.53 26.84
C PRO H 74 -10.90 32.22 27.83
N ARG H 75 -12.10 32.05 27.30
CA ARG H 75 -13.26 31.67 28.08
C ARG H 75 -13.85 30.36 27.55
N LYS H 76 -14.55 29.64 28.42
CA LYS H 76 -15.30 28.45 28.04
C LYS H 76 -16.76 28.76 27.65
N ASP H 77 -17.24 29.97 27.93
CA ASP H 77 -18.64 30.31 27.72
C ASP H 77 -19.00 30.54 26.25
N GLY H 78 -18.00 30.77 25.39
CA GLY H 78 -18.25 31.22 24.03
C GLY H 78 -18.63 32.68 23.89
N LEU H 79 -18.49 33.47 24.95
CA LEU H 79 -18.77 34.90 24.93
C LEU H 79 -17.47 35.69 24.90
N VAL H 80 -17.57 36.93 24.42
CA VAL H 80 -16.47 37.88 24.44
C VAL H 80 -16.86 39.03 25.36
N SER H 81 -16.02 39.30 26.35
CA SER H 81 -16.25 40.37 27.32
C SER H 81 -15.10 41.37 27.22
N LEU H 82 -15.44 42.62 26.92
CA LEU H 82 -14.43 43.64 26.64
C LEU H 82 -14.61 44.82 27.58
N LEU H 83 -13.48 45.43 27.94
CA LEU H 83 -13.46 46.68 28.69
C LEU H 83 -12.27 47.48 28.18
N THR H 84 -12.50 48.74 27.85
CA THR H 84 -11.44 49.64 27.39
C THR H 84 -11.16 50.71 28.43
N THR H 85 -9.88 51.06 28.57
CA THR H 85 -9.45 52.08 29.50
C THR H 85 -9.34 53.46 28.83
N SER H 86 -9.71 53.56 27.56
CA SER H 86 -9.63 54.83 26.84
C SER H 86 -10.83 55.70 27.20
N GLU H 87 -10.56 56.95 27.59
CA GLU H 87 -11.62 57.82 28.08
C GLU H 87 -12.50 58.33 26.95
N GLY H 88 -11.92 58.57 25.78
CA GLY H 88 -12.64 59.09 24.64
C GLY H 88 -13.53 58.11 23.91
N ALA H 89 -13.70 56.89 24.43
CA ALA H 89 -14.48 55.87 23.75
C ALA H 89 -15.97 56.10 23.94
N ASP H 90 -16.76 55.64 22.96
CA ASP H 90 -18.20 55.75 23.04
C ASP H 90 -18.74 54.90 24.19
N GLU H 91 -19.56 55.52 25.04
CA GLU H 91 -20.17 54.80 26.14
C GLU H 91 -21.12 53.75 25.61
N PRO H 92 -21.21 52.57 26.25
CA PRO H 92 -20.50 52.25 27.50
C PRO H 92 -19.08 51.71 27.28
N GLN H 93 -18.17 51.99 28.21
CA GLN H 93 -16.80 51.52 28.07
C GLN H 93 -16.65 50.05 28.44
N ARG H 94 -17.74 49.39 28.81
CA ARG H 94 -17.74 47.96 29.06
C ARG H 94 -18.68 47.29 28.08
N LEU H 95 -18.32 46.07 27.65
CA LEU H 95 -19.16 45.37 26.69
C LEU H 95 -18.94 43.87 26.77
N GLN H 96 -20.01 43.11 26.57
CA GLN H 96 -19.97 41.66 26.50
C GLN H 96 -20.91 41.22 25.39
N PHE H 97 -20.51 40.22 24.61
CA PHE H 97 -21.33 39.73 23.51
C PHE H 97 -20.91 38.32 23.16
N PRO H 98 -21.80 37.53 22.55
CA PRO H 98 -21.46 36.16 22.17
C PRO H 98 -20.66 36.08 20.88
N LEU H 99 -19.99 34.95 20.70
CA LEU H 99 -19.22 34.67 19.50
C LEU H 99 -20.13 34.64 18.27
N PRO H 100 -19.61 34.95 17.10
CA PRO H 100 -20.42 34.84 15.88
C PRO H 100 -20.69 33.39 15.52
N THR H 101 -21.82 33.17 14.85
CA THR H 101 -22.23 31.84 14.43
C THR H 101 -22.55 31.84 12.94
N ALA H 102 -22.72 30.64 12.38
CA ALA H 102 -23.23 30.52 11.02
C ALA H 102 -24.65 31.07 10.89
N GLN H 103 -25.45 30.98 11.94
CA GLN H 103 -26.81 31.52 11.90
C GLN H 103 -26.75 33.03 11.87
N ARG H 104 -26.35 33.64 12.99
CA ARG H 104 -26.19 35.08 13.10
C ARG H 104 -24.71 35.39 13.22
N SER H 105 -24.24 36.35 12.45
CA SER H 105 -22.86 36.81 12.49
C SER H 105 -22.82 38.18 13.16
N LEU H 106 -21.64 38.52 13.69
CA LEU H 106 -21.50 39.79 14.38
C LEU H 106 -22.02 40.92 13.51
N GLU H 107 -22.52 41.96 14.17
CA GLU H 107 -23.12 43.10 13.50
C GLU H 107 -22.61 44.41 14.10
N PRO H 108 -22.35 45.42 13.26
CA PRO H 108 -21.94 46.72 13.79
C PRO H 108 -23.04 47.33 14.65
N GLY H 109 -22.71 47.59 15.91
CA GLY H 109 -23.64 48.21 16.82
C GLY H 109 -23.02 49.29 17.68
N THR H 110 -23.36 49.31 18.96
CA THR H 110 -22.83 50.25 19.93
C THR H 110 -22.15 49.50 21.07
N PRO H 111 -21.09 50.07 21.66
CA PRO H 111 -20.50 51.38 21.35
C PRO H 111 -19.72 51.39 20.04
N ARG H 112 -19.49 52.59 19.49
CA ARG H 112 -18.79 52.68 18.22
C ARG H 112 -17.41 52.05 18.33
N TRP H 113 -16.71 52.27 19.45
CA TRP H 113 -15.36 51.76 19.57
C TRP H 113 -15.33 50.23 19.52
N ALA H 114 -16.37 49.58 20.04
CA ALA H 114 -16.42 48.13 20.04
C ALA H 114 -16.63 47.55 18.66
N ASN H 115 -17.06 48.36 17.70
CA ASN H 115 -17.24 47.88 16.33
C ASN H 115 -15.94 47.38 15.72
N TYR H 116 -14.81 48.01 16.09
CA TYR H 116 -13.53 47.65 15.49
C TYR H 116 -13.10 46.24 15.85
N VAL H 117 -13.23 45.85 17.13
CA VAL H 117 -12.84 44.50 17.52
C VAL H 117 -13.84 43.49 16.98
N LYS H 118 -15.13 43.84 16.98
CA LYS H 118 -16.13 42.95 16.43
C LYS H 118 -15.82 42.60 14.97
N GLY H 119 -15.46 43.61 14.17
CA GLY H 119 -15.15 43.34 12.78
C GLY H 119 -13.93 42.45 12.60
N VAL H 120 -12.87 42.71 13.38
CA VAL H 120 -11.67 41.89 13.27
C VAL H 120 -11.99 40.45 13.66
N ILE H 121 -12.77 40.26 14.72
CA ILE H 121 -13.20 38.92 15.11
C ILE H 121 -14.07 38.30 14.02
N GLN H 122 -15.04 39.07 13.51
CA GLN H 122 -16.00 38.52 12.55
C GLN H 122 -15.31 38.01 11.29
N TYR H 123 -14.27 38.69 10.84
CA TYR H 123 -13.58 38.33 9.61
C TYR H 123 -12.29 37.56 9.88
N TYR H 124 -12.04 37.17 11.12
CA TYR H 124 -10.85 36.40 11.42
C TYR H 124 -10.88 35.07 10.67
N PRO H 125 -9.78 34.69 10.01
CA PRO H 125 -9.82 33.55 9.09
C PRO H 125 -9.66 32.19 9.74
N ALA H 126 -9.40 32.10 11.04
CA ALA H 126 -9.15 30.82 11.68
C ALA H 126 -10.29 30.44 12.61
N ALA H 127 -10.40 29.13 12.85
CA ALA H 127 -11.42 28.56 13.72
C ALA H 127 -10.88 27.27 14.31
N PRO H 128 -11.40 26.84 15.47
CA PRO H 128 -12.45 27.56 16.19
C PRO H 128 -11.87 28.63 17.11
N LEU H 129 -12.49 29.80 17.12
CA LEU H 129 -12.04 30.88 17.99
C LEU H 129 -12.79 30.80 19.31
N PRO H 130 -12.10 30.62 20.44
CA PRO H 130 -12.80 30.57 21.73
C PRO H 130 -13.18 31.96 22.20
N GLY H 131 -14.11 31.98 23.15
CA GLY H 131 -14.38 33.22 23.87
C GLY H 131 -13.17 33.68 24.66
N PHE H 132 -13.19 34.96 25.03
CA PHE H 132 -12.09 35.51 25.79
C PHE H 132 -12.57 36.73 26.56
N SER H 133 -11.84 37.06 27.62
CA SER H 133 -11.96 38.32 28.32
C SER H 133 -10.74 39.17 27.97
N ALA H 134 -10.93 40.48 27.86
CA ALA H 134 -9.83 41.34 27.48
C ALA H 134 -10.12 42.77 27.92
N VAL H 135 -9.06 43.47 28.30
CA VAL H 135 -9.11 44.90 28.58
C VAL H 135 -8.20 45.61 27.59
N VAL H 136 -8.61 46.79 27.13
CA VAL H 136 -7.86 47.56 26.15
C VAL H 136 -7.22 48.75 26.85
N VAL H 137 -5.93 48.93 26.61
CA VAL H 137 -5.22 50.13 27.01
C VAL H 137 -4.48 50.68 25.79
N SER H 138 -4.35 52.00 25.75
CA SER H 138 -3.77 52.65 24.57
C SER H 138 -3.17 53.98 24.98
N SER H 139 -2.01 54.29 24.40
CA SER H 139 -1.44 55.62 24.48
C SER H 139 -1.62 56.40 23.18
N VAL H 140 -2.35 55.83 22.22
CA VAL H 140 -2.64 56.50 20.96
C VAL H 140 -3.90 57.34 21.16
N PRO H 141 -3.85 58.65 20.95
CA PRO H 141 -5.06 59.47 21.13
C PRO H 141 -6.10 59.14 20.07
N LEU H 142 -7.32 58.85 20.53
CA LEU H 142 -8.40 58.49 19.61
C LEU H 142 -8.81 59.69 18.76
N GLY H 143 -8.81 59.51 17.45
CA GLY H 143 -9.20 60.56 16.53
C GLY H 143 -8.14 61.58 16.24
N GLY H 144 -6.89 61.34 16.63
CA GLY H 144 -5.81 62.28 16.42
C GLY H 144 -5.02 62.09 15.15
N GLY H 145 -5.45 61.18 14.27
CA GLY H 145 -4.75 60.96 13.02
C GLY H 145 -3.59 60.00 13.11
N LEU H 146 -3.33 59.44 14.29
CA LEU H 146 -2.26 58.47 14.50
C LEU H 146 -2.73 57.03 14.35
N SER H 147 -3.92 56.82 13.79
CA SER H 147 -4.46 55.49 13.52
C SER H 147 -4.59 54.68 14.81
N SER H 148 -5.34 55.23 15.76
CA SER H 148 -5.77 54.43 16.91
C SER H 148 -6.69 53.31 16.46
N SER H 149 -7.52 53.57 15.45
CA SER H 149 -8.40 52.53 14.93
C SER H 149 -7.61 51.32 14.45
N ALA H 150 -6.63 51.55 13.58
CA ALA H 150 -5.79 50.45 13.10
C ALA H 150 -5.00 49.83 14.25
N SER H 151 -4.51 50.68 15.17
CA SER H 151 -3.84 50.17 16.36
C SER H 151 -4.72 49.19 17.11
N LEU H 152 -6.00 49.55 17.30
CA LEU H 152 -6.93 48.65 17.98
C LEU H 152 -7.14 47.37 17.17
N GLU H 153 -7.30 47.50 15.85
CA GLU H 153 -7.58 46.34 15.02
C GLU H 153 -6.40 45.37 15.02
N VAL H 154 -5.18 45.87 14.87
CA VAL H 154 -4.02 44.99 14.81
C VAL H 154 -3.77 44.32 16.15
N ALA H 155 -3.96 45.06 17.25
CA ALA H 155 -3.87 44.46 18.58
C ALA H 155 -4.88 43.32 18.72
N THR H 156 -6.14 43.56 18.35
CA THR H 156 -7.14 42.51 18.38
C THR H 156 -6.68 41.29 17.57
N TYR H 157 -6.23 41.54 16.33
CA TYR H 157 -5.79 40.44 15.48
C TYR H 157 -4.67 39.65 16.13
N THR H 158 -3.66 40.33 16.65
CA THR H 158 -2.55 39.64 17.29
C THR H 158 -3.01 38.84 18.51
N PHE H 159 -3.99 39.36 19.26
CA PHE H 159 -4.51 38.63 20.40
C PHE H 159 -5.17 37.33 19.95
N LEU H 160 -6.04 37.42 18.95
CA LEU H 160 -6.74 36.23 18.44
C LEU H 160 -5.75 35.20 17.91
N GLN H 161 -4.57 35.63 17.45
CA GLN H 161 -3.56 34.66 17.05
C GLN H 161 -3.14 33.80 18.22
N GLN H 162 -3.21 34.35 19.44
CA GLN H 162 -2.87 33.58 20.62
C GLN H 162 -3.93 32.53 20.92
N LEU H 163 -5.21 32.92 20.77
CA LEU H 163 -6.30 31.98 21.01
C LEU H 163 -6.37 30.91 19.93
N CYS H 164 -6.07 31.28 18.69
CA CYS H 164 -6.23 30.39 17.54
C CYS H 164 -5.33 30.88 16.41
N PRO H 165 -4.11 30.37 16.32
CA PRO H 165 -3.16 30.90 15.32
C PRO H 165 -3.70 30.76 13.91
N ASP H 166 -3.42 31.76 13.09
CA ASP H 166 -3.88 31.80 11.71
C ASP H 166 -2.81 31.21 10.79
N SER H 167 -3.18 31.05 9.51
CA SER H 167 -2.29 30.43 8.54
C SER H 167 -1.64 31.42 7.58
N GLY H 168 -2.39 32.44 7.15
CA GLY H 168 -1.95 33.28 6.06
C GLY H 168 -0.74 34.13 6.38
N THR H 169 -0.53 35.12 5.51
CA THR H 169 0.62 36.00 5.47
C THR H 169 0.37 37.29 6.24
N ILE H 170 1.44 38.06 6.44
CA ILE H 170 1.34 39.34 7.13
C ILE H 170 0.39 40.27 6.40
N ALA H 171 0.43 40.27 5.07
CA ALA H 171 -0.46 41.12 4.29
C ALA H 171 -1.93 40.76 4.51
N ALA H 172 -2.22 39.47 4.63
CA ALA H 172 -3.60 39.04 4.87
C ALA H 172 -4.15 39.64 6.16
N ARG H 173 -3.32 39.70 7.20
CA ARG H 173 -3.75 40.31 8.46
C ARG H 173 -4.12 41.77 8.25
N ALA H 174 -3.28 42.51 7.53
CA ALA H 174 -3.62 43.89 7.20
C ALA H 174 -4.95 43.96 6.48
N GLN H 175 -5.19 43.03 5.56
CA GLN H 175 -6.46 43.05 4.82
C GLN H 175 -7.64 42.70 5.72
N VAL H 176 -7.42 41.84 6.71
CA VAL H 176 -8.49 41.54 7.67
C VAL H 176 -8.86 42.81 8.45
N CYS H 177 -7.86 43.51 8.98
CA CYS H 177 -8.13 44.70 9.77
C CYS H 177 -8.75 45.81 8.91
N GLN H 178 -8.36 45.92 7.64
CA GLN H 178 -8.95 46.96 6.79
C GLN H 178 -10.39 46.61 6.45
N GLN H 179 -10.66 45.33 6.14
CA GLN H 179 -12.04 44.92 5.87
C GLN H 179 -12.94 45.26 7.05
N ALA H 180 -12.45 45.04 8.28
CA ALA H 180 -13.23 45.38 9.46
C ALA H 180 -13.53 46.87 9.52
N GLU H 181 -12.51 47.71 9.28
CA GLU H 181 -12.72 49.15 9.32
C GLU H 181 -13.71 49.61 8.26
N HIS H 182 -13.68 48.99 7.08
CA HIS H 182 -14.63 49.36 6.03
C HIS H 182 -16.06 49.01 6.42
N SER H 183 -16.31 47.76 6.78
CA SER H 183 -17.67 47.27 6.95
C SER H 183 -18.26 47.59 8.32
N PHE H 184 -17.44 47.64 9.36
CA PHE H 184 -17.95 47.79 10.73
C PHE H 184 -17.84 49.20 11.28
N ALA H 185 -16.87 49.99 10.83
CA ALA H 185 -16.74 51.38 11.28
C ALA H 185 -17.22 52.41 10.28
N GLY H 186 -17.52 51.99 9.05
CA GLY H 186 -17.97 52.94 8.04
C GLY H 186 -16.91 53.94 7.65
N MET H 187 -15.63 53.57 7.74
CA MET H 187 -14.52 54.46 7.42
C MET H 187 -13.69 53.77 6.34
N PRO H 188 -13.84 54.14 5.07
CA PRO H 188 -13.13 53.44 3.97
C PRO H 188 -11.69 53.90 3.78
N CYS H 189 -10.83 53.52 4.72
CA CYS H 189 -9.43 53.86 4.65
C CYS H 189 -8.69 52.95 3.68
N GLY H 190 -7.42 53.28 3.43
CA GLY H 190 -6.53 52.42 2.68
C GLY H 190 -5.82 51.43 3.58
N ILE H 191 -4.89 50.69 2.98
CA ILE H 191 -4.16 49.65 3.72
C ILE H 191 -3.02 50.21 4.54
N MET H 192 -2.69 51.49 4.38
CA MET H 192 -1.47 52.05 4.96
C MET H 192 -1.39 51.81 6.47
N ASP H 193 -2.41 52.28 7.21
CA ASP H 193 -2.32 52.28 8.66
C ASP H 193 -2.24 50.86 9.22
N GLN H 194 -3.10 49.96 8.74
CA GLN H 194 -3.02 48.57 9.22
C GLN H 194 -1.67 47.96 8.88
N PHE H 195 -1.13 48.27 7.70
CA PHE H 195 0.10 47.62 7.25
C PHE H 195 1.29 47.99 8.14
N ILE H 196 1.42 49.27 8.50
CA ILE H 196 2.58 49.69 9.28
C ILE H 196 2.49 49.16 10.71
N SER H 197 1.28 49.09 11.27
CA SER H 197 1.14 48.53 12.62
C SER H 197 1.57 47.07 12.66
N LEU H 198 1.36 46.33 11.57
CA LEU H 198 1.79 44.94 11.51
C LEU H 198 3.26 44.82 11.11
N MET H 199 3.73 45.72 10.26
CA MET H 199 5.00 45.53 9.57
C MET H 199 6.11 46.43 10.08
N GLY H 200 5.83 47.33 11.02
CA GLY H 200 6.86 48.23 11.48
C GLY H 200 8.00 47.48 12.16
N GLN H 201 9.20 48.02 11.99
CA GLN H 201 10.39 47.54 12.67
C GLN H 201 11.11 48.75 13.27
N LYS H 202 11.57 48.60 14.51
CA LYS H 202 12.17 49.73 15.21
C LYS H 202 13.39 50.23 14.45
N GLY H 203 13.57 51.55 14.45
CA GLY H 203 14.64 52.15 13.68
C GLY H 203 14.46 52.09 12.18
N HIS H 204 13.22 51.98 11.71
CA HIS H 204 12.94 51.89 10.28
C HIS H 204 11.63 52.58 9.99
N ALA H 205 11.57 53.26 8.85
CA ALA H 205 10.32 53.67 8.23
C ALA H 205 9.94 52.67 7.15
N LEU H 206 8.67 52.68 6.77
CA LEU H 206 8.14 51.73 5.81
C LEU H 206 7.69 52.46 4.56
N LEU H 207 8.48 52.32 3.49
CA LEU H 207 8.06 52.77 2.17
C LEU H 207 7.17 51.68 1.59
N ILE H 208 5.87 51.97 1.50
CA ILE H 208 4.89 50.98 1.08
C ILE H 208 4.36 51.39 -0.29
N ASP H 209 4.47 50.47 -1.26
CA ASP H 209 3.86 50.65 -2.56
C ASP H 209 2.45 50.06 -2.48
N CYS H 210 1.45 50.92 -2.39
CA CYS H 210 0.08 50.49 -2.15
C CYS H 210 -0.59 49.91 -3.39
N ARG H 211 0.11 49.88 -4.53
CA ARG H 211 -0.35 49.17 -5.71
C ARG H 211 0.07 47.70 -5.69
N SER H 212 1.37 47.46 -5.52
CA SER H 212 1.91 46.10 -5.52
C SER H 212 2.04 45.52 -4.12
N LEU H 213 1.91 46.33 -3.08
CA LEU H 213 2.10 45.94 -1.69
C LEU H 213 3.56 45.63 -1.38
N GLU H 214 4.49 45.99 -2.26
CA GLU H 214 5.90 45.82 -1.96
C GLU H 214 6.32 46.80 -0.88
N THR H 215 7.07 46.31 0.10
CA THR H 215 7.49 47.13 1.24
C THR H 215 9.01 47.14 1.33
N SER H 216 9.55 48.29 1.72
CA SER H 216 10.98 48.45 1.92
C SER H 216 11.23 49.11 3.27
N LEU H 217 12.10 48.50 4.07
CA LEU H 217 12.46 49.04 5.37
C LEU H 217 13.61 50.03 5.21
N VAL H 218 13.34 51.30 5.53
CA VAL H 218 14.33 52.36 5.38
C VAL H 218 14.80 52.76 6.77
N PRO H 219 16.09 52.56 7.10
CA PRO H 219 16.56 52.87 8.45
C PRO H 219 16.38 54.35 8.77
N LEU H 220 15.93 54.62 9.99
CA LEU H 220 15.76 55.96 10.54
C LEU H 220 16.38 55.94 11.93
N SER H 221 17.70 56.15 12.00
CA SER H 221 18.42 55.96 13.26
C SER H 221 19.60 56.93 13.32
N ASP H 222 19.28 58.20 13.60
CA ASP H 222 20.29 59.24 13.73
C ASP H 222 20.02 59.99 15.03
N PRO H 223 20.86 59.83 16.05
CA PRO H 223 20.65 60.59 17.30
C PRO H 223 20.57 62.09 17.05
N LYS H 224 21.14 62.58 15.94
CA LYS H 224 21.03 63.98 15.56
C LYS H 224 19.68 64.29 14.94
N LEU H 225 18.91 63.28 14.57
CA LEU H 225 17.62 63.45 13.91
C LEU H 225 16.51 62.98 14.83
N ALA H 226 15.49 63.81 14.99
CA ALA H 226 14.31 63.50 15.80
C ALA H 226 13.05 63.72 14.97
N VAL H 227 12.00 62.98 15.30
CA VAL H 227 10.68 63.15 14.69
C VAL H 227 9.74 63.64 15.78
N LEU H 228 9.30 64.89 15.66
CA LEU H 228 8.44 65.55 16.64
C LEU H 228 7.01 65.60 16.14
N ILE H 229 6.09 65.01 16.90
CA ILE H 229 4.67 65.01 16.59
C ILE H 229 3.95 66.01 17.49
N THR H 230 3.14 66.87 16.90
CA THR H 230 2.38 67.90 17.62
C THR H 230 0.91 67.66 17.40
N ASN H 231 0.17 67.40 18.49
CA ASN H 231 -1.26 67.16 18.43
C ASN H 231 -2.03 68.47 18.57
N SER H 232 -2.83 68.81 17.55
CA SER H 232 -3.68 69.99 17.64
C SER H 232 -4.81 69.84 18.64
N ASN H 233 -5.10 68.62 19.08
CA ASN H 233 -6.23 68.35 19.97
C ASN H 233 -7.53 68.90 19.38
N VAL H 234 -7.78 68.55 18.12
CA VAL H 234 -8.99 68.98 17.43
C VAL H 234 -9.67 67.80 16.75
N SER H 241 -17.96 62.17 6.59
CA SER H 241 -17.13 63.37 6.49
C SER H 241 -16.75 63.67 5.04
N GLU H 242 -15.55 64.21 4.86
CA GLU H 242 -15.05 64.53 3.53
C GLU H 242 -14.12 63.47 2.98
N TYR H 243 -13.58 62.60 3.84
CA TYR H 243 -12.73 61.50 3.39
C TYR H 243 -13.38 60.67 2.29
N PRO H 244 -14.59 60.13 2.48
CA PRO H 244 -15.24 59.41 1.37
C PRO H 244 -15.50 60.27 0.16
N VAL H 245 -15.59 61.59 0.33
CA VAL H 245 -15.83 62.48 -0.81
C VAL H 245 -14.58 62.61 -1.66
N ARG H 246 -13.42 62.77 -1.03
CA ARG H 246 -12.17 62.83 -1.78
C ARG H 246 -11.92 61.55 -2.56
N ARG H 247 -12.16 60.39 -1.94
CA ARG H 247 -11.91 59.13 -2.62
C ARG H 247 -12.74 59.00 -3.89
N ARG H 248 -14.01 59.45 -3.83
CA ARG H 248 -14.87 59.38 -5.01
C ARG H 248 -14.37 60.30 -6.11
N GLN H 249 -13.94 61.51 -5.75
CA GLN H 249 -13.40 62.43 -6.74
C GLN H 249 -12.19 61.81 -7.42
N CYS H 250 -11.27 61.25 -6.64
CA CYS H 250 -10.10 60.59 -7.21
C CYS H 250 -10.49 59.47 -8.16
N GLU H 251 -11.48 58.65 -7.75
CA GLU H 251 -11.93 57.58 -8.63
C GLU H 251 -12.54 58.12 -9.92
N GLU H 252 -13.36 59.17 -9.82
CA GLU H 252 -13.98 59.70 -11.03
C GLU H 252 -12.96 60.30 -11.98
N VAL H 253 -11.95 61.00 -11.45
CA VAL H 253 -10.96 61.62 -12.32
C VAL H 253 -10.16 60.55 -13.04
N ALA H 254 -9.90 59.43 -12.36
CA ALA H 254 -9.19 58.33 -13.00
C ALA H 254 -10.04 57.71 -14.09
N ARG H 255 -11.35 57.53 -13.83
CA ARG H 255 -12.25 57.02 -14.86
C ARG H 255 -12.32 57.99 -16.03
N ALA H 256 -12.49 59.28 -15.74
CA ALA H 256 -12.53 60.28 -16.80
C ALA H 256 -11.29 60.20 -17.67
N LEU H 257 -10.14 59.89 -17.06
CA LEU H 257 -8.90 59.75 -17.79
C LEU H 257 -8.64 58.32 -18.27
N GLY H 258 -9.58 57.41 -18.07
CA GLY H 258 -9.38 56.04 -18.50
C GLY H 258 -8.21 55.33 -17.87
N ALA H 259 -7.95 55.60 -16.58
CA ALA H 259 -6.85 54.99 -15.85
C ALA H 259 -7.40 54.15 -14.71
N ALA H 260 -6.62 53.14 -14.31
CA ALA H 260 -7.06 52.28 -13.22
C ALA H 260 -7.03 53.01 -11.89
N SER H 261 -6.02 53.86 -11.67
CA SER H 261 -5.91 54.66 -10.47
C SER H 261 -5.08 55.90 -10.80
N LEU H 262 -5.11 56.89 -9.91
CA LEU H 262 -4.30 58.07 -10.13
C LEU H 262 -2.81 57.75 -10.17
N ARG H 263 -2.42 56.55 -9.75
CA ARG H 263 -1.04 56.14 -9.89
C ARG H 263 -0.66 56.00 -11.36
N GLU H 264 -1.63 55.74 -12.22
CA GLU H 264 -1.39 55.60 -13.65
C GLU H 264 -1.36 56.92 -14.38
N VAL H 265 -1.50 58.04 -13.67
CA VAL H 265 -1.54 59.37 -14.28
C VAL H 265 -0.34 60.16 -13.78
N GLN H 266 0.34 60.84 -14.71
CA GLN H 266 1.46 61.70 -14.37
C GLN H 266 1.05 63.17 -14.49
N LEU H 267 1.84 64.04 -13.87
CA LEU H 267 1.48 65.46 -13.78
C LEU H 267 1.17 66.06 -15.15
N GLU H 268 2.07 65.84 -16.11
CA GLU H 268 1.92 66.45 -17.43
C GLU H 268 0.65 65.96 -18.13
N GLU H 269 0.36 64.66 -18.03
CA GLU H 269 -0.86 64.13 -18.64
C GLU H 269 -2.11 64.72 -17.99
N LEU H 270 -2.04 64.98 -16.68
CA LEU H 270 -3.17 65.59 -15.97
C LEU H 270 -3.47 66.98 -16.51
N GLU H 271 -2.44 67.70 -16.95
CA GLU H 271 -2.60 69.04 -17.50
C GLU H 271 -3.41 69.02 -18.79
N ALA H 272 -3.12 68.06 -19.68
CA ALA H 272 -3.83 67.97 -20.95
C ALA H 272 -5.32 67.71 -20.74
N ALA H 273 -5.68 66.92 -19.73
CA ALA H 273 -7.05 66.52 -19.50
C ALA H 273 -7.81 67.52 -18.66
N ARG H 274 -7.34 68.77 -18.59
CA ARG H 274 -7.99 69.78 -17.76
C ARG H 274 -9.47 69.91 -18.12
N ASP H 275 -9.79 69.78 -19.41
CA ASP H 275 -11.17 69.90 -19.86
C ASP H 275 -12.00 68.63 -19.68
N LEU H 276 -11.38 67.53 -19.25
CA LEU H 276 -12.13 66.31 -18.98
C LEU H 276 -12.61 66.21 -17.54
N VAL H 277 -12.00 66.93 -16.62
CA VAL H 277 -12.39 66.87 -15.21
C VAL H 277 -12.75 68.27 -14.72
N SER H 278 -13.43 68.31 -13.58
CA SER H 278 -13.78 69.57 -12.95
C SER H 278 -12.56 70.20 -12.28
N LYS H 279 -12.65 71.52 -12.06
CA LYS H 279 -11.55 72.24 -11.43
C LYS H 279 -11.23 71.64 -10.06
N GLU H 280 -12.26 71.42 -9.24
CA GLU H 280 -12.04 70.80 -7.95
C GLU H 280 -11.49 69.39 -8.11
N GLY H 281 -12.08 68.61 -9.01
CA GLY H 281 -11.55 67.28 -9.30
C GLY H 281 -10.11 67.35 -9.79
N PHE H 282 -9.77 68.36 -10.57
CA PHE H 282 -8.41 68.50 -11.07
C PHE H 282 -7.42 68.78 -9.95
N ARG H 283 -7.77 69.67 -9.02
CA ARG H 283 -6.85 69.99 -7.93
C ARG H 283 -6.60 68.78 -7.05
N ARG H 284 -7.63 67.97 -6.80
CA ARG H 284 -7.45 66.75 -6.03
C ARG H 284 -6.38 65.87 -6.67
N ALA H 285 -6.51 65.61 -7.97
CA ALA H 285 -5.57 64.73 -8.65
C ALA H 285 -4.17 65.32 -8.67
N ARG H 286 -4.05 66.66 -8.75
CA ARG H 286 -2.72 67.25 -8.77
C ARG H 286 -1.97 66.96 -7.48
N HIS H 287 -2.66 66.98 -6.33
CA HIS H 287 -1.98 66.61 -5.10
C HIS H 287 -1.53 65.15 -5.15
N VAL H 288 -2.46 64.25 -5.46
CA VAL H 288 -2.15 62.83 -5.46
C VAL H 288 -0.97 62.55 -6.38
N VAL H 289 -1.09 62.97 -7.65
CA VAL H 289 -0.03 62.71 -8.61
C VAL H 289 1.29 63.29 -8.14
N GLY H 290 1.26 64.49 -7.54
CA GLY H 290 2.48 65.09 -7.05
C GLY H 290 2.95 64.50 -5.74
N GLU H 291 2.01 64.06 -4.89
CA GLU H 291 2.40 63.43 -3.63
C GLU H 291 3.07 62.08 -3.87
N ILE H 292 2.55 61.31 -4.81
CA ILE H 292 3.16 60.02 -5.16
C ILE H 292 4.60 60.21 -5.61
N ARG H 293 4.87 61.27 -6.37
CA ARG H 293 6.24 61.53 -6.80
C ARG H 293 7.09 62.08 -5.66
N ARG H 294 6.51 62.95 -4.82
CA ARG H 294 7.25 63.47 -3.68
C ARG H 294 7.66 62.34 -2.73
N THR H 295 6.77 61.38 -2.51
CA THR H 295 7.08 60.28 -1.60
C THR H 295 8.27 59.48 -2.10
N ALA H 296 8.25 59.10 -3.39
CA ALA H 296 9.38 58.38 -3.96
C ALA H 296 10.66 59.21 -3.87
N GLN H 297 10.54 60.53 -4.07
CA GLN H 297 11.72 61.39 -3.99
C GLN H 297 12.24 61.50 -2.55
N ALA H 298 11.34 61.56 -1.58
CA ALA H 298 11.75 61.69 -0.18
C ALA H 298 12.43 60.43 0.33
N ALA H 299 11.96 59.26 -0.11
CA ALA H 299 12.61 58.02 0.28
C ALA H 299 14.06 57.99 -0.14
N ALA H 300 14.35 58.43 -1.37
CA ALA H 300 15.74 58.52 -1.81
C ALA H 300 16.52 59.53 -0.99
N ALA H 301 15.92 60.69 -0.71
CA ALA H 301 16.60 61.69 0.11
C ALA H 301 16.93 61.13 1.49
N LEU H 302 16.02 60.34 2.07
CA LEU H 302 16.26 59.78 3.39
C LEU H 302 17.38 58.74 3.36
N ARG H 303 17.43 57.94 2.30
CA ARG H 303 18.46 56.90 2.20
C ARG H 303 19.86 57.50 2.16
N ARG H 304 20.02 58.67 1.55
CA ARG H 304 21.31 59.35 1.52
C ARG H 304 21.50 60.32 2.69
N GLY H 305 20.53 60.41 3.60
CA GLY H 305 20.66 61.27 4.75
C GLY H 305 20.46 62.74 4.45
N ASP H 306 19.83 63.06 3.32
CA ASP H 306 19.60 64.45 2.91
C ASP H 306 18.34 64.95 3.61
N TYR H 307 18.50 65.31 4.88
CA TYR H 307 17.36 65.75 5.68
C TYR H 307 16.81 67.07 5.18
N ARG H 308 17.69 67.99 4.76
CA ARG H 308 17.22 69.26 4.22
C ARG H 308 16.25 69.04 3.08
N ALA H 309 16.59 68.16 2.14
CA ALA H 309 15.70 67.88 1.02
C ALA H 309 14.41 67.21 1.49
N PHE H 310 14.54 66.23 2.40
CA PHE H 310 13.35 65.58 2.94
C PHE H 310 12.46 66.60 3.63
N GLY H 311 13.05 67.51 4.40
CA GLY H 311 12.27 68.56 5.01
C GLY H 311 11.55 69.40 3.98
N ARG H 312 12.20 69.69 2.84
CA ARG H 312 11.58 70.50 1.80
C ARG H 312 10.38 69.78 1.18
N LEU H 313 10.52 68.48 0.92
CA LEU H 313 9.41 67.71 0.39
C LEU H 313 8.23 67.66 1.36
N MET H 314 8.51 67.62 2.67
CA MET H 314 7.42 67.64 3.64
C MET H 314 6.62 68.95 3.55
N VAL H 315 7.30 70.07 3.35
CA VAL H 315 6.61 71.35 3.33
C VAL H 315 5.78 71.50 2.07
N GLU H 316 6.29 71.01 0.94
CA GLU H 316 5.49 70.99 -0.27
C GLU H 316 4.24 70.12 -0.10
N SER H 317 4.41 68.95 0.52
CA SER H 317 3.26 68.08 0.76
C SER H 317 2.16 68.80 1.53
N HIS H 318 2.54 69.56 2.56
CA HIS H 318 1.54 70.30 3.33
C HIS H 318 0.84 71.32 2.46
N ARG H 319 1.61 72.10 1.69
CA ARG H 319 1.00 73.06 0.78
C ARG H 319 -0.02 72.40 -0.13
N SER H 320 0.34 71.24 -0.70
CA SER H 320 -0.57 70.51 -1.57
C SER H 320 -1.83 70.10 -0.80
N LEU H 321 -1.66 69.52 0.40
CA LEU H 321 -2.80 69.08 1.18
C LEU H 321 -3.66 70.27 1.63
N ARG H 322 -3.05 71.45 1.77
CA ARG H 322 -3.79 72.60 2.28
C ARG H 322 -4.59 73.29 1.17
N ASP H 323 -4.01 73.38 -0.02
CA ASP H 323 -4.60 74.15 -1.11
C ASP H 323 -5.33 73.29 -2.14
N ASP H 324 -4.69 72.21 -2.63
CA ASP H 324 -5.30 71.42 -3.69
C ASP H 324 -6.25 70.36 -3.13
N TYR H 325 -5.84 69.63 -2.09
CA TYR H 325 -6.68 68.58 -1.55
C TYR H 325 -7.65 69.07 -0.47
N GLU H 326 -7.38 70.22 0.13
CA GLU H 326 -8.20 70.81 1.18
C GLU H 326 -8.63 69.78 2.22
N VAL H 327 -7.62 69.31 2.96
CA VAL H 327 -7.87 68.44 4.10
C VAL H 327 -7.15 68.99 5.31
N SER H 328 -6.58 70.18 5.20
CA SER H 328 -5.95 70.83 6.34
C SER H 328 -7.00 71.68 7.06
N CYS H 329 -6.57 72.47 8.04
CA CYS H 329 -7.48 73.35 8.77
C CYS H 329 -6.67 74.45 9.41
N PRO H 330 -7.33 75.50 9.91
CA PRO H 330 -6.56 76.61 10.50
C PRO H 330 -5.62 76.17 11.61
N GLU H 331 -6.08 75.29 12.50
CA GLU H 331 -5.23 74.83 13.60
C GLU H 331 -3.97 74.15 13.08
N LEU H 332 -4.14 73.20 12.16
CA LEU H 332 -2.98 72.51 11.59
C LEU H 332 -2.03 73.49 10.90
N ASP H 333 -2.58 74.43 10.13
CA ASP H 333 -1.73 75.38 9.42
C ASP H 333 -0.90 76.21 10.40
N GLN H 334 -1.49 76.62 11.52
CA GLN H 334 -0.76 77.41 12.50
C GLN H 334 0.38 76.60 13.13
N LEU H 335 0.12 75.32 13.42
CA LEU H 335 1.18 74.49 14.00
C LEU H 335 2.35 74.30 13.04
N VAL H 336 2.06 74.04 11.76
CA VAL H 336 3.14 73.78 10.81
C VAL H 336 3.97 75.04 10.58
N GLU H 337 3.31 76.17 10.34
CA GLU H 337 4.04 77.40 10.07
C GLU H 337 4.88 77.82 11.26
N ALA H 338 4.30 77.78 12.47
CA ALA H 338 5.08 78.10 13.65
C ALA H 338 6.30 77.18 13.77
N ALA H 339 6.12 75.89 13.45
CA ALA H 339 7.23 74.95 13.52
C ALA H 339 8.33 75.30 12.53
N LEU H 340 7.95 75.78 11.34
CA LEU H 340 8.94 76.08 10.31
C LEU H 340 9.79 77.29 10.65
N ALA H 341 9.34 78.14 11.57
CA ALA H 341 10.14 79.29 11.99
C ALA H 341 11.29 78.89 12.92
N VAL H 342 11.21 77.73 13.54
CA VAL H 342 12.22 77.32 14.51
C VAL H 342 13.47 76.86 13.76
N PRO H 343 14.65 77.36 14.12
CA PRO H 343 15.89 76.84 13.52
C PRO H 343 16.14 75.41 13.94
N GLY H 344 16.74 74.64 13.03
CA GLY H 344 16.94 73.22 13.22
C GLY H 344 15.84 72.34 12.67
N VAL H 345 14.71 72.93 12.30
CA VAL H 345 13.62 72.16 11.70
C VAL H 345 13.86 72.02 10.20
N TYR H 346 13.78 70.79 9.70
CA TYR H 346 13.92 70.57 8.27
C TYR H 346 12.59 70.80 7.54
N GLY H 347 11.48 70.39 8.16
CA GLY H 347 10.18 70.55 7.55
C GLY H 347 9.10 70.06 8.48
N SER H 348 7.86 70.36 8.11
CA SER H 348 6.70 70.00 8.92
C SER H 348 5.46 70.01 8.04
N ARG H 349 4.47 69.21 8.43
CA ARG H 349 3.25 69.08 7.64
C ARG H 349 2.22 68.32 8.46
N MET H 350 0.97 68.43 8.04
CA MET H 350 -0.09 67.63 8.65
C MET H 350 0.07 66.16 8.26
N THR H 351 -0.42 65.28 9.12
CA THR H 351 -0.44 63.84 8.87
C THR H 351 -1.86 63.32 9.12
N GLY H 352 -2.10 62.11 8.63
CA GLY H 352 -3.40 61.49 8.77
C GLY H 352 -4.38 62.00 7.72
N GLY H 353 -5.66 61.79 8.02
CA GLY H 353 -6.71 62.18 7.08
C GLY H 353 -6.82 63.69 6.94
N GLY H 354 -6.64 64.42 8.04
CA GLY H 354 -6.76 65.86 8.04
C GLY H 354 -7.98 66.30 8.83
N PHE H 355 -8.29 67.58 8.70
CA PHE H 355 -9.43 68.19 9.40
C PHE H 355 -9.22 68.21 10.91
N GLY H 356 -7.97 68.30 11.33
CA GLY H 356 -7.55 68.15 12.71
C GLY H 356 -6.41 67.16 12.80
N GLY H 357 -6.17 66.66 14.00
CA GLY H 357 -5.12 65.68 14.19
C GLY H 357 -3.77 66.25 14.55
N CYS H 358 -2.70 65.68 14.00
CA CYS H 358 -1.34 65.96 14.43
C CYS H 358 -0.53 66.59 13.31
N THR H 359 0.62 67.14 13.71
CA THR H 359 1.64 67.65 12.80
C THR H 359 2.93 66.91 13.07
N VAL H 360 3.56 66.39 12.01
CA VAL H 360 4.86 65.72 12.11
C VAL H 360 5.94 66.69 11.67
N THR H 361 7.03 66.75 12.44
CA THR H 361 8.12 67.68 12.19
C THR H 361 9.44 66.93 12.29
N LEU H 362 10.23 66.99 11.21
CA LEU H 362 11.58 66.44 11.20
C LEU H 362 12.57 67.54 11.51
N LEU H 363 13.40 67.33 12.54
CA LEU H 363 14.27 68.38 13.03
C LEU H 363 15.51 67.76 13.66
N GLU H 364 16.54 68.60 13.83
CA GLU H 364 17.72 68.19 14.58
C GLU H 364 17.35 67.93 16.03
N ALA H 365 17.82 66.80 16.56
CA ALA H 365 17.45 66.41 17.92
C ALA H 365 17.72 67.55 18.91
N SER H 366 18.87 68.22 18.77
CA SER H 366 19.21 69.30 19.68
C SER H 366 18.22 70.46 19.60
N ALA H 367 17.56 70.63 18.46
CA ALA H 367 16.62 71.73 18.27
C ALA H 367 15.23 71.45 18.80
N ALA H 368 14.95 70.20 19.20
CA ALA H 368 13.60 69.84 19.62
C ALA H 368 13.09 70.67 20.78
N PRO H 369 13.81 70.81 21.90
CA PRO H 369 13.27 71.59 23.03
C PRO H 369 12.83 72.99 22.67
N HIS H 370 13.63 73.72 21.90
CA HIS H 370 13.24 75.07 21.52
C HIS H 370 11.99 75.06 20.65
N ALA H 371 11.89 74.09 19.73
CA ALA H 371 10.72 74.00 18.88
C ALA H 371 9.44 73.80 19.69
N MET H 372 9.48 72.92 20.69
CA MET H 372 8.29 72.66 21.50
C MET H 372 7.83 73.92 22.23
N ARG H 373 8.77 74.70 22.75
CA ARG H 373 8.40 75.94 23.43
C ARG H 373 7.79 76.93 22.43
N HIS H 374 8.39 77.05 21.25
CA HIS H 374 7.92 77.99 20.25
C HIS H 374 6.52 77.63 19.75
N ILE H 375 6.33 76.36 19.35
CA ILE H 375 5.04 75.93 18.80
C ILE H 375 3.92 76.17 19.80
N GLN H 376 4.12 75.72 21.04
CA GLN H 376 3.07 75.86 22.05
C GLN H 376 2.68 77.31 22.26
N GLU H 377 3.68 78.20 22.36
CA GLU H 377 3.39 79.60 22.64
C GLU H 377 2.71 80.30 21.47
N HIS H 378 3.00 79.87 20.24
CA HIS H 378 2.45 80.50 19.04
C HIS H 378 1.23 79.75 18.49
N TYR H 379 0.58 78.93 19.30
CA TYR H 379 -0.57 78.15 18.85
C TYR H 379 -1.82 78.58 19.60
N GLY H 380 -2.87 78.89 18.84
CA GLY H 380 -4.13 79.29 19.44
C GLY H 380 -4.90 78.10 19.97
N GLY H 381 -4.29 77.40 20.93
CA GLY H 381 -4.89 76.21 21.49
C GLY H 381 -3.88 75.48 22.35
N THR H 382 -4.36 74.41 22.97
CA THR H 382 -3.51 73.55 23.78
C THR H 382 -2.95 72.45 22.90
N ALA H 383 -1.63 72.26 22.95
CA ALA H 383 -0.94 71.32 22.08
C ALA H 383 -0.27 70.23 22.90
N THR H 384 -0.31 69.00 22.37
CA THR H 384 0.39 67.86 22.95
C THR H 384 1.54 67.48 22.02
N PHE H 385 2.65 67.04 22.62
CA PHE H 385 3.86 66.76 21.86
C PHE H 385 4.33 65.34 22.15
N TYR H 386 4.81 64.66 21.11
CA TYR H 386 5.44 63.36 21.24
C TYR H 386 6.73 63.36 20.44
N LEU H 387 7.85 63.17 21.13
CA LEU H 387 9.14 62.96 20.48
C LEU H 387 9.34 61.44 20.37
N SER H 388 9.13 60.91 19.17
CA SER H 388 9.08 59.46 18.97
C SER H 388 10.15 59.00 17.99
N GLN H 389 10.62 57.78 18.20
CA GLN H 389 11.47 57.07 17.26
C GLN H 389 10.65 56.01 16.54
N ALA H 390 11.20 55.49 15.45
CA ALA H 390 10.53 54.41 14.73
C ALA H 390 10.48 53.17 15.61
N ALA H 391 9.28 52.60 15.75
CA ALA H 391 9.04 51.52 16.69
C ALA H 391 8.74 50.21 15.95
N ASP H 392 8.64 49.15 16.73
CA ASP H 392 8.31 47.84 16.21
C ASP H 392 6.82 47.72 15.93
N GLY H 393 6.47 46.75 15.09
CA GLY H 393 5.09 46.45 14.82
C GLY H 393 4.49 45.57 15.90
N ALA H 394 3.32 45.03 15.59
CA ALA H 394 2.61 44.19 16.55
C ALA H 394 3.51 43.06 17.02
N LYS H 395 3.42 42.74 18.31
CA LYS H 395 4.19 41.64 18.88
C LYS H 395 3.42 41.09 20.07
N VAL H 396 3.72 39.84 20.41
CA VAL H 396 3.15 39.22 21.60
C VAL H 396 3.96 39.64 22.81
N LEU H 397 3.28 39.82 23.94
CA LEU H 397 3.92 40.17 25.20
C LEU H 397 3.69 39.02 26.17
N CYS H 398 4.78 38.45 26.67
CA CYS H 398 4.68 37.30 27.56
C CYS H 398 4.44 37.76 28.99
N LEU H 399 3.41 37.22 29.62
CA LEU H 399 3.04 37.59 30.98
C LEU H 399 3.68 36.65 32.00
C1 GAL I . -4.54 -11.33 33.36
C2 GAL I . -5.22 -12.58 32.80
C3 GAL I . -6.66 -12.62 33.31
C4 GAL I . -6.67 -12.60 34.87
C5 GAL I . -5.71 -11.51 35.40
C6 GAL I . -5.40 -11.60 36.89
O1 GAL I . -3.26 -11.14 32.81
O2 GAL I . -5.29 -12.57 31.38
O3 GAL I . -7.34 -13.80 32.89
O4 GAL I . -6.32 -13.86 35.43
O5 GAL I . -4.43 -11.52 34.74
O6 GAL I . -6.33 -10.83 37.66
PB ADP J . -1.34 -7.15 27.64
O1B ADP J . -1.28 -5.80 26.96
O2B ADP J . -2.34 -8.08 27.02
O3B ADP J . -1.42 -7.03 29.15
PA ADP J . 0.34 -9.42 27.21
O1A ADP J . 1.57 -9.74 28.06
O2A ADP J . -0.99 -10.10 27.51
O3A ADP J . 0.09 -7.85 27.40
O5' ADP J . 0.80 -9.58 25.66
C5' ADP J . 0.48 -8.66 24.59
C4' ADP J . 1.24 -9.14 23.35
O4' ADP J . 0.45 -9.12 22.12
C3' ADP J . 2.52 -8.35 23.06
O3' ADP J . 3.66 -9.10 23.53
C2' ADP J . 2.52 -8.09 21.55
O2' ADP J . 3.45 -8.98 20.95
C1' ADP J . 1.14 -8.47 21.02
N9 ADP J . 0.09 -7.54 20.57
C8 ADP J . -1.03 -7.17 21.25
N7 ADP J . -1.78 -6.29 20.53
C5 ADP J . -1.15 -6.10 19.36
C6 ADP J . -1.37 -5.31 18.13
N6 ADP J . -2.45 -4.52 17.99
N1 ADP J . -0.44 -5.41 17.14
C2 ADP J . 0.64 -6.19 17.25
N3 ADP J . 0.90 -6.94 18.35
C4 ADP J . 0.06 -6.93 19.41
H5'1 ADP J . 0.78 -7.64 24.86
H5'2 ADP J . -0.60 -8.65 24.41
H4' ADP J . 1.47 -10.19 23.62
H3' ADP J . 2.59 -7.38 23.57
HO3' ADP J . 3.60 -10.01 23.23
H2' ADP J . 2.75 -7.03 21.34
HO2' ADP J . 3.80 -9.58 21.62
H1' ADP J . 1.47 -8.98 20.11
H8 ADP J . -1.29 -7.54 22.24
HN61 ADP J . -2.59 -3.99 17.15
HN62 ADP J . -3.13 -4.46 18.74
H2 ADP J . 1.35 -6.23 16.43
C1 GAL K . -6.48 -50.73 -12.47
C2 GAL K . -7.23 -52.00 -12.84
C3 GAL K . -8.57 -52.02 -12.11
C4 GAL K . -8.34 -51.92 -10.58
C5 GAL K . -7.32 -50.79 -10.26
C6 GAL K . -6.79 -50.78 -8.82
O1 GAL K . -5.31 -50.56 -13.22
O2 GAL K . -7.50 -52.07 -14.23
O3 GAL K . -9.29 -53.24 -12.34
O4 GAL K . -7.87 -53.15 -10.06
O5 GAL K . -6.16 -50.82 -11.11
O6 GAL K . -7.59 -49.99 -7.96
PB ADP L . -3.34 -48.13 -19.03
O1B ADP L . -3.14 -46.89 -19.88
O2B ADP L . -4.54 -48.95 -19.44
O3B ADP L . -3.23 -47.88 -17.54
PA ADP L . -2.12 -50.67 -19.37
O1A ADP L . -0.83 -51.13 -18.69
O2A ADP L . -3.49 -51.05 -18.81
O3A ADP L . -2.08 -49.09 -19.37
O5' ADP L . -1.98 -51.08 -20.94
C5' ADP L . -2.29 -50.24 -22.07
C4' ADP L . -1.90 -50.98 -23.34
O4' ADP L . -2.82 -50.86 -24.45
C3' ADP L . -0.53 -50.50 -23.86
O3' ADP L . 0.47 -51.48 -23.51
C2' ADP L . -0.69 -50.33 -25.36
O2' ADP L . -0.09 -51.46 -26.00
C1' ADP L . -2.17 -50.45 -25.68
N9 ADP L . -3.10 -49.37 -26.10
C8 ADP L . -3.98 -48.73 -25.30
N7 ADP L . -4.69 -47.79 -26.00
C5 ADP L . -4.25 -47.85 -27.28
C6 ADP L . -4.53 -47.16 -28.55
N6 ADP L . -5.46 -46.18 -28.63
N1 ADP L . -3.83 -47.55 -29.64
C2 ADP L . -2.89 -48.51 -29.60
N3 ADP L . -2.59 -49.17 -28.47
C4 ADP L . -3.20 -48.89 -27.31
H5'1 ADP L . -1.76 -49.29 -21.99
H5'2 ADP L . -3.37 -50.01 -22.08
H4' ADP L . -1.88 -52.03 -23.02
H3' ADP L . -0.21 -49.55 -23.41
HO3' ADP L . 0.30 -51.80 -22.62
H2' ADP L . -0.25 -49.38 -25.68
HO2' ADP L . 0.07 -52.15 -25.34
H1' ADP L . -2.03 -51.06 -26.58
H8 ADP L . -4.12 -48.94 -24.25
HN61 ADP L . -5.64 -45.72 -29.51
HN62 ADP L . -5.98 -45.92 -27.80
H2 ADP L . -2.36 -48.76 -30.51
S SO4 M . -16.17 -31.24 -11.66
O1 SO4 M . -16.99 -30.50 -12.60
O2 SO4 M . -14.96 -30.50 -11.37
O3 SO4 M . -16.92 -31.45 -10.42
O4 SO4 M . -15.82 -32.54 -12.23
S SO4 N . 2.17 -53.17 11.54
O1 SO4 N . 2.27 -54.22 10.53
O2 SO4 N . 2.69 -51.92 11.00
O3 SO4 N . 0.76 -52.99 11.91
O4 SO4 N . 2.94 -53.55 12.72
C1 GAL O . 22.41 -27.49 20.65
C2 GAL O . 23.28 -26.24 20.69
C3 GAL O . 24.57 -26.57 21.43
C4 GAL O . 24.26 -27.09 22.85
C5 GAL O . 23.13 -28.15 22.81
C6 GAL O . 22.53 -28.51 24.17
O1 GAL O . 21.27 -27.31 19.85
O2 GAL O . 23.64 -25.80 19.40
O3 GAL O . 25.40 -25.42 21.56
O4 GAL O . 23.89 -26.00 23.70
O5 GAL O . 22.01 -27.75 21.97
O6 GAL O . 23.20 -29.60 24.77
PB ADP P . 20.27 -28.56 12.84
O1B ADP P . 21.57 -27.79 12.89
O2B ADP P . 20.20 -29.57 11.72
O3B ADP P . 19.86 -29.12 14.19
PA ADP P . 19.25 -25.87 12.85
O1A ADP P . 20.49 -25.73 13.72
O2A ADP P . 17.88 -25.52 13.40
O3A ADP P . 19.17 -27.43 12.49
O5' ADP P . 19.35 -25.07 11.45
C5' ADP P . 19.83 -25.66 10.22
C4' ADP P . 19.65 -24.63 9.10
O4' ADP P . 20.75 -24.52 8.16
C3' ADP P . 18.40 -24.95 8.29
O3' ADP P . 17.32 -24.07 8.64
C2' ADP P . 18.80 -24.79 6.83
O2' ADP P . 18.28 -23.56 6.34
C1' ADP P . 20.31 -24.63 6.79
N9 ADP P . 21.23 -25.66 6.27
C8 ADP P . 22.00 -26.49 7.01
N7 ADP P . 22.73 -27.32 6.20
C5 ADP P . 22.44 -26.99 4.93
C6 ADP P . 22.84 -27.44 3.58
N6 ADP P . 23.73 -28.44 3.41
N1 ADP P . 22.27 -26.80 2.52
C2 ADP P . 21.38 -25.81 2.65
N3 ADP P . 20.99 -25.35 3.86
C4 ADP P . 21.46 -25.90 4.99
H5'1 ADP P . 19.28 -26.57 9.99
H5'2 ADP P . 20.89 -25.91 10.32
H4' ADP P . 19.58 -23.67 9.64
H3' ADP P . 18.02 -25.96 8.47
HO3' ADP P . 17.60 -23.49 9.35
H2' ADP P . 18.44 -25.64 6.24
HO2' ADP P . 18.18 -22.94 7.08
H1' ADP P . 20.37 -23.79 6.08
H8 ADP P . 22.03 -26.51 8.09
HN61 ADP P . 23.99 -28.74 2.48
HN62 ADP P . 24.13 -28.90 4.22
H2 ADP P . 20.97 -25.35 1.77
S SO4 Q . 30.76 -47.99 17.38
O1 SO4 Q . 32.01 -48.25 16.67
O2 SO4 Q . 29.83 -47.29 16.51
O3 SO4 Q . 30.18 -49.27 17.77
O4 SO4 Q . 31.03 -47.20 18.57
C1 GAL R . 23.36 -10.81 -41.51
C2 GAL R . 24.10 -9.66 -40.86
C3 GAL R . 23.53 -8.34 -41.38
C4 GAL R . 23.65 -8.29 -42.92
C5 GAL R . 23.15 -9.62 -43.55
C6 GAL R . 23.50 -9.81 -45.03
O1 GAL R . 23.75 -12.05 -40.96
O2 GAL R . 23.95 -9.65 -39.44
O3 GAL R . 24.23 -7.22 -40.86
O4 GAL R . 24.99 -8.01 -43.29
O5 GAL R . 23.70 -10.77 -42.87
O6 GAL R . 22.48 -9.31 -45.87
PB ADP S . 21.87 -15.85 -35.69
O1B ADP S . 21.93 -15.77 -37.20
O2B ADP S . 21.97 -14.52 -35.01
O3B ADP S . 20.80 -16.70 -35.05
PA ADP S . 24.58 -15.83 -34.93
O1A ADP S . 24.58 -14.41 -35.49
O2A ADP S . 25.78 -16.76 -35.01
O3A ADP S . 23.19 -16.59 -35.14
O5' ADP S . 24.32 -15.55 -33.39
C5' ADP S . 23.88 -16.62 -32.56
C4' ADP S . 24.68 -16.54 -31.26
O4' ADP S . 24.02 -15.61 -30.34
C3' ADP S . 24.93 -17.88 -30.59
O3' ADP S . 26.32 -18.22 -30.68
C2' ADP S . 24.51 -17.52 -29.15
O2' ADP S . 25.67 -17.59 -28.35
C1' ADP S . 23.86 -16.13 -29.01
N9 ADP S . 22.43 -16.22 -28.66
C8 ADP S . 21.36 -15.83 -29.39
N7 ADP S . 20.20 -16.06 -28.70
C5 ADP S . 20.54 -16.55 -27.49
C6 ADP S . 19.82 -17.01 -26.28
N6 ADP S . 18.46 -16.98 -26.22
N1 ADP S . 20.56 -17.47 -25.23
C2 ADP S . 21.90 -17.51 -25.27
N3 ADP S . 22.61 -17.11 -26.34
C4 ADP S . 22.01 -16.62 -27.45
H5'1 ADP S . 24.06 -17.59 -33.05
H5'2 ADP S . 22.82 -16.55 -32.36
H4' ADP S . 25.68 -16.15 -31.53
H3' ADP S . 24.41 -18.75 -31.01
HO3' ADP S . 26.76 -17.60 -31.27
H2' ADP S . 23.74 -18.24 -28.83
HO2' ADP S . 26.05 -18.47 -28.40
H1' ADP S . 24.31 -15.51 -28.22
H8 ADP S . 21.43 -15.41 -30.38
HN61 ADP S . 17.98 -17.28 -25.38
HN62 ADP S . 17.93 -16.63 -27.01
H2 ADP S . 22.43 -17.88 -24.40
C1 GAL T . 27.85 32.14 4.52
C2 GAL T . 28.39 33.30 5.35
C3 GAL T . 27.76 34.60 4.89
C4 GAL T . 28.03 34.81 3.39
C5 GAL T . 27.74 33.50 2.60
C6 GAL T . 28.27 33.49 1.16
O1 GAL T . 28.30 30.90 5.01
O2 GAL T . 28.10 33.15 6.72
O3 GAL T . 28.29 35.72 5.59
O4 GAL T . 29.36 35.23 3.19
O5 GAL T . 28.33 32.34 3.22
O6 GAL T . 27.32 33.98 0.25
PB ADP U . 26.23 26.23 9.46
O1B ADP U . 26.41 26.27 7.97
O2B ADP U . 26.18 27.60 10.10
O3B ADP U . 25.11 25.32 9.88
PA ADP U . 28.85 26.18 10.47
O1A ADP U . 28.63 27.66 10.32
O2A ADP U . 30.12 25.63 9.85
O3A ADP U . 27.55 25.42 9.91
O5' ADP U . 28.80 25.95 12.06
C5' ADP U . 27.69 25.57 12.85
C4' ADP U . 28.49 25.25 14.13
O4' ADP U . 27.78 25.99 15.16
C3' ADP U . 28.81 23.81 14.56
O3' ADP U . 30.24 23.63 14.66
C2' ADP U . 28.23 23.89 15.97
O2' ADP U . 29.24 23.85 16.99
C1' ADP U . 27.46 25.20 16.31
N9 ADP U . 26.00 24.97 16.46
C8 ADP U . 25.00 25.37 15.64
N7 ADP U . 23.80 24.95 16.12
C5 ADP U . 24.02 24.30 17.29
C6 ADP U . 23.20 23.62 18.31
N6 ADP U . 21.86 23.54 18.16
N1 ADP U . 23.84 23.08 19.37
C2 ADP U . 25.18 23.15 19.52
N3 ADP U . 25.99 23.76 18.63
C4 ADP U . 25.48 24.35 17.52
H5'1 ADP U . 27.16 24.71 12.45
H5'2 ADP U . 26.98 26.38 12.99
H4' ADP U . 29.53 25.54 13.92
H3' ADP U . 28.43 23.02 13.88
HO3' ADP U . 30.64 23.73 13.79
H2' ADP U . 27.57 23.00 15.96
HO2' ADP U . 30.02 24.33 16.67
H1' ADP U . 27.74 25.66 17.27
H8 ADP U . 25.14 25.94 14.73
HN61 ADP U . 21.31 23.08 18.87
HN62 ADP U . 21.41 23.95 17.37
H2 ADP U . 25.63 22.70 20.40
C1 GAL V . -46.45 -2.09 29.20
C2 GAL V . -45.77 -0.77 29.52
C3 GAL V . -44.59 -1.03 30.45
C4 GAL V . -45.06 -1.76 31.72
C5 GAL V . -46.02 -2.93 31.36
C6 GAL V . -46.80 -3.52 32.55
O1 GAL V . -47.45 -1.95 28.23
O2 GAL V . -45.27 -0.13 28.36
O3 GAL V . -43.97 0.18 30.85
O4 GAL V . -45.72 -0.85 32.61
O5 GAL V . -47.02 -2.55 30.39
O6 GAL V . -46.08 -4.59 33.15
PB ADP W . -47.62 -2.29 21.06
O1B ADP W . -46.53 -1.27 21.26
O2B ADP W . -47.42 -3.19 19.86
O3B ADP W . -48.01 -3.01 22.32
PA ADP W . -49.14 0.12 21.20
O1A ADP W . -48.06 0.51 22.17
O2A ADP W . -50.57 0.21 21.67
O3A ADP W . -48.92 -1.41 20.69
O5' ADP W . -48.99 1.02 19.88
C5' ADP W . -48.41 0.49 18.68
C4' ADP W . -48.75 1.64 17.72
O4' ADP W . -47.52 2.31 17.36
C3' ADP W . -49.71 1.36 16.53
O3' ADP W . -51.03 1.93 16.77
C2' ADP W . -48.87 2.08 15.45
O2' ADP W . -49.58 3.23 14.99
C1' ADP W . -47.49 2.57 15.96
N9 ADP W . -46.54 1.70 15.24
C8 ADP W . -45.96 0.64 15.82
N7 ADP W . -45.17 -0.03 14.95
C5 ADP W . -45.23 0.58 13.76
C6 ADP W . -44.63 0.36 12.42
N6 ADP W . -43.78 -0.68 12.21
N1 ADP W . -44.95 1.22 11.43
C2 ADP W . -45.78 2.26 11.65
N3 ADP W . -46.36 2.51 12.84
C4 ADP W . -46.14 1.73 13.94
H5'1 ADP W . -48.87 -0.46 18.38
H5'2 ADP W . -47.33 0.32 18.78
H4' ADP W . -49.41 2.30 18.28
H3' ADP W . -49.96 0.31 16.29
HO3' ADP W . -50.94 2.87 16.94
H2' ADP W . -48.72 1.35 14.65
HO2' ADP W . -49.83 3.78 15.75
H1' ADP W . -47.24 3.62 15.80
H8 ADP W . -46.11 0.36 16.86
HN61 ADP W . -43.38 -0.83 11.29
HN62 ADP W . -43.56 -1.31 12.97
H2 ADP W . -46.00 2.91 10.81
S SO4 X . -57.84 -9.87 51.81
O1 SO4 X . -57.69 -10.73 50.63
O2 SO4 X . -57.96 -8.48 51.37
O3 SO4 X . -59.04 -10.25 52.54
O4 SO4 X . -56.67 -10.01 52.66
C1 GAL Y . -9.51 16.63 -39.55
C2 GAL Y . -10.06 15.25 -39.86
C3 GAL Y . -9.01 14.44 -40.61
C4 GAL Y . -8.58 15.20 -41.90
C5 GAL Y . -8.31 16.70 -41.58
C6 GAL Y . -8.17 17.60 -42.82
O1 GAL Y . -10.37 17.38 -38.73
O2 GAL Y . -10.39 14.52 -38.69
O3 GAL Y . -9.51 13.17 -41.01
O4 GAL Y . -9.56 15.07 -42.90
O5 GAL Y . -9.35 17.30 -40.77
O6 GAL Y . -6.83 17.70 -43.26
PB ADP Z . -10.23 17.79 -31.83
O1B ADP Z . -9.84 18.71 -32.97
O2B ADP Z . -10.21 16.33 -32.19
O3B ADP Z . -9.53 18.11 -30.53
PA ADP Z . -13.01 17.36 -32.25
O1A ADP Z . -13.95 18.44 -32.78
O2A ADP Z . -12.37 16.37 -33.24
O3A ADP Z . -11.79 18.13 -31.59
O5' ADP Z . -13.82 16.62 -31.06
C5' ADP Z . -13.26 16.26 -29.78
C4' ADP Z . -14.41 15.68 -28.96
O4' ADP Z . -13.99 14.49 -28.21
C3' ADP Z . -15.02 16.63 -27.92
O3' ADP Z . -16.31 17.11 -28.34
C2' ADP Z . -15.18 15.84 -26.63
O2' ADP Z . -16.54 15.44 -26.43
C1' ADP Z . -14.39 14.54 -26.82
N9 ADP Z . -13.12 14.35 -26.09
C8 ADP Z . -11.88 14.47 -26.62
N7 ADP Z . -10.93 14.23 -25.67
C5 ADP Z . -11.56 13.94 -24.52
C6 ADP Z . -11.18 13.59 -23.13
N6 ADP Z . -9.88 13.49 -22.77
N1 ADP Z . -12.17 13.36 -22.25
C2 ADP Z . -13.47 13.45 -22.59
N3 ADP Z . -13.89 13.75 -23.83
C4 ADP Z . -13.00 14.02 -24.82
H5'1 ADP Z . -12.83 17.13 -29.28
H5'2 ADP Z . -12.47 15.52 -29.91
H4' ADP Z . -15.17 15.45 -29.71
H3' ADP Z . -14.38 17.51 -27.79
HO3' ADP Z . -16.34 17.15 -29.31
H2' ADP Z . -14.84 16.46 -25.79
HO2' ADP Z . -16.96 15.29 -27.29
H1' ADP Z . -15.08 13.79 -26.43
H8 ADP Z . -11.67 14.73 -27.64
HN61 ADP Z . -9.65 13.25 -21.82
HN62 ADP Z . -9.15 13.67 -23.44
H2 ADP Z . -14.22 13.25 -21.83
C1 GAL AA . -5.68 57.69 7.18
C2 GAL AA . -6.22 56.49 6.42
C3 GAL AA . -5.14 56.00 5.46
C4 GAL AA . -4.71 57.14 4.52
C5 GAL AA . -4.47 58.45 5.32
C6 GAL AA . -4.35 59.71 4.46
O1 GAL AA . -6.55 58.09 8.21
O2 GAL AA . -6.53 55.41 7.29
O3 GAL AA . -5.61 54.94 4.64
O4 GAL AA . -5.68 57.34 3.51
O5 GAL AA . -5.53 58.73 6.26
O6 GAL AA . -3.00 59.96 4.10
PB ADP BA . -7.60 57.75 14.37
O1B ADP BA . -7.18 58.82 13.41
O2B ADP BA . -7.54 56.36 13.79
O3B ADP BA . -6.96 57.85 15.74
PA ADP BA . -10.35 57.35 13.79
O1A ADP BA . -11.29 58.48 13.41
O2A ADP BA . -9.61 56.56 12.71
O3A ADP BA . -9.17 58.02 14.62
O5' ADP BA . -11.20 56.40 14.81
C5' ADP BA . -10.71 55.86 16.06
C4' ADP BA . -11.90 55.11 16.69
O4' ADP BA . -11.53 53.85 17.32
C3' ADP BA . -12.63 55.89 17.77
O3' ADP BA . -13.87 56.38 17.24
C2' ADP BA . -12.89 54.96 18.95
O2' ADP BA . -14.25 54.52 18.97
C1' ADP BA . -12.06 53.71 18.67
N9 ADP BA . -10.85 53.40 19.46
C8 ADP BA . -9.57 53.58 19.04
N7 ADP BA . -8.70 53.18 20.00
C5 ADP BA . -9.42 52.74 21.04
C6 ADP BA . -9.15 52.17 22.39
N6 ADP BA . -7.88 52.00 22.83
N1 ADP BA . -10.22 51.83 23.15
C2 ADP BA . -11.49 51.99 22.74
N3 ADP BA . -11.79 52.50 21.53
C4 ADP BA . -10.84 52.88 20.66
H5'1 ADP BA . -10.37 56.66 16.72
H5'2 ADP BA . -9.88 55.18 15.89
H4' ADP BA . -12.54 54.94 15.81
H3' ADP BA . -12.04 56.76 18.12
HO3' ADP BA . -13.69 57.06 16.58
H2' ADP BA . -12.66 55.47 19.89
HO2' ADP BA . -14.53 54.23 18.09
H1' ADP BA . -12.79 52.94 18.90
H8 ADP BA . -9.30 53.98 18.08
HN61 ADP BA . -7.72 51.61 23.75
HN62 ADP BA . -7.10 52.25 22.24
H2 ADP BA . -12.29 51.70 23.41
S SO4 CA . -4.58 76.53 -10.71
O1 SO4 CA . -3.61 75.94 -11.63
O2 SO4 CA . -4.86 77.91 -11.10
O3 SO4 CA . -5.81 75.75 -10.78
O4 SO4 CA . -4.05 76.50 -9.35
#